data_7WAD
#
_entry.id   7WAD
#
_cell.length_a   1.00
_cell.length_b   1.00
_cell.length_c   1.00
_cell.angle_alpha   90.00
_cell.angle_beta   90.00
_cell.angle_gamma   90.00
#
_symmetry.space_group_name_H-M   'P 1'
#
loop_
_entity.id
_entity.type
_entity.pdbx_description
1 polymer 'Cyanophycin synthase'
2 non-polymer 'MAGNESIUM ION'
3 non-polymer 'PHOSPHOTHIOPHOSPHORIC ACID-ADENYLATE ESTER'
#
_entity_poly.entity_id   1
_entity_poly.type   'polypeptide(L)'
_entity_poly.pdbx_seq_one_letter_code
;MKILKLQTLRGPNYWSIHRHKLVVMRLDLEDLYEKYTSDIPGFYKGLTEVLPSLVEHLCSPGVKGGFLTRVEKGTLIGHV
IEHVAIELQELAGMPVGFGRTRETSTTGVFQVVIEYENEQAGRYAARAAVRLCQSIVDTGTYPATELQQDLEDLKELKNQ
ASLGPSTEAIVKEAEARGIPWTQLGARFMIQFGYGVNQKKIQATLSNQTGILGVELACDKEGTKRILKDAGVPVPRGTVA
RYFDELQDAIEYVGGYPIVIKPLDGNHGRGITIDVKNWQEAEEAYDLARKASKTKTVIVERYYTGKDHRVLVVNGKVVAV
AERVPAHVVGNGKSTIAELIEETNRDPQRGDGHDNILTRITVDKSALDILGKQGYSIDSIPLKGKKCFLRATANLSTGGI
AVDRTDEIHPENVWLLSRVAKIIGLDIAGIDVVTEDISQPLREVEGVIVEVNAAPGFRMHVAPSRGLARNVAGAVMDMLF
PGSKNGRIPILSVTGTNGKTTTTRLLAHIIKQTGKVVGYTTTDGTYIGEYLAETGDNTGPQSAHLILSDPTVEVAVLETA
RGGILRSGLGFSSCEVGIVLNVTADHLGIGDIDTIEQLAKLKSVVAESVMPKGYAVLNAEDPLVAAMADRVKGQVAYFSM
DPNNELLLRHTEAGGLAAIYENGYISILKGDWTLRIEKAVNVPITMAGKAPFMIANALAACLAVFTQGVKIEHIRKGLST
FVASVDQTPGRMNMFNMGSYHALVDYAHNPASYEALGGFVRNWPGKRIGVVGGPGDRRDEDFVSLGELAADIFDEIIIKE
DDDTRGRPRGNAAELICQGVKQFLNGIKNSESKATYESILDETAAINTALDRAPIDGLVVILPESVNRAISLIEGRHVIQ
DIELLQDSQREPKDQEVLKSSILEHHHHHH
;
_entity_poly.pdbx_strand_id   A,B,C,D
#
# COMPACT_ATOMS: atom_id res chain seq x y z
N MET A 1 -52.93 37.97 22.83
CA MET A 1 -51.80 37.17 22.36
C MET A 1 -50.74 37.06 23.44
N LYS A 2 -50.15 35.87 23.58
CA LYS A 2 -49.11 35.64 24.57
C LYS A 2 -48.16 34.57 24.06
N ILE A 3 -46.86 34.83 24.16
CA ILE A 3 -45.86 33.89 23.69
C ILE A 3 -45.59 32.88 24.79
N LEU A 4 -45.87 31.61 24.50
CA LEU A 4 -45.67 30.56 25.49
C LEU A 4 -44.34 29.83 25.31
N LYS A 5 -44.09 29.30 24.12
CA LYS A 5 -42.84 28.59 23.87
C LYS A 5 -42.38 28.87 22.44
N LEU A 6 -41.07 28.98 22.27
CA LEU A 6 -40.45 29.28 20.99
C LEU A 6 -39.20 28.42 20.85
N GLN A 7 -39.30 27.35 20.07
CA GLN A 7 -38.20 26.40 19.89
C GLN A 7 -37.62 26.55 18.48
N THR A 8 -36.36 26.20 18.34
CA THR A 8 -35.66 26.24 17.06
C THR A 8 -35.16 24.86 16.70
N LEU A 9 -35.39 24.46 15.45
CA LEU A 9 -35.00 23.16 14.93
C LEU A 9 -33.96 23.34 13.83
N ARG A 10 -32.89 22.56 13.90
CA ARG A 10 -31.75 22.71 13.01
C ARG A 10 -31.49 21.51 12.11
N GLY A 11 -32.17 20.38 12.35
CA GLY A 11 -32.00 19.22 11.50
C GLY A 11 -33.33 18.67 11.03
N PRO A 12 -33.33 17.47 10.47
CA PRO A 12 -34.60 16.82 10.12
C PRO A 12 -35.49 16.68 11.35
N ASN A 13 -36.77 16.93 11.16
CA ASN A 13 -37.67 17.10 12.29
C ASN A 13 -39.06 16.59 11.92
N TYR A 14 -39.97 16.68 12.89
CA TYR A 14 -41.33 16.17 12.70
C TYR A 14 -42.05 16.92 11.59
N TRP A 15 -41.77 18.20 11.42
CA TRP A 15 -42.54 19.01 10.49
C TRP A 15 -42.16 18.74 9.04
N SER A 16 -40.88 18.55 8.76
CA SER A 16 -40.46 18.36 7.39
C SER A 16 -39.09 17.70 7.33
N ILE A 17 -38.73 17.26 6.13
CA ILE A 17 -37.39 16.77 5.82
C ILE A 17 -36.94 17.50 4.56
N HIS A 18 -35.65 17.86 4.52
CA HIS A 18 -35.00 18.77 3.58
C HIS A 18 -35.22 20.23 4.00
N ARG A 19 -36.00 20.47 5.05
CA ARG A 19 -36.16 21.79 5.64
C ARG A 19 -35.67 21.69 7.08
N HIS A 20 -34.36 21.90 7.25
CA HIS A 20 -33.75 21.68 8.55
C HIS A 20 -33.93 22.88 9.47
N LYS A 21 -33.79 24.09 8.93
CA LYS A 21 -33.82 25.32 9.74
C LYS A 21 -35.27 25.79 9.85
N LEU A 22 -35.87 25.59 11.02
CA LEU A 22 -37.24 26.02 11.26
C LEU A 22 -37.36 26.57 12.68
N VAL A 23 -38.40 27.34 12.92
CA VAL A 23 -38.74 27.81 14.25
C VAL A 23 -40.22 27.51 14.51
N VAL A 24 -40.50 26.94 15.68
CA VAL A 24 -41.86 26.59 16.06
C VAL A 24 -42.27 27.45 17.24
N MET A 25 -43.48 27.99 17.18
CA MET A 25 -43.99 28.90 18.19
C MET A 25 -45.36 28.44 18.63
N ARG A 26 -45.59 28.45 19.95
CA ARG A 26 -46.87 28.07 20.52
C ARG A 26 -47.57 29.37 20.93
N LEU A 27 -48.58 29.75 20.16
CA LEU A 27 -49.19 31.07 20.27
C LEU A 27 -50.52 30.97 21.01
N ASP A 28 -50.68 31.77 22.06
CA ASP A 28 -51.89 31.78 22.86
C ASP A 28 -52.85 32.83 22.32
N LEU A 29 -53.93 32.37 21.67
CA LEU A 29 -54.97 33.24 21.16
C LEU A 29 -56.01 33.42 22.27
N GLU A 30 -55.67 34.27 23.23
CA GLU A 30 -56.49 34.42 24.43
C GLU A 30 -57.87 34.96 24.10
N ASP A 31 -57.96 35.94 23.20
CA ASP A 31 -59.20 36.62 22.92
C ASP A 31 -59.64 36.57 21.47
N LEU A 32 -58.71 36.30 20.53
CA LEU A 32 -59.02 36.28 19.11
C LEU A 32 -59.08 34.85 18.58
N TYR A 33 -59.60 33.91 19.37
CA TYR A 33 -59.52 32.50 19.01
C TYR A 33 -60.37 32.16 17.79
N GLU A 34 -61.53 32.80 17.65
CA GLU A 34 -62.44 32.49 16.54
C GLU A 34 -62.94 33.79 15.90
N LYS A 35 -62.02 34.69 15.59
CA LYS A 35 -62.33 35.94 14.90
C LYS A 35 -61.62 35.95 13.57
N TYR A 36 -62.39 35.91 12.48
CA TYR A 36 -61.83 35.92 11.14
C TYR A 36 -61.41 37.34 10.76
N THR A 37 -60.57 37.42 9.73
CA THR A 37 -60.09 38.72 9.27
C THR A 37 -61.24 39.59 8.76
N SER A 38 -62.19 38.99 8.04
CA SER A 38 -63.34 39.74 7.55
C SER A 38 -64.19 40.30 8.69
N ASP A 39 -64.12 39.69 9.88
CA ASP A 39 -64.86 40.16 11.03
C ASP A 39 -64.19 41.33 11.75
N ILE A 40 -62.91 41.56 11.49
CA ILE A 40 -62.16 42.61 12.17
C ILE A 40 -62.29 43.90 11.34
N PRO A 41 -62.82 44.98 11.93
CA PRO A 41 -63.04 46.21 11.15
C PRO A 41 -61.73 46.89 10.80
N GLY A 42 -61.54 47.19 9.52
CA GLY A 42 -60.36 47.91 9.08
C GLY A 42 -59.09 47.12 9.06
N PHE A 43 -59.17 45.80 9.24
CA PHE A 43 -57.97 44.98 9.28
C PHE A 43 -57.34 44.84 7.90
N TYR A 44 -58.18 44.59 6.88
CA TYR A 44 -57.66 44.31 5.55
C TYR A 44 -56.90 45.52 4.98
N LYS A 45 -57.48 46.71 5.10
CA LYS A 45 -56.87 47.89 4.53
C LYS A 45 -55.55 48.22 5.22
N GLY A 46 -55.53 48.19 6.55
CA GLY A 46 -54.30 48.45 7.27
C GLY A 46 -53.22 47.42 6.96
N LEU A 47 -53.62 46.16 6.89
CA LEU A 47 -52.66 45.10 6.56
C LEU A 47 -52.09 45.29 5.16
N THR A 48 -52.93 45.65 4.19
CA THR A 48 -52.44 45.79 2.82
C THR A 48 -51.69 47.09 2.59
N GLU A 49 -51.84 48.09 3.48
CA GLU A 49 -51.03 49.29 3.31
C GLU A 49 -49.73 49.26 4.10
N VAL A 50 -49.72 48.61 5.27
CA VAL A 50 -48.47 48.52 6.04
C VAL A 50 -47.49 47.57 5.34
N LEU A 51 -47.99 46.44 4.84
CA LEU A 51 -47.20 45.48 4.07
C LEU A 51 -47.85 45.23 2.72
N PRO A 52 -47.59 46.09 1.73
CA PRO A 52 -48.05 45.81 0.37
C PRO A 52 -47.45 44.54 -0.22
N SER A 53 -46.23 44.18 0.18
CA SER A 53 -45.54 43.03 -0.40
C SER A 53 -46.26 41.72 -0.14
N LEU A 54 -47.22 41.69 0.79
CA LEU A 54 -48.03 40.50 1.00
C LEU A 54 -48.82 40.12 -0.25
N VAL A 55 -48.96 41.06 -1.20
CA VAL A 55 -49.61 40.73 -2.47
C VAL A 55 -48.84 39.68 -3.24
N GLU A 56 -47.55 39.49 -2.93
CA GLU A 56 -46.72 38.52 -3.62
C GLU A 56 -46.93 37.10 -3.12
N HIS A 57 -47.62 36.91 -2.00
CA HIS A 57 -47.76 35.60 -1.39
C HIS A 57 -48.69 34.74 -2.24
N LEU A 58 -48.13 33.74 -2.90
CA LEU A 58 -48.91 32.76 -3.67
C LEU A 58 -49.37 31.67 -2.70
N CYS A 59 -50.53 31.92 -2.08
CA CYS A 59 -51.03 31.02 -1.05
C CYS A 59 -51.71 29.79 -1.66
N SER A 60 -52.45 29.05 -0.83
CA SER A 60 -53.17 27.84 -1.21
C SER A 60 -54.01 27.99 -2.48
N PRO A 61 -54.58 29.17 -2.78
CA PRO A 61 -55.18 29.34 -4.10
C PRO A 61 -54.20 29.11 -5.25
N GLY A 62 -52.92 29.42 -5.05
CA GLY A 62 -51.94 29.21 -6.09
C GLY A 62 -51.89 30.28 -7.16
N VAL A 63 -52.52 31.43 -6.92
CA VAL A 63 -52.57 32.53 -7.89
C VAL A 63 -52.08 33.78 -7.19
N LYS A 64 -51.51 34.70 -7.97
CA LYS A 64 -51.01 35.97 -7.45
C LYS A 64 -52.08 36.70 -6.66
N GLY A 65 -51.73 37.11 -5.44
CA GLY A 65 -52.69 37.76 -4.56
C GLY A 65 -53.65 36.81 -3.89
N GLY A 66 -53.41 35.51 -3.96
CA GLY A 66 -54.34 34.55 -3.37
C GLY A 66 -54.48 34.70 -1.87
N PHE A 67 -53.38 35.05 -1.19
CA PHE A 67 -53.44 35.27 0.25
C PHE A 67 -54.35 36.44 0.58
N LEU A 68 -54.33 37.50 -0.23
CA LEU A 68 -55.23 38.63 0.00
C LEU A 68 -56.69 38.20 -0.14
N THR A 69 -57.00 37.38 -1.14
CA THR A 69 -58.36 36.87 -1.28
C THR A 69 -58.76 36.01 -0.08
N ARG A 70 -57.82 35.18 0.40
CA ARG A 70 -58.09 34.37 1.58
C ARG A 70 -58.38 35.24 2.80
N VAL A 71 -57.64 36.34 2.95
CA VAL A 71 -57.91 37.28 4.03
C VAL A 71 -59.29 37.91 3.85
N GLU A 72 -59.65 38.25 2.61
CA GLU A 72 -60.96 38.84 2.35
C GLU A 72 -62.08 37.90 2.74
N LYS A 73 -61.92 36.60 2.44
CA LYS A 73 -62.94 35.62 2.78
C LYS A 73 -63.05 35.38 4.29
N GLY A 74 -62.11 35.87 5.08
CA GLY A 74 -62.11 35.61 6.50
C GLY A 74 -61.21 34.46 6.87
N THR A 75 -60.14 34.75 7.61
CA THR A 75 -59.12 33.75 7.92
C THR A 75 -58.71 33.89 9.37
N LEU A 76 -58.33 32.77 9.98
CA LEU A 76 -57.81 32.80 11.33
C LEU A 76 -56.50 33.58 11.37
N ILE A 77 -56.24 34.23 12.50
CA ILE A 77 -55.12 35.15 12.58
C ILE A 77 -53.77 34.45 12.53
N GLY A 78 -53.71 33.16 12.84
CA GLY A 78 -52.43 32.45 12.77
C GLY A 78 -51.86 32.45 11.37
N HIS A 79 -52.72 32.29 10.36
CA HIS A 79 -52.28 32.29 8.97
C HIS A 79 -51.67 33.63 8.59
N VAL A 80 -52.33 34.73 8.95
CA VAL A 80 -51.79 36.03 8.60
C VAL A 80 -50.54 36.34 9.41
N ILE A 81 -50.45 35.84 10.65
CA ILE A 81 -49.23 36.04 11.43
C ILE A 81 -48.05 35.34 10.78
N GLU A 82 -48.23 34.09 10.34
CA GLU A 82 -47.12 33.40 9.69
C GLU A 82 -46.77 34.08 8.37
N HIS A 83 -47.77 34.53 7.62
CA HIS A 83 -47.48 35.19 6.35
C HIS A 83 -46.72 36.51 6.56
N VAL A 84 -47.12 37.29 7.56
CA VAL A 84 -46.44 38.55 7.80
C VAL A 84 -45.04 38.31 8.35
N ALA A 85 -44.84 37.24 9.12
CA ALA A 85 -43.49 36.90 9.54
C ALA A 85 -42.60 36.54 8.35
N ILE A 86 -43.14 35.74 7.42
CA ILE A 86 -42.38 35.42 6.21
C ILE A 86 -42.03 36.68 5.43
N GLU A 87 -43.00 37.57 5.27
CA GLU A 87 -42.73 38.79 4.50
C GLU A 87 -41.76 39.71 5.22
N LEU A 88 -41.87 39.82 6.54
CA LEU A 88 -40.95 40.65 7.31
C LEU A 88 -39.52 40.13 7.20
N GLN A 89 -39.34 38.82 7.25
CA GLN A 89 -38.03 38.24 7.01
C GLN A 89 -37.59 38.36 5.56
N GLU A 90 -38.52 38.41 4.62
CA GLU A 90 -38.19 38.52 3.20
C GLU A 90 -37.68 39.92 2.86
N LEU A 91 -38.28 40.96 3.46
CA LEU A 91 -37.88 42.33 3.11
C LEU A 91 -36.45 42.62 3.52
N ALA A 92 -35.90 41.86 4.46
CA ALA A 92 -34.53 42.05 4.91
C ALA A 92 -33.51 41.39 3.98
N GLY A 93 -33.95 40.77 2.90
CA GLY A 93 -33.06 40.15 1.94
C GLY A 93 -32.74 38.70 2.19
N MET A 94 -33.51 38.02 3.04
CA MET A 94 -33.29 36.60 3.34
C MET A 94 -34.48 35.78 2.85
N PRO A 95 -34.36 35.09 1.71
CA PRO A 95 -35.51 34.38 1.13
C PRO A 95 -35.88 33.16 1.95
N VAL A 96 -37.14 33.11 2.41
CA VAL A 96 -37.69 31.96 3.11
C VAL A 96 -39.08 31.69 2.55
N GLY A 97 -39.42 30.41 2.40
CA GLY A 97 -40.67 30.06 1.74
C GLY A 97 -41.45 28.90 2.33
N PHE A 98 -41.35 28.68 3.63
CA PHE A 98 -42.08 27.60 4.29
C PHE A 98 -42.80 28.14 5.51
N GLY A 99 -44.04 27.71 5.70
CA GLY A 99 -44.83 28.11 6.84
C GLY A 99 -46.04 27.21 7.06
N ARG A 100 -46.33 26.90 8.32
CA ARG A 100 -47.45 26.02 8.64
C ARG A 100 -48.12 26.50 9.91
N THR A 101 -49.39 26.14 10.07
CA THR A 101 -50.16 26.48 11.26
C THR A 101 -51.16 25.37 11.55
N ARG A 102 -51.19 24.92 12.80
CA ARG A 102 -52.09 23.84 13.19
C ARG A 102 -52.69 24.11 14.56
N GLU A 103 -53.83 23.46 14.80
CA GLU A 103 -54.49 23.51 16.11
C GLU A 103 -53.93 22.42 17.02
N THR A 104 -53.66 22.78 18.27
CA THR A 104 -53.20 21.82 19.24
C THR A 104 -54.39 21.20 19.97
N SER A 105 -54.08 20.32 20.94
CA SER A 105 -55.12 19.75 21.78
C SER A 105 -55.80 20.82 22.62
N THR A 106 -55.01 21.73 23.18
CA THR A 106 -55.56 22.83 23.95
C THR A 106 -56.37 23.76 23.05
N THR A 107 -57.53 24.19 23.55
CA THR A 107 -58.47 24.92 22.72
C THR A 107 -57.97 26.31 22.36
N GLY A 108 -57.09 26.89 23.18
CA GLY A 108 -56.75 28.28 23.03
C GLY A 108 -55.43 28.61 22.36
N VAL A 109 -54.61 27.61 22.05
CA VAL A 109 -53.26 27.84 21.55
C VAL A 109 -53.10 27.16 20.20
N PHE A 110 -52.37 27.83 19.30
CA PHE A 110 -52.02 27.33 17.98
C PHE A 110 -50.53 27.01 17.95
N GLN A 111 -50.11 26.23 16.95
CA GLN A 111 -48.70 25.99 16.68
C GLN A 111 -48.38 26.53 15.29
N VAL A 112 -47.39 27.40 15.21
CA VAL A 112 -47.00 28.05 13.96
C VAL A 112 -45.53 27.77 13.69
N VAL A 113 -45.24 27.30 12.48
CA VAL A 113 -43.90 26.92 12.06
C VAL A 113 -43.46 27.86 10.95
N ILE A 114 -42.28 28.47 11.13
CA ILE A 114 -41.77 29.50 10.23
C ILE A 114 -40.37 29.09 9.79
N GLU A 115 -40.11 29.19 8.48
CA GLU A 115 -38.77 28.94 7.97
C GLU A 115 -37.87 30.15 8.20
N TYR A 116 -36.61 29.89 8.51
CA TYR A 116 -35.63 30.94 8.75
C TYR A 116 -34.33 30.63 8.04
N GLU A 117 -33.58 31.68 7.75
CA GLU A 117 -32.20 31.55 7.26
C GLU A 117 -31.17 31.82 8.33
N ASN A 118 -31.43 32.76 9.24
CA ASN A 118 -30.59 33.03 10.40
C ASN A 118 -31.43 32.81 11.65
N GLU A 119 -30.83 32.13 12.64
CA GLU A 119 -31.59 31.76 13.83
C GLU A 119 -32.09 32.98 14.59
N GLN A 120 -31.19 33.91 14.90
CA GLN A 120 -31.59 35.09 15.65
C GLN A 120 -32.56 35.95 14.85
N ALA A 121 -32.31 36.11 13.55
CA ALA A 121 -33.21 36.88 12.71
C ALA A 121 -34.59 36.25 12.66
N GLY A 122 -34.64 34.91 12.54
CA GLY A 122 -35.93 34.24 12.51
C GLY A 122 -36.69 34.39 13.81
N ARG A 123 -36.00 34.24 14.94
CA ARG A 123 -36.66 34.42 16.23
C ARG A 123 -37.16 35.84 16.40
N TYR A 124 -36.35 36.83 16.00
CA TYR A 124 -36.78 38.22 16.09
C TYR A 124 -37.99 38.49 15.23
N ALA A 125 -38.01 37.96 13.99
CA ALA A 125 -39.15 38.17 13.11
C ALA A 125 -40.41 37.50 13.67
N ALA A 126 -40.26 36.30 14.24
CA ALA A 126 -41.41 35.63 14.85
C ALA A 126 -41.95 36.43 16.01
N ARG A 127 -41.06 37.00 16.84
CA ARG A 127 -41.51 37.81 17.97
C ARG A 127 -42.18 39.09 17.48
N ALA A 128 -41.66 39.68 16.40
CA ALA A 128 -42.20 40.96 15.92
C ALA A 128 -43.52 40.80 15.20
N ALA A 129 -43.78 39.66 14.57
CA ALA A 129 -45.01 39.49 13.81
C ALA A 129 -46.24 39.57 14.71
N VAL A 130 -46.19 38.91 15.87
CA VAL A 130 -47.33 38.95 16.78
C VAL A 130 -47.53 40.35 17.35
N ARG A 131 -46.45 41.06 17.63
CA ARG A 131 -46.58 42.44 18.11
C ARG A 131 -47.22 43.33 17.03
N LEU A 132 -46.81 43.16 15.78
CA LEU A 132 -47.40 43.94 14.69
C LEU A 132 -48.88 43.63 14.55
N CYS A 133 -49.24 42.34 14.64
CA CYS A 133 -50.65 41.98 14.52
C CYS A 133 -51.47 42.52 15.67
N GLN A 134 -50.94 42.47 16.89
CA GLN A 134 -51.64 43.04 18.03
C GLN A 134 -51.85 44.54 17.85
N SER A 135 -50.81 45.25 17.40
CA SER A 135 -50.93 46.69 17.19
C SER A 135 -51.95 47.00 16.11
N ILE A 136 -51.98 46.23 15.03
CA ILE A 136 -52.87 46.56 13.93
C ILE A 136 -54.32 46.19 14.26
N VAL A 137 -54.52 45.19 15.13
CA VAL A 137 -55.89 44.88 15.54
C VAL A 137 -56.35 45.81 16.65
N ASP A 138 -55.41 46.44 17.37
CA ASP A 138 -55.81 47.37 18.42
C ASP A 138 -56.07 48.77 17.89
N THR A 139 -55.23 49.26 16.96
CA THR A 139 -55.32 50.62 16.48
C THR A 139 -55.70 50.74 15.02
N GLY A 140 -55.67 49.65 14.25
CA GLY A 140 -56.01 49.71 12.84
C GLY A 140 -54.84 49.95 11.91
N THR A 141 -53.67 50.27 12.45
CA THR A 141 -52.48 50.49 11.62
C THR A 141 -51.24 50.37 12.50
N TYR A 142 -50.09 50.26 11.84
CA TYR A 142 -48.80 50.17 12.51
C TYR A 142 -47.94 51.36 12.12
N PRO A 143 -47.26 52.01 13.07
CA PRO A 143 -46.40 53.14 12.71
C PRO A 143 -45.30 52.72 11.76
N ALA A 144 -45.01 53.61 10.79
CA ALA A 144 -43.96 53.31 9.81
C ALA A 144 -42.57 53.35 10.45
N THR A 145 -42.37 54.19 11.47
CA THR A 145 -41.07 54.26 12.12
C THR A 145 -40.72 52.96 12.81
N GLU A 146 -41.71 52.30 13.44
CA GLU A 146 -41.46 51.00 14.05
C GLU A 146 -41.14 49.95 13.01
N LEU A 147 -41.79 50.01 11.85
CA LEU A 147 -41.48 49.09 10.77
C LEU A 147 -40.04 49.28 10.29
N GLN A 148 -39.63 50.53 10.10
CA GLN A 148 -38.26 50.79 9.68
C GLN A 148 -37.26 50.32 10.73
N GLN A 149 -37.57 50.54 12.01
CA GLN A 149 -36.71 50.05 13.08
C GLN A 149 -36.58 48.54 13.04
N ASP A 150 -37.70 47.83 12.85
CA ASP A 150 -37.67 46.38 12.80
C ASP A 150 -36.86 45.88 11.61
N LEU A 151 -37.04 46.48 10.44
CA LEU A 151 -36.28 46.06 9.26
C LEU A 151 -34.79 46.33 9.43
N GLU A 152 -34.41 47.48 9.99
CA GLU A 152 -33.00 47.75 10.16
C GLU A 152 -32.39 46.82 11.21
N ASP A 153 -33.16 46.48 12.25
CA ASP A 153 -32.68 45.51 13.22
C ASP A 153 -32.49 44.14 12.60
N LEU A 154 -33.42 43.72 11.74
CA LEU A 154 -33.28 42.43 11.05
C LEU A 154 -32.06 42.44 10.14
N LYS A 155 -31.81 43.54 9.44
CA LYS A 155 -30.62 43.64 8.61
C LYS A 155 -29.35 43.57 9.44
N GLU A 156 -29.36 44.21 10.61
CA GLU A 156 -28.19 44.14 11.49
C GLU A 156 -27.94 42.72 11.97
N LEU A 157 -28.99 42.00 12.35
CA LEU A 157 -28.81 40.61 12.75
C LEU A 157 -28.33 39.75 11.58
N LYS A 158 -28.83 40.00 10.38
CA LYS A 158 -28.35 39.25 9.22
C LYS A 158 -26.87 39.49 8.98
N ASN A 159 -26.43 40.75 9.08
CA ASN A 159 -25.02 41.06 8.84
C ASN A 159 -24.14 40.59 9.98
N GLN A 160 -24.69 40.45 11.19
CA GLN A 160 -23.87 40.05 12.34
C GLN A 160 -23.40 38.61 12.20
N ALA A 161 -24.33 37.69 11.89
CA ALA A 161 -24.00 36.27 11.73
C ALA A 161 -23.88 35.98 10.24
N SER A 162 -22.75 36.40 9.67
CA SER A 162 -22.47 36.15 8.26
C SER A 162 -21.02 35.77 8.11
N LEU A 163 -20.76 34.79 7.26
CA LEU A 163 -19.40 34.34 7.00
C LEU A 163 -18.72 35.27 6.00
N GLY A 164 -17.38 35.22 5.98
CA GLY A 164 -16.61 36.03 5.08
C GLY A 164 -16.79 35.61 3.64
N PRO A 165 -16.41 36.47 2.71
CA PRO A 165 -16.64 36.17 1.29
C PRO A 165 -15.86 34.97 0.78
N SER A 166 -14.78 34.58 1.46
CA SER A 166 -13.99 33.43 1.04
C SER A 166 -14.50 32.12 1.63
N THR A 167 -14.74 32.11 2.93
CA THR A 167 -15.25 30.91 3.58
C THR A 167 -16.65 30.53 3.12
N GLU A 168 -17.51 31.50 2.80
CA GLU A 168 -18.80 31.15 2.21
C GLU A 168 -18.67 30.52 0.84
N ALA A 169 -17.72 31.01 0.02
CA ALA A 169 -17.50 30.38 -1.28
C ALA A 169 -16.99 28.97 -1.13
N ILE A 170 -16.12 28.72 -0.14
CA ILE A 170 -15.67 27.35 0.10
C ILE A 170 -16.82 26.47 0.61
N VAL A 171 -17.67 27.00 1.48
CA VAL A 171 -18.79 26.24 2.00
C VAL A 171 -19.79 25.88 0.91
N LYS A 172 -19.98 26.78 -0.06
CA LYS A 172 -20.86 26.45 -1.17
C LYS A 172 -20.38 25.24 -1.97
N GLU A 173 -19.08 25.15 -2.24
CA GLU A 173 -18.55 23.96 -2.90
C GLU A 173 -18.66 22.73 -2.02
N ALA A 174 -18.39 22.87 -0.72
CA ALA A 174 -18.51 21.73 0.19
C ALA A 174 -19.93 21.18 0.19
N GLU A 175 -20.93 22.06 0.22
CA GLU A 175 -22.31 21.60 0.15
C GLU A 175 -22.62 20.91 -1.16
N ALA A 176 -22.11 21.45 -2.27
CA ALA A 176 -22.39 20.84 -3.57
C ALA A 176 -21.78 19.45 -3.68
N ARG A 177 -20.62 19.22 -3.07
CA ARG A 177 -20.01 17.90 -3.11
C ARG A 177 -20.56 16.95 -2.06
N GLY A 178 -21.51 17.39 -1.23
CA GLY A 178 -22.10 16.53 -0.23
C GLY A 178 -21.23 16.26 0.96
N ILE A 179 -20.41 17.22 1.36
CA ILE A 179 -19.53 17.08 2.52
C ILE A 179 -20.16 17.84 3.68
N PRO A 180 -20.44 17.18 4.80
CA PRO A 180 -21.04 17.89 5.95
C PRO A 180 -20.08 18.94 6.51
N TRP A 181 -20.66 20.02 7.00
CA TRP A 181 -19.86 21.11 7.55
C TRP A 181 -20.57 21.70 8.76
N THR A 182 -19.79 21.97 9.80
CA THR A 182 -20.27 22.62 11.00
C THR A 182 -19.39 23.82 11.33
N GLN A 183 -19.90 24.69 12.18
CA GLN A 183 -19.20 25.91 12.58
C GLN A 183 -18.76 25.78 14.03
N LEU A 184 -17.45 25.73 14.25
CA LEU A 184 -16.93 25.71 15.60
C LEU A 184 -17.08 27.08 16.25
N GLY A 185 -17.12 27.08 17.58
CA GLY A 185 -17.32 28.31 18.32
C GLY A 185 -16.09 29.02 18.80
N ALA A 186 -14.89 28.60 18.36
CA ALA A 186 -13.66 29.17 18.90
C ALA A 186 -13.26 30.47 18.20
N ARG A 187 -12.87 30.37 16.93
CA ARG A 187 -12.29 31.50 16.22
C ARG A 187 -12.80 31.57 14.78
N PHE A 188 -14.12 31.40 14.61
CA PHE A 188 -14.75 31.40 13.28
C PHE A 188 -14.21 30.29 12.41
N MET A 189 -13.86 29.15 13.01
CA MET A 189 -13.36 28.02 12.25
C MET A 189 -14.51 27.13 11.80
N ILE A 190 -14.34 26.52 10.64
CA ILE A 190 -15.31 25.63 10.04
C ILE A 190 -14.71 24.25 9.93
N GLN A 191 -15.50 23.23 10.30
CA GLN A 191 -15.05 21.84 10.29
C GLN A 191 -15.84 21.07 9.24
N PHE A 192 -15.13 20.42 8.34
CA PHE A 192 -15.71 19.57 7.31
C PHE A 192 -15.48 18.11 7.69
N GLY A 193 -16.53 17.30 7.59
CA GLY A 193 -16.40 15.88 7.82
C GLY A 193 -16.72 15.48 9.25
N TYR A 194 -16.56 14.19 9.51
CA TYR A 194 -16.88 13.59 10.81
C TYR A 194 -15.71 12.75 11.28
N GLY A 195 -15.58 12.63 12.61
CA GLY A 195 -14.65 11.69 13.21
C GLY A 195 -13.21 11.87 12.80
N VAL A 196 -12.58 10.77 12.34
CA VAL A 196 -11.17 10.81 11.94
C VAL A 196 -10.96 11.36 10.55
N ASN A 197 -12.01 11.76 9.85
CA ASN A 197 -11.91 12.26 8.48
C ASN A 197 -12.17 13.75 8.39
N GLN A 198 -12.00 14.48 9.48
CA GLN A 198 -12.38 15.89 9.52
C GLN A 198 -11.20 16.78 9.15
N LYS A 199 -11.54 17.96 8.62
CA LYS A 199 -10.58 19.02 8.33
C LYS A 199 -11.14 20.33 8.85
N LYS A 200 -10.25 21.30 9.08
CA LYS A 200 -10.65 22.59 9.61
C LYS A 200 -10.06 23.70 8.75
N ILE A 201 -10.85 24.75 8.53
CA ILE A 201 -10.37 25.93 7.82
C ILE A 201 -10.84 27.16 8.59
N GLN A 202 -10.06 28.24 8.52
CA GLN A 202 -10.54 29.48 9.13
C GLN A 202 -11.07 30.44 8.08
N ALA A 203 -10.21 30.93 7.20
CA ALA A 203 -10.67 31.65 6.01
C ALA A 203 -10.13 31.00 4.75
N THR A 204 -8.81 30.90 4.69
CA THR A 204 -8.11 30.18 3.64
C THR A 204 -7.03 29.28 4.23
N LEU A 205 -6.62 29.52 5.46
CA LEU A 205 -5.71 28.64 6.18
C LEU A 205 -6.41 27.33 6.50
N SER A 206 -5.75 26.22 6.23
CA SER A 206 -6.26 24.91 6.59
C SER A 206 -5.56 24.42 7.85
N ASN A 207 -5.98 23.26 8.32
CA ASN A 207 -5.35 22.70 9.52
C ASN A 207 -3.99 22.09 9.24
N GLN A 208 -3.58 22.01 7.98
CA GLN A 208 -2.26 21.50 7.61
C GLN A 208 -1.28 22.59 7.24
N THR A 209 -1.70 23.86 7.24
CA THR A 209 -0.77 24.95 6.97
C THR A 209 0.18 25.12 8.15
N GLY A 210 1.48 25.17 7.86
CA GLY A 210 2.48 25.20 8.90
C GLY A 210 2.69 26.58 9.49
N ILE A 211 3.00 26.61 10.78
CA ILE A 211 3.34 27.86 11.45
C ILE A 211 4.62 28.45 10.90
N LEU A 212 5.62 27.61 10.63
CA LEU A 212 6.90 28.09 10.13
C LEU A 212 6.77 28.76 8.78
N GLY A 213 5.98 28.19 7.87
CA GLY A 213 5.77 28.82 6.57
C GLY A 213 5.10 30.18 6.66
N VAL A 214 4.04 30.29 7.46
CA VAL A 214 3.37 31.57 7.62
C VAL A 214 4.30 32.60 8.24
N GLU A 215 5.04 32.23 9.29
CA GLU A 215 5.95 33.16 9.91
C GLU A 215 7.08 33.59 8.98
N LEU A 216 7.58 32.68 8.15
CA LEU A 216 8.60 33.05 7.18
C LEU A 216 8.06 33.97 6.11
N ALA A 217 6.83 33.70 5.65
CA ALA A 217 6.22 34.57 4.64
C ALA A 217 5.96 35.97 5.18
N CYS A 218 5.59 36.08 6.45
CA CYS A 218 5.37 37.39 7.04
C CYS A 218 6.66 38.19 7.19
N ASP A 219 7.81 37.54 7.11
CA ASP A 219 9.11 38.20 7.22
C ASP A 219 9.66 38.46 5.83
N LYS A 220 9.63 39.71 5.40
CA LYS A 220 10.06 40.03 4.03
C LYS A 220 11.54 39.76 3.83
N GLU A 221 12.38 40.21 4.76
CA GLU A 221 13.82 40.12 4.58
C GLU A 221 14.33 38.68 4.65
N GLY A 222 13.80 37.86 5.56
CA GLY A 222 14.17 36.45 5.57
C GLY A 222 13.68 35.70 4.37
N THR A 223 12.46 36.00 3.91
CA THR A 223 11.94 35.37 2.71
C THR A 223 12.81 35.68 1.51
N LYS A 224 13.24 36.93 1.37
CA LYS A 224 14.11 37.29 0.25
C LYS A 224 15.42 36.53 0.30
N ARG A 225 16.04 36.41 1.48
CA ARG A 225 17.29 35.68 1.60
C ARG A 225 17.11 34.21 1.26
N ILE A 226 16.03 33.59 1.76
CA ILE A 226 15.79 32.18 1.47
C ILE A 226 15.59 31.97 -0.02
N LEU A 227 14.80 32.83 -0.66
CA LEU A 227 14.56 32.70 -2.09
C LEU A 227 15.84 32.90 -2.89
N LYS A 228 16.68 33.86 -2.49
CA LYS A 228 17.93 34.09 -3.20
C LYS A 228 18.87 32.91 -3.07
N ASP A 229 18.92 32.28 -1.88
CA ASP A 229 19.79 31.11 -1.71
C ASP A 229 19.37 29.96 -2.60
N ALA A 230 18.10 29.91 -3.00
CA ALA A 230 17.59 28.85 -3.85
C ALA A 230 17.67 29.18 -5.34
N GLY A 231 18.23 30.34 -5.69
CA GLY A 231 18.37 30.72 -7.08
C GLY A 231 17.15 31.34 -7.72
N VAL A 232 16.17 31.75 -6.93
CA VAL A 232 14.97 32.40 -7.46
C VAL A 232 15.30 33.86 -7.73
N PRO A 233 14.92 34.41 -8.89
CA PRO A 233 15.21 35.83 -9.16
C PRO A 233 14.44 36.76 -8.24
N VAL A 234 15.17 37.49 -7.40
CA VAL A 234 14.56 38.44 -6.47
C VAL A 234 15.23 39.79 -6.70
N PRO A 235 14.56 40.88 -6.36
CA PRO A 235 15.17 42.20 -6.55
C PRO A 235 16.44 42.36 -5.73
N ARG A 236 17.42 43.04 -6.33
CA ARG A 236 18.69 43.30 -5.68
C ARG A 236 18.57 44.55 -4.82
N GLY A 237 18.93 44.44 -3.54
CA GLY A 237 18.71 45.53 -2.61
C GLY A 237 19.77 45.55 -1.52
N THR A 238 19.59 46.50 -0.60
CA THR A 238 20.51 46.71 0.51
C THR A 238 19.73 47.35 1.65
N VAL A 239 20.27 47.27 2.86
CA VAL A 239 19.67 47.91 4.02
C VAL A 239 20.60 49.03 4.49
N ALA A 240 20.02 50.06 5.09
CA ALA A 240 20.79 51.20 5.55
C ALA A 240 20.11 51.80 6.77
N ARG A 241 20.92 52.28 7.72
CA ARG A 241 20.41 52.92 8.92
C ARG A 241 20.92 54.33 9.14
N TYR A 242 21.95 54.78 8.41
CA TYR A 242 22.48 56.12 8.52
C TYR A 242 22.53 56.76 7.14
N PHE A 243 22.48 58.10 7.13
CA PHE A 243 22.44 58.83 5.86
C PHE A 243 23.70 58.60 5.04
N ASP A 244 24.86 58.57 5.70
CA ASP A 244 26.13 58.42 4.99
C ASP A 244 26.18 57.13 4.19
N GLU A 245 25.49 56.09 4.65
CA GLU A 245 25.45 54.83 3.91
C GLU A 245 24.60 54.90 2.66
N LEU A 246 23.61 55.80 2.61
CA LEU A 246 22.65 55.80 1.50
C LEU A 246 23.35 55.85 0.15
N GLN A 247 24.22 56.83 -0.05
CA GLN A 247 24.89 56.96 -1.34
C GLN A 247 25.60 55.67 -1.72
N ASP A 248 26.23 55.01 -0.74
CA ASP A 248 26.91 53.75 -1.02
C ASP A 248 25.94 52.73 -1.62
N ALA A 249 24.79 52.54 -0.99
CA ALA A 249 23.83 51.57 -1.50
C ALA A 249 23.45 51.87 -2.94
N ILE A 250 23.51 53.15 -3.33
CA ILE A 250 23.08 53.54 -4.67
C ILE A 250 23.96 52.87 -5.73
N GLU A 251 25.27 52.76 -5.50
CA GLU A 251 26.07 52.07 -6.51
C GLU A 251 26.01 50.57 -6.35
N TYR A 252 25.54 50.07 -5.20
CA TYR A 252 25.41 48.63 -5.05
C TYR A 252 24.23 48.09 -5.84
N VAL A 253 23.09 48.78 -5.79
CA VAL A 253 21.90 48.32 -6.51
C VAL A 253 22.06 48.48 -8.02
N GLY A 254 23.03 49.26 -8.47
CA GLY A 254 23.30 49.43 -9.88
C GLY A 254 22.94 50.76 -10.51
N GLY A 255 22.57 51.76 -9.71
CA GLY A 255 22.28 53.07 -10.27
C GLY A 255 20.87 53.57 -9.97
N TYR A 256 20.14 53.94 -11.02
CA TYR A 256 18.80 54.48 -10.93
C TYR A 256 17.91 53.83 -11.97
N PRO A 257 16.58 53.76 -11.74
CA PRO A 257 15.84 54.21 -10.55
C PRO A 257 15.98 53.27 -9.35
N ILE A 258 15.58 53.74 -8.17
CA ILE A 258 15.62 52.94 -6.94
C ILE A 258 14.31 53.10 -6.20
N VAL A 259 14.09 52.20 -5.23
CA VAL A 259 12.89 52.18 -4.41
C VAL A 259 13.31 52.23 -2.96
N ILE A 260 12.64 53.09 -2.18
CA ILE A 260 12.95 53.30 -0.77
C ILE A 260 11.75 52.79 0.03
N LYS A 261 11.99 51.84 0.94
CA LYS A 261 10.91 51.28 1.72
C LYS A 261 11.36 51.04 3.15
N PRO A 262 10.42 50.99 4.10
CA PRO A 262 10.79 50.67 5.49
C PRO A 262 10.88 49.16 5.70
N LEU A 263 11.56 48.79 6.78
CA LEU A 263 11.63 47.39 7.17
C LEU A 263 10.27 46.83 7.52
N ASP A 264 9.55 47.50 8.42
CA ASP A 264 8.23 47.07 8.86
C ASP A 264 7.21 48.19 8.66
N GLY A 265 6.13 47.87 7.96
CA GLY A 265 5.08 48.84 7.72
C GLY A 265 3.81 48.16 7.29
N ASN A 266 2.69 48.86 7.50
CA ASN A 266 1.37 48.38 7.12
C ASN A 266 0.69 49.43 6.25
N HIS A 267 -0.07 48.96 5.27
CA HIS A 267 -0.78 49.82 4.32
C HIS A 267 0.17 50.75 3.55
N GLY A 268 1.40 50.30 3.33
CA GLY A 268 2.35 51.06 2.55
C GLY A 268 2.76 52.40 3.16
N ARG A 269 3.07 52.39 4.46
CA ARG A 269 3.49 53.62 5.12
C ARG A 269 4.93 53.95 4.74
N GLY A 270 5.14 55.17 4.26
CA GLY A 270 6.49 55.66 4.00
C GLY A 270 7.27 54.87 2.97
N ILE A 271 6.63 54.52 1.86
CA ILE A 271 7.29 53.79 0.78
C ILE A 271 7.10 54.57 -0.52
N THR A 272 8.19 54.84 -1.20
CA THR A 272 8.14 55.47 -2.52
C THR A 272 8.21 54.39 -3.60
N ILE A 273 7.82 54.76 -4.81
CA ILE A 273 7.77 53.83 -5.93
C ILE A 273 8.91 54.06 -6.91
N ASP A 274 9.08 55.29 -7.38
CA ASP A 274 10.06 55.60 -8.41
C ASP A 274 10.72 56.92 -8.08
N VAL A 275 12.03 56.89 -7.80
CA VAL A 275 12.83 58.08 -7.58
C VAL A 275 14.08 57.98 -8.46
N LYS A 276 14.49 59.11 -9.02
CA LYS A 276 15.55 59.10 -10.04
C LYS A 276 16.68 60.10 -9.76
N ASN A 277 16.67 60.77 -8.62
CA ASN A 277 17.73 61.75 -8.32
C ASN A 277 18.00 61.74 -6.82
N TRP A 278 18.70 62.77 -6.35
CA TRP A 278 19.23 62.76 -5.00
C TRP A 278 18.22 63.28 -3.97
N GLN A 279 17.64 64.46 -4.22
CA GLN A 279 16.80 65.09 -3.21
C GLN A 279 15.54 64.28 -2.93
N GLU A 280 14.90 63.73 -3.97
CA GLU A 280 13.72 62.92 -3.75
C GLU A 280 14.08 61.65 -2.98
N ALA A 281 15.23 61.05 -3.28
CA ALA A 281 15.70 59.90 -2.52
C ALA A 281 15.90 60.25 -1.05
N GLU A 282 16.50 61.41 -0.78
CA GLU A 282 16.77 61.81 0.59
C GLU A 282 15.47 62.05 1.36
N GLU A 283 14.51 62.75 0.75
CA GLU A 283 13.25 63.01 1.43
C GLU A 283 12.45 61.72 1.63
N ALA A 284 12.47 60.80 0.65
CA ALA A 284 11.80 59.52 0.82
C ALA A 284 12.46 58.71 1.93
N TYR A 285 13.79 58.75 2.01
CA TYR A 285 14.49 58.07 3.09
C TYR A 285 14.09 58.63 4.45
N ASP A 286 14.01 59.96 4.56
CA ASP A 286 13.60 60.57 5.82
C ASP A 286 12.17 60.16 6.18
N LEU A 287 11.27 60.17 5.19
CA LEU A 287 9.88 59.78 5.45
C LEU A 287 9.80 58.32 5.92
N ALA A 288 10.52 57.42 5.25
CA ALA A 288 10.50 56.02 5.64
C ALA A 288 11.13 55.82 7.01
N ARG A 289 12.23 56.52 7.29
CA ARG A 289 12.90 56.38 8.58
C ARG A 289 12.00 56.83 9.73
N LYS A 290 11.29 57.95 9.54
CA LYS A 290 10.34 58.39 10.56
C LYS A 290 9.07 57.54 10.59
N ALA A 291 8.76 56.82 9.51
CA ALA A 291 7.59 55.95 9.50
C ALA A 291 7.91 54.54 9.98
N SER A 292 9.14 54.07 9.76
CA SER A 292 9.52 52.74 10.20
C SER A 292 9.67 52.69 11.71
N LYS A 293 9.31 51.54 12.29
CA LYS A 293 9.38 51.35 13.73
C LYS A 293 10.80 51.12 14.23
N THR A 294 11.75 50.83 13.33
CA THR A 294 13.11 50.51 13.73
C THR A 294 14.16 51.44 13.12
N LYS A 295 13.73 52.55 12.51
CA LYS A 295 14.62 53.63 12.07
C LYS A 295 15.46 53.24 10.86
N THR A 296 15.40 51.97 10.46
CA THR A 296 16.20 51.49 9.35
C THR A 296 15.34 51.31 8.10
N VAL A 297 16.00 51.40 6.94
CA VAL A 297 15.30 51.51 5.65
C VAL A 297 16.00 50.63 4.62
N ILE A 298 15.22 49.89 3.84
CA ILE A 298 15.74 49.09 2.73
C ILE A 298 15.62 49.89 1.45
N VAL A 299 16.61 49.73 0.58
CA VAL A 299 16.60 50.33 -0.75
C VAL A 299 16.80 49.23 -1.78
N GLU A 300 15.91 49.17 -2.76
CA GLU A 300 15.99 48.18 -3.83
C GLU A 300 16.22 48.87 -5.17
N ARG A 301 16.64 48.07 -6.15
CA ARG A 301 16.54 48.50 -7.53
C ARG A 301 15.09 48.49 -7.97
N TYR A 302 14.72 49.45 -8.81
CA TYR A 302 13.35 49.54 -9.32
C TYR A 302 13.22 48.70 -10.57
N TYR A 303 12.20 47.84 -10.60
CA TYR A 303 11.92 46.97 -11.73
C TYR A 303 10.64 47.42 -12.41
N THR A 304 10.71 47.65 -13.71
CA THR A 304 9.55 48.06 -14.49
C THR A 304 8.84 46.83 -15.03
N GLY A 305 7.51 46.90 -15.07
CA GLY A 305 6.72 45.79 -15.56
C GLY A 305 5.30 45.90 -15.04
N LYS A 306 4.55 44.84 -15.28
CA LYS A 306 3.16 44.75 -14.85
C LYS A 306 3.05 43.83 -13.65
N ASP A 307 2.36 44.28 -12.61
CA ASP A 307 2.23 43.49 -11.40
C ASP A 307 1.27 42.34 -11.62
N HIS A 308 1.70 41.12 -11.27
CA HIS A 308 0.92 39.91 -11.42
C HIS A 308 0.72 39.24 -10.07
N ARG A 309 -0.45 38.66 -9.89
CA ARG A 309 -0.81 37.94 -8.66
C ARG A 309 -1.06 36.49 -9.04
N VAL A 310 -0.24 35.58 -8.53
CA VAL A 310 -0.33 34.16 -8.86
C VAL A 310 -0.83 33.41 -7.63
N LEU A 311 -1.81 32.54 -7.83
CA LEU A 311 -2.37 31.73 -6.74
C LEU A 311 -1.89 30.31 -6.92
N VAL A 312 -1.24 29.77 -5.88
CA VAL A 312 -0.71 28.42 -5.90
C VAL A 312 -1.42 27.62 -4.82
N VAL A 313 -2.09 26.54 -5.23
CA VAL A 313 -2.81 25.65 -4.33
C VAL A 313 -2.20 24.26 -4.47
N ASN A 314 -1.79 23.68 -3.35
CA ASN A 314 -1.26 22.31 -3.32
C ASN A 314 -0.09 22.15 -4.29
N GLY A 315 0.74 23.17 -4.39
CA GLY A 315 1.89 23.11 -5.26
C GLY A 315 1.56 23.17 -6.74
N LYS A 316 0.39 23.66 -7.10
CA LYS A 316 -0.02 23.79 -8.50
C LYS A 316 -0.62 25.17 -8.72
N VAL A 317 -0.26 25.80 -9.83
CA VAL A 317 -0.77 27.13 -10.15
C VAL A 317 -2.22 27.02 -10.58
N VAL A 318 -3.10 27.73 -9.89
CA VAL A 318 -4.53 27.67 -10.16
C VAL A 318 -4.99 28.85 -11.03
N ALA A 319 -4.62 30.06 -10.65
CA ALA A 319 -5.07 31.24 -11.38
C ALA A 319 -3.97 32.30 -11.36
N VAL A 320 -3.86 33.02 -12.47
CA VAL A 320 -2.93 34.13 -12.61
C VAL A 320 -3.71 35.36 -13.05
N ALA A 321 -3.52 36.47 -12.35
CA ALA A 321 -4.21 37.71 -12.67
C ALA A 321 -3.21 38.86 -12.69
N GLU A 322 -3.43 39.78 -13.62
CA GLU A 322 -2.62 40.99 -13.75
C GLU A 322 -3.44 42.17 -13.26
N ARG A 323 -2.87 42.94 -12.34
CA ARG A 323 -3.56 44.10 -11.79
C ARG A 323 -3.24 45.33 -12.64
N VAL A 324 -4.24 45.85 -13.33
CA VAL A 324 -4.12 47.09 -14.09
C VAL A 324 -4.56 48.23 -13.19
N PRO A 325 -3.73 49.26 -12.99
CA PRO A 325 -4.09 50.33 -12.05
C PRO A 325 -5.31 51.10 -12.51
N ALA A 326 -5.97 51.77 -11.57
CA ALA A 326 -7.15 52.56 -11.87
C ALA A 326 -6.85 53.59 -12.95
N HIS A 327 -7.64 53.56 -14.03
CA HIS A 327 -7.39 54.39 -15.19
C HIS A 327 -8.71 54.64 -15.91
N VAL A 328 -8.68 55.58 -16.84
CA VAL A 328 -9.81 55.87 -17.71
C VAL A 328 -9.30 56.04 -19.13
N VAL A 329 -10.12 55.66 -20.11
CA VAL A 329 -9.77 55.76 -21.52
C VAL A 329 -10.78 56.67 -22.21
N GLY A 330 -10.28 57.65 -22.96
CA GLY A 330 -11.14 58.61 -23.62
C GLY A 330 -11.47 58.25 -25.05
N ASN A 331 -11.89 57.00 -25.28
CA ASN A 331 -12.25 56.59 -26.63
C ASN A 331 -13.58 57.17 -27.09
N GLY A 332 -14.39 57.67 -26.17
CA GLY A 332 -15.68 58.23 -26.52
C GLY A 332 -15.67 59.74 -26.63
N LYS A 333 -14.49 60.32 -26.82
CA LYS A 333 -14.31 61.77 -26.91
C LYS A 333 -14.79 62.46 -25.63
N SER A 334 -14.52 61.83 -24.48
CA SER A 334 -14.86 62.37 -23.19
C SER A 334 -13.62 62.36 -22.30
N THR A 335 -13.55 63.33 -21.40
CA THR A 335 -12.39 63.51 -20.54
C THR A 335 -12.58 62.81 -19.20
N ILE A 336 -11.65 63.06 -18.28
CA ILE A 336 -11.64 62.38 -16.99
C ILE A 336 -12.85 62.79 -16.15
N ALA A 337 -13.24 64.06 -16.24
CA ALA A 337 -14.23 64.62 -15.31
C ALA A 337 -15.56 63.88 -15.36
N GLU A 338 -15.95 63.37 -16.53
CA GLU A 338 -17.18 62.58 -16.62
C GLU A 338 -16.94 61.11 -16.33
N LEU A 339 -15.80 60.57 -16.77
CA LEU A 339 -15.56 59.14 -16.63
C LEU A 339 -15.35 58.73 -15.18
N ILE A 340 -14.84 59.63 -14.34
CA ILE A 340 -14.61 59.28 -12.93
C ILE A 340 -15.92 58.85 -12.27
N GLU A 341 -17.00 59.57 -12.55
CA GLU A 341 -18.31 59.21 -12.00
C GLU A 341 -19.06 58.22 -12.89
N GLU A 342 -18.75 58.16 -14.19
CA GLU A 342 -19.36 57.16 -15.04
C GLU A 342 -18.95 55.75 -14.63
N THR A 343 -17.66 55.55 -14.30
CA THR A 343 -17.21 54.27 -13.80
C THR A 343 -17.85 53.96 -12.44
N ASN A 344 -17.97 54.97 -11.59
CA ASN A 344 -18.53 54.77 -10.25
C ASN A 344 -20.00 54.37 -10.29
N ARG A 345 -20.69 54.62 -11.40
CA ARG A 345 -22.09 54.27 -11.53
C ARG A 345 -22.31 52.88 -12.12
N ASP A 346 -21.23 52.17 -12.44
CA ASP A 346 -21.33 50.80 -12.95
C ASP A 346 -21.70 49.86 -11.79
N PRO A 347 -22.64 48.94 -12.00
CA PRO A 347 -23.03 48.03 -10.91
C PRO A 347 -21.91 47.14 -10.41
N GLN A 348 -20.86 46.92 -11.23
CA GLN A 348 -19.76 46.07 -10.80
C GLN A 348 -18.99 46.69 -9.64
N ARG A 349 -18.93 48.02 -9.59
CA ARG A 349 -18.20 48.69 -8.52
C ARG A 349 -18.91 48.55 -7.19
N GLY A 350 -18.13 48.38 -6.13
CA GLY A 350 -18.67 48.28 -4.79
C GLY A 350 -17.58 48.38 -3.76
N ASP A 351 -17.99 48.69 -2.54
CA ASP A 351 -17.07 48.81 -1.42
C ASP A 351 -17.13 47.53 -0.58
N GLY A 352 -16.43 47.54 0.56
CA GLY A 352 -16.39 46.38 1.42
C GLY A 352 -15.31 45.40 1.05
N HIS A 353 -15.49 44.13 1.42
CA HIS A 353 -14.51 43.09 1.17
C HIS A 353 -15.06 41.99 0.25
N ASP A 354 -16.10 42.28 -0.52
CA ASP A 354 -16.77 41.28 -1.33
C ASP A 354 -16.55 41.47 -2.83
N ASN A 355 -16.43 42.71 -3.30
CA ASN A 355 -16.32 42.99 -4.71
C ASN A 355 -14.88 43.37 -5.06
N ILE A 356 -14.41 42.93 -6.24
CA ILE A 356 -13.07 43.29 -6.67
C ILE A 356 -12.95 44.79 -6.89
N LEU A 357 -13.95 45.38 -7.55
CA LEU A 357 -13.80 46.71 -8.11
C LEU A 357 -14.35 47.75 -7.13
N THR A 358 -13.46 48.54 -6.55
CA THR A 358 -13.84 49.60 -5.63
C THR A 358 -14.04 50.90 -6.40
N ARG A 359 -14.86 51.78 -5.82
CA ARG A 359 -15.11 53.08 -6.44
C ARG A 359 -13.83 53.90 -6.52
N ILE A 360 -13.71 54.68 -7.59
CA ILE A 360 -12.50 55.47 -7.81
C ILE A 360 -12.47 56.62 -6.82
N THR A 361 -11.67 56.47 -5.77
CA THR A 361 -11.57 57.49 -4.73
C THR A 361 -10.69 58.63 -5.23
N VAL A 362 -11.29 59.81 -5.40
CA VAL A 362 -10.53 61.00 -5.82
C VAL A 362 -10.05 61.65 -4.53
N ASP A 363 -8.92 61.16 -4.03
CA ASP A 363 -8.35 61.63 -2.78
C ASP A 363 -7.31 62.72 -3.05
N LYS A 364 -6.87 63.37 -1.97
CA LYS A 364 -5.82 64.38 -2.10
C LYS A 364 -4.53 63.78 -2.63
N SER A 365 -4.16 62.60 -2.13
CA SER A 365 -3.01 61.89 -2.69
C SER A 365 -3.26 61.51 -4.13
N ALA A 366 -4.47 61.04 -4.44
CA ALA A 366 -4.83 60.75 -5.83
C ALA A 366 -4.79 62.01 -6.69
N LEU A 367 -5.25 63.14 -6.13
CA LEU A 367 -5.19 64.40 -6.86
C LEU A 367 -3.74 64.77 -7.17
N ASP A 368 -2.84 64.61 -6.19
CA ASP A 368 -1.43 64.89 -6.44
C ASP A 368 -0.85 63.94 -7.48
N ILE A 369 -1.23 62.66 -7.43
CA ILE A 369 -0.70 61.69 -8.39
C ILE A 369 -1.14 62.04 -9.81
N LEU A 370 -2.42 62.39 -9.98
CA LEU A 370 -2.87 62.83 -11.30
C LEU A 370 -2.30 64.20 -11.67
N GLY A 371 -1.85 64.97 -10.69
CA GLY A 371 -1.08 66.17 -11.00
C GLY A 371 0.28 65.82 -11.59
N LYS A 372 0.93 64.79 -11.06
CA LYS A 372 2.18 64.31 -11.63
C LYS A 372 1.97 63.64 -12.99
N GLN A 373 0.73 63.35 -13.37
CA GLN A 373 0.47 62.78 -14.69
C GLN A 373 0.89 63.71 -15.81
N GLY A 374 0.72 65.01 -15.62
CA GLY A 374 1.00 65.98 -16.65
C GLY A 374 -0.21 66.50 -17.38
N TYR A 375 -1.42 66.11 -16.98
CA TYR A 375 -2.64 66.58 -17.60
C TYR A 375 -3.60 67.13 -16.56
N SER A 376 -4.79 67.56 -16.98
CA SER A 376 -5.73 68.17 -16.05
C SER A 376 -7.01 67.35 -15.95
N ILE A 377 -7.98 67.83 -15.16
CA ILE A 377 -9.24 67.12 -15.01
C ILE A 377 -10.01 67.11 -16.32
N ASP A 378 -10.06 68.25 -17.00
CA ASP A 378 -10.82 68.39 -18.24
C ASP A 378 -10.00 68.13 -19.49
N SER A 379 -8.72 67.74 -19.34
CA SER A 379 -7.88 67.45 -20.49
C SER A 379 -8.36 66.17 -21.17
N ILE A 380 -8.81 66.29 -22.41
CA ILE A 380 -9.32 65.13 -23.14
C ILE A 380 -8.15 64.21 -23.51
N PRO A 381 -8.26 62.90 -23.28
CA PRO A 381 -7.20 61.99 -23.73
C PRO A 381 -7.05 62.01 -25.24
N LEU A 382 -5.81 61.85 -25.69
CA LEU A 382 -5.51 61.89 -27.11
C LEU A 382 -5.71 60.52 -27.73
N LYS A 383 -6.52 60.47 -28.80
CA LYS A 383 -6.81 59.30 -29.62
C LYS A 383 -7.63 58.25 -28.87
N GLY A 384 -7.89 58.44 -27.58
CA GLY A 384 -8.56 57.43 -26.79
C GLY A 384 -7.58 56.45 -26.18
N LYS A 385 -6.62 56.97 -25.43
CA LYS A 385 -5.58 56.17 -24.81
C LYS A 385 -5.77 56.16 -23.30
N LYS A 386 -5.33 55.07 -22.67
CA LYS A 386 -5.45 54.93 -21.23
C LYS A 386 -4.66 56.02 -20.51
N CYS A 387 -5.29 56.65 -19.53
CA CYS A 387 -4.60 57.58 -18.62
C CYS A 387 -4.95 57.17 -17.20
N PHE A 388 -3.94 57.03 -16.36
CA PHE A 388 -4.09 56.42 -15.05
C PHE A 388 -4.39 57.48 -13.99
N LEU A 389 -4.93 57.02 -12.87
CA LEU A 389 -5.16 57.87 -11.70
C LEU A 389 -4.20 57.58 -10.56
N ARG A 390 -3.67 56.37 -10.47
CA ARG A 390 -2.67 56.01 -9.48
C ARG A 390 -1.69 55.03 -10.11
N ALA A 391 -0.65 54.65 -9.37
CA ALA A 391 0.36 53.74 -9.87
C ALA A 391 0.62 52.55 -8.97
N THR A 392 -0.15 52.37 -7.89
CA THR A 392 0.07 51.26 -6.98
C THR A 392 -0.45 49.94 -7.52
N ALA A 393 -1.33 49.96 -8.52
CA ALA A 393 -1.90 48.77 -9.13
C ALA A 393 -2.53 47.85 -8.08
N ASN A 394 -3.53 48.40 -7.40
CA ASN A 394 -4.23 47.69 -6.33
C ASN A 394 -5.73 47.75 -6.58
N LEU A 395 -6.42 46.69 -6.13
CA LEU A 395 -7.86 46.63 -6.33
C LEU A 395 -8.60 47.55 -5.37
N SER A 396 -8.01 47.84 -4.20
CA SER A 396 -8.63 48.77 -3.26
C SER A 396 -8.69 50.18 -3.85
N THR A 397 -7.66 50.57 -4.60
CA THR A 397 -7.67 51.89 -5.23
C THR A 397 -8.79 52.00 -6.25
N GLY A 398 -9.07 50.92 -6.98
CA GLY A 398 -10.08 50.94 -8.01
C GLY A 398 -9.58 50.40 -9.34
N GLY A 399 -8.46 49.67 -9.29
CA GLY A 399 -7.95 49.03 -10.48
C GLY A 399 -8.73 47.79 -10.84
N ILE A 400 -8.33 47.16 -11.95
CA ILE A 400 -9.03 45.99 -12.44
C ILE A 400 -8.06 44.82 -12.54
N ALA A 401 -8.62 43.64 -12.72
CA ALA A 401 -7.85 42.41 -12.89
C ALA A 401 -8.09 41.82 -14.27
N VAL A 402 -7.03 41.28 -14.85
CA VAL A 402 -7.11 40.64 -16.16
C VAL A 402 -6.58 39.22 -16.02
N ASP A 403 -7.38 38.25 -16.44
CA ASP A 403 -6.97 36.85 -16.33
C ASP A 403 -5.86 36.54 -17.34
N ARG A 404 -4.83 35.83 -16.89
CA ARG A 404 -3.70 35.45 -17.72
C ARG A 404 -3.30 34.01 -17.48
N THR A 405 -4.24 33.18 -17.03
CA THR A 405 -3.90 31.80 -16.67
C THR A 405 -3.45 30.99 -17.88
N ASP A 406 -4.02 31.25 -19.05
CA ASP A 406 -3.68 30.49 -20.26
C ASP A 406 -2.43 31.02 -20.96
N GLU A 407 -1.93 32.19 -20.57
CA GLU A 407 -0.81 32.81 -21.26
C GLU A 407 0.50 32.65 -20.50
N ILE A 408 0.55 31.82 -19.47
CA ILE A 408 1.75 31.69 -18.65
C ILE A 408 2.67 30.65 -19.24
N HIS A 409 3.97 30.92 -19.20
CA HIS A 409 4.96 29.99 -19.72
C HIS A 409 5.13 28.81 -18.77
N PRO A 410 5.32 27.60 -19.29
CA PRO A 410 5.47 26.43 -18.40
C PRO A 410 6.63 26.54 -17.43
N GLU A 411 7.75 27.13 -17.84
CA GLU A 411 8.87 27.33 -16.93
C GLU A 411 8.53 28.24 -15.77
N ASN A 412 7.75 29.30 -16.01
CA ASN A 412 7.27 30.13 -14.91
C ASN A 412 6.38 29.35 -13.96
N VAL A 413 5.53 28.46 -14.50
CA VAL A 413 4.70 27.62 -13.64
C VAL A 413 5.56 26.75 -12.76
N TRP A 414 6.60 26.13 -13.34
CA TRP A 414 7.50 25.29 -12.56
C TRP A 414 8.20 26.11 -11.47
N LEU A 415 8.67 27.31 -11.83
CA LEU A 415 9.38 28.14 -10.86
C LEU A 415 8.49 28.55 -9.70
N LEU A 416 7.25 28.97 -9.99
CA LEU A 416 6.35 29.37 -8.92
C LEU A 416 5.92 28.20 -8.05
N SER A 417 5.69 27.03 -8.66
CA SER A 417 5.42 25.84 -7.87
C SER A 417 6.57 25.50 -6.94
N ARG A 418 7.82 25.62 -7.43
CA ARG A 418 8.97 25.40 -6.57
C ARG A 418 9.08 26.42 -5.46
N VAL A 419 8.78 27.69 -5.73
CA VAL A 419 8.83 28.72 -4.70
C VAL A 419 7.82 28.42 -3.60
N ALA A 420 6.60 28.05 -3.96
CA ALA A 420 5.57 27.77 -2.98
C ALA A 420 5.99 26.65 -2.03
N LYS A 421 6.68 25.63 -2.54
CA LYS A 421 7.17 24.55 -1.69
C LYS A 421 8.40 24.95 -0.89
N ILE A 422 9.26 25.81 -1.44
CA ILE A 422 10.43 26.25 -0.70
C ILE A 422 10.01 27.03 0.54
N ILE A 423 9.06 27.95 0.39
CA ILE A 423 8.58 28.68 1.56
C ILE A 423 7.83 27.74 2.50
N GLY A 424 7.05 26.81 1.96
CA GLY A 424 6.36 25.84 2.78
C GLY A 424 4.91 26.16 3.03
N LEU A 425 4.19 26.56 1.98
CA LEU A 425 2.79 26.92 2.07
C LEU A 425 1.99 26.06 1.10
N ASP A 426 0.83 25.59 1.55
CA ASP A 426 -0.07 24.84 0.68
C ASP A 426 -0.99 25.72 -0.15
N ILE A 427 -1.38 26.88 0.38
CA ILE A 427 -2.11 27.89 -0.38
C ILE A 427 -1.33 29.20 -0.25
N ALA A 428 -0.87 29.74 -1.38
CA ALA A 428 -0.01 30.90 -1.35
C ALA A 428 -0.38 31.88 -2.45
N GLY A 429 -0.13 33.16 -2.19
CA GLY A 429 -0.30 34.18 -3.20
C GLY A 429 1.00 34.92 -3.46
N ILE A 430 1.54 34.79 -4.67
CA ILE A 430 2.85 35.32 -5.01
C ILE A 430 2.69 36.56 -5.87
N ASP A 431 3.50 37.59 -5.60
CA ASP A 431 3.51 38.81 -6.38
C ASP A 431 4.71 38.79 -7.32
N VAL A 432 4.47 39.03 -8.60
CA VAL A 432 5.51 38.99 -9.62
C VAL A 432 5.52 40.32 -10.35
N VAL A 433 6.71 40.80 -10.72
CA VAL A 433 6.84 41.99 -11.53
C VAL A 433 7.64 41.60 -12.76
N THR A 434 6.98 41.56 -13.91
CA THR A 434 7.61 41.18 -15.16
C THR A 434 6.93 41.92 -16.31
N GLU A 435 7.64 42.04 -17.42
CA GLU A 435 7.09 42.71 -18.60
C GLU A 435 6.11 41.83 -19.37
N ASP A 436 6.29 40.51 -19.33
CA ASP A 436 5.38 39.60 -20.02
C ASP A 436 5.44 38.25 -19.35
N ILE A 437 4.28 37.74 -18.94
CA ILE A 437 4.20 36.44 -18.26
C ILE A 437 4.30 35.28 -19.24
N SER A 438 4.30 35.54 -20.53
CA SER A 438 4.39 34.49 -21.53
C SER A 438 5.83 34.11 -21.87
N GLN A 439 6.80 34.72 -21.21
CA GLN A 439 8.21 34.42 -21.41
C GLN A 439 8.86 34.09 -20.07
N PRO A 440 9.91 33.28 -20.08
CA PRO A 440 10.55 32.91 -18.80
C PRO A 440 11.13 34.13 -18.09
N LEU A 441 11.16 34.04 -16.76
CA LEU A 441 11.59 35.16 -15.92
C LEU A 441 13.07 35.44 -16.01
N ARG A 442 13.82 34.72 -16.85
CA ARG A 442 15.25 34.98 -16.99
C ARG A 442 15.57 35.94 -18.14
N GLU A 443 14.95 35.72 -19.30
CA GLU A 443 15.17 36.62 -20.44
C GLU A 443 14.74 38.03 -20.11
N VAL A 444 13.51 38.19 -19.61
CA VAL A 444 13.05 39.47 -19.10
C VAL A 444 13.49 39.55 -17.64
N GLU A 445 13.84 40.75 -17.17
CA GLU A 445 14.29 40.92 -15.79
C GLU A 445 13.07 40.89 -14.85
N GLY A 446 12.47 39.70 -14.76
CA GLY A 446 11.37 39.49 -13.85
C GLY A 446 11.84 39.08 -12.47
N VAL A 447 11.06 39.48 -11.45
CA VAL A 447 11.43 39.25 -10.07
C VAL A 447 10.21 38.81 -9.27
N ILE A 448 10.47 38.18 -8.13
CA ILE A 448 9.45 37.80 -7.17
C ILE A 448 9.48 38.81 -6.03
N VAL A 449 8.36 39.49 -5.82
CA VAL A 449 8.32 40.60 -4.87
C VAL A 449 7.98 40.13 -3.46
N GLU A 450 6.88 39.40 -3.28
CA GLU A 450 6.50 38.96 -1.95
C GLU A 450 5.59 37.74 -2.05
N VAL A 451 5.43 37.07 -0.92
CA VAL A 451 4.57 35.90 -0.78
C VAL A 451 3.60 36.14 0.37
N ASN A 452 2.33 35.83 0.15
CA ASN A 452 1.29 35.98 1.15
C ASN A 452 0.72 34.62 1.51
N ALA A 453 0.56 34.41 2.82
CA ALA A 453 0.21 33.10 3.37
C ALA A 453 -1.28 32.80 3.32
N ALA A 454 -2.12 33.81 3.51
CA ALA A 454 -3.58 33.62 3.53
C ALA A 454 -4.18 34.59 2.52
N PRO A 455 -4.05 34.29 1.23
CA PRO A 455 -4.55 35.20 0.20
C PRO A 455 -6.06 35.10 0.03
N GLY A 456 -6.62 36.15 -0.55
CA GLY A 456 -8.02 36.17 -0.92
C GLY A 456 -8.18 35.96 -2.41
N PHE A 457 -8.89 34.91 -2.77
CA PHE A 457 -9.11 34.55 -4.17
C PHE A 457 -10.34 35.25 -4.71
N ARG A 458 -10.69 36.38 -4.11
CA ARG A 458 -11.88 37.12 -4.51
C ARG A 458 -11.69 37.74 -5.88
N MET A 459 -10.46 38.04 -6.28
CA MET A 459 -10.19 38.64 -7.57
C MET A 459 -10.07 37.63 -8.70
N HIS A 460 -9.97 36.34 -8.40
CA HIS A 460 -9.81 35.32 -9.42
C HIS A 460 -11.13 34.67 -9.83
N VAL A 461 -12.19 34.86 -9.05
CA VAL A 461 -13.50 34.30 -9.39
C VAL A 461 -14.37 35.29 -10.15
N ALA A 462 -14.02 36.58 -10.14
CA ALA A 462 -14.72 37.59 -10.93
C ALA A 462 -13.68 38.48 -11.60
N PRO A 463 -12.96 37.95 -12.59
CA PRO A 463 -11.85 38.72 -13.18
C PRO A 463 -12.29 40.02 -13.82
N SER A 464 -13.46 40.05 -14.44
CA SER A 464 -14.08 41.16 -15.16
C SER A 464 -13.45 41.38 -16.54
N ARG A 465 -12.35 40.72 -16.88
CA ARG A 465 -11.83 40.77 -18.24
C ARG A 465 -11.26 39.42 -18.66
N GLY A 466 -11.97 38.34 -18.36
CA GLY A 466 -11.50 37.03 -18.71
C GLY A 466 -12.38 35.95 -18.12
N LEU A 467 -11.83 34.73 -18.09
CA LEU A 467 -12.56 33.57 -17.60
C LEU A 467 -12.35 33.41 -16.10
N ALA A 468 -13.45 33.10 -15.40
CA ALA A 468 -13.39 32.86 -13.97
C ALA A 468 -12.82 31.48 -13.70
N ARG A 469 -12.06 31.37 -12.60
CA ARG A 469 -11.47 30.11 -12.18
C ARG A 469 -12.15 29.59 -10.93
N ASN A 470 -12.21 28.27 -10.80
CA ASN A 470 -12.85 27.62 -9.66
C ASN A 470 -11.80 27.34 -8.60
N VAL A 471 -11.52 28.36 -7.79
CA VAL A 471 -10.54 28.22 -6.72
C VAL A 471 -11.08 27.33 -5.61
N ALA A 472 -12.34 27.51 -5.23
CA ALA A 472 -12.94 26.68 -4.19
C ALA A 472 -12.94 25.21 -4.55
N GLY A 473 -13.15 24.88 -5.83
CA GLY A 473 -13.00 23.51 -6.27
C GLY A 473 -11.61 22.94 -6.04
N ALA A 474 -10.57 23.73 -6.29
CA ALA A 474 -9.21 23.32 -5.99
C ALA A 474 -8.98 23.15 -4.49
N VAL A 475 -9.52 24.04 -3.66
CA VAL A 475 -9.35 23.88 -2.22
C VAL A 475 -10.01 22.59 -1.74
N MET A 476 -11.24 22.31 -2.18
CA MET A 476 -11.87 21.04 -1.86
C MET A 476 -11.15 19.83 -2.43
N ASP A 477 -10.58 19.93 -3.63
CA ASP A 477 -9.79 18.83 -4.16
C ASP A 477 -8.52 18.59 -3.35
N MET A 478 -7.95 19.64 -2.76
CA MET A 478 -6.81 19.45 -1.87
C MET A 478 -7.22 18.84 -0.53
N LEU A 479 -8.31 19.32 0.07
CA LEU A 479 -8.73 18.81 1.37
C LEU A 479 -9.23 17.38 1.28
N PHE A 480 -10.02 17.06 0.26
CA PHE A 480 -10.59 15.72 0.07
C PHE A 480 -10.18 15.25 -1.32
N PRO A 481 -9.05 14.55 -1.42
CA PRO A 481 -8.44 14.30 -2.73
C PRO A 481 -9.31 13.56 -3.73
N GLY A 482 -9.73 12.35 -3.39
CA GLY A 482 -10.46 11.53 -4.35
C GLY A 482 -11.93 11.85 -4.39
N SER A 483 -12.73 10.91 -4.86
CA SER A 483 -14.19 11.04 -4.83
C SER A 483 -14.73 10.65 -3.47
N LYS A 484 -14.21 11.27 -2.42
CA LYS A 484 -14.53 10.92 -1.05
C LYS A 484 -15.03 12.14 -0.29
N ASN A 485 -15.86 11.89 0.71
CA ASN A 485 -16.33 12.89 1.64
C ASN A 485 -15.80 12.54 3.04
N GLY A 486 -16.11 13.38 4.01
CA GLY A 486 -15.60 13.17 5.35
C GLY A 486 -16.56 12.42 6.24
N ARG A 487 -17.25 11.43 5.69
CA ARG A 487 -18.30 10.73 6.40
C ARG A 487 -17.78 9.46 7.07
N ILE A 488 -18.40 9.10 8.18
CA ILE A 488 -18.10 7.87 8.89
C ILE A 488 -19.42 7.13 9.08
N PRO A 489 -19.39 5.80 9.24
CA PRO A 489 -20.63 5.06 9.47
C PRO A 489 -21.37 5.57 10.69
N ILE A 490 -22.67 5.81 10.51
CA ILE A 490 -23.56 6.27 11.57
C ILE A 490 -24.72 5.30 11.67
N LEU A 491 -24.96 4.80 12.89
CA LEU A 491 -26.07 3.89 13.16
C LEU A 491 -26.97 4.55 14.18
N SER A 492 -28.21 4.85 13.77
CA SER A 492 -29.16 5.53 14.63
C SER A 492 -30.24 4.56 15.06
N VAL A 493 -30.38 4.37 16.36
CA VAL A 493 -31.35 3.42 16.92
C VAL A 493 -32.49 4.21 17.54
N THR A 494 -33.72 3.89 17.15
CA THR A 494 -34.89 4.53 17.71
C THR A 494 -35.95 3.48 17.99
N GLY A 495 -36.98 3.89 18.70
CA GLY A 495 -38.03 2.96 19.10
C GLY A 495 -38.72 3.49 20.35
N THR A 496 -39.22 2.55 21.14
CA THR A 496 -39.91 2.89 22.38
C THR A 496 -39.34 2.20 23.60
N ASN A 497 -38.84 0.98 23.48
CA ASN A 497 -38.50 0.18 24.65
C ASN A 497 -37.03 -0.17 24.75
N GLY A 498 -36.42 -0.73 23.71
CA GLY A 498 -35.09 -1.30 23.86
C GLY A 498 -33.95 -0.54 23.22
N LYS A 499 -33.95 0.79 23.34
CA LYS A 499 -32.94 1.60 22.67
C LYS A 499 -31.55 1.40 23.28
N THR A 500 -31.45 1.51 24.60
CA THR A 500 -30.16 1.51 25.26
C THR A 500 -29.44 0.17 25.12
N THR A 501 -30.15 -0.93 25.36
CA THR A 501 -29.53 -2.25 25.27
C THR A 501 -29.06 -2.53 23.86
N THR A 502 -29.87 -2.19 22.85
CA THR A 502 -29.46 -2.38 21.47
C THR A 502 -28.25 -1.53 21.13
N THR A 503 -28.21 -0.28 21.61
CA THR A 503 -27.05 0.56 21.34
C THR A 503 -25.78 -0.04 21.92
N ARG A 504 -25.83 -0.48 23.18
CA ARG A 504 -24.65 -1.09 23.79
C ARG A 504 -24.24 -2.38 23.12
N LEU A 505 -25.20 -3.22 22.73
CA LEU A 505 -24.86 -4.45 22.01
C LEU A 505 -24.22 -4.16 20.66
N LEU A 506 -24.74 -3.18 19.92
CA LEU A 506 -24.13 -2.81 18.65
C LEU A 506 -22.70 -2.34 18.84
N ALA A 507 -22.48 -1.49 19.85
CA ALA A 507 -21.13 -1.01 20.11
C ALA A 507 -20.19 -2.15 20.48
N HIS A 508 -20.64 -3.08 21.32
CA HIS A 508 -19.80 -4.20 21.69
C HIS A 508 -19.48 -5.10 20.50
N ILE A 509 -20.46 -5.34 19.62
CA ILE A 509 -20.19 -6.16 18.44
C ILE A 509 -19.18 -5.48 17.53
N ILE A 510 -19.32 -4.17 17.32
CA ILE A 510 -18.38 -3.48 16.44
C ILE A 510 -16.99 -3.43 17.04
N LYS A 511 -16.89 -3.36 18.37
CA LYS A 511 -15.57 -3.30 19.01
C LYS A 511 -14.71 -4.53 18.71
N GLN A 512 -15.32 -5.66 18.33
CA GLN A 512 -14.52 -6.83 17.98
C GLN A 512 -13.63 -6.56 16.78
N THR A 513 -14.15 -5.87 15.77
CA THR A 513 -13.30 -5.30 14.75
C THR A 513 -12.44 -4.21 15.38
N GLY A 514 -11.21 -4.09 14.90
CA GLY A 514 -10.29 -3.14 15.51
C GLY A 514 -10.63 -1.70 15.17
N LYS A 515 -11.76 -1.22 15.69
CA LYS A 515 -12.23 0.12 15.40
C LYS A 515 -12.63 0.82 16.70
N VAL A 516 -12.43 2.13 16.73
CA VAL A 516 -12.84 2.96 17.85
C VAL A 516 -14.29 3.37 17.63
N VAL A 517 -15.17 3.00 18.55
CA VAL A 517 -16.60 3.24 18.42
C VAL A 517 -17.03 4.28 19.45
N GLY A 518 -17.70 5.33 18.98
CA GLY A 518 -18.27 6.30 19.88
C GLY A 518 -19.77 6.16 19.92
N TYR A 519 -20.34 6.00 21.11
CA TYR A 519 -21.77 5.76 21.19
C TYR A 519 -22.38 6.54 22.35
N THR A 520 -23.62 6.97 22.14
CA THR A 520 -24.36 7.71 23.15
C THR A 520 -25.65 6.97 23.49
N THR A 521 -25.89 6.79 24.79
CA THR A 521 -27.06 6.16 25.36
C THR A 521 -27.59 7.05 26.47
N THR A 522 -28.56 6.54 27.24
CA THR A 522 -29.08 7.29 28.37
C THR A 522 -28.10 7.31 29.54
N ASP A 523 -27.28 6.28 29.71
CA ASP A 523 -26.32 6.27 30.81
C ASP A 523 -25.27 7.35 30.63
N GLY A 524 -24.74 7.51 29.43
CA GLY A 524 -23.74 8.52 29.18
C GLY A 524 -23.19 8.40 27.77
N THR A 525 -22.18 9.19 27.49
CA THR A 525 -21.52 9.21 26.19
C THR A 525 -20.14 8.59 26.32
N TYR A 526 -19.90 7.51 25.56
CA TYR A 526 -18.66 6.76 25.62
C TYR A 526 -17.91 6.87 24.31
N ILE A 527 -16.59 6.92 24.41
CA ILE A 527 -15.69 6.92 23.25
C ILE A 527 -14.69 5.80 23.49
N GLY A 528 -14.95 4.64 22.90
CA GLY A 528 -14.09 3.49 23.09
C GLY A 528 -14.38 2.76 24.38
N GLU A 529 -13.44 2.79 25.32
CA GLU A 529 -13.58 2.08 26.58
C GLU A 529 -13.76 3.01 27.77
N TYR A 530 -13.60 4.31 27.60
CA TYR A 530 -13.61 5.26 28.71
C TYR A 530 -14.82 6.18 28.59
N LEU A 531 -15.46 6.45 29.72
CA LEU A 531 -16.60 7.35 29.75
C LEU A 531 -16.16 8.76 29.41
N ALA A 532 -16.80 9.35 28.40
CA ALA A 532 -16.48 10.70 27.97
C ALA A 532 -17.38 11.75 28.58
N GLU A 533 -18.65 11.45 28.79
CA GLU A 533 -19.53 12.43 29.41
C GLU A 533 -20.65 11.72 30.17
N THR A 534 -21.08 12.36 31.26
CA THR A 534 -22.11 11.82 32.14
C THR A 534 -23.42 12.57 31.95
N GLY A 535 -24.53 11.91 32.24
CA GLY A 535 -25.83 12.51 32.17
C GLY A 535 -26.75 11.70 31.29
N ASP A 536 -27.83 12.34 30.84
CA ASP A 536 -28.75 11.67 29.92
C ASP A 536 -28.12 11.51 28.55
N ASN A 537 -27.83 12.63 27.87
CA ASN A 537 -27.03 12.64 26.65
C ASN A 537 -27.65 11.78 25.55
N THR A 538 -28.90 12.07 25.22
CA THR A 538 -29.58 11.39 24.12
C THR A 538 -30.15 12.39 23.11
N GLY A 539 -29.77 13.66 23.19
CA GLY A 539 -30.25 14.66 22.27
C GLY A 539 -29.22 15.02 21.23
N PRO A 540 -29.58 15.92 20.31
CA PRO A 540 -28.62 16.34 19.27
C PRO A 540 -27.41 17.07 19.82
N GLN A 541 -27.50 17.66 21.02
CA GLN A 541 -26.37 18.37 21.59
C GLN A 541 -25.25 17.44 22.04
N SER A 542 -25.57 16.18 22.37
CA SER A 542 -24.56 15.19 22.71
C SER A 542 -24.06 14.42 21.50
N ALA A 543 -24.74 14.52 20.36
CA ALA A 543 -24.25 13.90 19.14
C ALA A 543 -23.08 14.66 18.52
N HIS A 544 -22.99 15.97 18.77
CA HIS A 544 -21.87 16.73 18.26
C HIS A 544 -20.55 16.37 18.92
N LEU A 545 -20.59 15.95 20.18
CA LEU A 545 -19.37 15.52 20.85
C LEU A 545 -18.77 14.29 20.20
N ILE A 546 -19.61 13.34 19.79
CA ILE A 546 -19.14 12.12 19.15
C ILE A 546 -18.61 12.39 17.75
N LEU A 547 -19.35 13.16 16.95
CA LEU A 547 -18.96 13.39 15.57
C LEU A 547 -17.82 14.36 15.41
N SER A 548 -17.40 15.04 16.48
CA SER A 548 -16.29 15.97 16.41
C SER A 548 -15.00 15.41 16.99
N ASP A 549 -15.04 14.23 17.61
CA ASP A 549 -13.84 13.67 18.20
C ASP A 549 -12.89 13.20 17.10
N PRO A 550 -11.60 13.52 17.18
CA PRO A 550 -10.69 13.15 16.09
C PRO A 550 -10.23 11.70 16.14
N THR A 551 -10.87 10.88 16.97
CA THR A 551 -10.49 9.48 17.09
C THR A 551 -11.63 8.50 16.83
N VAL A 552 -12.84 8.98 16.59
CA VAL A 552 -13.99 8.11 16.42
C VAL A 552 -14.09 7.66 14.96
N GLU A 553 -14.28 6.35 14.76
CA GLU A 553 -14.42 5.79 13.42
C GLU A 553 -15.85 5.37 13.09
N VAL A 554 -16.62 4.92 14.07
CA VAL A 554 -18.02 4.56 13.89
C VAL A 554 -18.82 5.24 14.98
N ALA A 555 -20.01 5.71 14.63
CA ALA A 555 -20.87 6.42 15.58
C ALA A 555 -22.16 5.64 15.76
N VAL A 556 -22.53 5.39 17.02
CA VAL A 556 -23.78 4.72 17.36
C VAL A 556 -24.56 5.66 18.29
N LEU A 557 -25.77 6.02 17.88
CA LEU A 557 -26.51 7.07 18.55
C LEU A 557 -27.89 6.55 18.93
N GLU A 558 -28.25 6.67 20.21
CA GLU A 558 -29.62 6.43 20.63
C GLU A 558 -30.40 7.72 20.47
N THR A 559 -31.35 7.73 19.54
CA THR A 559 -32.12 8.94 19.22
C THR A 559 -33.45 8.86 19.94
N ALA A 560 -33.59 9.65 21.01
CA ALA A 560 -34.81 9.65 21.80
C ALA A 560 -35.87 10.54 21.15
N ARG A 561 -37.10 10.39 21.61
CA ARG A 561 -38.22 11.16 21.06
C ARG A 561 -38.14 12.63 21.47
N GLY A 562 -37.80 12.90 22.73
CA GLY A 562 -37.69 14.28 23.18
C GLY A 562 -36.65 15.07 22.43
N GLY A 563 -35.54 14.43 22.07
CA GLY A 563 -34.52 15.12 21.28
C GLY A 563 -35.02 15.52 19.91
N ILE A 564 -35.77 14.63 19.25
CA ILE A 564 -36.33 14.97 17.94
C ILE A 564 -37.35 16.09 18.08
N LEU A 565 -38.21 16.02 19.10
CA LEU A 565 -39.22 17.06 19.27
C LEU A 565 -38.60 18.42 19.57
N ARG A 566 -37.57 18.45 20.41
CA ARG A 566 -37.04 19.71 20.91
C ARG A 566 -36.21 20.42 19.84
N SER A 567 -35.20 19.75 19.31
CA SER A 567 -34.26 20.39 18.39
C SER A 567 -34.12 19.67 17.06
N GLY A 568 -34.87 18.62 16.81
CA GLY A 568 -34.73 17.86 15.58
C GLY A 568 -33.61 16.84 15.66
N LEU A 569 -33.28 16.28 14.51
CA LEU A 569 -32.26 15.25 14.42
C LEU A 569 -30.88 15.90 14.39
N GLY A 570 -29.90 15.18 14.94
CA GLY A 570 -28.56 15.70 15.12
C GLY A 570 -27.64 15.56 13.93
N PHE A 571 -28.14 15.10 12.78
CA PHE A 571 -27.32 14.89 11.60
C PHE A 571 -28.23 14.93 10.38
N SER A 572 -27.63 14.85 9.19
CA SER A 572 -28.40 14.89 7.96
C SER A 572 -28.79 13.49 7.50
N SER A 573 -27.80 12.62 7.30
CA SER A 573 -28.04 11.27 6.81
C SER A 573 -27.29 10.26 7.67
N CYS A 574 -27.86 9.07 7.78
CA CYS A 574 -27.27 7.99 8.56
C CYS A 574 -27.08 6.78 7.68
N GLU A 575 -26.01 6.02 7.95
CA GLU A 575 -25.77 4.80 7.21
C GLU A 575 -26.80 3.73 7.52
N VAL A 576 -27.18 3.56 8.79
CA VAL A 576 -28.15 2.54 9.17
C VAL A 576 -29.17 3.16 10.11
N GLY A 577 -30.45 2.89 9.84
CA GLY A 577 -31.50 3.36 10.74
C GLY A 577 -32.35 2.23 11.27
N ILE A 578 -32.33 2.00 12.57
CA ILE A 578 -33.04 0.89 13.19
C ILE A 578 -34.29 1.43 13.90
N VAL A 579 -35.44 0.82 13.62
CA VAL A 579 -36.68 1.15 14.32
C VAL A 579 -37.16 -0.13 15.01
N LEU A 580 -37.19 -0.12 16.34
CA LEU A 580 -37.51 -1.33 17.08
C LEU A 580 -39.01 -1.55 17.16
N ASN A 581 -39.74 -0.62 17.78
CA ASN A 581 -41.18 -0.77 17.92
C ASN A 581 -41.77 0.59 18.27
N VAL A 582 -43.08 0.73 18.04
CA VAL A 582 -43.83 1.92 18.38
C VAL A 582 -44.98 1.49 19.28
N THR A 583 -45.00 1.99 20.51
CA THR A 583 -46.03 1.63 21.47
C THR A 583 -46.50 2.89 22.20
N ALA A 584 -47.82 3.08 22.24
CA ALA A 584 -48.41 4.24 22.90
C ALA A 584 -48.48 3.95 24.39
N ASP A 585 -47.42 4.28 25.11
CA ASP A 585 -47.35 4.10 26.55
C ASP A 585 -47.36 5.42 27.32
N HIS A 586 -46.64 6.42 26.84
CA HIS A 586 -46.67 7.76 27.42
C HIS A 586 -47.16 8.72 26.35
N LEU A 587 -48.23 9.44 26.65
CA LEU A 587 -48.88 10.29 25.66
C LEU A 587 -49.27 11.60 26.32
N GLY A 588 -49.61 12.59 25.49
CA GLY A 588 -49.96 13.91 25.95
C GLY A 588 -48.79 14.86 26.07
N ILE A 589 -47.56 14.40 25.83
CA ILE A 589 -46.41 15.29 25.89
C ILE A 589 -46.32 16.08 24.59
N GLY A 590 -46.14 17.39 24.72
CA GLY A 590 -46.02 18.25 23.56
C GLY A 590 -47.29 18.25 22.73
N ASP A 591 -47.14 18.02 21.43
CA ASP A 591 -48.27 17.98 20.51
C ASP A 591 -48.46 16.57 19.94
N ILE A 592 -48.04 15.56 20.68
CA ILE A 592 -48.21 14.16 20.30
C ILE A 592 -49.29 13.57 21.19
N ASP A 593 -50.44 13.27 20.59
CA ASP A 593 -51.60 12.79 21.33
C ASP A 593 -52.21 11.54 20.71
N THR A 594 -51.53 10.91 19.75
CA THR A 594 -52.07 9.74 19.07
C THR A 594 -50.91 8.86 18.64
N ILE A 595 -51.16 7.55 18.61
CA ILE A 595 -50.11 6.62 18.18
C ILE A 595 -49.72 6.84 16.73
N GLU A 596 -50.64 7.36 15.90
CA GLU A 596 -50.27 7.73 14.54
C GLU A 596 -49.25 8.86 14.50
N GLN A 597 -49.43 9.89 15.33
CA GLN A 597 -48.41 10.93 15.46
C GLN A 597 -47.10 10.42 16.03
N LEU A 598 -47.16 9.49 16.99
CA LEU A 598 -45.93 8.89 17.49
C LEU A 598 -45.18 8.13 16.40
N ALA A 599 -45.90 7.36 15.58
CA ALA A 599 -45.27 6.69 14.45
C ALA A 599 -44.72 7.66 13.43
N LYS A 600 -45.46 8.73 13.12
CA LYS A 600 -44.96 9.75 12.22
C LYS A 600 -43.70 10.42 12.74
N LEU A 601 -43.60 10.62 14.04
CA LEU A 601 -42.40 11.19 14.65
C LEU A 601 -41.22 10.23 14.62
N LYS A 602 -41.46 8.96 14.98
CA LYS A 602 -40.37 7.97 14.93
C LYS A 602 -39.93 7.69 13.51
N SER A 603 -40.76 7.98 12.52
CA SER A 603 -40.40 7.74 11.12
C SER A 603 -39.31 8.66 10.62
N VAL A 604 -38.93 9.68 11.39
CA VAL A 604 -37.87 10.59 10.95
C VAL A 604 -36.56 9.83 10.76
N VAL A 605 -36.24 8.94 11.69
CA VAL A 605 -35.00 8.18 11.59
C VAL A 605 -35.01 7.30 10.34
N ALA A 606 -36.11 6.60 10.09
CA ALA A 606 -36.19 5.72 8.93
C ALA A 606 -36.15 6.50 7.62
N GLU A 607 -36.83 7.64 7.55
CA GLU A 607 -36.90 8.38 6.30
C GLU A 607 -35.61 9.13 5.99
N SER A 608 -34.79 9.39 7.00
CA SER A 608 -33.52 10.08 6.81
C SER A 608 -32.35 9.11 6.63
N VAL A 609 -32.50 8.19 5.68
CA VAL A 609 -31.48 7.19 5.38
C VAL A 609 -31.03 7.40 3.94
N MET A 610 -29.71 7.46 3.74
CA MET A 610 -29.17 7.72 2.42
C MET A 610 -29.50 6.57 1.47
N PRO A 611 -29.51 6.83 0.16
CA PRO A 611 -29.97 5.80 -0.79
C PRO A 611 -29.18 4.51 -0.74
N LYS A 612 -27.92 4.54 -0.31
CA LYS A 612 -27.12 3.33 -0.18
C LYS A 612 -27.14 2.76 1.23
N GLY A 613 -27.96 3.32 2.10
CA GLY A 613 -28.07 2.84 3.46
C GLY A 613 -29.11 1.74 3.61
N TYR A 614 -29.39 1.40 4.87
CA TYR A 614 -30.35 0.37 5.19
C TYR A 614 -31.28 0.85 6.30
N ALA A 615 -32.54 0.44 6.21
CA ALA A 615 -33.53 0.67 7.24
C ALA A 615 -33.95 -0.67 7.82
N VAL A 616 -33.61 -0.90 9.09
CA VAL A 616 -33.96 -2.14 9.77
C VAL A 616 -35.29 -1.91 10.48
N LEU A 617 -36.27 -2.77 10.20
CA LEU A 617 -37.63 -2.59 10.67
C LEU A 617 -38.17 -3.89 11.26
N ASN A 618 -39.10 -3.74 12.20
CA ASN A 618 -39.76 -4.87 12.84
C ASN A 618 -40.97 -5.29 11.99
N ALA A 619 -40.96 -6.52 11.52
CA ALA A 619 -42.04 -7.00 10.65
C ALA A 619 -43.31 -7.32 11.41
N GLU A 620 -43.24 -7.51 12.72
CA GLU A 620 -44.40 -7.88 13.52
C GLU A 620 -45.22 -6.69 13.99
N ASP A 621 -44.74 -5.47 13.77
CA ASP A 621 -45.48 -4.29 14.18
C ASP A 621 -46.13 -3.66 12.95
N PRO A 622 -47.45 -3.60 12.88
CA PRO A 622 -48.10 -3.02 11.69
C PRO A 622 -47.72 -1.57 11.43
N LEU A 623 -47.49 -0.78 12.47
CA LEU A 623 -47.11 0.62 12.28
C LEU A 623 -45.68 0.78 11.79
N VAL A 624 -44.75 0.02 12.36
CA VAL A 624 -43.35 0.11 11.92
C VAL A 624 -43.21 -0.42 10.50
N ALA A 625 -43.86 -1.55 10.19
CA ALA A 625 -43.78 -2.11 8.86
C ALA A 625 -44.37 -1.16 7.82
N ALA A 626 -45.38 -0.38 8.21
CA ALA A 626 -45.95 0.61 7.31
C ALA A 626 -44.95 1.67 6.89
N MET A 627 -43.87 1.86 7.64
CA MET A 627 -42.79 2.76 7.23
C MET A 627 -41.96 2.19 6.09
N ALA A 628 -42.33 1.03 5.54
CA ALA A 628 -41.57 0.46 4.44
C ALA A 628 -41.53 1.40 3.24
N ASP A 629 -42.65 2.05 2.94
CA ASP A 629 -42.68 3.06 1.89
C ASP A 629 -41.93 4.31 2.35
N ARG A 630 -41.90 5.31 1.48
CA ARG A 630 -41.22 6.58 1.72
C ARG A 630 -39.88 6.41 2.42
N VAL A 631 -39.12 5.41 1.97
CA VAL A 631 -37.78 5.14 2.47
C VAL A 631 -36.84 5.05 1.29
N LYS A 632 -35.79 5.84 1.31
CA LYS A 632 -34.76 5.79 0.27
C LYS A 632 -33.65 4.86 0.75
N GLY A 633 -33.44 3.79 0.01
CA GLY A 633 -32.50 2.76 0.43
C GLY A 633 -33.20 1.44 0.74
N GLN A 634 -32.39 0.41 0.93
CA GLN A 634 -32.92 -0.92 1.12
C GLN A 634 -33.56 -1.07 2.51
N VAL A 635 -34.47 -2.03 2.60
CA VAL A 635 -35.21 -2.32 3.82
C VAL A 635 -34.90 -3.75 4.26
N ALA A 636 -34.60 -3.92 5.53
CA ALA A 636 -34.33 -5.23 6.10
C ALA A 636 -35.26 -5.47 7.26
N TYR A 637 -36.00 -6.56 7.22
CA TYR A 637 -36.99 -6.89 8.24
C TYR A 637 -36.40 -7.88 9.24
N PHE A 638 -36.81 -7.75 10.49
CA PHE A 638 -36.52 -8.75 11.50
C PHE A 638 -37.80 -9.11 12.23
N SER A 639 -37.93 -10.38 12.60
CA SER A 639 -39.17 -10.87 13.20
C SER A 639 -38.87 -12.05 14.10
N MET A 640 -39.57 -12.11 15.23
CA MET A 640 -39.48 -13.25 16.12
C MET A 640 -40.35 -14.42 15.68
N ASP A 641 -41.25 -14.21 14.72
CA ASP A 641 -42.05 -15.29 14.17
C ASP A 641 -41.48 -15.71 12.84
N PRO A 642 -40.96 -16.93 12.68
CA PRO A 642 -40.36 -17.33 11.41
C PRO A 642 -41.35 -17.43 10.26
N ASN A 643 -42.65 -17.43 10.52
CA ASN A 643 -43.66 -17.61 9.49
C ASN A 643 -44.35 -16.31 9.11
N ASN A 644 -43.71 -15.17 9.35
CA ASN A 644 -44.28 -13.90 8.94
C ASN A 644 -44.36 -13.83 7.42
N GLU A 645 -45.58 -13.63 6.91
CA GLU A 645 -45.78 -13.65 5.47
C GLU A 645 -45.08 -12.50 4.76
N LEU A 646 -45.07 -11.32 5.39
CA LEU A 646 -44.41 -10.16 4.77
C LEU A 646 -42.91 -10.40 4.66
N LEU A 647 -42.29 -10.90 5.73
CA LEU A 647 -40.86 -11.17 5.69
C LEU A 647 -40.51 -12.25 4.68
N LEU A 648 -41.29 -13.33 4.66
CA LEU A 648 -41.01 -14.42 3.72
C LEU A 648 -41.16 -13.95 2.28
N ARG A 649 -42.20 -13.18 2.00
CA ARG A 649 -42.35 -12.61 0.67
C ARG A 649 -41.24 -11.63 0.33
N HIS A 650 -40.73 -10.91 1.32
CA HIS A 650 -39.60 -10.00 1.08
C HIS A 650 -38.31 -10.74 0.76
N THR A 651 -38.09 -11.91 1.38
CA THR A 651 -36.86 -12.64 1.13
C THR A 651 -36.86 -13.30 -0.25
N GLU A 652 -38.03 -13.66 -0.78
CA GLU A 652 -38.09 -14.35 -2.06
C GLU A 652 -37.53 -13.52 -3.20
N ALA A 653 -37.68 -12.19 -3.14
CA ALA A 653 -37.15 -11.28 -4.15
C ALA A 653 -36.23 -10.31 -3.44
N GLY A 654 -34.96 -10.69 -3.31
CA GLY A 654 -34.00 -9.89 -2.58
C GLY A 654 -33.51 -10.62 -1.35
N GLY A 655 -33.80 -10.07 -0.16
CA GLY A 655 -33.46 -10.77 1.06
C GLY A 655 -33.12 -9.87 2.23
N LEU A 656 -32.10 -10.26 3.01
CA LEU A 656 -31.65 -9.54 4.19
C LEU A 656 -32.77 -9.43 5.22
N ALA A 657 -33.11 -10.58 5.79
CA ALA A 657 -34.00 -10.67 6.94
C ALA A 657 -33.30 -11.39 8.08
N ALA A 658 -33.89 -11.32 9.26
CA ALA A 658 -33.34 -12.02 10.42
C ALA A 658 -34.50 -12.62 11.21
N ILE A 659 -34.40 -13.91 11.54
CA ILE A 659 -35.48 -14.61 12.22
C ILE A 659 -34.90 -15.45 13.36
N TYR A 660 -35.81 -16.03 14.13
CA TYR A 660 -35.51 -16.90 15.26
C TYR A 660 -36.29 -18.19 15.01
N GLU A 661 -35.67 -19.15 14.34
CA GLU A 661 -36.42 -20.26 13.74
C GLU A 661 -36.54 -21.48 14.65
N ASN A 662 -35.42 -22.13 14.98
CA ASN A 662 -35.43 -23.31 15.85
C ASN A 662 -34.31 -23.12 16.87
N GLY A 663 -34.60 -22.37 17.92
CA GLY A 663 -33.59 -22.08 18.92
C GLY A 663 -32.33 -21.51 18.31
N TYR A 664 -32.48 -20.76 17.22
CA TYR A 664 -31.34 -20.21 16.49
C TYR A 664 -31.61 -18.77 16.12
N ILE A 665 -30.54 -17.99 15.99
CA ILE A 665 -30.60 -16.64 15.45
C ILE A 665 -30.09 -16.72 14.02
N SER A 666 -30.98 -16.59 13.04
CA SER A 666 -30.64 -16.89 11.66
C SER A 666 -30.79 -15.65 10.80
N ILE A 667 -29.90 -15.53 9.82
CA ILE A 667 -29.93 -14.47 8.81
C ILE A 667 -30.35 -15.10 7.49
N LEU A 668 -31.36 -14.51 6.86
CA LEU A 668 -31.85 -14.96 5.56
C LEU A 668 -31.35 -13.98 4.50
N LYS A 669 -30.48 -14.45 3.62
CA LYS A 669 -29.94 -13.65 2.52
C LYS A 669 -30.60 -14.02 1.20
N GLY A 670 -31.90 -14.30 1.22
CA GLY A 670 -32.58 -14.80 0.05
C GLY A 670 -33.09 -16.20 0.29
N ASP A 671 -32.51 -17.17 -0.40
CA ASP A 671 -32.83 -18.58 -0.18
C ASP A 671 -31.81 -19.29 0.69
N TRP A 672 -30.87 -18.55 1.28
CA TRP A 672 -29.83 -19.10 2.11
C TRP A 672 -30.03 -18.71 3.56
N THR A 673 -29.75 -19.65 4.47
CA THR A 673 -29.91 -19.43 5.89
C THR A 673 -28.54 -19.50 6.55
N LEU A 674 -28.19 -18.45 7.30
CA LEU A 674 -26.90 -18.36 7.99
C LEU A 674 -27.19 -18.31 9.49
N ARG A 675 -26.87 -19.39 10.19
CA ARG A 675 -27.16 -19.48 11.61
C ARG A 675 -26.04 -18.83 12.41
N ILE A 676 -26.41 -17.93 13.32
CA ILE A 676 -25.41 -17.23 14.13
C ILE A 676 -25.14 -17.99 15.42
N GLU A 677 -26.17 -18.19 16.24
CA GLU A 677 -25.96 -18.78 17.56
C GLU A 677 -27.24 -19.46 18.01
N LYS A 678 -27.10 -20.28 19.06
CA LYS A 678 -28.15 -21.14 19.60
C LYS A 678 -29.09 -20.39 20.55
N ALA A 679 -28.79 -19.11 20.83
CA ALA A 679 -29.66 -18.23 21.61
C ALA A 679 -29.74 -18.63 23.08
N VAL A 680 -29.12 -19.74 23.46
CA VAL A 680 -28.95 -20.10 24.86
C VAL A 680 -27.53 -19.88 25.33
N ASN A 681 -26.58 -19.70 24.42
CA ASN A 681 -25.22 -19.33 24.74
C ASN A 681 -25.03 -17.83 24.80
N VAL A 682 -26.09 -17.07 24.58
CA VAL A 682 -26.06 -15.61 24.68
C VAL A 682 -26.49 -15.22 26.09
N PRO A 683 -25.61 -14.66 26.91
CA PRO A 683 -25.97 -14.38 28.31
C PRO A 683 -27.16 -13.45 28.47
N ILE A 684 -27.34 -12.48 27.58
CA ILE A 684 -28.41 -11.51 27.76
C ILE A 684 -29.80 -12.13 27.61
N THR A 685 -29.92 -13.25 26.89
CA THR A 685 -31.21 -13.91 26.75
C THR A 685 -31.59 -14.73 27.97
N MET A 686 -30.65 -14.97 28.90
CA MET A 686 -30.85 -15.81 30.07
C MET A 686 -31.36 -17.19 29.65
N ALA A 687 -30.52 -17.89 28.88
CA ALA A 687 -30.83 -19.22 28.36
C ALA A 687 -32.12 -19.19 27.54
N GLY A 688 -32.34 -18.10 26.80
CA GLY A 688 -33.48 -17.99 25.93
C GLY A 688 -34.82 -17.85 26.63
N LYS A 689 -34.83 -17.36 27.86
CA LYS A 689 -36.08 -17.23 28.60
C LYS A 689 -36.76 -15.89 28.37
N ALA A 690 -35.99 -14.80 28.21
CA ALA A 690 -36.56 -13.49 28.00
C ALA A 690 -36.78 -13.26 26.51
N PRO A 691 -38.01 -13.13 26.03
CA PRO A 691 -38.23 -12.90 24.60
C PRO A 691 -37.95 -11.48 24.17
N PHE A 692 -37.89 -10.52 25.10
CA PHE A 692 -37.59 -9.15 24.72
C PHE A 692 -36.15 -8.99 24.28
N MET A 693 -35.23 -9.75 24.87
CA MET A 693 -33.82 -9.66 24.55
C MET A 693 -33.48 -10.23 23.19
N ILE A 694 -34.17 -11.30 22.77
CA ILE A 694 -33.90 -11.88 21.46
C ILE A 694 -34.29 -10.93 20.35
N ALA A 695 -35.38 -10.17 20.54
CA ALA A 695 -35.76 -9.18 19.53
C ALA A 695 -34.69 -8.12 19.36
N ASN A 696 -34.10 -7.66 20.46
CA ASN A 696 -32.99 -6.71 20.38
C ASN A 696 -31.76 -7.32 19.74
N ALA A 697 -31.43 -8.57 20.07
CA ALA A 697 -30.29 -9.22 19.47
C ALA A 697 -30.45 -9.41 17.97
N LEU A 698 -31.65 -9.74 17.49
CA LEU A 698 -31.87 -9.86 16.06
C LEU A 698 -31.59 -8.56 15.33
N ALA A 699 -32.11 -7.44 15.86
CA ALA A 699 -31.86 -6.15 15.23
C ALA A 699 -30.38 -5.79 15.27
N ALA A 700 -29.71 -6.04 16.40
CA ALA A 700 -28.30 -5.71 16.50
C ALA A 700 -27.47 -6.52 15.50
N CYS A 701 -27.75 -7.81 15.35
CA CYS A 701 -27.00 -8.62 14.41
C CYS A 701 -27.30 -8.23 12.97
N LEU A 702 -28.57 -8.00 12.64
CA LEU A 702 -28.92 -7.64 11.28
C LEU A 702 -28.34 -6.30 10.88
N ALA A 703 -28.24 -5.35 11.81
CA ALA A 703 -27.68 -4.05 11.48
C ALA A 703 -26.24 -4.14 11.02
N VAL A 704 -25.41 -4.92 11.74
CA VAL A 704 -24.02 -5.04 11.35
C VAL A 704 -23.80 -6.02 10.21
N PHE A 705 -24.71 -6.96 9.98
CA PHE A 705 -24.53 -7.85 8.84
C PHE A 705 -24.64 -7.10 7.52
N THR A 706 -25.53 -6.12 7.43
CA THR A 706 -25.68 -5.35 6.19
C THR A 706 -24.47 -4.47 5.91
N GLN A 707 -23.61 -4.25 6.90
CA GLN A 707 -22.44 -3.40 6.73
C GLN A 707 -21.18 -4.18 6.36
N GLY A 708 -21.28 -5.49 6.16
CA GLY A 708 -20.16 -6.29 5.75
C GLY A 708 -19.33 -6.89 6.87
N VAL A 709 -19.82 -6.87 8.10
CA VAL A 709 -19.08 -7.45 9.21
C VAL A 709 -19.12 -8.96 9.10
N LYS A 710 -17.98 -9.60 9.35
CA LYS A 710 -17.87 -11.05 9.23
C LYS A 710 -18.72 -11.75 10.27
N ILE A 711 -19.12 -12.98 9.96
CA ILE A 711 -19.98 -13.75 10.86
C ILE A 711 -19.26 -14.09 12.15
N GLU A 712 -17.98 -14.43 12.08
CA GLU A 712 -17.25 -14.80 13.29
C GLU A 712 -17.15 -13.64 14.27
N HIS A 713 -16.97 -12.42 13.77
CA HIS A 713 -16.98 -11.25 14.66
C HIS A 713 -18.33 -11.06 15.33
N ILE A 714 -19.42 -11.22 14.58
CA ILE A 714 -20.75 -11.11 15.17
C ILE A 714 -20.94 -12.14 16.26
N ARG A 715 -20.55 -13.39 15.99
CA ARG A 715 -20.69 -14.45 16.97
C ARG A 715 -19.86 -14.21 18.21
N LYS A 716 -18.60 -13.79 18.05
CA LYS A 716 -17.75 -13.51 19.20
C LYS A 716 -18.30 -12.36 20.02
N GLY A 717 -18.76 -11.29 19.37
CA GLY A 717 -19.34 -10.17 20.08
C GLY A 717 -20.62 -10.52 20.81
N LEU A 718 -21.48 -11.33 20.20
CA LEU A 718 -22.73 -11.72 20.85
C LEU A 718 -22.52 -12.69 22.00
N SER A 719 -21.50 -13.55 21.92
CA SER A 719 -21.28 -14.54 22.96
C SER A 719 -20.69 -13.97 24.25
N THR A 720 -20.02 -12.82 24.18
CA THR A 720 -19.31 -12.28 25.32
C THR A 720 -19.91 -10.99 25.87
N PHE A 721 -21.10 -10.61 25.42
CA PHE A 721 -21.71 -9.37 25.89
C PHE A 721 -22.41 -9.62 27.22
N VAL A 722 -22.13 -8.78 28.22
CA VAL A 722 -22.73 -8.87 29.53
C VAL A 722 -23.46 -7.58 29.83
N ALA A 723 -24.62 -7.69 30.47
CA ALA A 723 -25.43 -6.52 30.79
C ALA A 723 -24.82 -5.75 31.96
N MET B 1 56.26 38.65 10.51
CA MET B 1 55.08 37.85 10.26
C MET B 1 54.04 38.63 9.46
N LYS B 2 53.39 37.97 8.52
CA LYS B 2 52.36 38.60 7.70
C LYS B 2 51.34 37.56 7.29
N ILE B 3 50.06 37.88 7.46
CA ILE B 3 48.99 36.95 7.13
C ILE B 3 48.67 37.08 5.64
N LEU B 4 48.88 35.99 4.91
CA LEU B 4 48.65 36.01 3.47
C LEU B 4 47.25 35.53 3.10
N LYS B 5 46.86 34.34 3.53
CA LYS B 5 45.56 33.80 3.21
C LYS B 5 45.04 32.98 4.38
N LEU B 6 43.72 33.06 4.60
CA LEU B 6 43.06 32.37 5.70
C LEU B 6 41.75 31.78 5.16
N GLN B 7 41.74 30.46 4.95
CA GLN B 7 40.59 29.77 4.43
C GLN B 7 39.97 28.88 5.50
N THR B 8 38.68 28.60 5.37
CA THR B 8 37.96 27.75 6.30
C THR B 8 37.35 26.57 5.55
N LEU B 9 37.49 25.38 6.13
CA LEU B 9 37.01 24.13 5.55
C LEU B 9 35.95 23.53 6.46
N ARG B 10 34.83 23.13 5.87
CA ARG B 10 33.68 22.66 6.62
C ARG B 10 33.31 21.21 6.36
N GLY B 11 33.90 20.56 5.37
CA GLY B 11 33.63 19.17 5.09
C GLY B 11 34.90 18.37 4.98
N PRO B 12 34.80 17.13 4.49
CA PRO B 12 36.02 16.35 4.22
C PRO B 12 36.92 17.08 3.25
N ASN B 13 38.22 17.04 3.53
CA ASN B 13 39.16 17.92 2.85
C ASN B 13 40.49 17.20 2.69
N TYR B 14 41.44 17.91 2.07
CA TYR B 14 42.75 17.33 1.78
C TYR B 14 43.50 16.96 3.06
N TRP B 15 43.28 17.73 4.13
CA TRP B 15 44.09 17.55 5.33
C TRP B 15 43.63 16.35 6.14
N SER B 16 42.33 16.10 6.22
CA SER B 16 41.85 15.00 7.04
C SER B 16 40.43 14.62 6.62
N ILE B 17 40.00 13.47 7.13
CA ILE B 17 38.62 13.01 7.00
C ILE B 17 38.16 12.63 8.40
N HIS B 18 36.90 12.93 8.71
CA HIS B 18 36.25 12.89 10.03
C HIS B 18 36.62 14.15 10.82
N ARG B 19 37.53 14.98 10.32
CA ARG B 19 37.81 16.30 10.88
C ARG B 19 37.38 17.31 9.84
N HIS B 20 36.11 17.71 9.91
CA HIS B 20 35.54 18.57 8.87
C HIS B 20 35.85 20.04 9.12
N LYS B 21 35.68 20.51 10.36
CA LYS B 21 35.82 21.92 10.70
C LYS B 21 37.31 22.23 10.93
N LEU B 22 37.93 22.90 9.96
CA LEU B 22 39.33 23.28 10.07
C LEU B 22 39.53 24.67 9.50
N VAL B 23 40.63 25.31 9.90
CA VAL B 23 41.03 26.59 9.32
C VAL B 23 42.48 26.48 8.87
N VAL B 24 42.76 26.89 7.64
CA VAL B 24 44.09 26.80 7.05
C VAL B 24 44.61 28.21 6.82
N MET B 25 45.87 28.42 7.17
CA MET B 25 46.49 29.74 7.11
C MET B 25 47.85 29.64 6.43
N ARG B 26 48.12 30.58 5.54
CA ARG B 26 49.43 30.71 4.91
C ARG B 26 50.17 31.84 5.64
N LEU B 27 51.16 31.47 6.42
CA LEU B 27 51.84 32.40 7.31
C LEU B 27 53.22 32.72 6.74
N ASP B 28 53.51 34.02 6.59
CA ASP B 28 54.76 34.49 6.02
C ASP B 28 55.77 34.71 7.15
N LEU B 29 56.77 33.83 7.21
CA LEU B 29 57.86 33.96 8.18
C LEU B 29 58.95 34.82 7.54
N GLU B 30 58.69 36.12 7.50
CA GLU B 30 59.56 37.04 6.76
C GLU B 30 60.97 37.09 7.36
N ASP B 31 61.06 37.12 8.69
CA ASP B 31 62.35 37.31 9.35
C ASP B 31 62.72 36.21 10.31
N LEU B 32 61.77 35.35 10.70
CA LEU B 32 62.03 34.27 11.66
C LEU B 32 61.97 32.90 10.98
N TYR B 33 62.47 32.79 9.76
CA TYR B 33 62.27 31.58 8.97
C TYR B 33 63.05 30.39 9.52
N GLU B 34 64.26 30.63 10.00
CA GLU B 34 65.14 29.55 10.47
C GLU B 34 65.76 29.91 11.82
N LYS B 35 64.93 30.36 12.76
CA LYS B 35 65.37 30.64 14.13
C LYS B 35 64.54 29.78 15.07
N TYR B 36 65.22 28.88 15.78
CA TYR B 36 64.56 27.99 16.71
C TYR B 36 64.23 28.72 18.01
N THR B 37 63.35 28.12 18.81
CA THR B 37 62.96 28.72 20.08
C THR B 37 64.14 28.84 21.03
N SER B 38 65.00 27.81 21.05
CA SER B 38 66.18 27.85 21.92
C SER B 38 67.14 28.96 21.51
N ASP B 39 67.03 29.48 20.30
CA ASP B 39 67.87 30.58 19.84
C ASP B 39 67.30 31.95 20.22
N ILE B 40 66.02 32.04 20.56
CA ILE B 40 65.37 33.30 20.88
C ILE B 40 65.57 33.58 22.36
N PRO B 41 66.18 34.69 22.75
CA PRO B 41 66.46 34.94 24.18
C PRO B 41 65.19 35.28 24.94
N GLY B 42 64.97 34.58 26.05
CA GLY B 42 63.83 34.87 26.90
C GLY B 42 62.50 34.40 26.38
N PHE B 43 62.49 33.64 25.28
CA PHE B 43 61.23 33.20 24.70
C PHE B 43 60.57 32.11 25.55
N TYR B 44 61.35 31.15 26.02
CA TYR B 44 60.79 30.01 26.74
C TYR B 44 60.10 30.45 28.03
N LYS B 45 60.77 31.30 28.81
CA LYS B 45 60.21 31.71 30.09
C LYS B 45 58.93 32.53 29.91
N GLY B 46 58.96 33.50 28.99
CA GLY B 46 57.76 34.27 28.72
C GLY B 46 56.62 33.42 28.22
N LEU B 47 56.92 32.45 27.34
CA LEU B 47 55.89 31.57 26.82
C LEU B 47 55.29 30.72 27.93
N THR B 48 56.12 30.19 28.82
CA THR B 48 55.62 29.32 29.88
C THR B 48 54.94 30.09 31.00
N GLU B 49 55.18 31.40 31.11
CA GLU B 49 54.46 32.16 32.13
C GLU B 49 53.19 32.80 31.61
N VAL B 50 53.16 33.22 30.34
CA VAL B 50 51.93 33.80 29.80
C VAL B 50 50.87 32.74 29.60
N LEU B 51 51.28 31.56 29.10
CA LEU B 51 50.38 30.40 28.95
C LEU B 51 50.98 29.21 29.68
N PRO B 52 50.74 29.09 30.99
CA PRO B 52 51.14 27.85 31.69
C PRO B 52 50.42 26.61 31.18
N SER B 53 49.20 26.76 30.66
CA SER B 53 48.41 25.62 30.22
C SER B 53 49.06 24.85 29.08
N LEU B 54 50.05 25.44 28.40
CA LEU B 54 50.78 24.71 27.38
C LEU B 54 51.49 23.48 27.95
N VAL B 55 51.65 23.42 29.27
CA VAL B 55 52.22 22.22 29.89
C VAL B 55 51.34 21.00 29.64
N GLU B 56 50.07 21.20 29.32
CA GLU B 56 49.14 20.10 29.09
C GLU B 56 49.26 19.50 27.69
N HIS B 57 49.98 20.15 26.78
CA HIS B 57 50.05 19.70 25.39
C HIS B 57 50.89 18.42 25.31
N LEU B 58 50.21 17.29 25.12
CA LEU B 58 50.88 16.01 24.92
C LEU B 58 51.32 15.94 23.46
N CYS B 59 52.51 16.47 23.18
CA CYS B 59 53.00 16.57 21.81
C CYS B 59 53.57 15.25 21.32
N SER B 60 54.29 15.30 20.19
CA SER B 60 54.91 14.13 19.56
C SER B 60 55.71 13.26 20.51
N PRO B 61 56.35 13.80 21.56
CA PRO B 61 56.91 12.91 22.59
C PRO B 61 55.88 11.99 23.23
N GLY B 62 54.63 12.44 23.35
CA GLY B 62 53.59 11.61 23.94
C GLY B 62 53.60 11.56 25.45
N VAL B 63 54.33 12.46 26.11
CA VAL B 63 54.43 12.49 27.56
C VAL B 63 54.03 13.87 28.03
N LYS B 64 53.51 13.96 29.25
CA LYS B 64 53.09 15.23 29.84
C LYS B 64 54.24 16.23 29.80
N GLY B 65 53.94 17.43 29.29
CA GLY B 65 54.95 18.44 29.13
C GLY B 65 55.89 18.23 27.96
N GLY B 66 55.56 17.31 27.05
CA GLY B 66 56.46 17.02 25.94
C GLY B 66 56.65 18.21 25.02
N PHE B 67 55.61 19.02 24.83
CA PHE B 67 55.73 20.20 23.99
C PHE B 67 56.74 21.18 24.58
N LEU B 68 56.76 21.34 25.91
CA LEU B 68 57.73 22.22 26.53
C LEU B 68 59.15 21.73 26.29
N THR B 69 59.37 20.41 26.37
CA THR B 69 60.69 19.86 26.05
C THR B 69 61.05 20.12 24.60
N ARG B 70 60.06 20.00 23.69
CA ARG B 70 60.32 20.28 22.29
C ARG B 70 60.73 21.74 22.08
N VAL B 71 60.07 22.65 22.79
CA VAL B 71 60.48 24.06 22.74
C VAL B 71 61.89 24.23 23.30
N GLU B 72 62.22 23.51 24.37
CA GLU B 72 63.55 23.59 24.95
C GLU B 72 64.62 23.16 23.95
N LYS B 73 64.36 22.08 23.22
CA LYS B 73 65.32 21.59 22.24
C LYS B 73 65.46 22.51 21.03
N GLY B 74 64.59 23.50 20.88
CA GLY B 74 64.63 24.37 19.71
C GLY B 74 63.66 23.92 18.64
N THR B 75 62.64 24.73 18.36
CA THR B 75 61.57 24.36 17.46
C THR B 75 61.23 25.55 16.58
N LEU B 76 60.80 25.26 15.35
CA LEU B 76 60.32 26.32 14.47
C LEU B 76 59.08 26.98 15.06
N ILE B 77 58.89 28.27 14.75
CA ILE B 77 57.84 29.03 15.40
C ILE B 77 56.44 28.61 14.95
N GLY B 78 56.31 27.96 13.79
CA GLY B 78 54.99 27.53 13.36
C GLY B 78 54.36 26.55 14.33
N HIS B 79 55.17 25.64 14.87
CA HIS B 79 54.67 24.67 15.82
C HIS B 79 54.14 25.34 17.08
N VAL B 80 54.90 26.30 17.62
CA VAL B 80 54.44 26.97 18.83
C VAL B 80 53.24 27.88 18.53
N ILE B 81 53.16 28.44 17.32
CA ILE B 81 51.99 29.24 16.97
C ILE B 81 50.74 28.38 16.92
N GLU B 82 50.81 27.21 16.30
CA GLU B 82 49.62 26.36 16.26
C GLU B 82 49.26 25.88 17.67
N HIS B 83 50.27 25.55 18.49
CA HIS B 83 49.98 25.12 19.85
C HIS B 83 49.33 26.23 20.68
N VAL B 84 49.82 27.46 20.55
CA VAL B 84 49.26 28.54 21.34
C VAL B 84 47.86 28.89 20.83
N ALA B 85 47.60 28.75 19.53
CA ALA B 85 46.24 28.95 19.04
C ALA B 85 45.29 27.91 19.61
N ILE B 86 45.72 26.64 19.62
CA ILE B 86 44.89 25.58 20.21
C ILE B 86 44.60 25.90 21.66
N GLU B 87 45.63 26.28 22.42
CA GLU B 87 45.41 26.57 23.84
C GLU B 87 44.56 27.82 24.05
N LEU B 88 44.74 28.83 23.18
CA LEU B 88 43.97 30.06 23.31
C LEU B 88 42.49 29.82 23.10
N GLN B 89 42.13 29.00 22.10
CA GLN B 89 40.72 28.68 21.96
C GLN B 89 40.28 27.56 22.88
N GLU B 90 41.21 26.86 23.53
CA GLU B 90 40.85 25.88 24.55
C GLU B 90 40.44 26.55 25.85
N LEU B 91 41.13 27.62 26.23
CA LEU B 91 40.82 28.28 27.50
C LEU B 91 39.44 28.91 27.50
N ALA B 92 38.88 29.17 26.33
CA ALA B 92 37.55 29.75 26.22
C ALA B 92 36.44 28.71 26.29
N GLY B 93 36.77 27.45 26.55
CA GLY B 93 35.78 26.40 26.67
C GLY B 93 35.53 25.57 25.44
N MET B 94 36.41 25.62 24.45
CA MET B 94 36.25 24.85 23.22
C MET B 94 37.27 23.72 23.17
N PRO B 95 36.86 22.47 23.38
CA PRO B 95 37.81 21.35 23.28
C PRO B 95 38.18 21.07 21.83
N VAL B 96 39.44 21.30 21.49
CA VAL B 96 39.96 21.06 20.15
C VAL B 96 41.32 20.42 20.27
N GLY B 97 41.59 19.43 19.41
CA GLY B 97 42.83 18.67 19.53
C GLY B 97 43.51 18.30 18.23
N PHE B 98 43.38 19.12 17.20
CA PHE B 98 44.02 18.85 15.92
C PHE B 98 44.75 20.09 15.43
N GLY B 99 45.96 19.87 14.90
CA GLY B 99 46.75 20.96 14.33
C GLY B 99 47.95 20.42 13.58
N ARG B 100 48.25 21.02 12.42
CA ARG B 100 49.38 20.59 11.62
C ARG B 100 50.09 21.80 11.03
N THR B 101 51.36 21.61 10.69
CA THR B 101 52.17 22.65 10.08
C THR B 101 53.11 22.03 9.06
N ARG B 102 53.16 22.60 7.87
CA ARG B 102 54.00 22.08 6.80
C ARG B 102 54.68 23.21 6.04
N GLU B 103 55.79 22.85 5.41
CA GLU B 103 56.51 23.76 4.52
C GLU B 103 55.88 23.74 3.13
N THR B 104 55.76 24.91 2.52
CA THR B 104 55.24 25.00 1.17
C THR B 104 56.38 24.98 0.16
N SER B 105 56.03 25.13 -1.12
CA SER B 105 57.04 25.29 -2.15
C SER B 105 57.82 26.58 -1.96
N THR B 106 57.13 27.66 -1.62
CA THR B 106 57.80 28.93 -1.35
C THR B 106 58.67 28.82 -0.11
N THR B 107 59.85 29.44 -0.18
CA THR B 107 60.86 29.25 0.85
C THR B 107 60.46 29.93 2.17
N GLY B 108 59.67 31.00 2.10
CA GLY B 108 59.46 31.80 3.29
C GLY B 108 58.12 31.66 3.99
N VAL B 109 57.19 30.90 3.43
CA VAL B 109 55.82 30.81 3.96
C VAL B 109 55.55 29.37 4.38
N PHE B 110 54.80 29.24 5.47
CA PHE B 110 54.35 27.95 6.01
C PHE B 110 52.84 27.83 5.85
N GLN B 111 52.34 26.60 5.96
CA GLN B 111 50.91 26.34 6.02
C GLN B 111 50.59 25.73 7.38
N VAL B 112 49.65 26.34 8.10
CA VAL B 112 49.26 25.88 9.42
C VAL B 112 47.74 25.65 9.42
N VAL B 113 47.32 24.46 9.85
CA VAL B 113 45.90 24.11 9.92
C VAL B 113 45.55 23.87 11.38
N ILE B 114 44.42 24.45 11.79
CA ILE B 114 43.98 24.49 13.18
C ILE B 114 42.54 24.01 13.26
N GLU B 115 42.26 23.12 14.21
CA GLU B 115 40.89 22.68 14.43
C GLU B 115 40.12 23.75 15.18
N TYR B 116 38.84 23.91 14.83
CA TYR B 116 37.98 24.89 15.49
C TYR B 116 36.62 24.27 15.76
N GLU B 117 35.93 24.85 16.75
CA GLU B 117 34.55 24.51 17.04
C GLU B 117 33.57 25.56 16.53
N ASN B 118 33.95 26.83 16.55
CA ASN B 118 33.17 27.92 15.98
C ASN B 118 34.02 28.63 14.94
N GLU B 119 33.41 28.96 13.81
CA GLU B 119 34.18 29.50 12.69
C GLU B 119 34.81 30.84 13.03
N GLN B 120 34.00 31.79 13.51
CA GLN B 120 34.53 33.11 13.83
C GLN B 120 35.52 33.04 14.97
N ALA B 121 35.22 32.25 16.00
CA ALA B 121 36.15 32.11 17.12
C ALA B 121 37.46 31.48 16.67
N GLY B 122 37.40 30.48 15.81
CA GLY B 122 38.62 29.88 15.31
C GLY B 122 39.46 30.85 14.50
N ARG B 123 38.82 31.62 13.63
CA ARG B 123 39.55 32.61 12.84
C ARG B 123 40.17 33.67 13.75
N TYR B 124 39.42 34.12 14.77
CA TYR B 124 39.95 35.10 15.70
C TYR B 124 41.15 34.56 16.46
N ALA B 125 41.07 33.31 16.92
CA ALA B 125 42.19 32.72 17.64
C ALA B 125 43.41 32.57 16.74
N ALA B 126 43.19 32.17 15.49
CA ALA B 126 44.31 32.06 14.55
C ALA B 126 44.95 33.41 14.31
N ARG B 127 44.14 34.46 14.17
CA ARG B 127 44.71 35.81 13.99
C ARG B 127 45.45 36.26 15.23
N ALA B 128 44.94 35.93 16.42
CA ALA B 128 45.55 36.42 17.65
C ALA B 128 46.83 35.67 18.02
N ALA B 129 46.96 34.41 17.58
CA ALA B 129 48.15 33.64 17.95
C ALA B 129 49.42 34.26 17.38
N VAL B 130 49.39 34.67 16.11
CA VAL B 130 50.58 35.25 15.50
C VAL B 130 50.89 36.60 16.13
N ARG B 131 49.87 37.39 16.48
CA ARG B 131 50.11 38.65 17.17
C ARG B 131 50.77 38.43 18.53
N LEU B 132 50.28 37.44 19.29
CA LEU B 132 50.88 37.13 20.57
C LEU B 132 52.33 36.70 20.41
N CYS B 133 52.60 35.85 19.42
CA CYS B 133 53.97 35.38 19.20
C CYS B 133 54.89 36.52 18.80
N GLN B 134 54.42 37.41 17.92
CA GLN B 134 55.24 38.55 17.54
C GLN B 134 55.53 39.45 18.74
N SER B 135 54.51 39.70 19.57
CA SER B 135 54.72 40.54 20.74
C SER B 135 55.70 39.90 21.71
N ILE B 136 55.60 38.58 21.92
CA ILE B 136 56.48 37.95 22.91
C ILE B 136 57.90 37.83 22.39
N VAL B 137 58.08 37.70 21.08
CA VAL B 137 59.45 37.65 20.55
C VAL B 137 60.02 39.05 20.43
N ASP B 138 59.18 40.08 20.42
CA ASP B 138 59.70 41.45 20.32
C ASP B 138 60.02 42.03 21.69
N THR B 139 59.18 41.76 22.70
CA THR B 139 59.33 42.37 24.01
C THR B 139 59.66 41.38 25.12
N GLY B 140 59.56 40.07 24.87
CA GLY B 140 59.83 39.08 25.88
C GLY B 140 58.65 38.65 26.71
N THR B 141 57.50 39.33 26.57
CA THR B 141 56.30 38.97 27.31
C THR B 141 55.11 39.63 26.65
N TYR B 142 53.91 39.18 27.06
CA TYR B 142 52.65 39.71 26.58
C TYR B 142 51.86 40.30 27.73
N PRO B 143 51.26 41.48 27.58
CA PRO B 143 50.46 42.04 28.67
C PRO B 143 49.30 41.13 29.05
N ALA B 144 49.04 41.04 30.35
CA ALA B 144 47.95 40.19 30.83
C ALA B 144 46.59 40.78 30.48
N THR B 145 46.48 42.11 30.43
CA THR B 145 45.21 42.73 30.07
C THR B 145 44.80 42.37 28.65
N GLU B 146 45.76 42.32 27.72
CA GLU B 146 45.43 41.92 26.35
C GLU B 146 45.00 40.46 26.30
N LEU B 147 45.63 39.60 27.11
CA LEU B 147 45.21 38.20 27.16
C LEU B 147 43.78 38.08 27.67
N GLN B 148 43.45 38.82 28.74
CA GLN B 148 42.09 38.79 29.26
C GLN B 148 41.09 39.32 28.23
N GLN B 149 41.46 40.37 27.51
CA GLN B 149 40.60 40.90 26.45
C GLN B 149 40.36 39.85 25.37
N ASP B 150 41.42 39.16 24.95
CA ASP B 150 41.28 38.14 23.91
C ASP B 150 40.39 37.00 24.38
N LEU B 151 40.59 36.53 25.62
CA LEU B 151 39.75 35.44 26.13
C LEU B 151 38.29 35.86 26.26
N GLU B 152 38.02 37.08 26.74
CA GLU B 152 36.63 37.49 26.86
C GLU B 152 36.00 37.68 25.48
N ASP B 153 36.77 38.15 24.50
CA ASP B 153 36.26 38.24 23.14
C ASP B 153 35.94 36.87 22.57
N LEU B 154 36.81 35.88 22.83
CA LEU B 154 36.54 34.52 22.36
C LEU B 154 35.29 33.96 23.01
N LYS B 155 35.11 34.22 24.31
CA LYS B 155 33.90 33.76 24.98
C LYS B 155 32.66 34.44 24.41
N GLU B 156 32.76 35.72 24.07
CA GLU B 156 31.63 36.42 23.45
C GLU B 156 31.28 35.81 22.09
N LEU B 157 32.29 35.51 21.28
CA LEU B 157 32.02 34.85 20.00
C LEU B 157 31.42 33.46 20.20
N LYS B 158 31.88 32.73 21.21
CA LYS B 158 31.30 31.42 21.50
C LYS B 158 29.83 31.55 21.86
N ASN B 159 29.49 32.53 22.69
CA ASN B 159 28.10 32.68 23.11
C ASN B 159 27.23 33.25 22.00
N GLN B 160 27.82 34.01 21.06
CA GLN B 160 27.04 34.61 20.00
C GLN B 160 26.46 33.56 19.06
N ALA B 161 27.30 32.64 18.57
CA ALA B 161 26.86 31.60 17.65
C ALA B 161 26.68 30.31 18.44
N SER B 162 25.58 30.25 19.18
CA SER B 162 25.25 29.07 19.97
C SER B 162 23.75 28.81 19.86
N LEU B 163 23.40 27.54 19.70
CA LEU B 163 22.01 27.14 19.60
C LEU B 163 21.38 27.09 20.99
N GLY B 164 20.05 27.14 21.01
CA GLY B 164 19.30 27.08 22.25
C GLY B 164 19.41 25.73 22.91
N PRO B 165 19.06 25.66 24.20
CA PRO B 165 19.21 24.39 24.93
C PRO B 165 18.31 23.28 24.42
N SER B 166 17.25 23.60 23.68
CA SER B 166 16.36 22.59 23.13
C SER B 166 16.81 22.09 21.76
N THR B 167 17.08 23.01 20.85
CA THR B 167 17.53 22.63 19.52
C THR B 167 18.88 21.92 19.52
N GLU B 168 19.79 22.28 20.43
CA GLU B 168 21.03 21.52 20.55
C GLU B 168 20.79 20.10 21.03
N ALA B 169 19.87 19.90 21.97
CA ALA B 169 19.53 18.56 22.40
C ALA B 169 18.94 17.73 21.26
N ILE B 170 18.10 18.34 20.44
CA ILE B 170 17.57 17.62 19.29
C ILE B 170 18.67 17.30 18.27
N VAL B 171 19.59 18.25 18.04
CA VAL B 171 20.68 18.03 17.10
C VAL B 171 21.60 16.92 17.57
N LYS B 172 21.81 16.81 18.89
CA LYS B 172 22.63 15.71 19.40
C LYS B 172 22.04 14.34 19.07
N GLU B 173 20.73 14.17 19.21
CA GLU B 173 20.10 12.92 18.82
C GLU B 173 20.16 12.71 17.31
N ALA B 174 19.95 13.77 16.53
CA ALA B 174 20.01 13.64 15.08
C ALA B 174 21.40 13.17 14.63
N GLU B 175 22.45 13.72 15.23
CA GLU B 175 23.81 13.28 14.91
C GLU B 175 24.02 11.82 15.29
N ALA B 176 23.52 11.41 16.46
CA ALA B 176 23.70 10.03 16.90
C ALA B 176 23.00 9.04 15.98
N ARG B 177 21.84 9.42 15.42
CA ARG B 177 21.13 8.53 14.51
C ARG B 177 21.66 8.60 13.09
N GLY B 178 22.66 9.44 12.82
CA GLY B 178 23.21 9.53 11.48
C GLY B 178 22.36 10.28 10.49
N ILE B 179 21.62 11.29 10.94
CA ILE B 179 20.77 12.10 10.08
C ILE B 179 21.49 13.42 9.81
N PRO B 180 21.76 13.77 8.56
CA PRO B 180 22.43 15.04 8.28
C PRO B 180 21.58 16.22 8.67
N TRP B 181 22.24 17.29 9.11
CA TRP B 181 21.54 18.48 9.55
C TRP B 181 22.33 19.72 9.13
N THR B 182 21.60 20.72 8.64
CA THR B 182 22.17 22.01 8.27
C THR B 182 21.38 23.11 8.94
N GLN B 183 21.98 24.30 8.98
CA GLN B 183 21.39 25.47 9.62
C GLN B 183 20.98 26.46 8.54
N LEU B 184 19.68 26.69 8.40
CA LEU B 184 19.20 27.69 7.47
C LEU B 184 19.47 29.09 8.01
N GLY B 185 19.54 30.05 7.10
CA GLY B 185 19.86 31.41 7.48
C GLY B 185 18.69 32.33 7.71
N ALA B 186 17.47 31.82 7.75
CA ALA B 186 16.29 32.69 7.84
C ALA B 186 15.96 33.09 9.26
N ARG B 187 15.54 32.13 10.08
CA ARG B 187 15.01 32.42 11.41
C ARG B 187 15.48 31.39 12.42
N PHE B 188 16.77 31.06 12.38
CA PHE B 188 17.36 30.05 13.27
C PHE B 188 16.71 28.68 13.07
N MET B 189 16.31 28.37 11.85
CA MET B 189 15.70 27.09 11.55
C MET B 189 16.77 26.07 11.18
N ILE B 190 16.52 24.81 11.54
CA ILE B 190 17.42 23.70 11.28
C ILE B 190 16.71 22.72 10.35
N GLN B 191 17.43 22.25 9.34
CA GLN B 191 16.89 21.32 8.35
C GLN B 191 17.58 19.97 8.48
N PHE B 192 16.79 18.92 8.66
CA PHE B 192 17.29 17.55 8.71
C PHE B 192 16.97 16.84 7.41
N GLY B 193 17.95 16.16 6.85
CA GLY B 193 17.74 15.36 5.66
C GLY B 193 18.07 16.12 4.39
N TYR B 194 17.82 15.43 3.27
CA TYR B 194 18.13 15.94 1.94
C TYR B 194 16.93 15.81 1.04
N GLY B 195 16.82 16.70 0.05
CA GLY B 195 15.86 16.56 -1.02
C GLY B 195 14.41 16.48 -0.57
N VAL B 196 13.70 15.44 -1.03
CA VAL B 196 12.29 15.28 -0.69
C VAL B 196 12.06 14.66 0.68
N ASN B 197 13.13 14.34 1.41
CA ASN B 197 13.01 13.69 2.71
C ASN B 197 13.37 14.63 3.86
N GLN B 198 13.29 15.93 3.65
CA GLN B 198 13.77 16.89 4.63
C GLN B 198 12.65 17.32 5.57
N LYS B 199 13.06 17.72 6.78
CA LYS B 199 12.17 18.28 7.77
C LYS B 199 12.83 19.53 8.36
N LYS B 200 12.02 20.41 8.93
CA LYS B 200 12.53 21.64 9.50
C LYS B 200 11.99 21.82 10.91
N ILE B 201 12.85 22.31 11.80
CA ILE B 201 12.44 22.66 13.17
C ILE B 201 13.02 24.02 13.52
N GLN B 202 12.31 24.76 14.37
CA GLN B 202 12.89 26.00 14.84
C GLN B 202 13.47 25.87 16.25
N ALA B 203 12.61 25.61 17.23
CA ALA B 203 13.09 25.22 18.55
C ALA B 203 12.46 23.89 18.96
N THR B 204 11.13 23.87 18.97
CA THR B 204 10.35 22.66 19.19
C THR B 204 9.24 22.56 18.16
N LEU B 205 8.88 23.66 17.50
CA LEU B 205 7.93 23.64 16.41
C LEU B 205 8.55 22.93 15.21
N SER B 206 7.80 22.02 14.61
CA SER B 206 8.22 21.35 13.39
C SER B 206 7.53 21.99 12.20
N ASN B 207 7.88 21.51 11.00
CA ASN B 207 7.25 22.04 9.80
C ASN B 207 5.85 21.52 9.59
N GLN B 208 5.39 20.57 10.41
CA GLN B 208 4.03 20.05 10.33
C GLN B 208 3.11 20.60 11.41
N THR B 209 3.61 21.44 12.31
CA THR B 209 2.77 22.05 13.32
C THR B 209 1.87 23.10 12.68
N GLY B 210 0.57 23.01 12.94
CA GLY B 210 -0.40 23.85 12.28
C GLY B 210 -0.49 25.25 12.90
N ILE B 211 -0.76 26.23 12.04
CA ILE B 211 -0.98 27.59 12.51
C ILE B 211 -2.23 27.68 13.35
N LEU B 212 -3.30 26.98 12.95
CA LEU B 212 -4.56 27.03 13.68
C LEU B 212 -4.42 26.50 15.10
N GLY B 213 -3.71 25.39 15.28
CA GLY B 213 -3.50 24.87 16.62
C GLY B 213 -2.73 25.81 17.53
N VAL B 214 -1.64 26.39 17.02
CA VAL B 214 -0.87 27.33 17.83
C VAL B 214 -1.70 28.55 18.19
N GLU B 215 -2.44 29.11 17.22
CA GLU B 215 -3.26 30.28 17.50
C GLU B 215 -4.37 29.96 18.49
N LEU B 216 -4.97 28.77 18.41
CA LEU B 216 -6.00 28.40 19.37
C LEU B 216 -5.41 28.20 20.76
N ALA B 217 -4.23 27.59 20.85
CA ALA B 217 -3.59 27.41 22.15
C ALA B 217 -3.21 28.73 22.79
N CYS B 218 -2.80 29.72 21.98
CA CYS B 218 -2.46 31.02 22.54
C CYS B 218 -3.69 31.77 23.05
N ASP B 219 -4.89 31.35 22.66
CA ASP B 219 -6.13 31.98 23.11
C ASP B 219 -6.70 31.17 24.26
N LYS B 220 -6.60 31.71 25.47
CA LYS B 220 -7.05 30.97 26.66
C LYS B 220 -8.56 30.75 26.64
N GLU B 221 -9.32 31.80 26.36
CA GLU B 221 -10.78 31.70 26.45
C GLU B 221 -11.38 30.81 25.38
N GLY B 222 -10.88 30.87 24.14
CA GLY B 222 -11.35 29.96 23.12
C GLY B 222 -10.95 28.52 23.38
N THR B 223 -9.73 28.31 23.88
CA THR B 223 -9.29 26.96 24.22
C THR B 223 -10.18 26.36 25.30
N LYS B 224 -10.53 27.15 26.31
CA LYS B 224 -11.40 26.64 27.37
C LYS B 224 -12.77 26.26 26.83
N ARG B 225 -13.35 27.07 25.95
CA ARG B 225 -14.65 26.75 25.36
C ARG B 225 -14.57 25.47 24.53
N ILE B 226 -13.54 25.35 23.71
CA ILE B 226 -13.40 24.16 22.87
C ILE B 226 -13.25 22.92 23.73
N LEU B 227 -12.43 22.99 24.77
CA LEU B 227 -12.25 21.84 25.65
C LEU B 227 -13.53 21.48 26.38
N LYS B 228 -14.28 22.49 26.82
CA LYS B 228 -15.54 22.22 27.52
C LYS B 228 -16.55 21.57 26.59
N ASP B 229 -16.61 22.00 25.34
CA ASP B 229 -17.56 21.40 24.40
C ASP B 229 -17.24 19.93 24.13
N ALA B 230 -16.00 19.52 24.36
CA ALA B 230 -15.60 18.15 24.15
C ALA B 230 -15.69 17.29 25.40
N GLY B 231 -16.17 17.85 26.51
CA GLY B 231 -16.32 17.10 27.73
C GLY B 231 -15.09 16.98 28.59
N VAL B 232 -14.07 17.78 28.35
CA VAL B 232 -12.85 17.77 29.15
C VAL B 232 -13.07 18.60 30.41
N PRO B 233 -12.70 18.11 31.59
CA PRO B 233 -12.90 18.90 32.80
C PRO B 233 -12.05 20.17 32.84
N VAL B 234 -12.70 21.31 32.85
CA VAL B 234 -12.02 22.60 32.88
C VAL B 234 -12.60 23.41 34.02
N PRO B 235 -11.85 24.36 34.57
CA PRO B 235 -12.37 25.16 35.69
C PRO B 235 -13.60 25.94 35.29
N ARG B 236 -14.54 26.05 36.23
CA ARG B 236 -15.77 26.80 36.02
C ARG B 236 -15.50 28.28 36.23
N GLY B 237 -15.78 29.10 35.22
CA GLY B 237 -15.42 30.50 35.26
C GLY B 237 -16.48 31.38 34.63
N THR B 238 -16.22 32.69 34.71
CA THR B 238 -17.11 33.71 34.19
C THR B 238 -16.26 34.93 33.84
N VAL B 239 -16.80 35.80 33.00
CA VAL B 239 -16.14 37.05 32.63
C VAL B 239 -16.94 38.22 33.19
N ALA B 240 -16.25 39.30 33.51
CA ALA B 240 -16.89 40.49 34.06
C ALA B 240 -16.14 41.73 33.60
N ARG B 241 -16.90 42.80 33.35
CA ARG B 241 -16.32 44.08 32.96
C ARG B 241 -16.72 45.24 33.87
N TYR B 242 -17.73 45.08 34.70
CA TYR B 242 -18.17 46.12 35.63
C TYR B 242 -18.23 45.56 37.04
N PHE B 243 -18.08 46.45 38.03
CA PHE B 243 -18.04 46.02 39.42
C PHE B 243 -19.36 45.38 39.85
N ASP B 244 -20.49 45.93 39.41
CA ASP B 244 -21.79 45.43 39.83
C ASP B 244 -21.98 43.97 39.43
N GLU B 245 -21.34 43.53 38.35
CA GLU B 245 -21.42 42.13 37.94
C GLU B 245 -20.63 41.20 38.83
N LEU B 246 -19.57 41.68 39.50
CA LEU B 246 -18.65 40.79 40.20
C LEU B 246 -19.37 39.89 41.17
N GLN B 247 -20.18 40.46 42.06
CA GLN B 247 -20.84 39.65 43.08
C GLN B 247 -21.68 38.55 42.44
N ASP B 248 -22.31 38.83 41.31
CA ASP B 248 -23.10 37.82 40.61
C ASP B 248 -22.23 36.61 40.26
N ALA B 249 -21.06 36.87 39.68
CA ALA B 249 -20.18 35.76 39.31
C ALA B 249 -19.86 34.88 40.50
N ILE B 250 -19.88 35.46 41.71
CA ILE B 250 -19.51 34.71 42.90
C ILE B 250 -20.45 33.54 43.11
N GLU B 251 -21.76 33.72 42.85
CA GLU B 251 -22.65 32.57 43.04
C GLU B 251 -22.68 31.69 41.79
N TYR B 252 -22.12 32.17 40.68
CA TYR B 252 -22.07 31.32 39.50
C TYR B 252 -20.95 30.29 39.61
N VAL B 253 -19.78 30.70 40.10
CA VAL B 253 -18.66 29.78 40.22
C VAL B 253 -18.88 28.76 41.32
N GLY B 254 -19.78 29.03 42.26
CA GLY B 254 -20.11 28.10 43.32
C GLY B 254 -19.66 28.50 44.72
N GLY B 255 -19.22 29.74 44.92
CA GLY B 255 -18.83 30.17 46.25
C GLY B 255 -17.38 30.61 46.34
N TYR B 256 -16.68 30.13 47.36
CA TYR B 256 -15.29 30.49 47.63
C TYR B 256 -14.46 29.23 47.86
N PRO B 257 -13.15 29.29 47.62
CA PRO B 257 -12.34 30.42 47.12
C PRO B 257 -12.51 30.68 45.63
N ILE B 258 -12.01 31.83 45.15
CA ILE B 258 -12.07 32.19 43.74
C ILE B 258 -10.71 32.71 43.31
N VAL B 259 -10.54 32.83 41.99
CA VAL B 259 -9.32 33.31 41.37
C VAL B 259 -9.67 34.44 40.42
N ILE B 260 -8.90 35.52 40.48
CA ILE B 260 -9.12 36.71 39.68
C ILE B 260 -7.96 36.82 38.70
N LYS B 261 -8.26 36.89 37.41
CA LYS B 261 -7.17 37.01 36.43
C LYS B 261 -7.60 37.94 35.30
N PRO B 262 -6.63 38.51 34.58
CA PRO B 262 -6.96 39.30 33.40
C PRO B 262 -7.13 38.43 32.16
N LEU B 263 -7.82 38.99 31.16
CA LEU B 263 -7.97 38.30 29.89
C LEU B 263 -6.63 38.10 29.20
N ASP B 264 -5.86 39.18 29.04
CA ASP B 264 -4.56 39.13 28.38
C ASP B 264 -3.49 39.67 29.31
N GLY B 265 -2.45 38.87 29.53
CA GLY B 265 -1.35 39.28 30.38
C GLY B 265 -0.15 38.40 30.16
N ASN B 266 1.02 38.96 30.49
CA ASN B 266 2.27 38.24 30.36
C ASN B 266 3.00 38.25 31.70
N HIS B 267 3.68 37.15 32.01
CA HIS B 267 4.42 37.00 33.26
C HIS B 267 3.52 37.15 34.48
N GLY B 268 2.25 36.77 34.36
CA GLY B 268 1.33 36.80 35.48
C GLY B 268 1.04 38.18 36.04
N ARG B 269 0.77 39.14 35.16
CA ARG B 269 0.46 40.50 35.61
C ARG B 269 -0.97 40.55 36.15
N GLY B 270 -1.10 41.05 37.38
CA GLY B 270 -2.42 41.30 37.95
C GLY B 270 -3.28 40.06 38.11
N ILE B 271 -2.71 38.97 38.60
CA ILE B 271 -3.46 37.73 38.83
C ILE B 271 -3.24 37.31 40.27
N THR B 272 -4.33 37.06 40.99
CA THR B 272 -4.26 36.53 42.34
C THR B 272 -4.46 35.02 42.30
N ILE B 273 -4.07 34.36 43.38
CA ILE B 273 -4.12 32.91 43.47
C ILE B 273 -5.28 32.44 44.34
N ASP B 274 -5.37 32.95 45.56
CA ASP B 274 -6.37 32.47 46.52
C ASP B 274 -6.92 33.66 47.29
N VAL B 275 -8.19 33.97 47.09
CA VAL B 275 -8.90 35.00 47.83
C VAL B 275 -10.20 34.41 48.35
N LYS B 276 -10.57 34.77 49.58
CA LYS B 276 -11.68 34.10 50.27
C LYS B 276 -12.72 35.06 50.85
N ASN B 277 -12.64 36.36 50.56
CA ASN B 277 -13.62 37.29 51.10
C ASN B 277 -13.83 38.41 50.09
N TRP B 278 -14.45 39.50 50.54
CA TRP B 278 -14.93 40.53 49.62
C TRP B 278 -13.85 41.55 49.27
N GLN B 279 -13.20 42.13 50.29
CA GLN B 279 -12.29 43.25 50.04
C GLN B 279 -11.08 42.80 49.23
N GLU B 280 -10.52 41.63 49.52
CA GLU B 280 -9.40 41.14 48.73
C GLU B 280 -9.81 40.87 47.30
N ALA B 281 -11.01 40.33 47.10
CA ALA B 281 -11.52 40.13 45.76
C ALA B 281 -11.65 41.45 45.01
N GLU B 282 -12.16 42.48 45.69
CA GLU B 282 -12.35 43.77 45.04
C GLU B 282 -11.01 44.41 44.66
N GLU B 283 -10.03 44.36 45.57
CA GLU B 283 -8.73 44.94 45.24
C GLU B 283 -8.02 44.15 44.15
N ALA B 284 -8.14 42.82 44.16
CA ALA B 284 -7.55 42.02 43.09
C ALA B 284 -8.22 42.32 41.75
N TYR B 285 -9.55 42.51 41.76
CA TYR B 285 -10.26 42.88 40.55
C TYR B 285 -9.77 44.22 40.02
N ASP B 286 -9.59 45.20 40.91
CA ASP B 286 -9.08 46.49 40.48
C ASP B 286 -7.67 46.37 39.89
N LEU B 287 -6.81 45.60 40.55
CA LEU B 287 -5.45 45.40 40.05
C LEU B 287 -5.46 44.76 38.67
N ALA B 288 -6.27 43.71 38.49
CA ALA B 288 -6.34 43.04 37.20
C ALA B 288 -6.93 43.96 36.13
N ARG B 289 -7.96 44.72 36.49
CA ARG B 289 -8.59 45.62 35.53
C ARG B 289 -7.62 46.68 35.04
N LYS B 290 -6.82 47.24 35.96
CA LYS B 290 -5.82 48.21 35.56
C LYS B 290 -4.61 47.57 34.88
N ALA B 291 -4.38 46.27 35.10
CA ALA B 291 -3.30 45.57 34.43
C ALA B 291 -3.70 44.99 33.09
N SER B 292 -4.96 44.60 32.93
CA SER B 292 -5.42 44.05 31.66
C SER B 292 -5.52 45.13 30.60
N LYS B 293 -5.24 44.74 29.36
CA LYS B 293 -5.27 45.67 28.24
C LYS B 293 -6.69 45.97 27.77
N THR B 294 -7.69 45.19 28.22
CA THR B 294 -9.05 45.37 27.76
C THR B 294 -10.05 45.65 28.89
N LYS B 295 -9.56 45.94 30.10
CA LYS B 295 -10.38 46.42 31.21
C LYS B 295 -11.27 45.32 31.78
N THR B 296 -11.32 44.17 31.12
CA THR B 296 -12.18 43.07 31.55
C THR B 296 -11.38 41.96 32.23
N VAL B 297 -12.07 41.22 33.10
CA VAL B 297 -11.42 40.30 34.04
C VAL B 297 -12.20 39.00 34.12
N ILE B 298 -11.49 37.87 34.12
CA ILE B 298 -12.10 36.56 34.30
C ILE B 298 -12.02 36.17 35.77
N VAL B 299 -13.05 35.47 36.24
CA VAL B 299 -13.11 34.92 37.59
C VAL B 299 -13.28 33.41 37.46
N GLU B 300 -12.50 32.65 38.21
CA GLU B 300 -12.61 31.19 38.20
C GLU B 300 -12.86 30.67 39.61
N ARG B 301 -13.39 29.47 39.68
CA ARG B 301 -13.34 28.71 40.92
C ARG B 301 -11.90 28.30 41.19
N TYR B 302 -11.52 28.28 42.46
CA TYR B 302 -10.16 27.94 42.84
C TYR B 302 -10.05 26.45 43.11
N TYR B 303 -9.11 25.79 42.44
CA TYR B 303 -8.92 24.35 42.55
C TYR B 303 -7.62 24.07 43.29
N THR B 304 -7.71 23.29 44.36
CA THR B 304 -6.55 22.93 45.15
C THR B 304 -5.94 21.64 44.61
N GLY B 305 -4.61 21.57 44.66
CA GLY B 305 -3.91 20.40 44.18
C GLY B 305 -2.47 20.75 43.85
N LYS B 306 -1.80 19.80 43.20
CA LYS B 306 -0.41 19.95 42.82
C LYS B 306 -0.34 20.18 41.31
N ASP B 307 0.42 21.20 40.91
CA ASP B 307 0.53 21.54 39.51
C ASP B 307 1.40 20.52 38.78
N HIS B 308 0.89 19.98 37.68
CA HIS B 308 1.58 18.99 36.88
C HIS B 308 1.76 19.51 35.46
N ARG B 309 2.91 19.16 34.87
CA ARG B 309 3.24 19.53 33.50
C ARG B 309 3.38 18.24 32.70
N VAL B 310 2.51 18.05 31.71
CA VAL B 310 2.49 16.85 30.90
C VAL B 310 2.96 17.19 29.50
N LEU B 311 3.85 16.36 28.96
CA LEU B 311 4.40 16.55 27.62
C LEU B 311 3.79 15.50 26.71
N VAL B 312 3.17 15.94 25.62
CA VAL B 312 2.54 15.05 24.66
C VAL B 312 3.24 15.24 23.33
N VAL B 313 3.82 14.16 22.80
CA VAL B 313 4.50 14.17 21.52
C VAL B 313 3.80 13.16 20.62
N ASN B 314 3.38 13.60 19.43
CA ASN B 314 2.74 12.74 18.44
C ASN B 314 1.54 12.01 19.02
N GLY B 315 0.77 12.71 19.85
CA GLY B 315 -0.41 12.11 20.44
C GLY B 315 -0.13 11.04 21.48
N LYS B 316 1.08 11.03 22.04
CA LYS B 316 1.44 10.06 23.07
C LYS B 316 2.14 10.78 24.21
N VAL B 317 1.80 10.41 25.44
CA VAL B 317 2.39 11.06 26.61
C VAL B 317 3.81 10.56 26.79
N VAL B 318 4.76 11.50 26.85
CA VAL B 318 6.17 11.16 26.95
C VAL B 318 6.69 11.31 28.37
N ALA B 319 6.43 12.44 29.01
CA ALA B 319 6.92 12.67 30.35
C ALA B 319 5.91 13.48 31.14
N VAL B 320 5.84 13.19 32.44
CA VAL B 320 4.98 13.92 33.37
C VAL B 320 5.83 14.38 34.53
N ALA B 321 5.75 15.67 34.87
CA ALA B 321 6.52 16.24 35.94
C ALA B 321 5.62 17.09 36.83
N GLU B 322 5.83 16.97 38.14
CA GLU B 322 5.12 17.75 39.13
C GLU B 322 6.03 18.86 39.63
N ARG B 323 5.55 20.11 39.57
CA ARG B 323 6.34 21.24 40.03
C ARG B 323 6.06 21.50 41.50
N VAL B 324 7.06 21.24 42.35
CA VAL B 324 6.98 21.53 43.77
C VAL B 324 7.53 22.94 43.99
N PRO B 325 6.78 23.83 44.63
CA PRO B 325 7.24 25.22 44.75
C PRO B 325 8.50 25.32 45.59
N ALA B 326 9.23 26.42 45.41
CA ALA B 326 10.45 26.68 46.16
C ALA B 326 10.18 26.60 47.67
N HIS B 327 10.89 25.70 48.33
CA HIS B 327 10.65 25.42 49.74
C HIS B 327 11.95 24.97 50.38
N VAL B 328 11.95 24.93 51.71
CA VAL B 328 13.07 24.40 52.49
C VAL B 328 12.53 23.52 53.60
N VAL B 329 13.27 22.49 53.96
CA VAL B 329 12.89 21.55 55.01
C VAL B 329 13.92 21.58 56.11
N GLY B 330 13.46 21.74 57.35
CA GLY B 330 14.36 21.85 58.48
C GLY B 330 14.62 20.53 59.19
N ASN B 331 14.95 19.49 58.43
CA ASN B 331 15.23 18.19 59.03
C ASN B 331 16.58 18.16 59.73
N GLY B 332 17.46 19.11 59.44
CA GLY B 332 18.78 19.15 60.04
C GLY B 332 18.88 20.10 61.22
N LYS B 333 17.73 20.44 61.81
CA LYS B 333 17.67 21.37 62.93
C LYS B 333 18.24 22.74 62.56
N SER B 334 17.96 23.17 61.32
CA SER B 334 18.39 24.46 60.83
C SER B 334 17.18 25.19 60.24
N THR B 335 17.22 26.52 60.34
CA THR B 335 16.10 27.35 59.92
C THR B 335 16.29 27.83 58.48
N ILE B 336 15.40 28.74 58.06
CA ILE B 336 15.38 29.21 56.68
C ILE B 336 16.64 30.01 56.37
N ALA B 337 17.14 30.78 57.35
CA ALA B 337 18.19 31.76 57.10
C ALA B 337 19.47 31.12 56.56
N GLU B 338 19.79 29.88 56.98
CA GLU B 338 20.96 29.22 56.44
C GLU B 338 20.62 28.45 55.17
N LEU B 339 19.43 27.85 55.12
CA LEU B 339 19.08 26.99 53.98
C LEU B 339 18.91 27.79 52.69
N ILE B 340 18.49 29.06 52.79
CA ILE B 340 18.29 29.85 51.57
C ILE B 340 19.59 29.95 50.78
N GLU B 341 20.72 30.14 51.47
CA GLU B 341 22.00 30.17 50.79
C GLU B 341 22.65 28.79 50.66
N GLU B 342 22.29 27.83 51.52
CA GLU B 342 22.80 26.48 51.37
C GLU B 342 22.30 25.85 50.07
N THR B 343 21.03 26.05 49.74
CA THR B 343 20.51 25.58 48.46
C THR B 343 21.18 26.32 47.31
N ASN B 344 21.39 27.63 47.47
CA ASN B 344 21.97 28.44 46.39
C ASN B 344 23.41 28.03 46.07
N ARG B 345 24.08 27.33 46.98
CA ARG B 345 25.46 26.90 46.76
C ARG B 345 25.54 25.51 46.14
N ASP B 346 24.40 24.88 45.88
CA ASP B 346 24.41 23.57 45.22
C ASP B 346 24.76 23.72 43.75
N PRO B 347 25.63 22.87 43.21
CA PRO B 347 26.01 23.01 41.79
C PRO B 347 24.85 22.86 40.82
N GLN B 348 23.76 22.21 41.24
CA GLN B 348 22.62 22.05 40.35
C GLN B 348 21.97 23.39 40.03
N ARG B 349 22.09 24.36 40.94
CA ARG B 349 21.45 25.65 40.75
C ARG B 349 22.21 26.50 39.73
N GLY B 350 21.44 27.26 38.95
CA GLY B 350 22.00 28.19 37.98
C GLY B 350 20.92 29.07 37.42
N ASP B 351 21.34 30.15 36.77
CA ASP B 351 20.42 31.08 36.16
C ASP B 351 20.37 30.83 34.65
N GLY B 352 19.63 31.68 33.95
CA GLY B 352 19.49 31.56 32.50
C GLY B 352 18.42 30.58 32.08
N HIS B 353 18.55 30.05 30.86
CA HIS B 353 17.55 29.14 30.30
C HIS B 353 18.09 27.71 30.18
N ASP B 354 19.18 27.39 30.88
CA ASP B 354 19.80 26.07 30.78
C ASP B 354 19.67 25.26 32.05
N ASN B 355 19.31 25.88 33.18
CA ASN B 355 19.22 25.19 34.45
C ASN B 355 17.81 25.33 35.02
N ILE B 356 17.20 24.20 35.39
CA ILE B 356 15.84 24.24 35.92
C ILE B 356 15.83 24.88 37.31
N LEU B 357 16.71 24.43 38.19
CA LEU B 357 16.69 24.86 39.59
C LEU B 357 17.36 26.23 39.68
N THR B 358 16.55 27.29 39.63
CA THR B 358 17.05 28.65 39.71
C THR B 358 17.31 29.03 41.16
N ARG B 359 18.28 29.92 41.35
CA ARG B 359 18.62 30.37 42.69
C ARG B 359 17.41 31.00 43.37
N ILE B 360 17.26 30.73 44.66
CA ILE B 360 16.09 31.18 45.40
C ILE B 360 16.17 32.70 45.57
N THR B 361 15.38 33.42 44.76
CA THR B 361 15.39 34.88 44.79
C THR B 361 14.58 35.35 46.00
N VAL B 362 15.26 35.97 46.96
CA VAL B 362 14.57 36.55 48.13
C VAL B 362 14.19 37.97 47.73
N ASP B 363 13.04 38.07 47.06
CA ASP B 363 12.54 39.35 46.56
C ASP B 363 11.58 39.97 47.56
N LYS B 364 11.21 41.23 47.29
CA LYS B 364 10.24 41.91 48.14
C LYS B 364 8.89 41.20 48.09
N SER B 365 8.46 40.78 46.89
CA SER B 365 7.26 39.97 46.80
C SER B 365 7.43 38.63 47.50
N ALA B 366 8.60 38.01 47.34
CA ALA B 366 8.89 36.77 48.06
C ALA B 366 8.91 36.99 49.56
N LEU B 367 9.47 38.13 50.00
CA LEU B 367 9.46 38.45 51.42
C LEU B 367 8.04 38.60 51.94
N ASP B 368 7.17 39.26 51.18
CA ASP B 368 5.77 39.38 51.59
C ASP B 368 5.09 38.02 51.63
N ILE B 369 5.38 37.15 50.64
CA ILE B 369 4.76 35.84 50.60
C ILE B 369 5.16 35.01 51.82
N LEU B 370 6.45 35.03 52.15
CA LEU B 370 6.88 34.32 53.36
C LEU B 370 6.41 35.02 54.63
N GLY B 371 6.05 36.30 54.53
CA GLY B 371 5.35 36.95 55.64
C GLY B 371 3.96 36.40 55.83
N LYS B 372 3.25 36.13 54.74
CA LYS B 372 1.95 35.47 54.82
C LYS B 372 2.05 34.02 55.25
N GLN B 373 3.26 33.45 55.28
CA GLN B 373 3.43 32.07 55.75
C GLN B 373 3.03 31.94 57.21
N GLY B 374 3.31 32.95 58.03
CA GLY B 374 3.06 32.87 59.45
C GLY B 374 4.27 32.59 60.30
N TYR B 375 5.46 32.51 59.69
CA TYR B 375 6.69 32.28 60.44
C TYR B 375 7.73 33.34 60.10
N SER B 376 8.93 33.24 60.67
CA SER B 376 9.95 34.26 60.47
C SER B 376 11.16 33.68 59.75
N ILE B 377 12.18 34.51 59.53
CA ILE B 377 13.39 34.06 58.86
C ILE B 377 14.12 33.04 59.73
N ASP B 378 14.24 33.31 61.02
CA ASP B 378 14.97 32.46 61.94
C ASP B 378 14.08 31.43 62.63
N SER B 379 12.79 31.37 62.30
CA SER B 379 11.89 30.40 62.89
C SER B 379 12.25 29.00 62.40
N ILE B 380 12.65 28.13 63.32
CA ILE B 380 13.05 26.77 62.96
C ILE B 380 11.81 25.97 62.58
N PRO B 381 11.84 25.22 61.47
CA PRO B 381 10.70 24.36 61.14
C PRO B 381 10.48 23.29 62.19
N LEU B 382 9.22 22.94 62.40
CA LEU B 382 8.86 21.95 63.41
C LEU B 382 8.95 20.54 62.82
N LYS B 383 9.69 19.67 63.50
CA LYS B 383 9.86 18.26 63.20
C LYS B 383 10.64 18.02 61.91
N GLY B 384 10.97 19.08 61.16
CA GLY B 384 11.60 18.91 59.87
C GLY B 384 10.59 18.77 58.76
N LYS B 385 9.69 19.74 58.64
CA LYS B 385 8.62 19.73 57.65
C LYS B 385 8.87 20.81 56.61
N LYS B 386 8.37 20.57 55.40
CA LYS B 386 8.54 21.53 54.32
C LYS B 386 7.84 22.84 54.64
N CYS B 387 8.55 23.95 54.42
CA CYS B 387 7.97 25.28 54.49
C CYS B 387 8.33 26.02 53.22
N PHE B 388 7.33 26.61 52.57
CA PHE B 388 7.49 27.15 51.23
C PHE B 388 7.89 28.63 51.28
N LEU B 389 8.48 29.08 50.18
CA LEU B 389 8.80 30.49 49.99
C LEU B 389 7.86 31.19 49.03
N ARG B 390 7.27 30.47 48.09
CA ARG B 390 6.28 31.02 47.17
C ARG B 390 5.23 29.94 46.91
N ALA B 391 4.19 30.31 46.16
CA ALA B 391 3.10 29.39 45.87
C ALA B 391 2.79 29.27 44.38
N THR B 392 3.59 29.89 43.51
CA THR B 392 3.32 29.82 42.07
C THR B 392 3.73 28.49 41.47
N ALA B 393 4.59 27.73 42.14
CA ALA B 393 5.06 26.43 41.67
C ALA B 393 5.66 26.53 40.26
N ASN B 394 6.71 27.34 40.16
CA ASN B 394 7.39 27.58 38.90
C ASN B 394 8.88 27.38 39.07
N LEU B 395 9.53 26.92 37.98
CA LEU B 395 10.95 26.65 38.03
C LEU B 395 11.77 27.93 38.04
N SER B 396 11.23 29.01 37.45
CA SER B 396 11.92 30.30 37.49
C SER B 396 12.03 30.82 38.92
N THR B 397 11.00 30.58 39.74
CA THR B 397 11.07 30.98 41.14
C THR B 397 12.17 30.24 41.88
N GLY B 398 12.36 28.97 41.57
CA GLY B 398 13.35 28.17 42.27
C GLY B 398 12.79 26.87 42.81
N GLY B 399 11.64 26.45 42.29
CA GLY B 399 11.07 25.18 42.68
C GLY B 399 11.78 24.01 42.02
N ILE B 400 11.28 22.81 42.32
CA ILE B 400 11.88 21.59 41.80
C ILE B 400 10.83 20.83 40.98
N ALA B 401 11.32 19.87 40.21
CA ALA B 401 10.46 18.99 39.44
C ALA B 401 10.61 17.56 39.93
N VAL B 402 9.49 16.84 39.96
CA VAL B 402 9.48 15.44 40.38
C VAL B 402 8.85 14.61 39.27
N ASP B 403 9.56 13.59 38.82
CA ASP B 403 9.06 12.74 37.75
C ASP B 403 7.90 11.89 38.25
N ARG B 404 6.84 11.80 37.45
CA ARG B 404 5.67 11.01 37.78
C ARG B 404 5.17 10.23 36.58
N THR B 405 6.05 9.93 35.63
CA THR B 405 5.63 9.28 34.39
C THR B 405 5.11 7.87 34.65
N ASP B 406 5.64 7.18 35.65
CA ASP B 406 5.21 5.81 35.94
C ASP B 406 4.00 5.74 36.85
N GLU B 407 3.58 6.86 37.44
CA GLU B 407 2.48 6.88 38.39
C GLU B 407 1.18 7.40 37.79
N ILE B 408 1.11 7.59 36.48
CA ILE B 408 -0.06 8.19 35.87
C ILE B 408 -1.09 7.11 35.53
N HIS B 409 -2.36 7.42 35.75
CA HIS B 409 -3.43 6.48 35.46
C HIS B 409 -3.65 6.38 33.95
N PRO B 410 -3.94 5.17 33.43
CA PRO B 410 -4.15 5.04 31.98
C PRO B 410 -5.27 5.90 31.42
N GLU B 411 -6.35 6.09 32.18
CA GLU B 411 -7.42 6.97 31.74
C GLU B 411 -6.97 8.41 31.59
N ASN B 412 -6.13 8.91 32.50
CA ASN B 412 -5.55 10.23 32.34
C ASN B 412 -4.69 10.32 31.09
N VAL B 413 -3.93 9.27 30.79
CA VAL B 413 -3.13 9.26 29.56
C VAL B 413 -4.04 9.37 28.35
N TRP B 414 -5.12 8.60 28.33
CA TRP B 414 -6.06 8.67 27.21
C TRP B 414 -6.67 10.06 27.09
N LEU B 415 -7.06 10.66 28.21
CA LEU B 415 -7.69 11.98 28.18
C LEU B 415 -6.72 13.04 27.66
N LEU B 416 -5.48 13.02 28.12
CA LEU B 416 -4.51 14.01 27.66
C LEU B 416 -4.15 13.81 26.19
N SER B 417 -4.01 12.56 25.75
CA SER B 417 -3.80 12.30 24.33
C SER B 417 -4.95 12.82 23.49
N ARG B 418 -6.19 12.64 23.95
CA ARG B 418 -7.34 13.20 23.23
C ARG B 418 -7.34 14.72 23.22
N VAL B 419 -6.95 15.36 24.32
CA VAL B 419 -6.91 16.82 24.36
C VAL B 419 -5.89 17.35 23.37
N ALA B 420 -4.70 16.73 23.30
CA ALA B 420 -3.67 17.19 22.38
C ALA B 420 -4.14 17.15 20.94
N LYS B 421 -4.91 16.12 20.57
CA LYS B 421 -5.45 16.04 19.22
C LYS B 421 -6.62 16.98 19.00
N ILE B 422 -7.43 17.23 20.02
CA ILE B 422 -8.54 18.16 19.87
C ILE B 422 -8.03 19.56 19.58
N ILE B 423 -7.02 20.01 20.33
CA ILE B 423 -6.45 21.32 20.04
C ILE B 423 -5.74 21.31 18.68
N GLY B 424 -5.05 20.23 18.36
CA GLY B 424 -4.41 20.11 17.07
C GLY B 424 -2.92 20.42 17.09
N LEU B 425 -2.22 19.87 18.07
CA LEU B 425 -0.78 20.08 18.23
C LEU B 425 -0.08 18.73 18.25
N ASP B 426 1.06 18.64 17.56
CA ASP B 426 1.86 17.44 17.58
C ASP B 426 2.81 17.37 18.77
N ILE B 427 3.31 18.51 19.23
CA ILE B 427 4.09 18.61 20.46
C ILE B 427 3.41 19.65 21.34
N ALA B 428 2.96 19.23 22.52
CA ALA B 428 2.17 20.11 23.37
C ALA B 428 2.59 19.94 24.83
N GLY B 429 2.43 21.02 25.59
CA GLY B 429 2.64 20.97 27.03
C GLY B 429 1.41 21.38 27.78
N ILE B 430 0.81 20.46 28.53
CA ILE B 430 -0.47 20.67 29.18
C ILE B 430 -0.24 20.87 30.68
N ASP B 431 -0.98 21.81 31.26
CA ASP B 431 -0.93 22.07 32.69
C ASP B 431 -2.16 21.48 33.35
N VAL B 432 -1.94 20.70 34.41
CA VAL B 432 -3.01 20.01 35.12
C VAL B 432 -2.94 20.38 36.59
N VAL B 433 -4.10 20.52 37.22
CA VAL B 433 -4.18 20.75 38.65
C VAL B 433 -5.04 19.64 39.24
N THR B 434 -4.42 18.73 39.96
CA THR B 434 -5.12 17.60 40.56
C THR B 434 -4.43 17.23 41.86
N GLU B 435 -5.16 16.54 42.73
CA GLU B 435 -4.61 16.10 44.00
C GLU B 435 -3.72 14.88 43.87
N ASP B 436 -3.98 14.02 42.89
CA ASP B 436 -3.18 12.83 42.68
C ASP B 436 -3.30 12.40 41.22
N ILE B 437 -2.15 12.27 40.54
CA ILE B 437 -2.15 11.86 39.14
C ILE B 437 -2.37 10.37 38.95
N SER B 438 -2.39 9.60 40.04
CA SER B 438 -2.60 8.16 39.96
C SER B 438 -4.07 7.78 39.95
N GLN B 439 -4.98 8.74 39.98
CA GLN B 439 -6.41 8.50 39.94
C GLN B 439 -7.03 9.29 38.80
N PRO B 440 -8.14 8.82 38.24
CA PRO B 440 -8.75 9.54 37.12
C PRO B 440 -9.22 10.93 37.54
N LEU B 441 -9.21 11.84 36.56
CA LEU B 441 -9.54 13.24 36.82
C LEU B 441 -11.01 13.47 37.12
N ARG B 442 -11.83 12.42 37.20
CA ARG B 442 -13.25 12.60 37.52
C ARG B 442 -13.52 12.43 39.00
N GLU B 443 -12.96 11.39 39.63
CA GLU B 443 -13.17 11.17 41.06
C GLU B 443 -12.63 12.35 41.87
N VAL B 444 -11.39 12.75 41.59
CA VAL B 444 -10.84 13.97 42.16
C VAL B 444 -11.20 15.12 41.23
N GLU B 445 -11.47 16.30 41.80
CA GLU B 445 -11.84 17.45 40.98
C GLU B 445 -10.60 18.02 40.30
N GLY B 446 -10.07 17.24 39.36
CA GLY B 446 -8.95 17.68 38.56
C GLY B 446 -9.40 18.44 37.32
N VAL B 447 -8.57 19.40 36.90
CA VAL B 447 -8.92 20.28 35.78
C VAL B 447 -7.70 20.47 34.89
N ILE B 448 -7.97 20.88 33.66
CA ILE B 448 -6.94 21.25 32.69
C ILE B 448 -6.87 22.76 32.64
N VAL B 449 -5.69 23.31 32.96
CA VAL B 449 -5.55 24.76 33.11
C VAL B 449 -5.20 25.43 31.79
N GLU B 450 -4.16 24.98 31.11
CA GLU B 450 -3.76 25.62 29.85
C GLU B 450 -2.94 24.65 29.01
N VAL B 451 -2.79 25.01 27.74
CA VAL B 451 -2.02 24.25 26.77
C VAL B 451 -1.00 25.19 26.13
N ASN B 452 0.24 24.71 26.01
CA ASN B 452 1.31 25.48 25.40
C ASN B 452 1.79 24.77 24.14
N ALA B 453 1.97 25.57 23.09
CA ALA B 453 2.22 25.06 21.74
C ALA B 453 3.67 24.69 21.50
N ALA B 454 4.61 25.48 22.02
CA ALA B 454 6.05 25.26 21.82
C ALA B 454 6.70 25.16 23.19
N PRO B 455 6.51 24.06 23.91
CA PRO B 455 7.01 23.96 25.26
C PRO B 455 8.49 23.64 25.31
N GLY B 456 9.10 23.95 26.45
CA GLY B 456 10.45 23.54 26.74
C GLY B 456 10.46 22.25 27.54
N PHE B 457 11.05 21.21 26.95
CA PHE B 457 11.03 19.87 27.51
C PHE B 457 12.22 19.64 28.42
N ARG B 458 13.01 20.68 28.63
CA ARG B 458 14.30 20.51 29.29
C ARG B 458 14.16 20.41 30.80
N MET B 459 12.95 20.61 31.32
CA MET B 459 12.66 20.23 32.70
C MET B 459 12.46 18.73 32.88
N HIS B 460 12.30 17.98 31.80
CA HIS B 460 12.06 16.54 31.87
C HIS B 460 13.30 15.71 31.66
N VAL B 461 14.36 16.30 31.11
CA VAL B 461 15.62 15.59 30.89
C VAL B 461 16.54 15.64 32.09
N ALA B 462 16.19 16.39 33.12
CA ALA B 462 16.96 16.45 34.37
C ALA B 462 16.00 16.73 35.52
N PRO B 463 15.16 15.75 35.87
CA PRO B 463 14.12 16.01 36.88
C PRO B 463 14.67 16.40 38.24
N SER B 464 15.82 15.87 38.63
CA SER B 464 16.50 16.03 39.92
C SER B 464 15.85 15.22 41.04
N ARG B 465 14.68 14.60 40.81
CA ARG B 465 14.13 13.69 41.80
C ARG B 465 13.45 12.51 41.11
N GLY B 466 14.10 11.95 40.09
CA GLY B 466 13.51 10.82 39.38
C GLY B 466 14.34 10.45 38.16
N LEU B 467 13.72 9.69 37.28
CA LEU B 467 14.38 9.21 36.07
C LEU B 467 14.21 10.20 34.93
N ALA B 468 15.30 10.46 34.22
CA ALA B 468 15.27 11.33 33.06
C ALA B 468 14.61 10.62 31.88
N ARG B 469 13.89 11.38 31.07
CA ARG B 469 13.23 10.86 29.89
C ARG B 469 13.91 11.37 28.63
N ASN B 470 13.91 10.53 27.59
CA ASN B 470 14.54 10.87 26.32
C ASN B 470 13.51 11.52 25.41
N VAL B 471 13.31 12.82 25.63
CA VAL B 471 12.34 13.57 24.84
C VAL B 471 12.83 13.74 23.40
N ALA B 472 14.12 14.07 23.23
CA ALA B 472 14.67 14.23 21.90
C ALA B 472 14.55 12.96 21.06
N GLY B 473 14.69 11.79 21.69
CA GLY B 473 14.42 10.54 20.99
C GLY B 473 13.01 10.43 20.46
N ALA B 474 12.02 10.82 21.25
CA ALA B 474 10.64 10.85 20.79
C ALA B 474 10.42 11.86 19.66
N VAL B 475 11.02 13.04 19.74
CA VAL B 475 10.89 14.00 18.65
C VAL B 475 11.48 13.45 17.36
N MET B 476 12.67 12.85 17.43
CA MET B 476 13.28 12.26 16.24
C MET B 476 12.50 11.05 15.73
N ASP B 477 11.90 10.26 16.61
CA ASP B 477 11.03 9.18 16.16
C ASP B 477 9.76 9.69 15.49
N MET B 478 9.26 10.85 15.89
CA MET B 478 8.14 11.45 15.19
C MET B 478 8.54 11.99 13.82
N LEU B 479 9.68 12.68 13.74
CA LEU B 479 10.10 13.24 12.46
C LEU B 479 10.50 12.16 11.46
N PHE B 480 11.22 11.13 11.90
CA PHE B 480 11.68 10.04 11.04
C PHE B 480 11.20 8.73 11.65
N PRO B 481 10.01 8.26 11.24
CA PRO B 481 9.34 7.19 11.98
C PRO B 481 10.11 5.89 12.10
N GLY B 482 10.48 5.28 10.97
CA GLY B 482 11.10 3.97 11.02
C GLY B 482 12.60 4.05 11.24
N SER B 483 13.31 3.00 10.85
CA SER B 483 14.77 3.01 10.88
C SER B 483 15.33 3.69 9.63
N LYS B 484 14.89 4.93 9.40
CA LYS B 484 15.22 5.65 8.19
C LYS B 484 15.84 7.00 8.54
N ASN B 485 16.67 7.50 7.64
CA ASN B 485 17.25 8.82 7.72
C ASN B 485 16.74 9.64 6.54
N GLY B 486 17.14 10.90 6.48
CA GLY B 486 16.66 11.77 5.41
C GLY B 486 17.60 11.85 4.23
N ARG B 487 18.19 10.72 3.86
CA ARG B 487 19.21 10.68 2.83
C ARG B 487 18.62 10.34 1.46
N ILE B 488 19.24 10.86 0.42
CA ILE B 488 18.89 10.55 -0.95
C ILE B 488 20.16 10.10 -1.67
N PRO B 489 20.03 9.31 -2.74
CA PRO B 489 21.22 8.88 -3.47
C PRO B 489 22.04 10.06 -3.96
N ILE B 490 23.35 10.00 -3.70
CA ILE B 490 24.29 11.03 -4.12
C ILE B 490 25.40 10.36 -4.93
N LEU B 491 25.64 10.88 -6.12
CA LEU B 491 26.68 10.39 -7.01
C LEU B 491 27.67 11.51 -7.26
N SER B 492 28.89 11.34 -6.79
CA SER B 492 29.93 12.36 -6.91
C SER B 492 30.94 11.91 -7.95
N VAL B 493 31.11 12.73 -9.00
CA VAL B 493 32.01 12.42 -10.09
C VAL B 493 33.23 13.33 -9.99
N THR B 494 34.42 12.74 -9.96
CA THR B 494 35.65 13.50 -9.92
C THR B 494 36.63 12.91 -10.92
N GLY B 495 37.72 13.63 -11.15
CA GLY B 495 38.70 13.23 -12.13
C GLY B 495 39.48 14.43 -12.61
N THR B 496 39.94 14.34 -13.86
CA THR B 496 40.69 15.41 -14.47
C THR B 496 40.11 15.89 -15.79
N ASN B 497 39.53 14.99 -16.59
CA ASN B 497 39.18 15.33 -17.96
C ASN B 497 37.69 15.28 -18.26
N GLY B 498 37.00 14.18 -17.92
CA GLY B 498 35.65 14.00 -18.40
C GLY B 498 34.54 14.13 -17.38
N LYS B 499 34.64 15.11 -16.49
CA LYS B 499 33.66 15.24 -15.40
C LYS B 499 32.29 15.66 -15.93
N THR B 500 32.24 16.70 -16.75
CA THR B 500 30.95 17.27 -17.16
C THR B 500 30.15 16.31 -18.02
N THR B 501 30.79 15.68 -19.01
CA THR B 501 30.07 14.77 -19.88
C THR B 501 29.53 13.57 -19.10
N THR B 502 30.33 13.02 -18.20
CA THR B 502 29.87 11.91 -17.38
C THR B 502 28.71 12.33 -16.49
N THR B 503 28.77 13.53 -15.91
CA THR B 503 27.67 13.99 -15.07
C THR B 503 26.38 14.09 -15.87
N ARG B 504 26.44 14.71 -17.05
CA ARG B 504 25.25 14.83 -17.87
C ARG B 504 24.72 13.48 -18.34
N LEU B 505 25.60 12.56 -18.72
CA LEU B 505 25.15 11.22 -19.11
C LEU B 505 24.49 10.48 -17.96
N LEU B 506 25.06 10.57 -16.75
CA LEU B 506 24.44 9.95 -15.59
C LEU B 506 23.05 10.52 -15.34
N ALA B 507 22.93 11.84 -15.40
CA ALA B 507 21.62 12.45 -15.19
C ALA B 507 20.61 12.00 -16.24
N HIS B 508 21.02 11.96 -17.51
CA HIS B 508 20.11 11.51 -18.56
C HIS B 508 19.71 10.06 -18.40
N ILE B 509 20.63 9.19 -18.00
CA ILE B 509 20.27 7.79 -17.77
C ILE B 509 19.29 7.67 -16.61
N ILE B 510 19.51 8.39 -15.51
CA ILE B 510 18.59 8.29 -14.39
C ILE B 510 17.22 8.86 -14.72
N LYS B 511 17.17 9.89 -15.58
CA LYS B 511 15.87 10.48 -15.94
C LYS B 511 14.93 9.49 -16.60
N GLN B 512 15.44 8.41 -17.17
CA GLN B 512 14.55 7.41 -17.77
C GLN B 512 13.65 6.77 -16.73
N THR B 513 14.18 6.47 -15.55
CA THR B 513 13.35 6.17 -14.40
C THR B 513 12.58 7.43 -14.02
N GLY B 514 11.35 7.25 -13.57
CA GLY B 514 10.51 8.39 -13.25
C GLY B 514 10.94 9.10 -11.99
N LYS B 515 12.11 9.74 -12.02
CA LYS B 515 12.67 10.42 -10.88
C LYS B 515 13.14 11.81 -11.27
N VAL B 516 13.09 12.72 -10.31
CA VAL B 516 13.58 14.08 -10.51
C VAL B 516 15.04 14.10 -10.09
N VAL B 517 15.92 14.48 -11.02
CA VAL B 517 17.36 14.44 -10.80
C VAL B 517 17.88 15.86 -10.75
N GLY B 518 18.62 16.19 -9.70
CA GLY B 518 19.28 17.47 -9.62
C GLY B 518 20.78 17.31 -9.79
N TYR B 519 21.36 18.01 -10.75
CA TYR B 519 22.78 17.82 -11.02
C TYR B 519 23.48 19.14 -11.26
N THR B 520 24.74 19.19 -10.85
CA THR B 520 25.56 20.38 -11.03
C THR B 520 26.81 20.03 -11.83
N THR B 521 27.06 20.83 -12.86
CA THR B 521 28.21 20.73 -13.75
C THR B 521 28.85 22.11 -13.87
N THR B 522 29.80 22.24 -14.80
CA THR B 522 30.41 23.54 -15.06
C THR B 522 29.48 24.49 -15.81
N ASP B 523 28.57 23.96 -16.64
CA ASP B 523 27.65 24.83 -17.37
C ASP B 523 26.68 25.52 -16.43
N GLY B 524 26.11 24.77 -15.49
CA GLY B 524 25.16 25.36 -14.56
C GLY B 524 24.57 24.29 -13.67
N THR B 525 23.62 24.71 -12.84
CA THR B 525 22.93 23.83 -11.92
C THR B 525 21.53 23.59 -12.43
N TYR B 526 21.18 22.32 -12.67
CA TYR B 526 19.91 21.92 -13.25
C TYR B 526 19.11 21.11 -12.24
N ILE B 527 17.80 21.31 -12.25
CA ILE B 527 16.87 20.54 -11.42
C ILE B 527 15.79 20.01 -12.36
N GLY B 528 15.94 18.77 -12.80
CA GLY B 528 15.01 18.19 -13.74
C GLY B 528 15.30 18.62 -15.18
N GLU B 529 14.38 19.38 -15.77
CA GLU B 529 14.52 19.82 -17.15
C GLU B 529 14.80 21.30 -17.30
N TYR B 530 14.72 22.08 -16.22
CA TYR B 530 14.85 23.52 -16.29
C TYR B 530 16.10 23.99 -15.57
N LEU B 531 16.79 24.95 -16.18
CA LEU B 531 17.99 25.50 -15.58
C LEU B 531 17.65 26.25 -14.31
N ALA B 532 18.30 25.86 -13.21
CA ALA B 532 18.06 26.50 -11.92
C ALA B 532 19.07 27.59 -11.60
N GLU B 533 20.32 27.44 -12.01
CA GLU B 533 21.29 28.51 -11.74
C GLU B 533 22.38 28.48 -12.80
N THR B 534 22.91 29.68 -13.09
CA THR B 534 23.92 29.87 -14.12
C THR B 534 25.27 30.15 -13.46
N GLY B 535 26.34 29.83 -14.18
CA GLY B 535 27.68 30.11 -13.72
C GLY B 535 28.51 28.84 -13.74
N ASP B 536 29.61 28.87 -12.98
CA ASP B 536 30.46 27.68 -12.88
C ASP B 536 29.77 26.60 -12.04
N ASN B 537 29.53 26.90 -10.77
CA ASN B 537 28.69 26.06 -9.91
C ASN B 537 29.23 24.63 -9.80
N THR B 538 30.49 24.51 -9.40
CA THR B 538 31.09 23.20 -9.16
C THR B 538 31.69 23.09 -7.75
N GLY B 539 31.38 24.04 -6.88
CA GLY B 539 31.91 24.02 -5.53
C GLY B 539 30.86 23.60 -4.52
N PRO B 540 31.26 23.52 -3.25
CA PRO B 540 30.30 23.13 -2.20
C PRO B 540 29.16 24.11 -2.03
N GLN B 541 29.34 25.38 -2.39
CA GLN B 541 28.27 26.37 -2.25
C GLN B 541 27.12 26.14 -3.20
N SER B 542 27.35 25.50 -4.35
CA SER B 542 26.30 25.15 -5.28
C SER B 542 25.69 23.77 -5.01
N ALA B 543 26.34 22.96 -4.16
CA ALA B 543 25.76 21.69 -3.78
C ALA B 543 24.64 21.83 -2.76
N HIS B 544 24.64 22.92 -1.99
CA HIS B 544 23.56 23.15 -1.04
C HIS B 544 22.24 23.49 -1.72
N LEU B 545 22.30 24.11 -2.91
CA LEU B 545 21.07 24.40 -3.64
C LEU B 545 20.37 23.12 -4.07
N ILE B 546 21.12 22.11 -4.48
CA ILE B 546 20.54 20.85 -4.92
C ILE B 546 19.98 20.06 -3.75
N LEU B 547 20.75 19.95 -2.66
CA LEU B 547 20.34 19.11 -1.54
C LEU B 547 19.25 19.74 -0.68
N SER B 548 18.93 21.02 -0.90
CA SER B 548 17.89 21.69 -0.15
C SER B 548 16.58 21.81 -0.92
N ASP B 549 16.55 21.46 -2.19
CA ASP B 549 15.33 21.59 -2.98
C ASP B 549 14.32 20.54 -2.53
N PRO B 550 13.07 20.91 -2.31
CA PRO B 550 12.09 19.92 -1.81
C PRO B 550 11.54 19.01 -2.89
N THR B 551 12.14 19.01 -4.08
CA THR B 551 11.67 18.17 -5.17
C THR B 551 12.74 17.24 -5.73
N VAL B 552 13.97 17.31 -5.26
CA VAL B 552 15.06 16.51 -5.81
C VAL B 552 15.09 15.16 -5.12
N GLU B 553 15.20 14.09 -5.93
CA GLU B 553 15.24 12.73 -5.40
C GLU B 553 16.60 12.06 -5.56
N VAL B 554 17.36 12.43 -6.58
CA VAL B 554 18.72 11.94 -6.79
C VAL B 554 19.61 13.15 -7.07
N ALA B 555 20.83 13.12 -6.52
CA ALA B 555 21.75 14.23 -6.69
C ALA B 555 22.99 13.74 -7.42
N VAL B 556 23.38 14.46 -8.46
CA VAL B 556 24.60 14.17 -9.22
C VAL B 556 25.45 15.42 -9.20
N LEU B 557 26.67 15.30 -8.68
CA LEU B 557 27.51 16.45 -8.40
C LEU B 557 28.86 16.27 -9.08
N GLU B 558 29.26 17.26 -9.88
CA GLU B 558 30.64 17.29 -10.39
C GLU B 558 31.50 18.00 -9.36
N THR B 559 32.41 17.27 -8.75
CA THR B 559 33.26 17.79 -7.68
C THR B 559 34.61 18.18 -8.27
N ALA B 560 34.83 19.47 -8.44
CA ALA B 560 36.08 19.95 -9.02
C ALA B 560 37.17 20.01 -7.95
N ARG B 561 38.41 20.17 -8.42
CA ARG B 561 39.56 20.22 -7.51
C ARG B 561 39.59 21.52 -6.71
N GLY B 562 39.30 22.65 -7.36
CA GLY B 562 39.31 23.92 -6.67
C GLY B 562 38.30 23.99 -5.54
N GLY B 563 37.14 23.36 -5.71
CA GLY B 563 36.15 23.33 -4.65
C GLY B 563 36.64 22.56 -3.43
N ILE B 564 37.31 21.42 -3.66
CA ILE B 564 37.86 20.67 -2.54
C ILE B 564 38.96 21.45 -1.85
N LEU B 565 39.84 22.10 -2.62
CA LEU B 565 40.93 22.85 -2.01
C LEU B 565 40.43 24.04 -1.22
N ARG B 566 39.42 24.75 -1.74
CA ARG B 566 39.00 26.01 -1.12
C ARG B 566 38.19 25.78 0.15
N SER B 567 37.11 25.00 0.05
CA SER B 567 36.20 24.84 1.17
C SER B 567 35.96 23.39 1.57
N GLY B 568 36.62 22.44 0.94
CA GLY B 568 36.39 21.04 1.24
C GLY B 568 35.22 20.48 0.47
N LEU B 569 34.77 19.30 0.90
CA LEU B 569 33.68 18.61 0.24
C LEU B 569 32.34 19.11 0.75
N GLY B 570 31.34 19.10 -0.13
CA GLY B 570 30.05 19.67 0.17
C GLY B 570 29.08 18.77 0.91
N PHE B 571 29.51 17.60 1.35
CA PHE B 571 28.65 16.65 2.03
C PHE B 571 29.53 15.72 2.86
N SER B 572 28.89 14.85 3.64
CA SER B 572 29.63 13.92 4.48
C SER B 572 29.90 12.60 3.75
N SER B 573 28.84 11.92 3.30
CA SER B 573 28.97 10.64 2.65
C SER B 573 28.18 10.65 1.34
N CYS B 574 28.66 9.87 0.38
CA CYS B 574 28.01 9.75 -0.92
C CYS B 574 27.72 8.28 -1.20
N GLU B 575 26.61 8.05 -1.89
CA GLU B 575 26.25 6.69 -2.26
C GLU B 575 27.22 6.11 -3.28
N VAL B 576 27.62 6.89 -4.29
CA VAL B 576 28.53 6.41 -5.33
C VAL B 576 29.62 7.44 -5.55
N GLY B 577 30.87 6.98 -5.61
CA GLY B 577 31.98 7.87 -5.91
C GLY B 577 32.76 7.42 -7.12
N ILE B 578 32.77 8.23 -8.18
CA ILE B 578 33.42 7.87 -9.43
C ILE B 578 34.71 8.65 -9.55
N VAL B 579 35.80 7.96 -9.86
CA VAL B 579 37.09 8.59 -10.14
C VAL B 579 37.49 8.18 -11.55
N LEU B 580 37.60 9.16 -12.45
CA LEU B 580 37.84 8.84 -13.85
C LEU B 580 39.33 8.67 -14.15
N ASN B 581 40.13 9.69 -13.90
CA ASN B 581 41.56 9.62 -14.15
C ASN B 581 42.25 10.73 -13.39
N VAL B 582 43.56 10.56 -13.17
CA VAL B 582 44.41 11.57 -12.55
C VAL B 582 45.56 11.84 -13.50
N THR B 583 45.66 13.08 -13.99
CA THR B 583 46.69 13.45 -14.94
C THR B 583 47.29 14.79 -14.53
N ALA B 584 48.62 14.83 -14.43
CA ALA B 584 49.33 16.05 -14.05
C ALA B 584 49.42 16.95 -15.27
N ASP B 585 48.41 17.78 -15.48
CA ASP B 585 48.39 18.73 -16.58
C ASP B 585 48.55 20.17 -16.11
N HIS B 586 47.84 20.57 -15.06
CA HIS B 586 48.01 21.89 -14.45
C HIS B 586 48.49 21.69 -13.04
N LEU B 587 49.63 22.28 -12.71
CA LEU B 587 50.31 22.00 -11.45
C LEU B 587 50.86 23.29 -10.87
N GLY B 588 51.15 23.25 -9.57
CA GLY B 588 51.66 24.40 -8.85
C GLY B 588 50.59 25.30 -8.25
N ILE B 589 49.31 25.06 -8.55
CA ILE B 589 48.25 25.87 -7.99
C ILE B 589 48.07 25.53 -6.52
N GLY B 590 48.00 26.55 -5.68
CA GLY B 590 47.93 26.32 -4.25
C GLY B 590 49.21 25.68 -3.77
N ASP B 591 49.09 24.52 -3.12
CA ASP B 591 50.24 23.74 -2.69
C ASP B 591 50.19 22.32 -3.27
N ILE B 592 49.66 22.18 -4.49
CA ILE B 592 49.66 20.92 -5.21
C ILE B 592 50.68 21.06 -6.34
N ASP B 593 51.86 20.48 -6.14
CA ASP B 593 52.93 20.58 -7.12
C ASP B 593 53.49 19.22 -7.52
N THR B 594 52.79 18.13 -7.20
CA THR B 594 53.22 16.80 -7.56
C THR B 594 52.00 15.94 -7.86
N ILE B 595 52.15 15.01 -8.80
CA ILE B 595 51.03 14.15 -9.16
C ILE B 595 50.60 13.27 -8.00
N GLU B 596 51.51 12.94 -7.08
CA GLU B 596 51.13 12.23 -5.87
C GLU B 596 50.19 13.04 -5.00
N GLN B 597 50.45 14.33 -4.82
CA GLN B 597 49.52 15.20 -4.11
C GLN B 597 48.21 15.38 -4.85
N LEU B 598 48.23 15.44 -6.17
CA LEU B 598 46.98 15.49 -6.93
C LEU B 598 46.14 14.24 -6.72
N ALA B 599 46.77 13.06 -6.74
CA ALA B 599 46.05 11.83 -6.45
C ALA B 599 45.54 11.80 -5.01
N LYS B 600 46.35 12.25 -4.06
CA LYS B 600 45.90 12.32 -2.67
C LYS B 600 44.70 13.25 -2.51
N LEU B 601 44.65 14.35 -3.25
CA LEU B 601 43.53 15.26 -3.22
C LEU B 601 42.28 14.67 -3.87
N LYS B 602 42.43 14.05 -5.04
CA LYS B 602 41.29 13.43 -5.70
C LYS B 602 40.76 12.23 -4.92
N SER B 603 41.59 11.64 -4.06
CA SER B 603 41.16 10.50 -3.26
C SER B 603 40.12 10.84 -2.21
N VAL B 604 39.84 12.13 -1.98
CA VAL B 604 38.85 12.51 -0.98
C VAL B 604 37.48 11.95 -1.36
N VAL B 605 37.12 12.03 -2.65
CA VAL B 605 35.83 11.51 -3.09
C VAL B 605 35.75 10.01 -2.85
N ALA B 606 36.81 9.28 -3.21
CA ALA B 606 36.80 7.83 -3.06
C ALA B 606 36.75 7.40 -1.59
N GLU B 607 37.49 8.07 -0.73
CA GLU B 607 37.55 7.67 0.68
C GLU B 607 36.29 8.06 1.44
N SER B 608 35.53 9.03 0.93
CA SER B 608 34.30 9.47 1.60
C SER B 608 33.08 8.75 1.05
N VAL B 609 33.13 7.42 1.04
CA VAL B 609 32.03 6.58 0.55
C VAL B 609 31.56 5.71 1.71
N MET B 610 30.25 5.69 1.92
CA MET B 610 29.70 4.93 3.04
C MET B 610 29.93 3.44 2.84
N PRO B 611 29.92 2.66 3.93
CA PRO B 611 30.26 1.24 3.81
C PRO B 611 29.38 0.46 2.86
N LYS B 612 28.15 0.88 2.62
CA LYS B 612 27.26 0.20 1.69
C LYS B 612 27.29 0.86 0.30
N GLY B 613 28.18 1.82 0.08
CA GLY B 613 28.30 2.46 -1.20
C GLY B 613 29.26 1.75 -2.13
N TYR B 614 29.55 2.41 -3.24
CA TYR B 614 30.44 1.87 -4.25
C TYR B 614 31.44 2.94 -4.69
N ALA B 615 32.67 2.50 -4.96
CA ALA B 615 33.70 3.34 -5.52
C ALA B 615 34.04 2.82 -6.91
N VAL B 616 33.73 3.61 -7.94
CA VAL B 616 34.01 3.24 -9.32
C VAL B 616 35.36 3.82 -9.68
N LEU B 617 36.28 2.96 -10.13
CA LEU B 617 37.66 3.33 -10.38
C LEU B 617 38.11 2.83 -11.73
N ASN B 618 39.10 3.53 -12.29
CA ASN B 618 39.69 3.18 -13.57
C ASN B 618 40.83 2.20 -13.33
N ALA B 619 40.75 1.03 -13.95
CA ALA B 619 41.76 0.00 -13.73
C ALA B 619 43.04 0.25 -14.49
N GLU B 620 43.03 1.11 -15.51
CA GLU B 620 44.19 1.36 -16.33
C GLU B 620 45.08 2.47 -15.79
N ASP B 621 44.67 3.14 -14.70
CA ASP B 621 45.49 4.18 -14.11
C ASP B 621 46.16 3.63 -12.87
N PRO B 622 47.50 3.52 -12.84
CA PRO B 622 48.16 3.00 -11.64
C PRO B 622 47.89 3.81 -10.39
N LEU B 623 47.75 5.13 -10.51
CA LEU B 623 47.46 5.98 -9.37
C LEU B 623 46.02 5.84 -8.89
N VAL B 624 45.06 5.79 -9.82
CA VAL B 624 43.66 5.64 -9.44
C VAL B 624 43.40 4.26 -8.85
N ALA B 625 43.95 3.21 -9.48
CA ALA B 625 43.78 1.87 -8.96
C ALA B 625 44.40 1.72 -7.58
N ALA B 626 45.46 2.46 -7.30
CA ALA B 626 46.08 2.44 -5.98
C ALA B 626 45.15 2.93 -4.88
N MET B 627 44.09 3.67 -5.24
CA MET B 627 43.08 4.06 -4.26
C MET B 627 42.17 2.91 -3.87
N ALA B 628 42.44 1.69 -4.34
CA ALA B 628 41.60 0.56 -3.97
C ALA B 628 41.59 0.34 -2.47
N ASP B 629 42.75 0.49 -1.83
CA ASP B 629 42.83 0.42 -0.39
C ASP B 629 42.18 1.67 0.22
N ARG B 630 42.18 1.71 1.55
CA ARG B 630 41.60 2.81 2.34
C ARG B 630 40.28 3.30 1.75
N VAL B 631 39.44 2.35 1.36
CA VAL B 631 38.11 2.61 0.85
C VAL B 631 37.12 1.76 1.62
N LYS B 632 36.12 2.39 2.22
CA LYS B 632 35.05 1.68 2.91
C LYS B 632 33.91 1.46 1.93
N GLY B 633 33.57 0.21 1.69
CA GLY B 633 32.58 -0.12 0.68
C GLY B 633 33.20 -0.83 -0.51
N GLN B 634 32.34 -1.35 -1.37
CA GLN B 634 32.80 -2.16 -2.49
C GLN B 634 33.46 -1.29 -3.55
N VAL B 635 34.29 -1.95 -4.36
CA VAL B 635 35.05 -1.31 -5.42
C VAL B 635 34.66 -1.94 -6.75
N ALA B 636 34.39 -1.10 -7.74
CA ALA B 636 34.04 -1.57 -9.07
C ALA B 636 35.00 -0.95 -10.08
N TYR B 637 35.67 -1.79 -10.85
CA TYR B 637 36.64 -1.33 -11.83
C TYR B 637 36.01 -1.24 -13.21
N PHE B 638 36.47 -0.26 -13.99
CA PHE B 638 36.15 -0.20 -15.41
C PHE B 638 37.43 0.00 -16.20
N SER B 639 37.48 -0.62 -17.37
CA SER B 639 38.70 -0.60 -18.17
C SER B 639 38.35 -0.72 -19.65
N MET B 640 39.08 0.02 -20.47
CA MET B 640 38.93 -0.09 -21.92
C MET B 640 39.69 -1.28 -22.50
N ASP B 641 40.56 -1.91 -21.71
CA ASP B 641 41.27 -3.10 -22.16
C ASP B 641 40.64 -4.32 -21.52
N PRO B 642 40.03 -5.22 -22.29
CA PRO B 642 39.36 -6.38 -21.68
C PRO B 642 40.30 -7.36 -21.00
N ASN B 643 41.60 -7.26 -21.23
CA ASN B 643 42.56 -8.22 -20.68
C ASN B 643 43.33 -7.66 -19.50
N ASN B 644 42.79 -6.66 -18.81
CA ASN B 644 43.44 -6.13 -17.62
C ASN B 644 43.47 -7.19 -16.54
N GLU B 645 44.69 -7.53 -16.08
CA GLU B 645 44.83 -8.62 -15.12
C GLU B 645 44.20 -8.28 -13.77
N LEU B 646 44.30 -7.02 -13.34
CA LEU B 646 43.70 -6.63 -12.07
C LEU B 646 42.18 -6.76 -12.11
N LEU B 647 41.56 -6.29 -13.19
CA LEU B 647 40.12 -6.38 -13.32
C LEU B 647 39.65 -7.84 -13.40
N LEU B 648 40.36 -8.65 -14.19
CA LEU B 648 39.97 -10.06 -14.33
C LEU B 648 40.11 -10.79 -13.00
N ARG B 649 41.19 -10.54 -12.27
CA ARG B 649 41.35 -11.14 -10.96
C ARG B 649 40.28 -10.64 -9.99
N HIS B 650 39.86 -9.39 -10.12
CA HIS B 650 38.81 -8.85 -9.27
C HIS B 650 37.46 -9.51 -9.55
N THR B 651 37.16 -9.81 -10.81
CA THR B 651 35.87 -10.43 -11.13
C THR B 651 35.78 -11.88 -10.67
N GLU B 652 36.91 -12.58 -10.61
CA GLU B 652 36.88 -14.00 -10.24
C GLU B 652 36.36 -14.21 -8.83
N ALA B 653 36.61 -13.28 -7.91
CA ALA B 653 36.11 -13.35 -6.54
C ALA B 653 35.27 -12.10 -6.29
N GLY B 654 33.99 -12.19 -6.61
CA GLY B 654 33.09 -11.05 -6.51
C GLY B 654 32.61 -10.61 -7.88
N GLY B 655 32.97 -9.40 -8.29
CA GLY B 655 32.63 -8.95 -9.62
C GLY B 655 32.39 -7.46 -9.75
N LEU B 656 31.38 -7.10 -10.54
CA LEU B 656 31.00 -5.72 -10.81
C LEU B 656 32.16 -4.96 -11.47
N ALA B 657 32.43 -5.36 -12.71
CA ALA B 657 33.36 -4.65 -13.58
C ALA B 657 32.63 -4.26 -14.87
N ALA B 658 33.27 -3.39 -15.65
CA ALA B 658 32.71 -2.98 -16.94
C ALA B 658 33.83 -2.90 -17.95
N ILE B 659 33.66 -3.54 -19.11
CA ILE B 659 34.70 -3.60 -20.12
C ILE B 659 34.11 -3.30 -21.49
N TYR B 660 34.99 -3.18 -22.48
CA TYR B 660 34.66 -2.94 -23.88
C TYR B 660 35.35 -4.05 -24.65
N GLU B 661 34.63 -5.15 -24.89
CA GLU B 661 35.29 -6.40 -25.31
C GLU B 661 35.36 -6.57 -26.83
N ASN B 662 34.21 -6.70 -27.49
CA ASN B 662 34.16 -6.87 -28.95
C ASN B 662 33.10 -5.92 -29.48
N GLY B 663 33.47 -4.66 -29.67
CA GLY B 663 32.52 -3.66 -30.11
C GLY B 663 31.28 -3.62 -29.25
N TYR B 664 31.43 -3.93 -27.97
CA TYR B 664 30.31 -4.01 -27.05
C TYR B 664 30.68 -3.33 -25.73
N ILE B 665 29.67 -2.83 -25.04
CA ILE B 665 29.82 -2.32 -23.69
C ILE B 665 29.25 -3.37 -22.74
N SER B 666 30.11 -4.05 -22.00
CA SER B 666 29.72 -5.23 -21.24
C SER B 666 29.91 -5.01 -19.75
N ILE B 667 29.00 -5.57 -18.97
CA ILE B 667 29.09 -5.58 -17.52
C ILE B 667 29.42 -7.00 -17.08
N LEU B 668 30.44 -7.13 -16.25
CA LEU B 668 30.86 -8.42 -15.70
C LEU B 668 30.41 -8.49 -14.25
N LYS B 669 29.48 -9.39 -13.97
CA LYS B 669 28.96 -9.61 -12.61
C LYS B 669 29.55 -10.87 -11.99
N GLY B 670 30.83 -11.13 -12.26
CA GLY B 670 31.44 -12.38 -11.84
C GLY B 670 31.86 -13.20 -13.02
N ASP B 671 31.18 -14.32 -13.26
CA ASP B 671 31.41 -15.15 -14.43
C ASP B 671 30.36 -14.92 -15.51
N TRP B 672 29.50 -13.92 -15.35
CA TRP B 672 28.44 -13.62 -16.30
C TRP B 672 28.72 -12.30 -17.01
N THR B 673 28.40 -12.27 -18.29
CA THR B 673 28.62 -11.09 -19.13
C THR B 673 27.26 -10.56 -19.56
N LEU B 674 27.02 -9.28 -19.32
CA LEU B 674 25.77 -8.62 -19.69
C LEU B 674 26.09 -7.51 -20.69
N ARG B 675 25.71 -7.71 -21.95
CA ARG B 675 26.03 -6.75 -22.99
C ARG B 675 24.99 -5.66 -23.04
N ILE B 676 25.44 -4.41 -23.02
CA ILE B 676 24.51 -3.27 -23.01
C ILE B 676 24.22 -2.82 -24.43
N GLU B 677 25.25 -2.42 -25.18
CA GLU B 677 25.05 -1.85 -26.49
C GLU B 677 26.31 -2.06 -27.32
N LYS B 678 26.18 -1.86 -28.63
CA LYS B 678 27.22 -2.13 -29.61
C LYS B 678 28.21 -0.98 -29.78
N ALA B 679 28.04 0.11 -29.03
CA ALA B 679 29.00 1.21 -28.99
C ALA B 679 29.08 1.97 -30.32
N VAL B 680 28.35 1.50 -31.33
CA VAL B 680 28.21 2.25 -32.58
C VAL B 680 26.83 2.86 -32.70
N ASN B 681 25.87 2.42 -31.90
CA ASN B 681 24.54 3.03 -31.82
C ASN B 681 24.48 4.12 -30.77
N VAL B 682 25.57 4.39 -30.07
CA VAL B 682 25.65 5.46 -29.09
C VAL B 682 26.16 6.71 -29.78
N PRO B 683 25.34 7.76 -29.91
CA PRO B 683 25.77 8.95 -30.68
C PRO B 683 27.03 9.60 -30.15
N ILE B 684 27.26 9.61 -28.83
CA ILE B 684 28.41 10.32 -28.28
C ILE B 684 29.73 9.68 -28.69
N THR B 685 29.75 8.40 -29.02
CA THR B 685 30.98 7.75 -29.44
C THR B 685 31.33 8.04 -30.90
N MET B 686 30.40 8.62 -31.66
CA MET B 686 30.59 8.89 -33.08
C MET B 686 30.98 7.60 -33.82
N ALA B 687 30.07 6.64 -33.78
CA ALA B 687 30.27 5.32 -34.38
C ALA B 687 31.53 4.65 -33.83
N GLY B 688 31.79 4.85 -32.54
CA GLY B 688 32.92 4.21 -31.89
C GLY B 688 34.28 4.71 -32.31
N LYS B 689 34.37 5.95 -32.83
CA LYS B 689 35.64 6.49 -33.26
C LYS B 689 36.41 7.18 -32.14
N ALA B 690 35.71 7.86 -31.23
CA ALA B 690 36.37 8.56 -30.15
C ALA B 690 36.56 7.61 -28.96
N PRO B 691 37.78 7.28 -28.58
CA PRO B 691 37.97 6.38 -27.43
C PRO B 691 37.77 7.06 -26.08
N PHE B 692 37.81 8.39 -26.03
CA PHE B 692 37.59 9.08 -24.77
C PHE B 692 36.16 8.97 -24.31
N MET B 693 35.21 8.94 -25.25
CA MET B 693 33.80 8.87 -24.92
C MET B 693 33.37 7.51 -24.39
N ILE B 694 33.96 6.43 -24.91
CA ILE B 694 33.61 5.10 -24.42
C ILE B 694 34.05 4.91 -22.98
N ALA B 695 35.19 5.48 -22.59
CA ALA B 695 35.61 5.40 -21.20
C ALA B 695 34.61 6.09 -20.27
N ASN B 696 34.09 7.24 -20.68
CA ASN B 696 33.05 7.91 -19.89
C ASN B 696 31.75 7.12 -19.85
N ALA B 697 31.35 6.53 -20.98
CA ALA B 697 30.14 5.71 -21.01
C ALA B 697 30.24 4.49 -20.11
N LEU B 698 31.40 3.84 -20.07
CA LEU B 698 31.57 2.69 -19.19
C LEU B 698 31.36 3.08 -17.73
N ALA B 699 31.96 4.18 -17.29
CA ALA B 699 31.79 4.63 -15.92
C ALA B 699 30.35 5.00 -15.64
N ALA B 700 29.70 5.71 -16.57
CA ALA B 700 28.32 6.10 -16.36
C ALA B 700 27.39 4.89 -16.24
N CYS B 701 27.58 3.87 -17.09
CA CYS B 701 26.75 2.69 -17.00
C CYS B 701 27.03 1.89 -15.74
N LEU B 702 28.30 1.71 -15.39
CA LEU B 702 28.64 0.93 -14.20
C LEU B 702 28.14 1.60 -12.93
N ALA B 703 28.14 2.94 -12.89
CA ALA B 703 27.67 3.62 -11.68
C ALA B 703 26.21 3.34 -11.40
N VAL B 704 25.36 3.37 -12.43
CA VAL B 704 23.94 3.11 -12.22
C VAL B 704 23.61 1.64 -12.13
N PHE B 705 24.45 0.75 -12.69
CA PHE B 705 24.17 -0.67 -12.55
C PHE B 705 24.29 -1.13 -11.10
N THR B 706 25.25 -0.58 -10.36
CA THR B 706 25.41 -0.96 -8.96
C THR B 706 24.26 -0.48 -8.09
N GLN B 707 23.44 0.45 -8.58
CA GLN B 707 22.33 0.99 -7.81
C GLN B 707 21.02 0.27 -8.09
N GLY B 708 21.03 -0.77 -8.90
CA GLY B 708 19.83 -1.54 -9.18
C GLY B 708 19.01 -1.08 -10.35
N VAL B 709 19.52 -0.17 -11.18
CA VAL B 709 18.78 0.28 -12.35
C VAL B 709 18.71 -0.84 -13.37
N LYS B 710 17.53 -1.02 -13.97
CA LYS B 710 17.31 -2.09 -14.93
C LYS B 710 18.15 -1.86 -16.19
N ILE B 711 18.45 -2.96 -16.89
CA ILE B 711 19.27 -2.89 -18.08
C ILE B 711 18.57 -2.12 -19.19
N GLU B 712 17.26 -2.31 -19.36
CA GLU B 712 16.56 -1.63 -20.45
C GLU B 712 16.56 -0.12 -20.27
N HIS B 713 16.45 0.36 -19.02
CA HIS B 713 16.58 1.79 -18.78
C HIS B 713 17.96 2.32 -19.14
N ILE B 714 19.01 1.59 -18.78
CA ILE B 714 20.37 2.00 -19.14
C ILE B 714 20.52 2.07 -20.64
N ARG B 715 20.03 1.06 -21.36
CA ARG B 715 20.12 1.03 -22.81
C ARG B 715 19.35 2.17 -23.45
N LYS B 716 18.13 2.42 -23.00
CA LYS B 716 17.33 3.50 -23.56
C LYS B 716 17.99 4.85 -23.30
N GLY B 717 18.50 5.07 -22.09
CA GLY B 717 19.18 6.31 -21.80
C GLY B 717 20.45 6.51 -22.59
N LEU B 718 21.23 5.45 -22.79
CA LEU B 718 22.47 5.56 -23.54
C LEU B 718 22.22 5.75 -25.03
N SER B 719 21.14 5.19 -25.57
CA SER B 719 20.88 5.27 -27.01
C SER B 719 20.36 6.62 -27.45
N THR B 720 19.84 7.44 -26.54
CA THR B 720 19.20 8.70 -26.92
C THR B 720 19.92 9.93 -26.39
N PHE B 721 21.08 9.78 -25.76
CA PHE B 721 21.80 10.93 -25.22
C PHE B 721 22.52 11.67 -26.34
N VAL B 722 22.33 12.98 -26.39
CA VAL B 722 22.95 13.83 -27.39
C VAL B 722 23.79 14.89 -26.68
N ALA B 723 24.97 15.18 -27.24
CA ALA B 723 25.87 16.16 -26.65
C ALA B 723 25.36 17.58 -26.87
N MET C 1 38.59 -54.63 17.01
CA MET C 1 37.77 -53.48 16.66
C MET C 1 36.28 -53.83 16.75
N LYS C 2 35.47 -52.88 17.20
CA LYS C 2 34.03 -53.10 17.32
C LYS C 2 33.33 -51.76 17.24
N ILE C 3 32.31 -51.68 16.39
CA ILE C 3 31.55 -50.44 16.21
C ILE C 3 30.48 -50.38 17.29
N LEU C 4 30.56 -49.35 18.15
CA LEU C 4 29.59 -49.20 19.22
C LEU C 4 28.46 -48.25 18.86
N LYS C 5 28.79 -47.04 18.42
CA LYS C 5 27.76 -46.08 18.05
C LYS C 5 28.24 -45.27 16.85
N LEU C 6 27.30 -44.94 15.96
CA LEU C 6 27.57 -44.20 14.74
C LEU C 6 26.46 -43.18 14.55
N GLN C 7 26.73 -41.92 14.87
CA GLN C 7 25.74 -40.86 14.78
C GLN C 7 26.08 -39.93 13.62
N THR C 8 25.06 -39.28 13.07
CA THR C 8 25.22 -38.35 11.98
C THR C 8 24.70 -36.97 12.38
N LEU C 9 25.49 -35.94 12.11
CA LEU C 9 25.16 -34.56 12.44
C LEU C 9 24.98 -33.76 11.16
N ARG C 10 23.90 -32.98 11.10
CA ARG C 10 23.52 -32.26 9.91
C ARG C 10 23.52 -30.75 10.06
N GLY C 11 23.67 -30.22 11.27
CA GLY C 11 23.74 -28.80 11.48
C GLY C 11 24.95 -28.40 12.31
N PRO C 12 24.98 -27.15 12.77
CA PRO C 12 26.03 -26.75 13.70
C PRO C 12 26.03 -27.64 14.92
N ASN C 13 27.23 -28.01 15.38
CA ASN C 13 27.37 -29.06 16.36
C ASN C 13 28.56 -28.76 17.27
N TYR C 14 28.78 -29.66 18.22
CA TYR C 14 29.86 -29.48 19.20
C TYR C 14 31.22 -29.48 18.54
N TRP C 15 31.38 -30.24 17.47
CA TRP C 15 32.71 -30.42 16.88
C TRP C 15 33.14 -29.22 16.06
N SER C 16 32.21 -28.58 15.34
CA SER C 16 32.60 -27.47 14.49
C SER C 16 31.38 -26.64 14.13
N ILE C 17 31.64 -25.47 13.56
CA ILE C 17 30.63 -24.61 12.96
C ILE C 17 31.13 -24.24 11.57
N HIS C 18 30.21 -24.16 10.61
CA HIS C 18 30.41 -24.08 9.17
C HIS C 18 30.70 -25.46 8.59
N ARG C 19 30.80 -26.50 9.43
CA ARG C 19 30.92 -27.88 8.98
C ARG C 19 29.70 -28.62 9.54
N HIS C 20 28.61 -28.58 8.79
CA HIS C 20 27.35 -29.14 9.28
C HIS C 20 27.27 -30.64 9.09
N LYS C 21 27.72 -31.15 7.94
CA LYS C 21 27.60 -32.56 7.62
C LYS C 21 28.80 -33.31 8.18
N LEU C 22 28.58 -34.05 9.27
CA LEU C 22 29.63 -34.84 9.89
C LEU C 22 29.07 -36.16 10.36
N VAL C 23 29.96 -37.13 10.57
CA VAL C 23 29.60 -38.41 11.17
C VAL C 23 30.57 -38.70 12.30
N VAL C 24 30.04 -39.11 13.45
CA VAL C 24 30.83 -39.41 14.62
C VAL C 24 30.70 -40.89 14.93
N MET C 25 31.83 -41.54 15.21
CA MET C 25 31.86 -42.97 15.48
C MET C 25 32.62 -43.23 16.76
N ARG C 26 32.08 -44.10 17.60
CA ARG C 26 32.71 -44.49 18.85
C ARG C 26 33.33 -45.86 18.62
N LEU C 27 34.65 -45.89 18.49
CA LEU C 27 35.38 -47.08 18.03
C LEU C 27 36.02 -47.79 19.21
N ASP C 28 35.75 -49.08 19.33
CA ASP C 28 36.28 -49.90 20.41
C ASP C 28 37.61 -50.51 19.98
N LEU C 29 38.71 -50.00 20.53
CA LEU C 29 40.05 -50.54 20.28
C LEU C 29 40.30 -51.62 21.33
N GLU C 30 39.67 -52.77 21.12
CA GLU C 30 39.70 -53.83 22.13
C GLU C 30 41.11 -54.37 22.34
N ASP C 31 41.88 -54.54 21.27
CA ASP C 31 43.19 -55.17 21.35
C ASP C 31 44.33 -54.31 20.83
N LEU C 32 44.04 -53.27 20.05
CA LEU C 32 45.06 -52.41 19.47
C LEU C 32 45.10 -51.04 20.13
N TYR C 33 44.88 -50.99 21.45
CA TYR C 33 44.69 -49.70 22.13
C TYR C 33 45.97 -48.87 22.12
N GLU C 34 47.13 -49.51 22.31
CA GLU C 34 48.40 -48.81 22.46
C GLU C 34 49.48 -49.46 21.62
N LYS C 35 49.17 -49.71 20.35
CA LYS C 35 50.16 -50.21 19.39
C LYS C 35 50.26 -49.22 18.25
N TYR C 36 51.45 -48.65 18.08
CA TYR C 36 51.70 -47.68 17.03
C TYR C 36 51.87 -48.38 15.68
N THR C 37 51.81 -47.58 14.61
CA THR C 37 51.98 -48.13 13.28
C THR C 37 53.37 -48.71 13.08
N SER C 38 54.39 -48.03 13.63
CA SER C 38 55.75 -48.53 13.52
C SER C 38 55.94 -49.86 14.25
N ASP C 39 55.05 -50.19 15.18
CA ASP C 39 55.09 -51.45 15.90
C ASP C 39 54.46 -52.60 15.12
N ILE C 40 53.55 -52.32 14.21
CA ILE C 40 52.83 -53.35 13.46
C ILE C 40 53.71 -53.78 12.30
N PRO C 41 54.08 -55.06 12.19
CA PRO C 41 54.98 -55.49 11.11
C PRO C 41 54.26 -55.48 9.76
N GLY C 42 54.90 -54.87 8.78
CA GLY C 42 54.35 -54.84 7.43
C GLY C 42 53.20 -53.89 7.23
N PHE C 43 52.91 -53.04 8.21
CA PHE C 43 51.78 -52.12 8.08
C PHE C 43 52.05 -51.03 7.05
N TYR C 44 53.22 -50.41 7.10
CA TYR C 44 53.47 -49.24 6.27
C TYR C 44 53.43 -49.60 4.78
N LYS C 45 54.08 -50.70 4.41
CA LYS C 45 54.14 -51.06 3.00
C LYS C 45 52.77 -51.45 2.45
N GLY C 46 52.03 -52.28 3.20
CA GLY C 46 50.69 -52.65 2.74
C GLY C 46 49.77 -51.46 2.66
N LEU C 47 49.83 -50.56 3.65
CA LEU C 47 48.99 -49.37 3.63
C LEU C 47 49.34 -48.47 2.45
N THR C 48 50.63 -48.30 2.15
CA THR C 48 51.02 -47.42 1.06
C THR C 48 50.83 -48.05 -0.31
N GLU C 49 50.67 -49.37 -0.39
CA GLU C 49 50.40 -49.96 -1.70
C GLU C 49 48.91 -50.15 -1.95
N VAL C 50 48.10 -50.43 -0.93
CA VAL C 50 46.67 -50.56 -1.15
C VAL C 50 46.04 -49.19 -1.43
N LEU C 51 46.48 -48.16 -0.71
CA LEU C 51 46.04 -46.78 -0.94
C LEU C 51 47.25 -45.89 -1.16
N PRO C 52 47.78 -45.83 -2.37
CA PRO C 52 48.84 -44.85 -2.67
C PRO C 52 48.39 -43.41 -2.51
N SER C 53 47.12 -43.12 -2.73
CA SER C 53 46.61 -41.75 -2.69
C SER C 53 46.75 -41.11 -1.31
N LEU C 54 47.00 -41.91 -0.26
CA LEU C 54 47.27 -41.36 1.05
C LEU C 54 48.50 -40.46 1.05
N VAL C 55 49.36 -40.58 0.03
CA VAL C 55 50.50 -39.68 -0.09
C VAL C 55 50.06 -38.24 -0.26
N GLU C 56 48.82 -38.01 -0.67
CA GLU C 56 48.31 -36.66 -0.87
C GLU C 56 47.88 -35.98 0.41
N HIS C 57 47.76 -36.73 1.51
CA HIS C 57 47.24 -36.18 2.76
C HIS C 57 48.26 -35.23 3.37
N LEU C 58 47.94 -33.93 3.35
CA LEU C 58 48.77 -32.91 3.99
C LEU C 58 48.36 -32.85 5.46
N CYS C 59 49.00 -33.68 6.28
CA CYS C 59 48.64 -33.80 7.68
C CYS C 59 49.23 -32.67 8.52
N SER C 60 49.20 -32.83 9.84
CA SER C 60 49.70 -31.85 10.79
C SER C 60 51.12 -31.34 10.49
N PRO C 61 52.00 -32.15 9.90
CA PRO C 61 53.26 -31.55 9.40
C PRO C 61 53.05 -30.44 8.40
N GLY C 62 51.99 -30.50 7.59
CA GLY C 62 51.72 -29.47 6.62
C GLY C 62 52.51 -29.56 5.34
N VAL C 63 53.17 -30.69 5.09
CA VAL C 63 53.99 -30.88 3.91
C VAL C 63 53.50 -32.14 3.20
N LYS C 64 53.69 -32.19 1.88
CA LYS C 64 53.27 -33.33 1.08
C LYS C 64 53.87 -34.62 1.62
N GLY C 65 53.02 -35.63 1.80
CA GLY C 65 53.45 -36.87 2.40
C GLY C 65 53.64 -36.84 3.90
N GLY C 66 53.19 -35.77 4.57
CA GLY C 66 53.40 -35.67 6.00
C GLY C 66 52.70 -36.77 6.78
N PHE C 67 51.53 -37.20 6.31
CA PHE C 67 50.83 -38.29 6.97
C PHE C 67 51.64 -39.58 6.90
N LEU C 68 52.32 -39.83 5.79
CA LEU C 68 53.16 -41.02 5.69
C LEU C 68 54.32 -40.96 6.69
N THR C 69 54.93 -39.79 6.85
CA THR C 69 55.98 -39.64 7.85
C THR C 69 55.43 -39.86 9.25
N ARG C 70 54.23 -39.36 9.53
CA ARG C 70 53.61 -39.57 10.83
C ARG C 70 53.37 -41.05 11.08
N VAL C 71 52.94 -41.79 10.05
CA VAL C 71 52.78 -43.23 10.17
C VAL C 71 54.12 -43.90 10.44
N GLU C 72 55.18 -43.43 9.76
CA GLU C 72 56.50 -44.00 9.96
C GLU C 72 56.97 -43.82 11.40
N LYS C 73 56.71 -42.65 11.97
CA LYS C 73 57.11 -42.39 13.35
C LYS C 73 56.31 -43.18 14.36
N GLY C 74 55.23 -43.83 13.95
CA GLY C 74 54.37 -44.55 14.87
C GLY C 74 53.18 -43.73 15.31
N THR C 75 51.98 -44.16 14.94
CA THR C 75 50.77 -43.39 15.16
C THR C 75 49.67 -44.33 15.62
N LEU C 76 48.77 -43.81 16.47
CA LEU C 76 47.62 -44.58 16.89
C LEU C 76 46.72 -44.87 15.68
N ILE C 77 46.03 -46.01 15.74
CA ILE C 77 45.30 -46.48 14.57
C ILE C 77 44.09 -45.62 14.27
N GLY C 78 43.57 -44.86 15.22
CA GLY C 78 42.43 -43.99 14.92
C GLY C 78 42.75 -42.98 13.85
N HIS C 79 43.96 -42.41 13.89
CA HIS C 79 44.37 -41.43 12.91
C HIS C 79 44.40 -42.02 11.51
N VAL C 80 44.99 -43.22 11.37
CA VAL C 80 45.05 -43.82 10.04
C VAL C 80 43.66 -44.27 9.60
N ILE C 81 42.80 -44.67 10.53
CA ILE C 81 41.42 -45.04 10.15
C ILE C 81 40.69 -43.83 9.59
N GLU C 82 40.78 -42.68 10.26
CA GLU C 82 40.09 -41.51 9.74
C GLU C 82 40.68 -41.08 8.40
N HIS C 83 42.01 -41.16 8.26
CA HIS C 83 42.63 -40.77 7.00
C HIS C 83 42.21 -41.70 5.86
N VAL C 84 42.15 -43.00 6.11
CA VAL C 84 41.78 -43.93 5.06
C VAL C 84 40.30 -43.79 4.74
N ALA C 85 39.46 -43.44 5.73
CA ALA C 85 38.06 -43.16 5.42
C ALA C 85 37.93 -41.94 4.52
N ILE C 86 38.67 -40.88 4.84
CA ILE C 86 38.66 -39.69 3.98
C ILE C 86 39.08 -40.05 2.56
N GLU C 87 40.17 -40.80 2.43
CA GLU C 87 40.65 -41.13 1.08
C GLU C 87 39.70 -42.07 0.35
N LEU C 88 39.10 -43.03 1.07
CA LEU C 88 38.17 -43.97 0.46
C LEU C 88 36.94 -43.24 -0.08
N GLN C 89 36.42 -42.27 0.67
CA GLN C 89 35.30 -41.50 0.17
C GLN C 89 35.74 -40.42 -0.81
N GLU C 90 37.04 -40.10 -0.85
CA GLU C 90 37.55 -39.14 -1.81
C GLU C 90 37.69 -39.75 -3.21
N LEU C 91 38.11 -41.02 -3.28
CA LEU C 91 38.35 -41.64 -4.58
C LEU C 91 37.07 -41.76 -5.40
N ALA C 92 35.92 -41.79 -4.73
CA ALA C 92 34.64 -41.87 -5.42
C ALA C 92 34.18 -40.53 -5.99
N GLY C 93 35.06 -39.53 -6.02
CA GLY C 93 34.71 -38.22 -6.54
C GLY C 93 34.01 -37.30 -5.56
N MET C 94 34.12 -37.56 -4.26
CA MET C 94 33.41 -36.79 -3.24
C MET C 94 34.43 -36.03 -2.39
N PRO C 95 34.64 -34.73 -2.62
CA PRO C 95 35.69 -34.00 -1.89
C PRO C 95 35.28 -33.74 -0.45
N VAL C 96 36.09 -34.22 0.49
CA VAL C 96 35.89 -33.98 1.91
C VAL C 96 37.26 -33.73 2.54
N GLY C 97 37.33 -32.80 3.49
CA GLY C 97 38.61 -32.43 4.06
C GLY C 97 38.64 -32.14 5.55
N PHE C 98 37.80 -32.81 6.32
CA PHE C 98 37.76 -32.62 7.76
C PHE C 98 37.79 -33.97 8.46
N GLY C 99 38.54 -34.04 9.57
CA GLY C 99 38.61 -35.26 10.36
C GLY C 99 39.27 -35.03 11.70
N ARG C 100 38.74 -35.67 12.74
CA ARG C 100 39.26 -35.51 14.09
C ARG C 100 39.22 -36.83 14.84
N THR C 101 40.06 -36.95 15.86
CA THR C 101 40.12 -38.14 16.69
C THR C 101 40.48 -37.74 18.11
N ARG C 102 39.73 -38.23 19.08
CA ARG C 102 39.97 -37.89 20.48
C ARG C 102 39.75 -39.10 21.38
N GLU C 103 40.35 -39.02 22.57
CA GLU C 103 40.15 -40.05 23.59
C GLU C 103 39.03 -39.65 24.53
N THR C 104 38.12 -40.59 24.79
CA THR C 104 37.04 -40.36 25.72
C THR C 104 37.46 -40.74 27.14
N SER C 105 36.50 -40.65 28.07
CA SER C 105 36.77 -41.06 29.44
C SER C 105 37.07 -42.54 29.52
N THR C 106 36.33 -43.36 28.78
CA THR C 106 36.57 -44.80 28.75
C THR C 106 37.94 -45.09 28.14
N THR C 107 38.66 -46.01 28.77
CA THR C 107 40.05 -46.24 28.41
C THR C 107 40.19 -46.93 27.06
N GLY C 108 39.19 -47.71 26.66
CA GLY C 108 39.36 -48.58 25.51
C GLY C 108 38.77 -48.12 24.19
N VAL C 109 38.05 -47.00 24.18
CA VAL C 109 37.33 -46.56 22.99
C VAL C 109 37.74 -45.13 22.64
N PHE C 110 37.76 -44.85 21.33
CA PHE C 110 38.07 -43.54 20.78
C PHE C 110 36.82 -42.94 20.16
N GLN C 111 36.87 -41.63 19.89
CA GLN C 111 35.83 -40.94 19.13
C GLN C 111 36.46 -40.38 17.87
N VAL C 112 35.89 -40.73 16.71
CA VAL C 112 36.43 -40.32 15.42
C VAL C 112 35.34 -39.58 14.65
N VAL C 113 35.68 -38.40 14.13
CA VAL C 113 34.75 -37.55 13.40
C VAL C 113 35.22 -37.43 11.96
N ILE C 114 34.32 -37.71 11.02
CA ILE C 114 34.63 -37.77 9.60
C ILE C 114 33.66 -36.86 8.86
N GLU C 115 34.19 -36.05 7.95
CA GLU C 115 33.36 -35.22 7.09
C GLU C 115 32.78 -36.05 5.96
N TYR C 116 31.53 -35.75 5.59
CA TYR C 116 30.87 -36.45 4.50
C TYR C 116 30.13 -35.46 3.62
N GLU C 117 29.90 -35.87 2.37
CA GLU C 117 29.03 -35.14 1.45
C GLU C 117 27.66 -35.80 1.28
N ASN C 118 27.60 -37.12 1.31
CA ASN C 118 26.35 -37.86 1.29
C ASN C 118 26.28 -38.71 2.55
N GLU C 119 25.11 -38.74 3.17
CA GLU C 119 24.98 -39.42 4.47
C GLU C 119 25.25 -40.92 4.35
N GLN C 120 24.57 -41.58 3.42
CA GLN C 120 24.78 -43.02 3.24
C GLN C 120 26.21 -43.32 2.81
N ALA C 121 26.75 -42.54 1.88
CA ALA C 121 28.12 -42.76 1.44
C ALA C 121 29.11 -42.57 2.57
N GLY C 122 28.92 -41.54 3.39
CA GLY C 122 29.81 -41.32 4.52
C GLY C 122 29.74 -42.43 5.53
N ARG C 123 28.53 -42.89 5.85
CA ARG C 123 28.39 -44.00 6.81
C ARG C 123 29.02 -45.27 6.26
N TYR C 124 28.82 -45.56 4.97
CA TYR C 124 29.43 -46.74 4.37
C TYR C 124 30.94 -46.66 4.40
N ALA C 125 31.50 -45.49 4.08
CA ALA C 125 32.96 -45.33 4.11
C ALA C 125 33.50 -45.50 5.52
N ALA C 126 32.80 -44.95 6.52
CA ALA C 126 33.23 -45.11 7.91
C ALA C 126 33.20 -46.58 8.32
N ARG C 127 32.16 -47.31 7.92
CA ARG C 127 32.09 -48.72 8.25
C ARG C 127 33.17 -49.52 7.53
N ALA C 128 33.50 -49.15 6.30
CA ALA C 128 34.47 -49.90 5.51
C ALA C 128 35.91 -49.63 5.96
N ALA C 129 36.18 -48.44 6.49
CA ALA C 129 37.55 -48.12 6.89
C ALA C 129 38.05 -49.05 7.99
N VAL C 130 37.21 -49.30 9.00
CA VAL C 130 37.64 -50.18 10.09
C VAL C 130 37.79 -51.62 9.61
N ARG C 131 36.92 -52.07 8.69
CA ARG C 131 37.08 -53.40 8.14
C ARG C 131 38.39 -53.54 7.37
N LEU C 132 38.73 -52.52 6.57
CA LEU C 132 39.99 -52.54 5.84
C LEU C 132 41.17 -52.57 6.80
N CYS C 133 41.11 -51.76 7.86
CA CYS C 133 42.20 -51.74 8.83
C CYS C 133 42.34 -53.08 9.54
N GLN C 134 41.21 -53.71 9.90
CA GLN C 134 41.29 -55.02 10.53
C GLN C 134 41.88 -56.05 9.58
N SER C 135 41.49 -56.01 8.30
CA SER C 135 42.05 -56.94 7.34
C SER C 135 43.55 -56.74 7.17
N ILE C 136 44.00 -55.48 7.15
CA ILE C 136 45.42 -55.22 6.91
C ILE C 136 46.24 -55.50 8.16
N VAL C 137 45.63 -55.44 9.35
CA VAL C 137 46.39 -55.82 10.55
C VAL C 137 46.41 -57.33 10.69
N ASP C 138 45.43 -58.04 10.12
CA ASP C 138 45.40 -59.48 10.24
C ASP C 138 46.25 -60.19 9.18
N THR C 139 46.20 -59.72 7.93
CA THR C 139 46.87 -60.38 6.83
C THR C 139 48.00 -59.59 6.21
N GLY C 140 48.11 -58.29 6.50
CA GLY C 140 49.15 -57.47 5.94
C GLY C 140 48.81 -56.79 4.63
N THR C 141 47.66 -57.13 4.04
CA THR C 141 47.24 -56.50 2.79
C THR C 141 45.73 -56.70 2.63
N TYR C 142 45.15 -55.92 1.73
CA TYR C 142 43.74 -55.99 1.42
C TYR C 142 43.53 -56.42 -0.02
N PRO C 143 42.62 -57.35 -0.30
CA PRO C 143 42.38 -57.76 -1.69
C PRO C 143 41.93 -56.59 -2.55
N ALA C 144 42.44 -56.55 -3.78
CA ALA C 144 42.07 -55.47 -4.69
C ALA C 144 40.62 -55.58 -5.14
N THR C 145 40.09 -56.80 -5.24
CA THR C 145 38.70 -56.97 -5.66
C THR C 145 37.74 -56.37 -4.63
N GLU C 146 38.05 -56.51 -3.34
CA GLU C 146 37.20 -55.91 -2.32
C GLU C 146 37.28 -54.39 -2.38
N LEU C 147 38.46 -53.84 -2.67
CA LEU C 147 38.59 -52.40 -2.84
C LEU C 147 37.76 -51.91 -4.01
N GLN C 148 37.81 -52.61 -5.14
CA GLN C 148 37.00 -52.21 -6.28
C GLN C 148 35.51 -52.31 -5.96
N GLN C 149 35.11 -53.36 -5.25
CA GLN C 149 33.72 -53.48 -4.84
C GLN C 149 33.29 -52.32 -3.96
N ASP C 150 34.14 -51.94 -3.00
CA ASP C 150 33.80 -50.84 -2.11
C ASP C 150 33.69 -49.52 -2.88
N LEU C 151 34.64 -49.25 -3.78
CA LEU C 151 34.57 -48.02 -4.56
C LEU C 151 33.35 -47.97 -5.47
N GLU C 152 33.01 -49.08 -6.11
CA GLU C 152 31.83 -49.06 -6.97
C GLU C 152 30.55 -48.92 -6.15
N ASP C 153 30.52 -49.50 -4.95
CA ASP C 153 29.38 -49.31 -4.08
C ASP C 153 29.25 -47.86 -3.64
N LEU C 154 30.38 -47.22 -3.31
CA LEU C 154 30.35 -45.81 -2.93
C LEU C 154 29.87 -44.95 -4.09
N LYS C 155 30.32 -45.25 -5.31
CA LYS C 155 29.85 -44.51 -6.48
C LYS C 155 28.35 -44.70 -6.69
N GLU C 156 27.85 -45.92 -6.47
CA GLU C 156 26.42 -46.17 -6.60
C GLU C 156 25.63 -45.37 -5.57
N LEU C 157 26.10 -45.33 -4.32
CA LEU C 157 25.40 -44.53 -3.32
C LEU C 157 25.45 -43.04 -3.66
N LYS C 158 26.59 -42.57 -4.18
CA LYS C 158 26.67 -41.16 -4.58
C LYS C 158 25.68 -40.84 -5.68
N ASN C 159 25.57 -41.73 -6.68
CA ASN C 159 24.66 -41.47 -7.79
C ASN C 159 23.20 -41.65 -7.39
N GLN C 160 22.92 -42.47 -6.38
CA GLN C 160 21.54 -42.72 -5.99
C GLN C 160 20.91 -41.47 -5.38
N ALA C 161 21.59 -40.85 -4.42
CA ALA C 161 21.08 -39.63 -3.77
C ALA C 161 21.74 -38.43 -4.41
N SER C 162 21.28 -38.09 -5.61
CA SER C 162 21.78 -36.94 -6.34
C SER C 162 20.61 -36.23 -6.99
N LEU C 163 20.64 -34.90 -6.95
CA LEU C 163 19.59 -34.09 -7.56
C LEU C 163 19.82 -33.98 -9.07
N GLY C 164 18.75 -33.63 -9.77
CA GLY C 164 18.81 -33.47 -11.20
C GLY C 164 19.65 -32.27 -11.60
N PRO C 165 20.06 -32.22 -12.87
CA PRO C 165 20.95 -31.14 -13.32
C PRO C 165 20.32 -29.76 -13.24
N SER C 166 18.99 -29.66 -13.22
CA SER C 166 18.32 -28.36 -13.15
C SER C 166 18.11 -27.91 -11.71
N THR C 167 17.57 -28.78 -10.87
CA THR C 167 17.35 -28.44 -9.48
C THR C 167 18.65 -28.19 -8.72
N GLU C 168 19.74 -28.88 -9.03
CA GLU C 168 21.02 -28.56 -8.41
C GLU C 168 21.52 -27.19 -8.82
N ALA C 169 21.33 -26.80 -10.08
CA ALA C 169 21.72 -25.45 -10.50
C ALA C 169 20.90 -24.40 -9.79
N ILE C 170 19.61 -24.65 -9.58
CA ILE C 170 18.79 -23.70 -8.83
C ILE C 170 19.23 -23.64 -7.36
N VAL C 171 19.56 -24.78 -6.77
CA VAL C 171 19.99 -24.83 -5.38
C VAL C 171 21.30 -24.09 -5.19
N LYS C 172 22.20 -24.16 -6.17
CA LYS C 172 23.45 -23.42 -6.07
C LYS C 172 23.23 -21.91 -5.99
N GLU C 173 22.31 -21.37 -6.79
CA GLU C 173 21.98 -19.96 -6.67
C GLU C 173 21.29 -19.63 -5.36
N ALA C 174 20.39 -20.51 -4.91
CA ALA C 174 19.72 -20.27 -3.62
C ALA C 174 20.73 -20.21 -2.48
N GLU C 175 21.72 -21.10 -2.49
CA GLU C 175 22.76 -21.06 -1.47
C GLU C 175 23.58 -19.79 -1.55
N ALA C 176 23.92 -19.35 -2.77
CA ALA C 176 24.71 -18.14 -2.92
C ALA C 176 23.97 -16.91 -2.42
N ARG C 177 22.66 -16.86 -2.59
CA ARG C 177 21.87 -15.72 -2.10
C ARG C 177 21.53 -15.83 -0.62
N GLY C 178 21.94 -16.90 0.06
CA GLY C 178 21.66 -17.03 1.48
C GLY C 178 20.23 -17.40 1.80
N ILE C 179 19.58 -18.17 0.95
CA ILE C 179 18.20 -18.61 1.16
C ILE C 179 18.24 -20.05 1.66
N PRO C 180 17.70 -20.35 2.83
CA PRO C 180 17.71 -21.74 3.32
C PRO C 180 16.87 -22.64 2.43
N TRP C 181 17.31 -23.90 2.31
CA TRP C 181 16.62 -24.86 1.46
C TRP C 181 16.66 -26.23 2.12
N THR C 182 15.52 -26.91 2.08
CA THR C 182 15.39 -28.28 2.57
C THR C 182 14.78 -29.16 1.49
N GLN C 183 14.92 -30.46 1.67
CA GLN C 183 14.42 -31.45 0.71
C GLN C 183 13.24 -32.18 1.33
N LEU C 184 12.06 -31.99 0.76
CA LEU C 184 10.88 -32.71 1.21
C LEU C 184 10.97 -34.16 0.76
N GLY C 185 10.26 -35.03 1.49
CA GLY C 185 10.30 -36.44 1.22
C GLY C 185 9.20 -36.99 0.33
N ALA C 186 8.40 -36.13 -0.29
CA ALA C 186 7.24 -36.60 -1.05
C ALA C 186 7.61 -37.02 -2.47
N ARG C 187 7.98 -36.04 -3.30
CA ARG C 187 8.16 -36.28 -4.74
C ARG C 187 9.39 -35.53 -5.25
N PHE C 188 10.49 -35.60 -4.52
CA PHE C 188 11.73 -34.90 -4.88
C PHE C 188 11.53 -33.39 -4.92
N MET C 189 10.64 -32.87 -4.08
CA MET C 189 10.39 -31.44 -4.02
C MET C 189 11.37 -30.76 -3.06
N ILE C 190 11.72 -29.53 -3.39
CA ILE C 190 12.64 -28.72 -2.61
C ILE C 190 11.90 -27.50 -2.11
N GLN C 191 12.09 -27.17 -0.83
CA GLN C 191 11.42 -26.04 -0.20
C GLN C 191 12.45 -24.99 0.18
N PHE C 192 12.23 -23.76 -0.29
CA PHE C 192 13.07 -22.62 0.03
C PHE C 192 12.34 -21.74 1.04
N GLY C 193 13.04 -21.34 2.10
CA GLY C 193 12.49 -20.42 3.06
C GLY C 193 11.87 -21.11 4.25
N TYR C 194 11.30 -20.29 5.13
CA TYR C 194 10.70 -20.75 6.38
C TYR C 194 9.31 -20.17 6.53
N GLY C 195 8.46 -20.90 7.24
CA GLY C 195 7.16 -20.39 7.65
C GLY C 195 6.27 -19.92 6.52
N VAL C 196 5.77 -18.68 6.63
CA VAL C 196 4.86 -18.13 5.63
C VAL C 196 5.58 -17.59 4.41
N ASN C 197 6.91 -17.68 4.36
CA ASN C 197 7.69 -17.14 3.25
C ASN C 197 8.29 -18.23 2.38
N GLN C 198 7.73 -19.44 2.41
CA GLN C 198 8.32 -20.57 1.74
C GLN C 198 7.80 -20.72 0.32
N LYS C 199 8.63 -21.33 -0.53
CA LYS C 199 8.27 -21.69 -1.90
C LYS C 199 8.72 -23.12 -2.15
N LYS C 200 8.11 -23.77 -3.13
CA LYS C 200 8.44 -25.14 -3.46
C LYS C 200 8.69 -25.27 -4.95
N ILE C 201 9.69 -26.08 -5.31
CA ILE C 201 9.97 -26.39 -6.71
C ILE C 201 10.20 -27.89 -6.83
N GLN C 202 9.86 -28.45 -7.98
CA GLN C 202 10.19 -29.86 -8.19
C GLN C 202 11.42 -30.02 -9.07
N ALA C 203 11.33 -29.61 -10.34
CA ALA C 203 12.52 -29.48 -11.17
C ALA C 203 12.63 -28.07 -11.73
N THR C 204 11.58 -27.66 -12.42
CA THR C 204 11.43 -26.29 -12.90
C THR C 204 10.04 -25.77 -12.61
N LEU C 205 9.08 -26.65 -12.33
CA LEU C 205 7.76 -26.24 -11.89
C LEU C 205 7.84 -25.65 -10.50
N SER C 206 7.22 -24.50 -10.30
CA SER C 206 7.12 -23.89 -8.98
C SER C 206 5.76 -24.19 -8.38
N ASN C 207 5.55 -23.73 -7.15
CA ASN C 207 4.28 -23.95 -6.50
C ASN C 207 3.19 -23.00 -7.01
N GLN C 208 3.53 -22.05 -7.87
CA GLN C 208 2.57 -21.14 -8.45
C GLN C 208 2.22 -21.48 -9.89
N THR C 209 2.85 -22.49 -10.48
CA THR C 209 2.51 -22.91 -11.83
C THR C 209 1.14 -23.57 -11.83
N GLY C 210 0.27 -23.12 -12.73
CA GLY C 210 -1.10 -23.58 -12.75
C GLY C 210 -1.27 -24.92 -13.43
N ILE C 211 -2.24 -25.70 -12.93
CA ILE C 211 -2.58 -26.97 -13.56
C ILE C 211 -3.17 -26.75 -14.94
N LEU C 212 -4.02 -25.73 -15.09
CA LEU C 212 -4.66 -25.47 -16.37
C LEU C 212 -3.66 -25.13 -17.46
N GLY C 213 -2.65 -24.31 -17.14
CA GLY C 213 -1.64 -23.99 -18.13
C GLY C 213 -0.82 -25.19 -18.58
N VAL C 214 -0.39 -26.03 -17.63
CA VAL C 214 0.35 -27.22 -18.00
C VAL C 214 -0.49 -28.16 -18.84
N GLU C 215 -1.75 -28.39 -18.45
CA GLU C 215 -2.62 -29.26 -19.22
C GLU C 215 -2.90 -28.72 -20.62
N LEU C 216 -3.05 -27.41 -20.75
CA LEU C 216 -3.26 -26.82 -22.07
C LEU C 216 -2.02 -26.93 -22.93
N ALA C 217 -0.84 -26.73 -22.33
CA ALA C 217 0.40 -26.86 -23.09
C ALA C 217 0.63 -28.29 -23.55
N CYS C 218 0.26 -29.27 -22.74
CA CYS C 218 0.42 -30.66 -23.14
C CYS C 218 -0.52 -31.04 -24.28
N ASP C 219 -1.56 -30.26 -24.54
CA ASP C 219 -2.50 -30.51 -25.61
C ASP C 219 -2.11 -29.68 -26.83
N LYS C 220 -1.59 -30.33 -27.87
CA LYS C 220 -1.10 -29.60 -29.03
C LYS C 220 -2.23 -28.91 -29.78
N GLU C 221 -3.33 -29.64 -30.03
CA GLU C 221 -4.40 -29.11 -30.85
C GLU C 221 -5.17 -27.97 -30.17
N GLY C 222 -5.44 -28.09 -28.86
CA GLY C 222 -6.07 -27.00 -28.14
C GLY C 222 -5.18 -25.78 -28.03
N THR C 223 -3.89 -25.99 -27.81
CA THR C 223 -2.95 -24.86 -27.77
C THR C 223 -2.93 -24.14 -29.10
N LYS C 224 -2.93 -24.88 -30.20
CA LYS C 224 -2.94 -24.26 -31.52
C LYS C 224 -4.19 -23.41 -31.72
N ARG C 225 -5.36 -23.92 -31.35
CA ARG C 225 -6.59 -23.15 -31.50
C ARG C 225 -6.58 -21.90 -30.64
N ILE C 226 -6.13 -22.01 -29.38
CA ILE C 226 -6.08 -20.86 -28.51
C ILE C 226 -5.14 -19.79 -29.06
N LEU C 227 -3.96 -20.21 -29.53
CA LEU C 227 -3.02 -19.25 -30.08
C LEU C 227 -3.56 -18.59 -31.34
N LYS C 228 -4.24 -19.37 -32.20
CA LYS C 228 -4.79 -18.80 -33.42
C LYS C 228 -5.88 -17.78 -33.11
N ASP C 229 -6.71 -18.06 -32.10
CA ASP C 229 -7.77 -17.12 -31.76
C ASP C 229 -7.20 -15.79 -31.25
N ALA C 230 -5.98 -15.80 -30.73
CA ALA C 230 -5.35 -14.59 -30.23
C ALA C 230 -4.51 -13.88 -31.29
N GLY C 231 -4.50 -14.37 -32.52
CA GLY C 231 -3.77 -13.72 -33.58
C GLY C 231 -2.29 -14.06 -33.66
N VAL C 232 -1.84 -15.09 -32.96
CA VAL C 232 -0.44 -15.50 -32.99
C VAL C 232 -0.21 -16.33 -34.25
N PRO C 233 0.85 -16.06 -35.02
CA PRO C 233 1.09 -16.87 -36.23
C PRO C 233 1.42 -18.32 -35.92
N VAL C 234 0.55 -19.22 -36.34
CA VAL C 234 0.73 -20.66 -36.12
C VAL C 234 0.64 -21.34 -37.47
N PRO C 235 1.24 -22.51 -37.62
CA PRO C 235 1.17 -23.21 -38.91
C PRO C 235 -0.26 -23.55 -39.29
N ARG C 236 -0.55 -23.41 -40.58
CA ARG C 236 -1.87 -23.73 -41.11
C ARG C 236 -1.96 -25.22 -41.37
N GLY C 237 -2.98 -25.87 -40.80
CA GLY C 237 -3.09 -27.31 -40.88
C GLY C 237 -4.53 -27.77 -40.91
N THR C 238 -4.69 -29.08 -40.93
CA THR C 238 -6.00 -29.73 -40.97
C THR C 238 -5.85 -31.12 -40.36
N VAL C 239 -6.97 -31.70 -39.95
CA VAL C 239 -6.99 -33.06 -39.41
C VAL C 239 -7.73 -33.95 -40.39
N ALA C 240 -7.36 -35.22 -40.42
CA ALA C 240 -7.99 -36.18 -41.32
C ALA C 240 -7.96 -37.56 -40.68
N ARG C 241 -9.04 -38.32 -40.91
CA ARG C 241 -9.15 -39.68 -40.40
C ARG C 241 -9.34 -40.73 -41.47
N TYR C 242 -9.67 -40.36 -42.71
CA TYR C 242 -9.84 -41.29 -43.81
C TYR C 242 -9.00 -40.86 -44.99
N PHE C 243 -8.63 -41.85 -45.82
CA PHE C 243 -7.76 -41.58 -46.96
C PHE C 243 -8.41 -40.64 -47.96
N ASP C 244 -9.71 -40.80 -48.19
CA ASP C 244 -10.40 -39.96 -49.16
C ASP C 244 -10.30 -38.48 -48.80
N GLU C 245 -10.20 -38.16 -47.51
CA GLU C 245 -10.01 -36.78 -47.10
C GLU C 245 -8.63 -36.23 -47.44
N LEU C 246 -7.59 -37.08 -47.42
CA LEU C 246 -6.20 -36.61 -47.46
C LEU C 246 -5.97 -35.61 -48.59
N GLN C 247 -6.27 -36.01 -49.83
CA GLN C 247 -5.97 -35.15 -50.96
C GLN C 247 -6.63 -33.78 -50.80
N ASP C 248 -7.88 -33.75 -50.31
CA ASP C 248 -8.56 -32.47 -50.11
C ASP C 248 -7.76 -31.56 -49.20
N ALA C 249 -7.25 -32.11 -48.09
CA ALA C 249 -6.49 -31.30 -47.15
C ALA C 249 -5.30 -30.64 -47.83
N ILE C 250 -4.75 -31.30 -48.85
CA ILE C 250 -3.58 -30.76 -49.54
C ILE C 250 -3.90 -29.42 -50.17
N GLU C 251 -5.12 -29.24 -50.69
CA GLU C 251 -5.47 -27.92 -51.23
C GLU C 251 -5.62 -26.91 -50.11
N TYR C 252 -6.11 -27.34 -48.94
CA TYR C 252 -6.39 -26.38 -47.87
C TYR C 252 -5.11 -25.78 -47.30
N VAL C 253 -4.08 -26.62 -47.10
CA VAL C 253 -2.83 -26.14 -46.54
C VAL C 253 -2.07 -25.25 -47.52
N GLY C 254 -2.42 -25.30 -48.80
CA GLY C 254 -1.82 -24.44 -49.80
C GLY C 254 -0.90 -25.12 -50.80
N GLY C 255 -0.83 -26.44 -50.82
CA GLY C 255 -0.01 -27.13 -51.80
C GLY C 255 1.08 -28.01 -51.19
N TYR C 256 2.32 -27.77 -51.57
CA TYR C 256 3.47 -28.53 -51.13
C TYR C 256 4.61 -27.59 -50.79
N PRO C 257 5.54 -28.01 -49.89
CA PRO C 257 5.58 -29.26 -49.13
C PRO C 257 4.60 -29.31 -47.96
N ILE C 258 4.36 -30.49 -47.41
CA ILE C 258 3.47 -30.68 -46.28
C ILE C 258 4.15 -31.59 -45.26
N VAL C 259 3.58 -31.59 -44.05
CA VAL C 259 4.08 -32.37 -42.93
C VAL C 259 2.95 -33.26 -42.42
N ILE C 260 3.26 -34.53 -42.18
CA ILE C 260 2.29 -35.51 -41.72
C ILE C 260 2.68 -35.93 -40.32
N LYS C 261 1.77 -35.77 -39.37
CA LYS C 261 2.08 -36.12 -37.99
C LYS C 261 0.87 -36.77 -37.34
N PRO C 262 1.09 -37.56 -36.29
CA PRO C 262 -0.05 -38.12 -35.53
C PRO C 262 -0.58 -37.14 -34.50
N LEU C 263 -1.81 -37.42 -34.06
CA LEU C 263 -2.41 -36.61 -33.01
C LEU C 263 -1.64 -36.73 -31.71
N ASP C 264 -1.40 -37.95 -31.24
CA ASP C 264 -0.69 -38.21 -30.00
C ASP C 264 0.49 -39.13 -30.26
N GLY C 265 1.68 -38.70 -29.84
CA GLY C 265 2.88 -39.50 -30.01
C GLY C 265 3.99 -39.02 -29.10
N ASN C 266 4.91 -39.93 -28.82
CA ASN C 266 6.07 -39.63 -27.99
C ASN C 266 7.33 -39.99 -28.74
N HIS C 267 8.38 -39.20 -28.56
CA HIS C 267 9.68 -39.39 -29.21
C HIS C 267 9.56 -39.36 -30.74
N GLY C 268 8.59 -38.61 -31.26
CA GLY C 268 8.43 -38.45 -32.69
C GLY C 268 8.07 -39.73 -33.44
N ARG C 269 7.11 -40.48 -32.92
CA ARG C 269 6.69 -41.70 -33.58
C ARG C 269 5.81 -41.38 -34.79
N GLY C 270 6.20 -41.91 -35.94
CA GLY C 270 5.38 -41.79 -37.14
C GLY C 270 5.14 -40.38 -37.61
N ILE C 271 6.19 -39.55 -37.64
CA ILE C 271 6.09 -38.17 -38.11
C ILE C 271 7.13 -37.96 -39.19
N THR C 272 6.69 -37.48 -40.34
CA THR C 272 7.61 -37.10 -41.41
C THR C 272 7.90 -35.60 -41.34
N ILE C 273 8.96 -35.18 -42.01
CA ILE C 273 9.41 -33.80 -41.98
C ILE C 273 9.09 -33.08 -43.28
N ASP C 274 9.50 -33.65 -44.42
CA ASP C 274 9.37 -32.98 -45.70
C ASP C 274 8.95 -34.01 -46.75
N VAL C 275 7.73 -33.87 -47.27
CA VAL C 275 7.24 -34.71 -48.36
C VAL C 275 6.70 -33.78 -49.45
N LYS C 276 6.94 -34.14 -50.71
CA LYS C 276 6.65 -33.25 -51.82
C LYS C 276 5.85 -33.90 -52.94
N ASN C 277 5.36 -35.12 -52.76
CA ASN C 277 4.57 -35.77 -53.81
C ASN C 277 3.51 -36.66 -53.15
N TRP C 278 2.93 -37.56 -53.95
CA TRP C 278 1.75 -38.30 -53.51
C TRP C 278 2.12 -39.56 -52.74
N GLN C 279 2.99 -40.40 -53.32
CA GLN C 279 3.25 -41.71 -52.72
C GLN C 279 3.92 -41.59 -51.36
N GLU C 280 4.87 -40.67 -51.21
CA GLU C 280 5.51 -40.48 -49.91
C GLU C 280 4.51 -39.97 -48.88
N ALA C 281 3.61 -39.07 -49.31
CA ALA C 281 2.56 -38.61 -48.41
C ALA C 281 1.67 -39.76 -47.96
N GLU C 282 1.31 -40.64 -48.89
CA GLU C 282 0.42 -41.76 -48.56
C GLU C 282 1.09 -42.72 -47.59
N GLU C 283 2.36 -43.05 -47.85
CA GLU C 283 3.05 -43.97 -46.94
C GLU C 283 3.29 -43.35 -45.57
N ALA C 284 3.60 -42.05 -45.52
CA ALA C 284 3.75 -41.38 -44.24
C ALA C 284 2.42 -41.33 -43.49
N TYR C 285 1.32 -41.12 -44.20
CA TYR C 285 0.00 -41.14 -43.58
C TYR C 285 -0.29 -42.52 -43.00
N ASP C 286 0.02 -43.57 -43.74
CA ASP C 286 -0.21 -44.92 -43.22
C ASP C 286 0.65 -45.18 -41.98
N LEU C 287 1.92 -44.77 -42.02
CA LEU C 287 2.80 -44.96 -40.87
C LEU C 287 2.27 -44.22 -39.64
N ALA C 288 1.85 -42.96 -39.83
CA ALA C 288 1.33 -42.19 -38.71
C ALA C 288 0.03 -42.77 -38.19
N ARG C 289 -0.85 -43.21 -39.09
CA ARG C 289 -2.13 -43.78 -38.69
C ARG C 289 -1.93 -45.05 -37.87
N LYS C 290 -1.01 -45.90 -38.28
CA LYS C 290 -0.71 -47.09 -37.50
C LYS C 290 0.10 -46.79 -36.24
N ALA C 291 0.78 -45.65 -36.19
CA ALA C 291 1.51 -45.26 -34.99
C ALA C 291 0.66 -44.47 -34.01
N SER C 292 -0.31 -43.71 -34.50
CA SER C 292 -1.16 -42.92 -33.62
C SER C 292 -2.12 -43.82 -32.86
N LYS C 293 -2.41 -43.42 -31.62
CA LYS C 293 -3.31 -44.19 -30.77
C LYS C 293 -4.78 -44.01 -31.13
N THR C 294 -5.11 -43.01 -31.95
CA THR C 294 -6.50 -42.70 -32.28
C THR C 294 -6.78 -42.76 -33.78
N LYS C 295 -5.84 -43.28 -34.59
CA LYS C 295 -6.07 -43.59 -36.00
C LYS C 295 -6.14 -42.33 -36.86
N THR C 296 -6.17 -41.16 -36.23
CA THR C 296 -6.31 -39.91 -36.95
C THR C 296 -4.98 -39.17 -37.05
N VAL C 297 -4.84 -38.36 -38.10
CA VAL C 297 -3.56 -37.78 -38.47
C VAL C 297 -3.75 -36.31 -38.85
N ILE C 298 -2.85 -35.44 -38.36
CA ILE C 298 -2.85 -34.04 -38.73
C ILE C 298 -1.87 -33.82 -39.86
N VAL C 299 -2.22 -32.93 -40.78
CA VAL C 299 -1.36 -32.51 -41.88
C VAL C 299 -1.19 -31.00 -41.82
N GLU C 300 0.05 -30.54 -41.80
CA GLU C 300 0.35 -29.11 -41.76
C GLU C 300 1.07 -28.70 -43.03
N ARG C 301 1.11 -27.40 -43.26
CA ARG C 301 2.04 -26.84 -44.23
C ARG C 301 3.45 -26.92 -43.67
N TYR C 302 4.42 -27.12 -44.54
CA TYR C 302 5.82 -27.19 -44.13
C TYR C 302 6.44 -25.79 -44.17
N TYR C 303 7.09 -25.41 -43.07
CA TYR C 303 7.73 -24.10 -42.95
C TYR C 303 9.24 -24.30 -42.89
N THR C 304 9.96 -23.63 -43.79
CA THR C 304 11.41 -23.70 -43.81
C THR C 304 12.00 -22.62 -42.92
N GLY C 305 13.08 -22.95 -42.25
CA GLY C 305 13.73 -22.02 -41.35
C GLY C 305 14.60 -22.76 -40.36
N LYS C 306 15.10 -22.00 -39.38
CA LYS C 306 15.97 -22.53 -38.34
C LYS C 306 15.18 -22.64 -37.05
N ASP C 307 15.24 -23.81 -36.41
CA ASP C 307 14.50 -24.03 -35.18
C ASP C 307 15.13 -23.27 -34.03
N HIS C 308 14.31 -22.50 -33.31
CA HIS C 308 14.74 -21.70 -32.18
C HIS C 308 14.00 -22.13 -30.93
N ARG C 309 14.70 -22.08 -29.80
CA ARG C 309 14.15 -22.42 -28.49
C ARG C 309 14.22 -21.18 -27.63
N VAL C 310 13.08 -20.66 -27.22
CA VAL C 310 13.01 -19.43 -26.43
C VAL C 310 12.55 -19.77 -25.02
N LEU C 311 13.25 -19.24 -24.03
CA LEU C 311 12.92 -19.46 -22.62
C LEU C 311 12.29 -18.21 -22.07
N VAL C 312 11.08 -18.32 -21.53
CA VAL C 312 10.35 -17.19 -20.96
C VAL C 312 10.15 -17.47 -19.48
N VAL C 313 10.66 -16.56 -18.65
CA VAL C 313 10.53 -16.66 -17.20
C VAL C 313 9.82 -15.40 -16.72
N ASN C 314 8.73 -15.59 -15.98
CA ASN C 314 7.98 -14.49 -15.38
C ASN C 314 7.54 -13.47 -16.44
N GLY C 315 7.18 -13.97 -17.61
CA GLY C 315 6.73 -13.09 -18.66
C GLY C 315 7.83 -12.27 -19.32
N LYS C 316 9.08 -12.69 -19.18
CA LYS C 316 10.20 -11.99 -19.82
C LYS C 316 11.11 -13.01 -20.50
N VAL C 317 11.57 -12.68 -21.70
CA VAL C 317 12.47 -13.57 -22.42
C VAL C 317 13.84 -13.53 -21.78
N VAL C 318 14.33 -14.70 -21.36
CA VAL C 318 15.61 -14.80 -20.68
C VAL C 318 16.72 -15.22 -21.62
N ALA C 319 16.51 -16.28 -22.40
CA ALA C 319 17.54 -16.76 -23.30
C ALA C 319 16.89 -17.28 -24.58
N VAL C 320 17.58 -17.09 -25.69
CA VAL C 320 17.16 -17.60 -26.99
C VAL C 320 18.30 -18.40 -27.58
N ALA C 321 18.02 -19.61 -28.02
CA ALA C 321 19.03 -20.49 -28.60
C ALA C 321 18.51 -21.08 -29.90
N GLU C 322 19.41 -21.21 -30.86
CA GLU C 322 19.11 -21.82 -32.16
C GLU C 322 19.77 -23.19 -32.21
N ARG C 323 18.98 -24.21 -32.52
CA ARG C 323 19.50 -25.57 -32.60
C ARG C 323 19.99 -25.85 -34.01
N VAL C 324 21.30 -26.00 -34.17
CA VAL C 324 21.90 -26.39 -35.43
C VAL C 324 22.01 -27.91 -35.45
N PRO C 325 21.48 -28.60 -36.45
CA PRO C 325 21.49 -30.06 -36.45
C PRO C 325 22.91 -30.61 -36.51
N ALA C 326 23.06 -31.86 -36.08
CA ALA C 326 24.36 -32.52 -36.11
C ALA C 326 24.94 -32.51 -37.51
N HIS C 327 26.18 -32.03 -37.63
CA HIS C 327 26.81 -31.82 -38.92
C HIS C 327 28.31 -31.84 -38.74
N VAL C 328 29.03 -31.92 -39.87
CA VAL C 328 30.48 -31.83 -39.89
C VAL C 328 30.89 -30.94 -41.05
N VAL C 329 32.01 -30.22 -40.87
CA VAL C 329 32.53 -29.30 -41.88
C VAL C 329 33.92 -29.76 -42.27
N GLY C 330 34.15 -29.89 -43.57
CA GLY C 330 35.43 -30.36 -44.07
C GLY C 330 36.40 -29.26 -44.43
N ASN C 331 36.58 -28.30 -43.52
CA ASN C 331 37.51 -27.21 -43.77
C ASN C 331 38.97 -27.65 -43.66
N GLY C 332 39.23 -28.79 -43.04
CA GLY C 332 40.59 -29.28 -42.87
C GLY C 332 40.98 -30.32 -43.89
N LYS C 333 40.28 -30.34 -45.03
CA LYS C 333 40.51 -31.32 -46.10
C LYS C 333 40.35 -32.74 -45.58
N SER C 334 39.36 -32.95 -44.73
CA SER C 334 39.03 -34.27 -44.20
C SER C 334 37.55 -34.54 -44.39
N THR C 335 37.21 -35.81 -44.57
CA THR C 335 35.85 -36.21 -44.87
C THR C 335 35.11 -36.60 -43.59
N ILE C 336 33.91 -37.16 -43.78
CA ILE C 336 33.04 -37.48 -42.66
C ILE C 336 33.62 -38.61 -41.81
N ALA C 337 34.29 -39.57 -42.45
CA ALA C 337 34.70 -40.80 -41.76
C ALA C 337 35.62 -40.53 -40.59
N GLU C 338 36.46 -39.50 -40.67
CA GLU C 338 37.31 -39.16 -39.53
C GLU C 338 36.61 -38.20 -38.57
N LEU C 339 35.84 -37.26 -39.09
CA LEU C 339 35.23 -36.24 -38.23
C LEU C 339 34.16 -36.82 -37.31
N ILE C 340 33.50 -37.91 -37.71
CA ILE C 340 32.47 -38.49 -36.86
C ILE C 340 33.04 -38.91 -35.52
N GLU C 341 34.23 -39.52 -35.53
CA GLU C 341 34.90 -39.88 -34.29
C GLU C 341 35.76 -38.77 -33.71
N GLU C 342 36.21 -37.82 -34.54
CA GLU C 342 36.96 -36.69 -34.02
C GLU C 342 36.07 -35.83 -33.12
N THR C 343 34.82 -35.60 -33.53
CA THR C 343 33.89 -34.87 -32.68
C THR C 343 33.57 -35.65 -31.41
N ASN C 344 33.42 -36.98 -31.54
CA ASN C 344 33.09 -37.81 -30.39
C ASN C 344 34.20 -37.83 -29.34
N ARG C 345 35.42 -37.47 -29.71
CA ARG C 345 36.55 -37.45 -28.79
C ARG C 345 36.71 -36.10 -28.09
N ASP C 346 35.87 -35.13 -28.41
CA ASP C 346 35.91 -33.83 -27.74
C ASP C 346 35.36 -33.96 -26.33
N PRO C 347 36.01 -33.36 -25.32
CA PRO C 347 35.52 -33.49 -23.95
C PRO C 347 34.13 -32.89 -23.74
N GLN C 348 33.70 -31.98 -24.60
CA GLN C 348 32.39 -31.37 -24.44
C GLN C 348 31.28 -32.39 -24.65
N ARG C 349 31.50 -33.38 -25.50
CA ARG C 349 30.48 -34.39 -25.77
C ARG C 349 30.29 -35.30 -24.56
N GLY C 350 29.04 -35.68 -24.33
CA GLY C 350 28.70 -36.58 -23.25
C GLY C 350 27.29 -37.08 -23.39
N ASP C 351 27.01 -38.17 -22.70
CA ASP C 351 25.68 -38.78 -22.69
C ASP C 351 24.96 -38.39 -21.39
N GLY C 352 23.79 -38.99 -21.18
CA GLY C 352 23.01 -38.70 -19.99
C GLY C 352 22.14 -37.46 -20.16
N HIS C 353 21.80 -36.83 -19.03
CA HIS C 353 20.93 -35.66 -19.03
C HIS C 353 21.63 -34.42 -18.48
N ASP C 354 22.96 -34.37 -18.57
CA ASP C 354 23.73 -33.25 -18.03
C ASP C 354 24.43 -32.42 -19.10
N ASN C 355 25.05 -33.07 -20.10
CA ASN C 355 25.82 -32.37 -21.10
C ASN C 355 24.97 -32.14 -22.34
N ILE C 356 25.05 -30.93 -22.90
CA ILE C 356 24.20 -30.60 -24.05
C ILE C 356 24.59 -31.42 -25.27
N LEU C 357 25.89 -31.58 -25.51
CA LEU C 357 26.36 -32.15 -26.76
C LEU C 357 26.49 -33.66 -26.61
N THR C 358 25.61 -34.40 -27.28
CA THR C 358 25.63 -35.86 -27.24
C THR C 358 26.49 -36.40 -28.37
N ARG C 359 27.03 -37.59 -28.16
CA ARG C 359 27.87 -38.22 -29.17
C ARG C 359 27.07 -38.48 -30.43
N ILE C 360 27.74 -38.35 -31.57
CA ILE C 360 27.07 -38.49 -32.86
C ILE C 360 26.77 -39.96 -33.10
N THR C 361 25.51 -40.34 -32.87
CA THR C 361 25.09 -41.73 -33.01
C THR C 361 24.91 -42.04 -34.50
N VAL C 362 25.77 -42.93 -35.02
CA VAL C 362 25.66 -43.37 -36.42
C VAL C 362 24.71 -44.56 -36.42
N ASP C 363 23.42 -44.25 -36.45
CA ASP C 363 22.38 -45.27 -36.40
C ASP C 363 21.94 -45.65 -37.81
N LYS C 364 21.14 -46.72 -37.89
CA LYS C 364 20.60 -47.14 -39.19
C LYS C 364 19.72 -46.05 -39.79
N SER C 365 18.87 -45.42 -38.98
CA SER C 365 18.11 -44.27 -39.46
C SER C 365 19.03 -43.12 -39.85
N ALA C 366 20.06 -42.88 -39.05
CA ALA C 366 21.04 -41.85 -39.40
C ALA C 366 21.77 -42.22 -40.69
N LEU C 367 22.09 -43.50 -40.86
CA LEU C 367 22.73 -43.95 -42.10
C LEU C 367 21.83 -43.70 -43.30
N ASP C 368 20.53 -43.99 -43.16
CA ASP C 368 19.59 -43.70 -44.25
C ASP C 368 19.50 -42.21 -44.52
N ILE C 369 19.48 -41.39 -43.47
CA ILE C 369 19.36 -39.94 -43.64
C ILE C 369 20.57 -39.40 -44.39
N LEU C 370 21.78 -39.84 -44.01
CA LEU C 370 22.96 -39.42 -44.74
C LEU C 370 23.02 -40.06 -46.13
N GLY C 371 22.30 -41.15 -46.35
CA GLY C 371 22.13 -41.65 -47.71
C GLY C 371 21.28 -40.71 -48.54
N LYS C 372 20.23 -40.14 -47.95
CA LYS C 372 19.44 -39.12 -48.65
C LYS C 372 20.20 -37.81 -48.83
N GLN C 373 21.35 -37.66 -48.17
CA GLN C 373 22.15 -36.45 -48.36
C GLN C 373 22.64 -36.33 -49.80
N GLY C 374 22.98 -37.44 -50.43
CA GLY C 374 23.54 -37.43 -51.76
C GLY C 374 25.04 -37.62 -51.82
N TYR C 375 25.70 -37.87 -50.68
CA TYR C 375 27.14 -38.09 -50.65
C TYR C 375 27.45 -39.38 -49.92
N SER C 376 28.73 -39.71 -49.77
CA SER C 376 29.13 -40.96 -49.15
C SER C 376 29.89 -40.72 -47.85
N ILE C 377 30.34 -41.80 -47.22
CA ILE C 377 31.10 -41.67 -45.97
C ILE C 377 32.45 -41.00 -46.23
N ASP C 378 33.12 -41.42 -47.30
CA ASP C 378 34.45 -40.91 -47.63
C ASP C 378 34.42 -39.72 -48.58
N SER C 379 33.24 -39.24 -48.95
CA SER C 379 33.12 -38.09 -49.85
C SER C 379 33.58 -36.83 -49.13
N ILE C 380 34.66 -36.23 -49.62
CA ILE C 380 35.20 -35.02 -48.99
C ILE C 380 34.25 -33.85 -49.24
N PRO C 381 33.92 -33.05 -48.22
CA PRO C 381 33.10 -31.86 -48.46
C PRO C 381 33.82 -30.87 -49.37
N LEU C 382 33.03 -30.19 -50.19
CA LEU C 382 33.59 -29.23 -51.15
C LEU C 382 33.80 -27.87 -50.48
N LYS C 383 35.01 -27.35 -50.58
CA LYS C 383 35.42 -26.03 -50.11
C LYS C 383 35.43 -25.93 -48.58
N GLY C 384 34.97 -26.96 -47.87
CA GLY C 384 34.85 -26.88 -46.43
C GLY C 384 33.50 -26.32 -46.01
N LYS C 385 32.44 -26.96 -46.48
CA LYS C 385 31.07 -26.53 -46.20
C LYS C 385 30.39 -27.55 -45.28
N LYS C 386 29.43 -27.04 -44.50
CA LYS C 386 28.71 -27.89 -43.56
C LYS C 386 27.92 -28.96 -44.31
N CYS C 387 28.02 -30.20 -43.86
CA CYS C 387 27.20 -31.30 -44.34
C CYS C 387 26.59 -31.98 -43.12
N PHE C 388 25.27 -32.18 -43.15
CA PHE C 388 24.54 -32.61 -41.97
C PHE C 388 24.42 -34.13 -41.93
N LEU C 389 24.18 -34.64 -40.72
CA LEU C 389 23.90 -36.05 -40.51
C LEU C 389 22.43 -36.35 -40.25
N ARG C 390 21.69 -35.39 -39.69
CA ARG C 390 20.25 -35.53 -39.50
C ARG C 390 19.61 -34.17 -39.73
N ALA C 391 18.28 -34.13 -39.66
CA ALA C 391 17.53 -32.90 -39.88
C ALA C 391 16.56 -32.54 -38.77
N THR C 392 16.55 -33.30 -37.66
CA THR C 392 15.61 -33.01 -36.59
C THR C 392 16.02 -31.82 -35.74
N ALA C 393 17.29 -31.40 -35.81
CA ALA C 393 17.80 -30.27 -35.06
C ALA C 393 17.52 -30.41 -33.56
N ASN C 394 18.09 -31.47 -32.98
CA ASN C 394 17.88 -31.79 -31.58
C ASN C 394 19.22 -32.04 -30.90
N LEU C 395 19.28 -31.74 -29.60
CA LEU C 395 20.51 -31.94 -28.84
C LEU C 395 20.78 -33.42 -28.60
N SER C 396 19.74 -34.23 -28.47
CA SER C 396 19.93 -35.66 -28.26
C SER C 396 20.62 -36.32 -29.46
N THR C 397 20.29 -35.86 -30.67
CA THR C 397 20.94 -36.39 -31.86
C THR C 397 22.43 -36.07 -31.87
N GLY C 398 22.80 -34.89 -31.40
CA GLY C 398 24.19 -34.47 -31.40
C GLY C 398 24.40 -33.11 -32.03
N GLY C 399 23.31 -32.34 -32.16
CA GLY C 399 23.41 -31.00 -32.66
C GLY C 399 23.94 -30.04 -31.62
N ILE C 400 24.12 -28.79 -32.03
CA ILE C 400 24.70 -27.77 -31.16
C ILE C 400 23.68 -26.64 -30.98
N ALA C 401 23.96 -25.79 -30.00
CA ALA C 401 23.14 -24.62 -29.73
C ALA C 401 23.97 -23.35 -29.95
N VAL C 402 23.32 -22.34 -30.51
CA VAL C 402 23.95 -21.05 -30.75
C VAL C 402 23.12 -19.97 -30.06
N ASP C 403 23.77 -19.17 -29.22
CA ASP C 403 23.05 -18.12 -28.50
C ASP C 403 22.65 -17.00 -29.45
N ARG C 404 21.42 -16.54 -29.32
CA ARG C 404 20.89 -15.46 -30.14
C ARG C 404 20.09 -14.47 -29.31
N THR C 405 20.40 -14.36 -28.02
CA THR C 405 19.63 -13.50 -27.13
C THR C 405 19.75 -12.03 -27.51
N ASP C 406 20.91 -11.60 -27.99
CA ASP C 406 21.13 -10.20 -28.33
C ASP C 406 20.63 -9.85 -29.73
N GLU C 407 20.29 -10.84 -30.55
CA GLU C 407 19.91 -10.60 -31.94
C GLU C 407 18.40 -10.66 -32.16
N ILE C 408 17.60 -10.70 -31.09
CA ILE C 408 16.17 -10.86 -31.24
C ILE C 408 15.51 -9.50 -31.39
N HIS C 409 14.51 -9.43 -32.26
CA HIS C 409 13.79 -8.19 -32.49
C HIS C 409 12.86 -7.89 -31.32
N PRO C 410 12.71 -6.63 -30.92
CA PRO C 410 11.83 -6.31 -29.78
C PRO C 410 10.39 -6.75 -29.97
N GLU C 411 9.85 -6.66 -31.19
CA GLU C 411 8.50 -7.13 -31.45
C GLU C 411 8.34 -8.62 -31.22
N ASN C 412 9.34 -9.42 -31.60
CA ASN C 412 9.31 -10.84 -31.27
C ASN C 412 9.32 -11.08 -29.78
N VAL C 413 10.10 -10.29 -29.03
CA VAL C 413 10.11 -10.41 -27.57
C VAL C 413 8.72 -10.13 -27.02
N TRP C 414 8.08 -9.07 -27.50
CA TRP C 414 6.72 -8.75 -27.04
C TRP C 414 5.75 -9.89 -27.37
N LEU C 415 5.84 -10.43 -28.60
CA LEU C 415 4.93 -11.49 -29.00
C LEU C 415 5.10 -12.74 -28.15
N LEU C 416 6.35 -13.14 -27.89
CA LEU C 416 6.58 -14.33 -27.08
C LEU C 416 6.17 -14.12 -25.64
N SER C 417 6.42 -12.94 -25.07
CA SER C 417 5.93 -12.63 -23.74
C SER C 417 4.42 -12.71 -23.67
N ARG C 418 3.72 -12.21 -24.69
CA ARG C 418 2.27 -12.32 -24.72
C ARG C 418 1.80 -13.76 -24.84
N VAL C 419 2.48 -14.58 -25.64
CA VAL C 419 2.10 -15.98 -25.78
C VAL C 419 2.23 -16.72 -24.45
N ALA C 420 3.34 -16.48 -23.73
CA ALA C 420 3.54 -17.15 -22.45
C ALA C 420 2.43 -16.83 -21.45
N LYS C 421 1.94 -15.60 -21.44
CA LYS C 421 0.82 -15.24 -20.58
C LYS C 421 -0.50 -15.77 -21.08
N ILE C 422 -0.70 -15.84 -22.40
CA ILE C 422 -1.95 -16.38 -22.93
C ILE C 422 -2.11 -17.84 -22.55
N ILE C 423 -1.05 -18.63 -22.68
CA ILE C 423 -1.15 -20.03 -22.26
C ILE C 423 -1.29 -20.12 -20.74
N GLY C 424 -0.58 -19.27 -20.01
CA GLY C 424 -0.69 -19.24 -18.57
C GLY C 424 0.41 -19.98 -17.84
N LEU C 425 1.65 -19.75 -18.26
CA LEU C 425 2.82 -20.40 -17.67
C LEU C 425 3.80 -19.33 -17.20
N ASP C 426 4.37 -19.53 -16.01
CA ASP C 426 5.40 -18.62 -15.52
C ASP C 426 6.79 -18.96 -16.03
N ILE C 427 7.08 -20.24 -16.26
CA ILE C 427 8.31 -20.67 -16.91
C ILE C 427 7.92 -21.53 -18.10
N ALA C 428 8.31 -21.10 -19.30
CA ALA C 428 7.86 -21.77 -20.51
C ALA C 428 9.00 -21.86 -21.51
N GLY C 429 8.94 -22.90 -22.35
CA GLY C 429 9.86 -23.05 -23.44
C GLY C 429 9.14 -23.13 -24.78
N ILE C 430 9.33 -22.14 -25.63
CA ILE C 430 8.59 -22.01 -26.88
C ILE C 430 9.48 -22.39 -28.05
N ASP C 431 8.92 -23.14 -28.99
CA ASP C 431 9.63 -23.52 -30.21
C ASP C 431 9.17 -22.64 -31.35
N VAL C 432 10.13 -22.05 -32.06
CA VAL C 432 9.85 -21.12 -33.16
C VAL C 432 10.55 -21.63 -34.41
N VAL C 433 9.91 -21.46 -35.55
CA VAL C 433 10.52 -21.79 -36.84
C VAL C 433 10.47 -20.53 -37.69
N THR C 434 11.63 -19.92 -37.91
CA THR C 434 11.72 -18.69 -38.69
C THR C 434 13.07 -18.66 -39.39
N GLU C 435 13.14 -17.87 -40.46
CA GLU C 435 14.39 -17.73 -41.21
C GLU C 435 15.39 -16.83 -40.52
N ASP C 436 14.93 -15.84 -39.76
CA ASP C 436 15.82 -14.94 -39.05
C ASP C 436 15.10 -14.37 -37.85
N ILE C 437 15.68 -14.53 -36.66
CA ILE C 437 15.08 -14.03 -35.43
C ILE C 437 15.26 -12.52 -35.27
N SER C 438 16.04 -11.88 -36.12
CA SER C 438 16.28 -10.45 -36.03
C SER C 438 15.21 -9.63 -36.75
N GLN C 439 14.22 -10.27 -37.35
CA GLN C 439 13.13 -9.61 -38.03
C GLN C 439 11.81 -10.08 -37.46
N PRO C 440 10.78 -9.24 -37.51
CA PRO C 440 9.48 -9.63 -36.95
C PRO C 440 8.90 -10.85 -37.66
N LEU C 441 8.13 -11.63 -36.91
CA LEU C 441 7.58 -12.88 -37.42
C LEU C 441 6.49 -12.68 -38.47
N ARG C 442 6.19 -11.44 -38.87
CA ARG C 442 5.19 -11.22 -39.90
C ARG C 442 5.80 -11.11 -41.29
N GLU C 443 6.89 -10.34 -41.44
CA GLU C 443 7.54 -10.22 -42.74
C GLU C 443 8.03 -11.57 -43.23
N VAL C 444 8.78 -12.28 -42.39
CA VAL C 444 9.17 -13.65 -42.67
C VAL C 444 8.03 -14.54 -42.20
N GLU C 445 7.76 -15.63 -42.90
CA GLU C 445 6.68 -16.53 -42.52
C GLU C 445 7.12 -17.40 -41.34
N GLY C 446 7.29 -16.74 -40.20
CA GLY C 446 7.61 -17.44 -38.97
C GLY C 446 6.37 -17.91 -38.24
N VAL C 447 6.52 -19.02 -37.52
CA VAL C 447 5.40 -19.65 -36.83
C VAL C 447 5.84 -20.13 -35.45
N ILE C 448 4.86 -20.33 -34.58
CA ILE C 448 5.07 -20.90 -33.25
C ILE C 448 4.65 -22.36 -33.32
N VAL C 449 5.58 -23.27 -33.02
CA VAL C 449 5.35 -24.69 -33.20
C VAL C 449 4.73 -25.33 -31.96
N GLU C 450 5.34 -25.15 -30.79
CA GLU C 450 4.82 -25.78 -29.58
C GLU C 450 5.32 -25.04 -28.36
N VAL C 451 4.67 -25.32 -27.23
CA VAL C 451 5.02 -24.74 -25.94
C VAL C 451 5.22 -25.87 -24.95
N ASN C 452 6.29 -25.80 -24.16
CA ASN C 452 6.61 -26.79 -23.15
C ASN C 452 6.55 -26.16 -21.77
N ALA C 453 5.92 -26.87 -20.84
CA ALA C 453 5.58 -26.36 -19.52
C ALA C 453 6.74 -26.43 -18.54
N ALA C 454 7.55 -27.49 -18.61
CA ALA C 454 8.66 -27.71 -17.68
C ALA C 454 9.93 -27.89 -18.50
N PRO C 455 10.45 -26.82 -19.07
CA PRO C 455 11.63 -26.94 -19.94
C PRO C 455 12.91 -27.09 -19.14
N GLY C 456 13.93 -27.58 -19.82
CA GLY C 456 15.27 -27.65 -19.27
C GLY C 456 16.13 -26.54 -19.84
N PHE C 457 16.67 -25.72 -18.95
CA PHE C 457 17.53 -24.61 -19.33
C PHE C 457 18.98 -25.07 -19.42
N ARG C 458 19.15 -26.37 -19.66
CA ARG C 458 20.47 -26.98 -19.71
C ARG C 458 21.26 -26.56 -20.95
N MET C 459 20.56 -26.23 -22.04
CA MET C 459 21.26 -25.78 -23.24
C MET C 459 21.52 -24.27 -23.26
N HIS C 460 21.00 -23.53 -22.29
CA HIS C 460 21.19 -22.09 -22.26
C HIS C 460 22.32 -21.65 -21.34
N VAL C 461 22.78 -22.52 -20.44
CA VAL C 461 23.87 -22.19 -19.54
C VAL C 461 25.23 -22.61 -20.09
N ALA C 462 25.26 -23.47 -21.10
CA ALA C 462 26.50 -23.86 -21.78
C ALA C 462 26.25 -23.85 -23.29
N PRO C 463 26.07 -22.67 -23.88
CA PRO C 463 25.68 -22.62 -25.29
C PRO C 463 26.67 -23.26 -26.24
N SER C 464 27.97 -23.16 -25.94
CA SER C 464 29.11 -23.66 -26.71
C SER C 464 29.41 -22.81 -27.93
N ARG C 465 28.56 -21.84 -28.30
CA ARG C 465 28.92 -20.89 -29.36
C ARG C 465 28.38 -19.51 -29.03
N GLY C 466 28.54 -19.08 -27.78
CA GLY C 466 28.05 -17.77 -27.39
C GLY C 466 28.18 -17.56 -25.90
N LEU C 467 27.45 -16.57 -25.41
CA LEU C 467 27.49 -16.20 -23.99
C LEU C 467 26.47 -16.99 -23.20
N ALA C 468 26.88 -17.47 -22.03
CA ALA C 468 26.00 -18.20 -21.14
C ALA C 468 25.06 -17.23 -20.42
N ARG C 469 23.83 -17.67 -20.18
CA ARG C 469 22.84 -16.88 -19.47
C ARG C 469 22.57 -17.46 -18.10
N ASN C 470 22.25 -16.59 -17.16
CA ASN C 470 21.99 -16.99 -15.77
C ASN C 470 20.49 -17.23 -15.60
N VAL C 471 20.05 -18.43 -15.98
CA VAL C 471 18.64 -18.78 -15.85
C VAL C 471 18.27 -18.96 -14.39
N ALA C 472 19.11 -19.64 -13.61
CA ALA C 472 18.82 -19.83 -12.20
C ALA C 472 18.68 -18.51 -11.45
N GLY C 473 19.48 -17.51 -11.80
CA GLY C 473 19.28 -16.19 -11.24
C GLY C 473 17.91 -15.60 -11.52
N ALA C 474 17.40 -15.77 -12.73
CA ALA C 474 16.05 -15.35 -13.06
C ALA C 474 14.99 -16.13 -12.28
N VAL C 475 15.18 -17.44 -12.11
CA VAL C 475 14.21 -18.21 -11.33
C VAL C 475 14.18 -17.73 -9.88
N MET C 476 15.35 -17.52 -9.27
CA MET C 476 15.38 -16.94 -7.92
C MET C 476 14.84 -15.53 -7.85
N ASP C 477 15.06 -14.70 -8.87
CA ASP C 477 14.47 -13.37 -8.88
C ASP C 477 12.95 -13.42 -9.00
N MET C 478 12.41 -14.44 -9.67
CA MET C 478 10.96 -14.61 -9.70
C MET C 478 10.41 -15.12 -8.38
N LEU C 479 11.07 -16.10 -7.76
CA LEU C 479 10.57 -16.66 -6.50
C LEU C 479 10.69 -15.67 -5.35
N PHE C 480 11.81 -14.96 -5.26
CA PHE C 480 12.06 -13.99 -4.20
C PHE C 480 12.39 -12.66 -4.85
N PRO C 481 11.38 -11.82 -5.09
CA PRO C 481 11.56 -10.66 -5.97
C PRO C 481 12.63 -9.68 -5.55
N GLY C 482 12.51 -9.11 -4.35
CA GLY C 482 13.43 -8.06 -3.94
C GLY C 482 14.71 -8.60 -3.37
N SER C 483 15.40 -7.80 -2.57
CA SER C 483 16.58 -8.24 -1.84
C SER C 483 16.17 -8.96 -0.55
N LYS C 484 15.32 -9.97 -0.68
CA LYS C 484 14.74 -10.66 0.45
C LYS C 484 15.01 -12.14 0.35
N ASN C 485 15.06 -12.79 1.51
CA ASN C 485 15.15 -14.24 1.63
C ASN C 485 13.88 -14.75 2.30
N GLY C 486 13.79 -16.06 2.44
CA GLY C 486 12.59 -16.65 3.03
C GLY C 486 12.70 -16.90 4.51
N ARG C 487 13.32 -15.97 5.24
CA ARG C 487 13.61 -16.16 6.64
C ARG C 487 12.52 -15.53 7.52
N ILE C 488 12.33 -16.13 8.69
CA ILE C 488 11.43 -15.61 9.70
C ILE C 488 12.21 -15.50 11.00
N PRO C 489 11.78 -14.62 11.91
CA PRO C 489 12.49 -14.51 13.20
C PRO C 489 12.52 -15.83 13.94
N ILE C 490 13.72 -16.19 14.40
CA ILE C 490 13.95 -17.41 15.16
C ILE C 490 14.61 -17.04 16.48
N LEU C 491 14.03 -17.51 17.58
CA LEU C 491 14.55 -17.27 18.92
C LEU C 491 14.87 -18.62 19.54
N SER C 492 16.14 -18.86 19.80
CA SER C 492 16.60 -20.13 20.34
C SER C 492 17.00 -19.93 21.80
N VAL C 493 16.35 -20.66 22.70
CA VAL C 493 16.59 -20.54 24.13
C VAL C 493 17.35 -21.78 24.59
N THR C 494 18.49 -21.58 25.24
CA THR C 494 19.26 -22.68 25.78
C THR C 494 19.71 -22.32 27.20
N GLY C 495 20.24 -23.32 27.89
CA GLY C 495 20.64 -23.14 29.27
C GLY C 495 20.63 -24.48 29.98
N THR C 496 20.38 -24.41 31.28
CA THR C 496 20.33 -25.61 32.10
C THR C 496 19.04 -25.77 32.88
N ASN C 497 18.43 -24.67 33.34
CA ASN C 497 17.33 -24.76 34.29
C ASN C 497 16.01 -24.23 33.75
N GLY C 498 15.97 -23.02 33.23
CA GLY C 498 14.70 -22.39 32.93
C GLY C 498 14.30 -22.27 31.47
N LYS C 499 14.54 -23.32 30.69
CA LYS C 499 14.29 -23.24 29.25
C LYS C 499 12.79 -23.19 28.94
N THR C 500 12.01 -24.09 29.53
CA THR C 500 10.61 -24.22 29.17
C THR C 500 9.80 -22.98 29.56
N THR C 501 9.98 -22.49 30.78
CA THR C 501 9.22 -21.33 31.22
C THR C 501 9.55 -20.10 30.38
N THR C 502 10.84 -19.89 30.09
CA THR C 502 11.23 -18.78 29.24
C THR C 502 10.64 -18.90 27.85
N THR C 503 10.64 -20.11 27.27
CA THR C 503 10.05 -20.28 25.95
C THR C 503 8.57 -19.93 25.96
N ARG C 504 7.82 -20.43 26.94
CA ARG C 504 6.40 -20.12 27.01
C ARG C 504 6.14 -18.64 27.24
N LEU C 505 6.92 -17.98 28.10
CA LEU C 505 6.77 -16.55 28.31
C LEU C 505 7.08 -15.74 27.06
N LEU C 506 8.13 -16.11 26.32
CA LEU C 506 8.43 -15.42 25.07
C LEU C 506 7.28 -15.57 24.09
N ALA C 507 6.75 -16.78 23.95
CA ALA C 507 5.63 -16.99 23.04
C ALA C 507 4.41 -16.17 23.45
N HIS C 508 4.10 -16.14 24.74
CA HIS C 508 2.96 -15.35 25.20
C HIS C 508 3.15 -13.86 24.97
N ILE C 509 4.36 -13.35 25.19
CA ILE C 509 4.62 -11.94 24.94
C ILE C 509 4.46 -11.62 23.46
N ILE C 510 4.99 -12.47 22.58
CA ILE C 510 4.88 -12.19 21.15
C ILE C 510 3.44 -12.30 20.67
N LYS C 511 2.64 -13.18 21.29
CA LYS C 511 1.25 -13.32 20.87
C LYS C 511 0.44 -12.04 21.02
N GLN C 512 0.88 -11.10 21.86
CA GLN C 512 0.16 -9.83 22.00
C GLN C 512 0.17 -9.06 20.69
N THR C 513 1.30 -9.04 20.00
CA THR C 513 1.32 -8.60 18.61
C THR C 513 0.53 -9.60 17.78
N GLY C 514 -0.17 -9.09 16.77
CA GLY C 514 -1.02 -9.95 15.97
C GLY C 514 -0.23 -10.88 15.05
N LYS C 515 0.49 -11.83 15.64
CA LYS C 515 1.35 -12.74 14.90
C LYS C 515 1.10 -14.17 15.35
N VAL C 516 1.26 -15.11 14.43
CA VAL C 516 1.15 -16.53 14.73
C VAL C 516 2.53 -17.02 15.15
N VAL C 517 2.63 -17.56 16.35
CA VAL C 517 3.90 -17.97 16.93
C VAL C 517 3.92 -19.49 17.04
N GLY C 518 4.95 -20.12 16.49
CA GLY C 518 5.14 -21.54 16.66
C GLY C 518 6.29 -21.81 17.60
N TYR C 519 6.05 -22.57 18.66
CA TYR C 519 7.10 -22.79 19.64
C TYR C 519 7.13 -24.24 20.09
N THR C 520 8.34 -24.71 20.39
CA THR C 520 8.54 -26.07 20.87
C THR C 520 9.23 -26.04 22.23
N THR C 521 8.65 -26.79 23.16
CA THR C 521 9.13 -26.97 24.53
C THR C 521 9.16 -28.46 24.85
N THR C 522 9.39 -28.80 26.11
CA THR C 522 9.35 -30.19 26.53
C THR C 522 7.93 -30.73 26.60
N ASP C 523 6.94 -29.89 26.89
CA ASP C 523 5.56 -30.35 26.96
C ASP C 523 5.06 -30.81 25.59
N GLY C 524 5.36 -30.03 24.56
CA GLY C 524 4.91 -30.38 23.23
C GLY C 524 5.23 -29.26 22.25
N THR C 525 4.75 -29.43 21.03
CA THR C 525 4.94 -28.46 19.96
C THR C 525 3.62 -27.77 19.67
N TYR C 526 3.60 -26.44 19.82
CA TYR C 526 2.40 -25.64 19.65
C TYR C 526 2.54 -24.71 18.46
N ILE C 527 1.43 -24.51 17.76
CA ILE C 527 1.35 -23.56 16.64
C ILE C 527 0.16 -22.66 16.93
N GLY C 528 0.43 -21.49 17.51
CA GLY C 528 -0.63 -20.58 17.88
C GLY C 528 -1.27 -20.95 19.20
N GLU C 529 -2.56 -21.32 19.16
CA GLU C 529 -3.29 -21.65 20.37
C GLU C 529 -3.59 -23.14 20.51
N TYR C 530 -3.32 -23.94 19.48
CA TYR C 530 -3.70 -25.34 19.48
C TYR C 530 -2.46 -26.23 19.49
N LEU C 531 -2.51 -27.30 20.28
CA LEU C 531 -1.40 -28.23 20.35
C LEU C 531 -1.24 -28.95 19.02
N ALA C 532 -0.04 -28.88 18.45
CA ALA C 532 0.25 -29.52 17.18
C ALA C 532 0.88 -30.88 17.33
N GLU C 533 1.72 -31.10 18.34
CA GLU C 533 2.30 -32.42 18.52
C GLU C 533 2.62 -32.65 19.99
N THR C 534 2.51 -33.90 20.42
CA THR C 534 2.73 -34.31 21.80
C THR C 534 4.05 -35.04 21.93
N GLY C 535 4.62 -35.00 23.12
CA GLY C 535 5.85 -35.70 23.42
C GLY C 535 6.88 -34.76 23.98
N ASP C 536 8.15 -35.18 23.90
CA ASP C 536 9.24 -34.32 24.35
C ASP C 536 9.45 -33.16 23.37
N ASN C 537 9.84 -33.49 22.13
CA ASN C 537 9.88 -32.52 21.04
C ASN C 537 10.79 -31.34 21.34
N THR C 538 12.05 -31.64 21.68
CA THR C 538 13.04 -30.59 21.90
C THR C 538 14.28 -30.79 21.04
N GLY C 539 14.22 -31.68 20.04
CA GLY C 539 15.34 -31.93 19.18
C GLY C 539 15.17 -31.30 17.82
N PRO C 540 16.17 -31.46 16.95
CA PRO C 540 16.07 -30.89 15.60
C PRO C 540 14.97 -31.49 14.76
N GLN C 541 14.52 -32.72 15.07
CA GLN C 541 13.45 -33.35 14.30
C GLN C 541 12.10 -32.69 14.53
N SER C 542 11.89 -32.06 15.68
CA SER C 542 10.67 -31.32 15.94
C SER C 542 10.76 -29.86 15.52
N ALA C 543 11.96 -29.37 15.21
CA ALA C 543 12.09 -28.01 14.69
C ALA C 543 11.67 -27.90 13.24
N HIS C 544 11.76 -28.98 12.47
CA HIS C 544 11.33 -28.97 11.09
C HIS C 544 9.82 -28.82 10.96
N LEU C 545 9.05 -29.34 11.92
CA LEU C 545 7.61 -29.17 11.88
C LEU C 545 7.20 -27.71 12.00
N ILE C 546 7.89 -26.95 12.85
CA ILE C 546 7.58 -25.54 13.03
C ILE C 546 7.99 -24.72 11.82
N LEU C 547 9.20 -24.94 11.30
CA LEU C 547 9.70 -24.13 10.20
C LEU C 547 9.09 -24.48 8.85
N SER C 548 8.33 -25.57 8.77
CA SER C 548 7.68 -25.95 7.52
C SER C 548 6.20 -25.61 7.48
N ASP C 549 5.62 -25.16 8.59
CA ASP C 549 4.21 -24.84 8.60
C ASP C 549 3.95 -23.57 7.79
N PRO C 550 2.94 -23.57 6.92
CA PRO C 550 2.73 -22.39 6.07
C PRO C 550 1.98 -21.25 6.78
N THR C 551 1.85 -21.33 8.10
CA THR C 551 1.16 -20.30 8.86
C THR C 551 2.00 -19.69 9.97
N VAL C 552 3.21 -20.17 10.20
CA VAL C 552 4.04 -19.69 11.30
C VAL C 552 4.83 -18.47 10.85
N GLU C 553 4.83 -17.43 11.69
CA GLU C 553 5.54 -16.19 11.39
C GLU C 553 6.73 -15.94 12.29
N VAL C 554 6.71 -16.44 13.52
CA VAL C 554 7.84 -16.37 14.44
C VAL C 554 8.04 -17.75 15.04
N ALA C 555 9.30 -18.15 15.21
CA ALA C 555 9.62 -19.47 15.74
C ALA C 555 10.38 -19.31 17.04
N VAL C 556 9.93 -20.02 18.07
CA VAL C 556 10.59 -20.04 19.38
C VAL C 556 10.91 -21.49 19.69
N LEU C 557 12.19 -21.78 19.91
CA LEU C 557 12.66 -23.15 20.01
C LEU C 557 13.44 -23.33 21.30
N GLU C 558 13.04 -24.32 22.11
CA GLU C 558 13.86 -24.72 23.24
C GLU C 558 14.87 -25.75 22.76
N THR C 559 16.15 -25.38 22.77
CA THR C 559 17.21 -26.24 22.26
C THR C 559 17.87 -26.96 23.43
N ALA C 560 17.57 -28.24 23.57
CA ALA C 560 18.12 -29.03 24.66
C ALA C 560 19.54 -29.50 24.32
N ARG C 561 20.23 -29.98 25.36
CA ARG C 561 21.61 -30.45 25.18
C ARG C 561 21.66 -31.77 24.41
N GLY C 562 20.75 -32.69 24.73
CA GLY C 562 20.74 -33.97 24.03
C GLY C 562 20.50 -33.83 22.54
N GLY C 563 19.65 -32.87 22.15
CA GLY C 563 19.43 -32.63 20.74
C GLY C 563 20.68 -32.17 20.01
N ILE C 564 21.43 -31.26 20.64
CA ILE C 564 22.69 -30.81 20.03
C ILE C 564 23.69 -31.95 19.95
N LEU C 565 23.80 -32.75 21.01
CA LEU C 565 24.76 -33.85 20.99
C LEU C 565 24.40 -34.90 19.95
N ARG C 566 23.11 -35.22 19.81
CA ARG C 566 22.71 -36.35 18.96
C ARG C 566 22.80 -35.99 17.49
N SER C 567 22.12 -34.92 17.08
CA SER C 567 22.03 -34.58 15.67
C SER C 567 22.48 -33.18 15.32
N GLY C 568 22.98 -32.42 16.28
CA GLY C 568 23.38 -31.04 16.02
C GLY C 568 22.21 -30.08 16.13
N LEU C 569 22.43 -28.88 15.61
CA LEU C 569 21.43 -27.84 15.68
C LEU C 569 20.47 -27.95 14.51
N GLY C 570 19.22 -27.55 14.74
CA GLY C 570 18.16 -27.73 13.76
C GLY C 570 18.05 -26.66 12.70
N PHE C 571 18.99 -25.71 12.66
CA PHE C 571 18.94 -24.61 11.71
C PHE C 571 20.36 -24.06 11.54
N SER C 572 20.51 -23.11 10.62
CA SER C 572 21.82 -22.53 10.37
C SER C 572 22.06 -21.30 11.24
N SER C 573 21.19 -20.30 11.14
CA SER C 573 21.33 -19.05 11.87
C SER C 573 20.02 -18.70 12.58
N CYS C 574 20.14 -18.02 13.71
CA CYS C 574 18.98 -17.60 14.49
C CYS C 574 19.04 -16.10 14.69
N GLU C 575 17.86 -15.48 14.73
CA GLU C 575 17.79 -14.05 14.99
C GLU C 575 18.21 -13.71 16.41
N VAL C 576 17.77 -14.48 17.39
CA VAL C 576 18.10 -14.20 18.79
C VAL C 576 18.54 -15.49 19.46
N GLY C 577 19.65 -15.42 20.20
CA GLY C 577 20.11 -16.57 20.95
C GLY C 577 20.25 -16.28 22.44
N ILE C 578 19.46 -16.95 23.27
CA ILE C 578 19.43 -16.69 24.70
C ILE C 578 20.17 -17.83 25.40
N VAL C 579 21.10 -17.48 26.29
CA VAL C 579 21.78 -18.44 27.14
C VAL C 579 21.49 -18.05 28.58
N LEU C 580 20.79 -18.92 29.31
CA LEU C 580 20.35 -18.58 30.66
C LEU C 580 21.46 -18.82 31.68
N ASN C 581 21.93 -20.05 31.81
CA ASN C 581 22.98 -20.38 32.77
C ASN C 581 23.57 -21.73 32.41
N VAL C 582 24.77 -21.97 32.92
CA VAL C 582 25.46 -23.25 32.75
C VAL C 582 25.81 -23.77 34.14
N THR C 583 25.24 -24.93 34.49
CA THR C 583 25.44 -25.51 35.80
C THR C 583 25.72 -27.00 35.64
N ALA C 584 26.79 -27.48 36.26
CA ALA C 584 27.16 -28.89 36.20
C ALA C 584 26.32 -29.65 37.22
N ASP C 585 25.15 -30.10 36.81
CA ASP C 585 24.26 -30.88 37.66
C ASP C 585 24.16 -32.34 37.24
N HIS C 586 24.07 -32.60 35.94
CA HIS C 586 24.08 -33.97 35.41
C HIS C 586 25.28 -34.09 34.49
N LEU C 587 26.14 -35.07 34.78
CA LEU C 587 27.41 -35.21 34.07
C LEU C 587 27.65 -36.68 33.81
N GLY C 588 28.62 -36.96 32.93
CA GLY C 588 28.92 -38.30 32.51
C GLY C 588 28.15 -38.80 31.32
N ILE C 589 27.21 -38.04 30.80
CA ILE C 589 26.46 -38.45 29.62
C ILE C 589 27.28 -38.17 28.37
N GLY C 590 27.38 -39.17 27.50
CA GLY C 590 28.12 -39.00 26.26
C GLY C 590 29.59 -38.74 26.51
N ASP C 591 30.12 -37.70 25.86
CA ASP C 591 31.52 -37.32 26.00
C ASP C 591 31.66 -36.00 26.74
N ILE C 592 30.67 -35.65 27.56
CA ILE C 592 30.70 -34.43 28.35
C ILE C 592 30.94 -34.84 29.80
N ASP C 593 32.13 -34.50 30.31
CA ASP C 593 32.54 -34.89 31.65
C ASP C 593 33.09 -33.73 32.46
N THR C 594 32.94 -32.50 31.98
CA THR C 594 33.48 -31.33 32.65
C THR C 594 32.59 -30.14 32.35
N ILE C 595 32.49 -29.21 33.31
CA ILE C 595 31.69 -28.01 33.10
C ILE C 595 32.24 -27.15 31.97
N GLU C 596 33.54 -27.21 31.70
CA GLU C 596 34.09 -26.54 30.52
C GLU C 596 33.54 -27.10 29.23
N GLN C 597 33.45 -28.43 29.10
CA GLN C 597 32.82 -29.04 27.95
C GLN C 597 31.34 -28.73 27.86
N LEU C 598 30.64 -28.66 28.99
CA LEU C 598 29.24 -28.27 28.97
C LEU C 598 29.07 -26.84 28.46
N ALA C 599 29.92 -25.92 28.91
CA ALA C 599 29.88 -24.55 28.40
C ALA C 599 30.22 -24.49 26.92
N LYS C 600 31.23 -25.25 26.48
CA LYS C 600 31.57 -25.30 25.06
C LYS C 600 30.42 -25.83 24.23
N LEU C 601 29.66 -26.80 24.74
CA LEU C 601 28.50 -27.33 24.04
C LEU C 601 27.35 -26.33 23.99
N LYS C 602 27.05 -25.68 25.12
CA LYS C 602 25.98 -24.68 25.13
C LYS C 602 26.34 -23.46 24.31
N SER C 603 27.63 -23.22 24.05
CA SER C 603 28.04 -22.08 23.26
C SER C 603 27.66 -22.18 21.80
N VAL C 604 27.17 -23.33 21.34
CA VAL C 604 26.77 -23.48 19.95
C VAL C 604 25.65 -22.50 19.61
N VAL C 605 24.67 -22.36 20.50
CA VAL C 605 23.56 -21.45 20.26
C VAL C 605 24.05 -20.02 20.15
N ALA C 606 24.92 -19.60 21.07
CA ALA C 606 25.41 -18.23 21.06
C ALA C 606 26.28 -17.95 19.84
N GLU C 607 27.13 -18.89 19.45
CA GLU C 607 28.04 -18.65 18.33
C GLU C 607 27.35 -18.71 16.99
N SER C 608 26.19 -19.35 16.91
CA SER C 608 25.44 -19.45 15.65
C SER C 608 24.38 -18.35 15.55
N VAL C 609 24.81 -17.10 15.71
CA VAL C 609 23.93 -15.95 15.62
C VAL C 609 24.40 -15.07 14.47
N MET C 610 23.48 -14.68 13.60
CA MET C 610 23.84 -13.91 12.43
C MET C 610 24.36 -12.53 12.84
N PRO C 611 25.15 -11.88 11.98
CA PRO C 611 25.81 -10.62 12.38
C PRO C 611 24.84 -9.53 12.80
N LYS C 612 23.60 -9.54 12.32
CA LYS C 612 22.62 -8.55 12.71
C LYS C 612 21.72 -9.04 13.84
N GLY C 613 22.03 -10.21 14.41
CA GLY C 613 21.25 -10.74 15.51
C GLY C 613 21.75 -10.27 16.86
N TYR C 614 21.21 -10.89 17.90
CA TYR C 614 21.55 -10.57 19.27
C TYR C 614 21.81 -11.84 20.07
N ALA C 615 22.78 -11.77 20.97
CA ALA C 615 23.06 -12.83 21.92
C ALA C 615 22.76 -12.31 23.32
N VAL C 616 21.74 -12.88 23.96
CA VAL C 616 21.36 -12.50 25.32
C VAL C 616 22.08 -13.42 26.28
N LEU C 617 22.83 -12.84 27.20
CA LEU C 617 23.70 -13.59 28.10
C LEU C 617 23.51 -13.13 29.54
N ASN C 618 23.79 -14.05 30.46
CA ASN C 618 23.70 -13.78 31.89
C ASN C 618 25.04 -13.22 32.37
N ALA C 619 25.01 -12.01 32.93
CA ALA C 619 26.24 -11.35 33.36
C ALA C 619 26.77 -11.90 34.67
N GLU C 620 25.94 -12.58 35.45
CA GLU C 620 26.34 -13.09 36.76
C GLU C 620 27.01 -14.45 36.69
N ASP C 621 27.04 -15.08 35.52
CA ASP C 621 27.67 -16.38 35.39
C ASP C 621 29.01 -16.21 34.69
N PRO C 622 30.13 -16.52 35.34
CA PRO C 622 31.44 -16.32 34.69
C PRO C 622 31.62 -17.14 33.42
N LEU C 623 31.03 -18.33 33.34
CA LEU C 623 31.15 -19.15 32.15
C LEU C 623 30.31 -18.63 30.99
N VAL C 624 29.08 -18.22 31.26
CA VAL C 624 28.22 -17.68 30.20
C VAL C 624 28.76 -16.36 29.71
N ALA C 625 29.18 -15.48 30.62
CA ALA C 625 29.75 -14.20 30.22
C ALA C 625 31.00 -14.36 29.38
N ALA C 626 31.79 -15.41 29.64
CA ALA C 626 32.98 -15.67 28.84
C ALA C 626 32.65 -15.95 27.38
N MET C 627 31.41 -16.32 27.08
CA MET C 627 30.98 -16.48 25.68
C MET C 627 30.80 -15.14 24.98
N ALA C 628 31.13 -14.02 25.63
CA ALA C 628 31.00 -12.73 24.98
C ALA C 628 31.84 -12.64 23.72
N ASP C 629 33.05 -13.19 23.76
CA ASP C 629 33.89 -13.26 22.57
C ASP C 629 33.32 -14.30 21.60
N ARG C 630 34.00 -14.46 20.47
CA ARG C 630 33.62 -15.39 19.41
C ARG C 630 32.11 -15.40 19.16
N VAL C 631 31.52 -14.21 19.15
CA VAL C 631 30.11 -14.02 18.87
C VAL C 631 29.99 -12.98 17.77
N LYS C 632 29.34 -13.35 16.67
CA LYS C 632 29.06 -12.41 15.59
C LYS C 632 27.70 -11.77 15.84
N GLY C 633 27.68 -10.46 16.01
CA GLY C 633 26.47 -9.77 16.38
C GLY C 633 26.55 -9.17 17.77
N GLN C 634 25.56 -8.34 18.08
CA GLN C 634 25.57 -7.61 19.34
C GLN C 634 25.30 -8.54 20.52
N VAL C 635 25.74 -8.09 21.69
CA VAL C 635 25.59 -8.83 22.93
C VAL C 635 24.78 -7.99 23.90
N ALA C 636 23.79 -8.62 24.54
CA ALA C 636 22.97 -7.96 25.53
C ALA C 636 23.03 -8.76 26.82
N TYR C 637 23.39 -8.09 27.91
CA TYR C 637 23.53 -8.73 29.21
C TYR C 637 22.28 -8.51 30.05
N PHE C 638 21.95 -9.50 30.87
CA PHE C 638 20.93 -9.35 31.89
C PHE C 638 21.48 -9.84 33.21
N SER C 639 21.09 -9.17 34.29
CA SER C 639 21.65 -9.48 35.60
C SER C 639 20.64 -9.14 36.68
N MET C 640 20.58 -9.98 37.71
CA MET C 640 19.74 -9.71 38.87
C MET C 640 20.40 -8.77 39.86
N ASP C 641 21.70 -8.49 39.70
CA ASP C 641 22.38 -7.54 40.55
C ASP C 641 22.58 -6.24 39.78
N PRO C 642 21.97 -5.14 40.20
CA PRO C 642 22.09 -3.89 39.43
C PRO C 642 23.49 -3.30 39.44
N ASN C 643 24.39 -3.77 40.30
CA ASN C 643 25.73 -3.20 40.41
C ASN C 643 26.80 -4.08 39.76
N ASN C 644 26.41 -4.92 38.80
CA ASN C 644 27.39 -5.72 38.08
C ASN C 644 28.32 -4.82 37.27
N GLU C 645 29.62 -4.92 37.54
CA GLU C 645 30.57 -4.02 36.90
C GLU C 645 30.65 -4.27 35.40
N LEU C 646 30.59 -5.52 34.96
CA LEU C 646 30.64 -5.82 33.54
C LEU C 646 29.45 -5.23 32.80
N LEU C 647 28.25 -5.39 33.36
CA LEU C 647 27.06 -4.85 32.72
C LEU C 647 27.09 -3.33 32.68
N LEU C 648 27.48 -2.70 33.78
CA LEU C 648 27.53 -1.24 33.84
C LEU C 648 28.54 -0.69 32.84
N ARG C 649 29.71 -1.33 32.76
CA ARG C 649 30.71 -0.92 31.78
C ARG C 649 30.22 -1.16 30.35
N HIS C 650 29.43 -2.21 30.13
CA HIS C 650 28.86 -2.46 28.82
C HIS C 650 27.84 -1.42 28.41
N THR C 651 27.03 -0.93 29.35
CA THR C 651 26.02 0.08 29.02
C THR C 651 26.64 1.43 28.70
N GLU C 652 27.78 1.76 29.29
CA GLU C 652 28.38 3.08 29.08
C GLU C 652 28.75 3.32 27.62
N ALA C 653 29.15 2.28 26.89
CA ALA C 653 29.50 2.37 25.48
C ALA C 653 28.57 1.42 24.73
N GLY C 654 27.40 1.93 24.33
CA GLY C 654 26.40 1.10 23.69
C GLY C 654 25.17 0.94 24.55
N GLY C 655 24.88 -0.27 24.99
CA GLY C 655 23.78 -0.48 25.91
C GLY C 655 23.06 -1.80 25.77
N LEU C 656 21.74 -1.77 25.88
CA LEU C 656 20.88 -2.96 25.79
C LEU C 656 21.23 -3.96 26.90
N ALA C 657 20.93 -3.56 28.12
CA ALA C 657 21.00 -4.44 29.28
C ALA C 657 19.63 -4.48 29.96
N ALA C 658 19.47 -5.42 30.88
CA ALA C 658 18.23 -5.53 31.64
C ALA C 658 18.58 -5.86 33.08
N ILE C 659 18.02 -5.10 34.03
CA ILE C 659 18.36 -5.27 35.44
C ILE C 659 17.07 -5.25 36.26
N TYR C 660 17.23 -5.55 37.56
CA TYR C 660 16.16 -5.55 38.55
C TYR C 660 16.65 -4.63 39.67
N GLU C 661 16.28 -3.35 39.59
CA GLU C 661 16.96 -2.34 40.40
C GLU C 661 16.28 -2.06 41.74
N ASN C 662 15.06 -1.53 41.72
CA ASN C 662 14.31 -1.23 42.94
C ASN C 662 12.89 -1.77 42.76
N GLY C 663 12.72 -3.06 43.00
CA GLY C 663 11.43 -3.69 42.80
C GLY C 663 10.87 -3.43 41.42
N TYR C 664 11.75 -3.29 40.44
CA TYR C 664 11.36 -2.96 39.08
C TYR C 664 12.14 -3.81 38.08
N ILE C 665 11.54 -4.05 36.93
CA ILE C 665 12.21 -4.71 35.82
C ILE C 665 12.56 -3.61 34.81
N SER C 666 13.84 -3.29 34.69
CA SER C 666 14.28 -2.12 33.94
C SER C 666 15.14 -2.52 32.76
N ILE C 667 14.99 -1.78 31.67
CA ILE C 667 15.82 -1.92 30.48
C ILE C 667 16.74 -0.71 30.40
N LEU C 668 18.03 -0.97 30.25
CA LEU C 668 19.03 0.09 30.11
C LEU C 668 19.44 0.16 28.64
N LYS C 669 19.12 1.27 28.00
CA LYS C 669 19.49 1.51 26.60
C LYS C 669 20.65 2.48 26.49
N GLY C 670 21.62 2.37 27.39
CA GLY C 670 22.69 3.33 27.47
C GLY C 670 22.66 4.09 28.77
N ASP C 671 22.34 5.37 28.71
CA ASP C 671 22.16 6.19 29.90
C ASP C 671 20.69 6.39 30.25
N TRP C 672 19.79 5.68 29.58
CA TRP C 672 18.36 5.81 29.80
C TRP C 672 17.82 4.53 30.44
N THR C 673 16.88 4.70 31.37
CA THR C 673 16.27 3.59 32.08
C THR C 673 14.80 3.53 31.70
N LEU C 674 14.34 2.38 31.25
CA LEU C 674 12.95 2.16 30.86
C LEU C 674 12.36 1.10 31.78
N ARG C 675 11.46 1.51 32.66
CA ARG C 675 10.89 0.59 33.64
C ARG C 675 9.69 -0.13 33.04
N ILE C 676 9.69 -1.45 33.15
CA ILE C 676 8.62 -2.26 32.56
C ILE C 676 7.50 -2.48 33.57
N GLU C 677 7.82 -3.10 34.71
CA GLU C 677 6.80 -3.46 35.68
C GLU C 677 7.44 -3.55 37.06
N LYS C 678 6.58 -3.59 38.08
CA LYS C 678 6.99 -3.55 39.47
C LYS C 678 7.33 -4.92 40.04
N ALA C 679 7.29 -5.97 39.22
CA ALA C 679 7.75 -7.31 39.59
C ALA C 679 6.89 -7.95 40.67
N VAL C 680 5.91 -7.22 41.19
CA VAL C 680 4.93 -7.78 42.10
C VAL C 680 3.56 -7.92 41.45
N ASN C 681 3.33 -7.27 40.32
CA ASN C 681 2.11 -7.41 39.55
C ASN C 681 2.20 -8.52 38.51
N VAL C 682 3.35 -9.19 38.42
CA VAL C 682 3.52 -10.32 37.51
C VAL C 682 3.26 -11.61 38.27
N PRO C 683 2.26 -12.40 37.88
CA PRO C 683 1.90 -13.58 38.68
C PRO C 683 3.01 -14.61 38.83
N ILE C 684 3.87 -14.77 37.83
CA ILE C 684 4.86 -15.84 37.87
C ILE C 684 5.88 -15.65 38.99
N THR C 685 6.17 -14.42 39.39
CA THR C 685 7.13 -14.19 40.47
C THR C 685 6.53 -14.43 41.85
N MET C 686 5.21 -14.60 41.94
CA MET C 686 4.52 -14.76 43.22
C MET C 686 4.83 -13.60 44.15
N ALA C 687 4.43 -12.39 43.71
CA ALA C 687 4.68 -11.16 44.44
C ALA C 687 6.17 -10.95 44.68
N GLY C 688 6.98 -11.35 43.72
CA GLY C 688 8.41 -11.14 43.81
C GLY C 688 9.13 -11.98 44.84
N LYS C 689 8.56 -13.13 45.23
CA LYS C 689 9.18 -13.99 46.21
C LYS C 689 10.17 -14.97 45.61
N ALA C 690 9.89 -15.48 44.42
CA ALA C 690 10.77 -16.46 43.78
C ALA C 690 11.82 -15.72 42.95
N PRO C 691 13.11 -15.79 43.30
CA PRO C 691 14.12 -15.10 42.50
C PRO C 691 14.46 -15.79 41.20
N PHE C 692 14.12 -17.07 41.05
CA PHE C 692 14.40 -17.77 39.80
C PHE C 692 13.51 -17.26 38.67
N MET C 693 12.29 -16.87 38.98
CA MET C 693 11.35 -16.40 37.97
C MET C 693 11.71 -15.03 37.41
N ILE C 694 12.25 -14.15 38.24
CA ILE C 694 12.63 -12.82 37.77
C ILE C 694 13.78 -12.90 36.78
N ALA C 695 14.72 -13.83 36.99
CA ALA C 695 15.80 -14.01 36.04
C ALA C 695 15.28 -14.43 34.68
N ASN C 696 14.30 -15.34 34.64
CA ASN C 696 13.68 -15.71 33.38
C ASN C 696 12.90 -14.58 32.75
N ALA C 697 12.17 -13.80 33.54
CA ALA C 697 11.44 -12.66 33.01
C ALA C 697 12.35 -11.60 32.41
N LEU C 698 13.50 -11.34 33.04
CA LEU C 698 14.45 -10.38 32.47
C LEU C 698 14.91 -10.82 31.09
N ALA C 699 15.29 -12.09 30.94
CA ALA C 699 15.73 -12.58 29.64
C ALA C 699 14.61 -12.51 28.62
N ALA C 700 13.40 -12.91 29.02
CA ALA C 700 12.28 -12.88 28.08
C ALA C 700 11.97 -11.47 27.60
N CYS C 701 11.99 -10.49 28.51
CA CYS C 701 11.72 -9.12 28.11
C CYS C 701 12.85 -8.55 27.25
N LEU C 702 14.10 -8.79 27.63
CA LEU C 702 15.22 -8.27 26.86
C LEU C 702 15.28 -8.86 25.47
N ALA C 703 14.90 -10.14 25.31
CA ALA C 703 14.95 -10.76 23.99
C ALA C 703 14.01 -10.05 23.01
N VAL C 704 12.79 -9.74 23.45
CA VAL C 704 11.84 -9.09 22.54
C VAL C 704 12.07 -7.59 22.43
N PHE C 705 12.71 -6.96 23.43
CA PHE C 705 12.99 -5.53 23.28
C PHE C 705 13.98 -5.26 22.15
N THR C 706 14.97 -6.14 21.96
CA THR C 706 15.95 -5.94 20.89
C THR C 706 15.33 -6.13 19.51
N GLN C 707 14.15 -6.72 19.43
CA GLN C 707 13.50 -6.97 18.15
C GLN C 707 12.52 -5.86 17.75
N GLY C 708 12.42 -4.80 18.55
CA GLY C 708 11.55 -3.69 18.22
C GLY C 708 10.14 -3.78 18.75
N VAL C 709 9.85 -4.72 19.64
CA VAL C 709 8.52 -4.83 20.20
C VAL C 709 8.26 -3.66 21.14
N LYS C 710 7.07 -3.09 21.05
CA LYS C 710 6.72 -1.91 21.85
C LYS C 710 6.66 -2.27 23.33
N ILE C 711 6.87 -1.26 24.18
CA ILE C 711 6.88 -1.47 25.62
C ILE C 711 5.51 -1.90 26.13
N GLU C 712 4.43 -1.31 25.61
CA GLU C 712 3.11 -1.65 26.10
C GLU C 712 2.76 -3.10 25.81
N HIS C 713 3.16 -3.62 24.66
CA HIS C 713 2.95 -5.04 24.38
C HIS C 713 3.70 -5.92 25.37
N ILE C 714 4.95 -5.58 25.68
CA ILE C 714 5.73 -6.34 26.64
C ILE C 714 5.04 -6.32 28.00
N ARG C 715 4.58 -5.15 28.44
CA ARG C 715 3.93 -5.03 29.73
C ARG C 715 2.62 -5.83 29.78
N LYS C 716 1.80 -5.72 28.74
CA LYS C 716 0.54 -6.46 28.71
C LYS C 716 0.79 -7.97 28.71
N GLY C 717 1.76 -8.43 27.92
CA GLY C 717 2.08 -9.85 27.91
C GLY C 717 2.63 -10.35 29.22
N LEU C 718 3.48 -9.57 29.89
CA LEU C 718 4.04 -9.98 31.16
C LEU C 718 3.02 -9.96 32.29
N SER C 719 2.04 -9.05 32.24
CA SER C 719 1.06 -8.94 33.31
C SER C 719 0.03 -10.06 33.31
N THR C 720 -0.26 -10.66 32.15
CA THR C 720 -1.33 -11.64 32.04
C THR C 720 -0.85 -13.07 31.86
N PHE C 721 0.44 -13.33 31.97
CA PHE C 721 0.97 -14.68 31.78
C PHE C 721 0.73 -15.49 33.04
N VAL C 722 0.17 -16.69 32.87
CA VAL C 722 -0.12 -17.60 33.98
C VAL C 722 0.60 -18.91 33.72
N ALA C 723 1.19 -19.48 34.77
CA ALA C 723 1.91 -20.74 34.65
C ALA C 723 0.95 -21.91 34.46
N MET D 1 -41.88 -22.16 -50.21
CA MET D 1 -40.98 -21.67 -49.17
C MET D 1 -39.54 -21.97 -49.53
N LYS D 2 -38.65 -21.02 -49.21
CA LYS D 2 -37.22 -21.19 -49.49
C LYS D 2 -36.43 -20.39 -48.47
N ILE D 3 -35.43 -21.02 -47.87
CA ILE D 3 -34.59 -20.38 -46.88
C ILE D 3 -33.48 -19.61 -47.60
N LEU D 4 -33.46 -18.29 -47.43
CA LEU D 4 -32.46 -17.47 -48.10
C LEU D 4 -31.27 -17.17 -47.19
N LYS D 5 -31.52 -16.64 -45.99
CA LYS D 5 -30.43 -16.33 -45.07
C LYS D 5 -30.88 -16.60 -43.64
N LEU D 6 -29.96 -17.09 -42.83
CA LEU D 6 -30.22 -17.44 -41.44
C LEU D 6 -29.03 -16.98 -40.61
N GLN D 7 -29.19 -15.86 -39.91
CA GLN D 7 -28.13 -15.27 -39.10
C GLN D 7 -28.44 -15.46 -37.62
N THR D 8 -27.39 -15.49 -36.81
CA THR D 8 -27.52 -15.64 -35.36
C THR D 8 -26.88 -14.44 -34.67
N LEU D 9 -27.60 -13.88 -33.70
CA LEU D 9 -27.16 -12.73 -32.94
C LEU D 9 -26.96 -13.12 -31.48
N ARG D 10 -25.84 -12.71 -30.91
CA ARG D 10 -25.44 -13.11 -29.57
C ARG D 10 -25.33 -11.97 -28.58
N GLY D 11 -25.42 -10.72 -29.02
CA GLY D 11 -25.37 -9.59 -28.12
C GLY D 11 -26.51 -8.64 -28.36
N PRO D 12 -26.44 -7.44 -27.78
CA PRO D 12 -27.44 -6.42 -28.09
C PRO D 12 -27.46 -6.12 -29.57
N ASN D 13 -28.67 -5.95 -30.11
CA ASN D 13 -28.85 -5.94 -31.55
C ASN D 13 -29.99 -5.00 -31.92
N TYR D 14 -30.25 -4.89 -33.22
CA TYR D 14 -31.27 -3.98 -33.72
C TYR D 14 -32.66 -4.36 -33.22
N TRP D 15 -32.91 -5.67 -33.04
CA TRP D 15 -34.25 -6.12 -32.73
C TRP D 15 -34.62 -5.86 -31.28
N SER D 16 -33.68 -6.03 -30.35
CA SER D 16 -34.01 -5.86 -28.95
C SER D 16 -32.74 -5.64 -28.13
N ILE D 17 -32.94 -5.24 -26.88
CA ILE D 17 -31.89 -5.17 -25.87
C ILE D 17 -32.40 -5.88 -24.64
N HIS D 18 -31.50 -6.60 -23.97
CA HIS D 18 -31.73 -7.58 -22.90
C HIS D 18 -32.14 -8.92 -23.50
N ARG D 19 -32.29 -9.02 -24.82
CA ARG D 19 -32.52 -10.27 -25.53
C ARG D 19 -31.35 -10.45 -26.48
N HIS D 20 -30.28 -11.06 -25.97
CA HIS D 20 -29.05 -11.16 -26.75
C HIS D 20 -29.07 -12.34 -27.71
N LYS D 21 -29.62 -13.47 -27.28
CA LYS D 21 -29.60 -14.70 -28.09
C LYS D 21 -30.83 -14.70 -28.99
N LEU D 22 -30.63 -14.43 -30.28
CA LEU D 22 -31.72 -14.44 -31.25
C LEU D 22 -31.25 -15.05 -32.55
N VAL D 23 -32.20 -15.48 -33.38
CA VAL D 23 -31.91 -15.95 -34.72
C VAL D 23 -32.86 -15.25 -35.68
N VAL D 24 -32.33 -14.74 -36.79
CA VAL D 24 -33.10 -14.02 -37.79
C VAL D 24 -33.06 -14.81 -39.09
N MET D 25 -34.21 -14.94 -39.74
CA MET D 25 -34.33 -15.70 -40.96
C MET D 25 -35.10 -14.90 -42.01
N ARG D 26 -34.58 -14.92 -43.24
CA ARG D 26 -35.25 -14.32 -44.38
C ARG D 26 -36.00 -15.42 -45.11
N LEU D 27 -37.32 -15.41 -45.02
CA LEU D 27 -38.14 -16.49 -45.53
C LEU D 27 -38.81 -16.09 -46.83
N ASP D 28 -38.63 -16.90 -47.87
CA ASP D 28 -39.18 -16.62 -49.19
C ASP D 28 -40.56 -17.25 -49.31
N LEU D 29 -41.60 -16.42 -49.24
CA LEU D 29 -42.99 -16.87 -49.41
C LEU D 29 -43.30 -16.83 -50.90
N GLU D 30 -42.76 -17.82 -51.62
CA GLU D 30 -42.85 -17.81 -53.08
C GLU D 30 -44.29 -17.89 -53.56
N ASP D 31 -45.10 -18.74 -52.94
CA ASP D 31 -46.46 -18.99 -53.41
C ASP D 31 -47.53 -18.68 -52.38
N LEU D 32 -47.20 -18.62 -51.10
CA LEU D 32 -48.17 -18.37 -50.03
C LEU D 32 -48.07 -16.95 -49.49
N TYR D 33 -47.79 -15.98 -50.37
CA TYR D 33 -47.47 -14.63 -49.91
C TYR D 33 -48.68 -13.94 -49.28
N GLU D 34 -49.87 -14.16 -49.83
CA GLU D 34 -51.08 -13.48 -49.36
C GLU D 34 -52.22 -14.47 -49.20
N LYS D 35 -51.94 -15.57 -48.49
CA LYS D 35 -52.95 -16.59 -48.21
C LYS D 35 -53.12 -16.69 -46.70
N TYR D 36 -54.23 -16.20 -46.19
CA TYR D 36 -54.54 -16.30 -44.78
C TYR D 36 -54.92 -17.74 -44.42
N THR D 37 -54.75 -18.07 -43.13
CA THR D 37 -55.01 -19.43 -42.68
C THR D 37 -56.47 -19.81 -42.87
N SER D 38 -57.38 -18.86 -42.64
CA SER D 38 -58.81 -19.14 -42.79
C SER D 38 -59.20 -19.43 -44.23
N ASP D 39 -58.42 -18.96 -45.20
CA ASP D 39 -58.74 -19.16 -46.60
C ASP D 39 -58.14 -20.42 -47.19
N ILE D 40 -57.33 -21.15 -46.44
CA ILE D 40 -56.70 -22.37 -46.93
C ILE D 40 -57.31 -23.55 -46.16
N PRO D 41 -57.87 -24.55 -46.83
CA PRO D 41 -58.78 -25.50 -46.16
C PRO D 41 -58.04 -26.52 -45.32
N GLY D 42 -58.52 -26.72 -44.09
CA GLY D 42 -58.11 -27.86 -43.29
C GLY D 42 -56.85 -27.70 -42.49
N PHE D 43 -56.51 -26.48 -42.06
CA PHE D 43 -55.23 -26.29 -41.38
C PHE D 43 -55.40 -25.93 -39.92
N TYR D 44 -56.54 -25.37 -39.54
CA TYR D 44 -56.79 -25.15 -38.13
C TYR D 44 -56.80 -26.48 -37.38
N LYS D 45 -57.54 -27.46 -37.89
CA LYS D 45 -57.63 -28.76 -37.24
C LYS D 45 -56.30 -29.48 -37.24
N GLY D 46 -55.62 -29.53 -38.39
CA GLY D 46 -54.34 -30.21 -38.45
C GLY D 46 -53.29 -29.56 -37.57
N LEU D 47 -53.25 -28.22 -37.55
CA LEU D 47 -52.31 -27.51 -36.70
C LEU D 47 -52.60 -27.75 -35.23
N THR D 48 -53.88 -27.74 -34.84
CA THR D 48 -54.22 -27.94 -33.43
C THR D 48 -54.09 -29.39 -32.99
N GLU D 49 -54.07 -30.35 -33.93
CA GLU D 49 -53.87 -31.73 -33.52
C GLU D 49 -52.41 -32.16 -33.56
N VAL D 50 -51.61 -31.62 -34.49
CA VAL D 50 -50.19 -31.97 -34.51
C VAL D 50 -49.47 -31.32 -33.33
N LEU D 51 -49.78 -30.06 -33.04
CA LEU D 51 -49.26 -29.34 -31.87
C LEU D 51 -50.42 -28.79 -31.05
N PRO D 52 -51.00 -29.59 -30.16
CA PRO D 52 -52.00 -29.03 -29.22
C PRO D 52 -51.43 -27.96 -28.31
N SER D 53 -50.15 -28.03 -27.98
CA SER D 53 -49.55 -27.09 -27.04
C SER D 53 -49.59 -25.65 -27.53
N LEU D 54 -49.86 -25.43 -28.82
CA LEU D 54 -50.03 -24.07 -29.32
C LEU D 54 -51.20 -23.37 -28.64
N VAL D 55 -52.10 -24.11 -27.99
CA VAL D 55 -53.18 -23.49 -27.23
C VAL D 55 -52.63 -22.66 -26.08
N GLU D 56 -51.39 -22.90 -25.67
CA GLU D 56 -50.79 -22.16 -24.56
C GLU D 56 -50.26 -20.79 -24.98
N HIS D 57 -50.17 -20.52 -26.28
CA HIS D 57 -49.57 -19.27 -26.77
C HIS D 57 -50.50 -18.11 -26.45
N LEU D 58 -50.10 -17.28 -25.48
CA LEU D 58 -50.83 -16.06 -25.15
C LEU D 58 -50.39 -14.97 -26.12
N CYS D 59 -51.06 -14.91 -27.27
CA CYS D 59 -50.66 -13.99 -28.33
C CYS D 59 -51.14 -12.58 -28.06
N SER D 60 -51.08 -11.73 -29.09
CA SER D 60 -51.49 -10.33 -29.03
C SER D 60 -52.86 -10.10 -28.41
N PRO D 61 -53.84 -11.02 -28.55
CA PRO D 61 -55.06 -10.89 -27.75
C PRO D 61 -54.80 -10.87 -26.25
N GLY D 62 -53.77 -11.56 -25.77
CA GLY D 62 -53.46 -11.57 -24.36
C GLY D 62 -54.30 -12.50 -23.53
N VAL D 63 -55.03 -13.43 -24.15
CA VAL D 63 -55.89 -14.36 -23.46
C VAL D 63 -55.52 -15.77 -23.90
N LYS D 64 -55.75 -16.75 -23.01
CA LYS D 64 -55.44 -18.14 -23.31
C LYS D 64 -56.12 -18.58 -24.60
N GLY D 65 -55.34 -19.21 -25.48
CA GLY D 65 -55.83 -19.59 -26.77
C GLY D 65 -55.97 -18.47 -27.77
N GLY D 66 -55.39 -17.30 -27.48
CA GLY D 66 -55.55 -16.16 -28.38
C GLY D 66 -54.93 -16.41 -29.74
N PHE D 67 -53.80 -17.12 -29.80
CA PHE D 67 -53.18 -17.42 -31.07
C PHE D 67 -54.09 -18.29 -31.94
N LEU D 68 -54.81 -19.23 -31.32
CA LEU D 68 -55.75 -20.05 -32.08
C LEU D 68 -56.86 -19.20 -32.68
N THR D 69 -57.39 -18.24 -31.92
CA THR D 69 -58.40 -17.34 -32.45
C THR D 69 -57.83 -16.49 -33.59
N ARG D 70 -56.58 -16.04 -33.45
CA ARG D 70 -55.95 -15.27 -34.51
C ARG D 70 -55.82 -16.11 -35.78
N VAL D 71 -55.47 -17.39 -35.63
CA VAL D 71 -55.42 -18.28 -36.78
C VAL D 71 -56.80 -18.46 -37.39
N GLU D 72 -57.83 -18.55 -36.54
CA GLU D 72 -59.20 -18.69 -37.03
C GLU D 72 -59.61 -17.48 -37.87
N LYS D 73 -59.22 -16.28 -37.43
CA LYS D 73 -59.56 -15.07 -38.18
C LYS D 73 -58.79 -14.94 -39.48
N GLY D 74 -57.78 -15.77 -39.71
CA GLY D 74 -56.97 -15.64 -40.91
C GLY D 74 -55.70 -14.86 -40.65
N THR D 75 -54.54 -15.53 -40.72
CA THR D 75 -53.28 -14.92 -40.38
C THR D 75 -52.23 -15.32 -41.40
N LEU D 76 -51.29 -14.41 -41.64
CA LEU D 76 -50.17 -14.72 -42.53
C LEU D 76 -49.34 -15.86 -41.94
N ILE D 77 -48.76 -16.67 -42.83
CA ILE D 77 -48.10 -17.88 -42.38
C ILE D 77 -46.83 -17.60 -41.58
N GLY D 78 -46.22 -16.44 -41.72
CA GLY D 78 -45.02 -16.15 -40.94
C GLY D 78 -45.28 -16.20 -39.44
N HIS D 79 -46.45 -15.69 -39.02
CA HIS D 79 -46.80 -15.68 -37.61
C HIS D 79 -46.92 -17.11 -37.08
N VAL D 80 -47.59 -17.99 -37.82
CA VAL D 80 -47.73 -19.35 -37.35
C VAL D 80 -46.40 -20.09 -37.42
N ILE D 81 -45.54 -19.75 -38.38
CA ILE D 81 -44.22 -20.37 -38.44
C ILE D 81 -43.40 -20.01 -37.21
N GLU D 82 -43.39 -18.73 -36.83
CA GLU D 82 -42.62 -18.37 -35.64
C GLU D 82 -43.23 -19.00 -34.40
N HIS D 83 -44.56 -19.06 -34.31
CA HIS D 83 -45.19 -19.67 -33.14
C HIS D 83 -44.86 -21.16 -33.05
N VAL D 84 -44.90 -21.87 -34.18
CA VAL D 84 -44.62 -23.31 -34.14
C VAL D 84 -43.15 -23.55 -33.87
N ALA D 85 -42.25 -22.66 -34.32
CA ALA D 85 -40.85 -22.81 -33.96
C ALA D 85 -40.64 -22.63 -32.46
N ILE D 86 -41.28 -21.61 -31.88
CA ILE D 86 -41.19 -21.40 -30.43
C ILE D 86 -41.70 -22.63 -29.69
N GLU D 87 -42.85 -23.16 -30.11
CA GLU D 87 -43.39 -24.33 -29.42
C GLU D 87 -42.52 -25.57 -29.64
N LEU D 88 -41.96 -25.72 -30.83
CA LEU D 88 -41.12 -26.88 -31.13
C LEU D 88 -39.88 -26.90 -30.25
N GLN D 89 -39.23 -25.76 -30.07
CA GLN D 89 -38.09 -25.75 -29.16
C GLN D 89 -38.52 -25.60 -27.71
N GLU D 90 -39.79 -25.31 -27.44
CA GLU D 90 -40.29 -25.32 -26.07
C GLU D 90 -40.53 -26.74 -25.57
N LEU D 91 -41.02 -27.63 -26.44
CA LEU D 91 -41.35 -28.98 -26.00
C LEU D 91 -40.11 -29.77 -25.61
N ALA D 92 -38.93 -29.34 -26.08
CA ALA D 92 -37.68 -30.01 -25.73
C ALA D 92 -37.15 -29.60 -24.36
N GLY D 93 -37.91 -28.81 -23.60
CA GLY D 93 -37.47 -28.35 -22.30
C GLY D 93 -36.71 -27.04 -22.32
N MET D 94 -36.80 -26.28 -23.40
CA MET D 94 -36.03 -25.05 -23.57
C MET D 94 -36.98 -23.86 -23.55
N PRO D 95 -37.08 -23.13 -22.45
CA PRO D 95 -38.05 -22.02 -22.36
C PRO D 95 -37.58 -20.81 -23.17
N VAL D 96 -38.42 -20.39 -24.12
CA VAL D 96 -38.18 -19.20 -24.93
C VAL D 96 -39.50 -18.47 -25.12
N GLY D 97 -39.44 -17.14 -25.10
CA GLY D 97 -40.68 -16.37 -25.18
C GLY D 97 -40.63 -15.10 -26.00
N PHE D 98 -39.82 -15.06 -27.05
CA PHE D 98 -39.73 -13.89 -27.91
C PHE D 98 -39.83 -14.30 -29.37
N GLY D 99 -40.55 -13.50 -30.16
CA GLY D 99 -40.69 -13.75 -31.58
C GLY D 99 -41.28 -12.57 -32.32
N ARG D 100 -40.78 -12.29 -33.51
CA ARG D 100 -41.24 -11.16 -34.30
C ARG D 100 -41.27 -11.52 -35.78
N THR D 101 -42.09 -10.81 -36.54
CA THR D 101 -42.20 -11.02 -37.98
C THR D 101 -42.51 -9.69 -38.64
N ARG D 102 -41.75 -9.36 -39.69
CA ARG D 102 -41.94 -8.10 -40.40
C ARG D 102 -41.78 -8.28 -41.89
N GLU D 103 -42.36 -7.35 -42.64
CA GLU D 103 -42.21 -7.29 -44.08
C GLU D 103 -40.99 -6.45 -44.45
N THR D 104 -40.22 -6.92 -45.42
CA THR D 104 -39.08 -6.17 -45.92
C THR D 104 -39.46 -5.36 -47.16
N SER D 105 -38.47 -4.71 -47.75
CA SER D 105 -38.70 -3.98 -48.99
C SER D 105 -39.12 -4.92 -50.11
N THR D 106 -38.46 -6.08 -50.21
CA THR D 106 -38.82 -7.06 -51.22
C THR D 106 -40.21 -7.60 -50.96
N THR D 107 -40.99 -7.73 -52.05
CA THR D 107 -42.41 -8.04 -51.92
C THR D 107 -42.64 -9.49 -51.48
N GLY D 108 -41.72 -10.39 -51.80
CA GLY D 108 -41.98 -11.81 -51.62
C GLY D 108 -41.40 -12.48 -50.40
N VAL D 109 -40.59 -11.78 -49.61
CA VAL D 109 -39.86 -12.38 -48.51
C VAL D 109 -40.18 -11.64 -47.22
N PHE D 110 -40.18 -12.37 -46.11
CA PHE D 110 -40.42 -11.86 -44.77
C PHE D 110 -39.16 -11.99 -43.94
N GLN D 111 -39.11 -11.28 -42.81
CA GLN D 111 -38.05 -11.44 -41.82
C GLN D 111 -38.68 -11.93 -40.53
N VAL D 112 -38.17 -13.05 -40.01
CA VAL D 112 -38.71 -13.68 -38.80
C VAL D 112 -37.59 -13.81 -37.78
N VAL D 113 -37.86 -13.35 -36.56
CA VAL D 113 -36.90 -13.36 -35.46
C VAL D 113 -37.40 -14.28 -34.38
N ILE D 114 -36.55 -15.21 -33.94
CA ILE D 114 -36.91 -16.27 -33.01
C ILE D 114 -35.90 -16.29 -31.86
N GLU D 115 -36.40 -16.34 -30.64
CA GLU D 115 -35.53 -16.45 -29.47
C GLU D 115 -35.06 -17.89 -29.31
N TYR D 116 -33.81 -18.06 -28.89
CA TYR D 116 -33.24 -19.38 -28.67
C TYR D 116 -32.45 -19.40 -27.37
N GLU D 117 -32.29 -20.61 -26.84
CA GLU D 117 -31.40 -20.83 -25.70
C GLU D 117 -30.10 -21.50 -26.09
N ASN D 118 -30.12 -22.39 -27.07
CA ASN D 118 -28.93 -22.99 -27.64
C ASN D 118 -28.87 -22.65 -29.12
N GLU D 119 -27.69 -22.31 -29.61
CA GLU D 119 -27.56 -21.84 -30.99
C GLU D 119 -27.95 -22.93 -31.99
N GLN D 120 -27.36 -24.11 -31.86
CA GLN D 120 -27.66 -25.20 -32.78
C GLN D 120 -29.13 -25.62 -32.67
N ALA D 121 -29.64 -25.72 -31.43
CA ALA D 121 -31.03 -26.10 -31.25
C ALA D 121 -31.97 -25.09 -31.86
N GLY D 122 -31.68 -23.80 -31.67
CA GLY D 122 -32.52 -22.77 -32.25
C GLY D 122 -32.51 -22.79 -33.77
N ARG D 123 -31.32 -22.96 -34.36
CA ARG D 123 -31.24 -23.03 -35.81
C ARG D 123 -31.97 -24.25 -36.36
N TYR D 124 -31.83 -25.39 -35.67
CA TYR D 124 -32.53 -26.59 -36.10
C TYR D 124 -34.05 -26.41 -36.01
N ALA D 125 -34.52 -25.80 -34.93
CA ALA D 125 -35.96 -25.57 -34.79
C ALA D 125 -36.48 -24.62 -35.87
N ALA D 126 -35.71 -23.58 -36.17
CA ALA D 126 -36.10 -22.65 -37.22
C ALA D 126 -36.17 -23.35 -38.57
N ARG D 127 -35.19 -24.21 -38.87
CA ARG D 127 -35.22 -24.95 -40.12
C ARG D 127 -36.38 -25.93 -40.16
N ALA D 128 -36.71 -26.54 -39.03
CA ALA D 128 -37.76 -27.56 -39.00
C ALA D 128 -39.16 -26.96 -39.06
N ALA D 129 -39.34 -25.73 -38.57
CA ALA D 129 -40.67 -25.13 -38.59
C ALA D 129 -41.18 -24.93 -40.02
N VAL D 130 -40.33 -24.42 -40.90
CA VAL D 130 -40.76 -24.21 -42.28
C VAL D 130 -41.01 -25.54 -42.98
N ARG D 131 -40.20 -26.56 -42.68
CA ARG D 131 -40.43 -27.88 -43.25
C ARG D 131 -41.78 -28.45 -42.80
N LEU D 132 -42.10 -28.29 -41.51
CA LEU D 132 -43.39 -28.76 -41.02
C LEU D 132 -44.54 -28.01 -41.69
N CYS D 133 -44.39 -26.70 -41.85
CA CYS D 133 -45.45 -25.93 -42.51
C CYS D 133 -45.61 -26.35 -43.97
N GLN D 134 -44.50 -26.58 -44.67
CA GLN D 134 -44.60 -27.05 -46.06
C GLN D 134 -45.27 -28.41 -46.12
N SER D 135 -44.91 -29.31 -45.21
CA SER D 135 -45.52 -30.64 -45.20
C SER D 135 -47.02 -30.55 -44.94
N ILE D 136 -47.43 -29.69 -44.00
CA ILE D 136 -48.85 -29.61 -43.70
C ILE D 136 -49.61 -28.95 -44.85
N VAL D 137 -49.02 -27.95 -45.51
CA VAL D 137 -49.73 -27.31 -46.61
C VAL D 137 -49.74 -28.21 -47.84
N ASP D 138 -48.86 -29.22 -47.88
CA ASP D 138 -48.91 -30.17 -48.99
C ASP D 138 -49.87 -31.32 -48.70
N THR D 139 -49.92 -31.81 -47.47
CA THR D 139 -50.68 -33.01 -47.14
C THR D 139 -51.83 -32.79 -46.17
N GLY D 140 -51.85 -31.68 -45.42
CA GLY D 140 -52.88 -31.45 -44.43
C GLY D 140 -52.55 -31.94 -43.04
N THR D 141 -51.45 -32.68 -42.88
CA THR D 141 -51.03 -33.16 -41.57
C THR D 141 -49.55 -33.51 -41.63
N TYR D 142 -48.97 -33.69 -40.44
CA TYR D 142 -47.56 -34.06 -40.31
C TYR D 142 -47.45 -35.41 -39.63
N PRO D 143 -46.62 -36.31 -40.15
CA PRO D 143 -46.46 -37.63 -39.50
C PRO D 143 -45.96 -37.48 -38.07
N ALA D 144 -46.49 -38.31 -37.18
CA ALA D 144 -46.08 -38.27 -35.78
C ALA D 144 -44.65 -38.78 -35.60
N THR D 145 -44.22 -39.73 -36.43
CA THR D 145 -42.87 -40.24 -36.32
C THR D 145 -41.84 -39.16 -36.63
N GLU D 146 -42.10 -38.30 -37.61
CA GLU D 146 -41.19 -37.21 -37.90
C GLU D 146 -41.17 -36.20 -36.76
N LEU D 147 -42.31 -35.96 -36.12
CA LEU D 147 -42.34 -35.07 -34.96
C LEU D 147 -41.50 -35.63 -33.82
N GLN D 148 -41.63 -36.93 -33.56
CA GLN D 148 -40.83 -37.55 -32.50
C GLN D 148 -39.35 -37.50 -32.85
N GLN D 149 -39.00 -37.73 -34.11
CA GLN D 149 -37.61 -37.62 -34.53
C GLN D 149 -37.08 -36.21 -34.30
N ASP D 150 -37.86 -35.19 -34.67
CA ASP D 150 -37.42 -33.82 -34.49
C ASP D 150 -37.24 -33.47 -33.01
N LEU D 151 -38.18 -33.89 -32.17
CA LEU D 151 -38.05 -33.60 -30.74
C LEU D 151 -36.85 -34.31 -30.12
N GLU D 152 -36.61 -35.58 -30.49
CA GLU D 152 -35.47 -36.27 -29.92
C GLU D 152 -34.15 -35.66 -30.43
N ASP D 153 -34.14 -35.19 -31.68
CA ASP D 153 -32.95 -34.51 -32.19
C ASP D 153 -32.70 -33.21 -31.44
N LEU D 154 -33.77 -32.46 -31.16
CA LEU D 154 -33.63 -31.21 -30.40
C LEU D 154 -33.13 -31.51 -28.99
N LYS D 155 -33.63 -32.56 -28.36
CA LYS D 155 -33.14 -32.94 -27.04
C LYS D 155 -31.66 -33.32 -27.08
N GLU D 156 -31.26 -34.04 -28.13
CA GLU D 156 -29.85 -34.41 -28.27
C GLU D 156 -28.96 -33.17 -28.42
N LEU D 157 -29.39 -32.20 -29.24
CA LEU D 157 -28.63 -30.97 -29.36
C LEU D 157 -28.57 -30.20 -28.05
N LYS D 158 -29.68 -30.18 -27.31
CA LYS D 158 -29.67 -29.49 -26.02
C LYS D 158 -28.69 -30.16 -25.05
N ASN D 159 -28.67 -31.49 -25.02
CA ASN D 159 -27.79 -32.19 -24.10
C ASN D 159 -26.33 -32.11 -24.54
N GLN D 160 -26.09 -31.97 -25.84
CA GLN D 160 -24.71 -31.95 -26.34
C GLN D 160 -23.97 -30.71 -25.88
N ALA D 161 -24.57 -29.53 -26.05
CA ALA D 161 -23.96 -28.27 -25.64
C ALA D 161 -24.55 -27.86 -24.30
N SER D 162 -24.10 -28.55 -23.25
CA SER D 162 -24.54 -28.25 -21.89
C SER D 162 -23.35 -28.32 -20.96
N LEU D 163 -23.28 -27.38 -20.02
CA LEU D 163 -22.21 -27.35 -19.05
C LEU D 163 -22.46 -28.35 -17.93
N GLY D 164 -21.39 -28.70 -17.22
CA GLY D 164 -21.48 -29.63 -16.12
C GLY D 164 -22.25 -29.04 -14.96
N PRO D 165 -22.69 -29.90 -14.04
CA PRO D 165 -23.52 -29.43 -12.91
C PRO D 165 -22.79 -28.48 -11.97
N SER D 166 -21.46 -28.47 -11.96
CA SER D 166 -20.70 -27.60 -11.09
C SER D 166 -20.41 -26.24 -11.75
N THR D 167 -19.91 -26.28 -12.99
CA THR D 167 -19.62 -25.05 -13.69
C THR D 167 -20.87 -24.22 -13.99
N GLU D 168 -22.02 -24.85 -14.26
CA GLU D 168 -23.25 -24.08 -14.40
C GLU D 168 -23.67 -23.41 -13.10
N ALA D 169 -23.49 -24.07 -11.96
CA ALA D 169 -23.79 -23.44 -10.69
C ALA D 169 -22.88 -22.25 -10.43
N ILE D 170 -21.60 -22.38 -10.79
CA ILE D 170 -20.70 -21.24 -10.64
C ILE D 170 -21.08 -20.09 -11.59
N VAL D 171 -21.47 -20.42 -12.83
CA VAL D 171 -21.86 -19.40 -13.79
C VAL D 171 -23.12 -18.67 -13.35
N LYS D 172 -24.05 -19.38 -12.70
CA LYS D 172 -25.23 -18.71 -12.18
C LYS D 172 -24.90 -17.64 -11.15
N GLU D 173 -23.98 -17.91 -10.24
CA GLU D 173 -23.54 -16.89 -9.30
C GLU D 173 -22.79 -15.76 -10.00
N ALA D 174 -21.95 -16.09 -10.97
CA ALA D 174 -21.23 -15.05 -11.70
C ALA D 174 -22.19 -14.10 -12.40
N GLU D 175 -23.24 -14.64 -13.01
CA GLU D 175 -24.24 -13.79 -13.65
C GLU D 175 -24.96 -12.92 -12.62
N ALA D 176 -25.30 -13.48 -11.46
CA ALA D 176 -26.02 -12.71 -10.45
C ALA D 176 -25.17 -11.57 -9.92
N ARG D 177 -23.86 -11.75 -9.82
CA ARG D 177 -22.99 -10.68 -9.36
C ARG D 177 -22.61 -9.70 -10.46
N GLY D 178 -23.06 -9.90 -11.68
CA GLY D 178 -22.75 -8.99 -12.76
C GLY D 178 -21.35 -9.10 -13.31
N ILE D 179 -20.78 -10.29 -13.30
CA ILE D 179 -19.43 -10.54 -13.81
C ILE D 179 -19.56 -11.16 -15.19
N PRO D 180 -19.00 -10.55 -16.24
CA PRO D 180 -19.10 -11.14 -17.58
C PRO D 180 -18.36 -12.47 -17.66
N TRP D 181 -18.89 -13.37 -18.47
CA TRP D 181 -18.30 -14.70 -18.61
C TRP D 181 -18.41 -15.15 -20.05
N THR D 182 -17.33 -15.74 -20.56
CA THR D 182 -17.28 -16.31 -21.89
C THR D 182 -16.76 -17.74 -21.81
N GLN D 183 -16.99 -18.50 -22.88
CA GLN D 183 -16.59 -19.89 -22.95
C GLN D 183 -15.45 -20.03 -23.95
N LEU D 184 -14.28 -20.40 -23.45
CA LEU D 184 -13.14 -20.64 -24.32
C LEU D 184 -13.33 -21.96 -25.08
N GLY D 185 -12.68 -22.07 -26.22
CA GLY D 185 -12.83 -23.22 -27.07
C GLY D 185 -11.81 -24.32 -26.89
N ALA D 186 -10.96 -24.25 -25.86
CA ALA D 186 -9.86 -25.21 -25.73
C ALA D 186 -10.30 -26.50 -25.04
N ARG D 187 -10.62 -26.41 -23.75
CA ARG D 187 -10.87 -27.60 -22.94
C ARG D 187 -12.04 -27.38 -21.99
N PHE D 188 -13.14 -26.81 -22.51
CA PHE D 188 -14.32 -26.50 -21.71
C PHE D 188 -14.01 -25.53 -20.59
N MET D 189 -13.07 -24.61 -20.83
CA MET D 189 -12.72 -23.61 -19.84
C MET D 189 -13.59 -22.38 -19.97
N ILE D 190 -13.90 -21.77 -18.83
CA ILE D 190 -14.74 -20.58 -18.75
C ILE D 190 -13.89 -19.43 -18.23
N GLN D 191 -14.01 -18.27 -18.86
CA GLN D 191 -13.25 -17.09 -18.49
C GLN D 191 -14.19 -16.02 -17.95
N PHE D 192 -13.90 -15.54 -16.74
CA PHE D 192 -14.64 -14.46 -16.11
C PHE D 192 -13.82 -13.18 -16.19
N GLY D 193 -14.46 -12.09 -16.58
CA GLY D 193 -13.81 -10.79 -16.58
C GLY D 193 -13.21 -10.45 -17.93
N TYR D 194 -12.55 -9.29 -17.96
CA TYR D 194 -11.95 -8.74 -19.17
C TYR D 194 -10.52 -8.33 -18.89
N GLY D 195 -9.69 -8.37 -19.94
CA GLY D 195 -8.35 -7.82 -19.88
C GLY D 195 -7.46 -8.38 -18.80
N VAL D 196 -6.87 -7.49 -17.99
CA VAL D 196 -5.97 -7.91 -16.92
C VAL D 196 -6.68 -8.38 -15.67
N ASN D 197 -8.01 -8.38 -15.66
CA ASN D 197 -8.78 -8.77 -14.49
C ASN D 197 -9.49 -10.10 -14.67
N GLN D 198 -9.01 -10.94 -15.58
CA GLN D 198 -9.71 -12.16 -15.93
C GLN D 198 -9.24 -13.34 -15.09
N LYS D 199 -10.14 -14.31 -14.91
CA LYS D 199 -9.84 -15.57 -14.26
C LYS D 199 -10.41 -16.70 -15.11
N LYS D 200 -9.87 -17.90 -14.93
CA LYS D 200 -10.31 -19.06 -15.69
C LYS D 200 -10.62 -20.21 -14.75
N ILE D 201 -11.68 -20.95 -15.07
CA ILE D 201 -12.02 -22.16 -14.33
C ILE D 201 -12.37 -23.25 -15.33
N GLN D 202 -12.11 -24.50 -14.96
CA GLN D 202 -12.54 -25.59 -15.83
C GLN D 202 -13.81 -26.26 -15.30
N ALA D 203 -13.73 -26.90 -14.14
CA ALA D 203 -14.93 -27.34 -13.44
C ALA D 203 -14.95 -26.77 -12.03
N THR D 204 -13.89 -27.06 -11.28
CA THR D 204 -13.66 -26.50 -9.97
C THR D 204 -12.22 -26.02 -9.82
N LEU D 205 -11.33 -26.49 -10.68
CA LEU D 205 -9.97 -25.99 -10.72
C LEU D 205 -9.97 -24.57 -11.26
N SER D 206 -9.25 -23.68 -10.58
CA SER D 206 -9.07 -22.31 -11.04
C SER D 206 -7.71 -22.18 -11.70
N ASN D 207 -7.45 -20.99 -12.24
CA ASN D 207 -6.16 -20.75 -12.87
C ASN D 207 -5.03 -20.56 -11.86
N GLN D 208 -5.34 -20.47 -10.57
CA GLN D 208 -4.32 -20.35 -9.54
C GLN D 208 -4.06 -21.66 -8.80
N THR D 209 -4.75 -22.74 -9.17
CA THR D 209 -4.49 -24.03 -8.54
C THR D 209 -3.17 -24.60 -9.06
N GLY D 210 -2.30 -24.99 -8.13
CA GLY D 210 -0.96 -25.42 -8.50
C GLY D 210 -0.92 -26.85 -9.01
N ILE D 211 0.00 -27.09 -9.95
CA ILE D 211 0.24 -28.43 -10.45
C ILE D 211 0.79 -29.33 -9.36
N LEU D 212 1.71 -28.81 -8.54
CA LEU D 212 2.33 -29.61 -7.50
C LEU D 212 1.32 -30.10 -6.47
N GLY D 213 0.39 -29.23 -6.05
CA GLY D 213 -0.64 -29.66 -5.11
C GLY D 213 -1.54 -30.75 -5.65
N VAL D 214 -2.00 -30.60 -6.89
CA VAL D 214 -2.85 -31.63 -7.50
C VAL D 214 -2.09 -32.95 -7.63
N GLU D 215 -0.84 -32.90 -8.09
CA GLU D 215 -0.07 -34.12 -8.23
C GLU D 215 0.20 -34.79 -6.89
N LEU D 216 0.47 -34.00 -5.84
CA LEU D 216 0.67 -34.58 -4.53
C LEU D 216 -0.62 -35.19 -3.98
N ALA D 217 -1.75 -34.53 -4.20
CA ALA D 217 -3.02 -35.08 -3.73
C ALA D 217 -3.36 -36.37 -4.45
N CYS D 218 -3.03 -36.48 -5.74
CA CYS D 218 -3.31 -37.72 -6.47
C CYS D 218 -2.44 -38.87 -6.00
N ASP D 219 -1.36 -38.60 -5.27
CA ASP D 219 -0.47 -39.63 -4.75
C ASP D 219 -0.83 -39.91 -3.30
N LYS D 220 -1.44 -41.07 -3.05
CA LYS D 220 -1.90 -41.39 -1.70
C LYS D 220 -0.74 -41.55 -0.73
N GLU D 221 0.27 -42.32 -1.12
CA GLU D 221 1.36 -42.64 -0.21
C GLU D 221 2.22 -41.43 0.12
N GLY D 222 2.51 -40.57 -0.85
CA GLY D 222 3.25 -39.35 -0.56
C GLY D 222 2.45 -38.37 0.27
N THR D 223 1.15 -38.26 0.00
CA THR D 223 0.30 -37.40 0.81
C THR D 223 0.28 -37.85 2.26
N LYS D 224 0.18 -39.16 2.50
CA LYS D 224 0.19 -39.65 3.87
C LYS D 224 1.49 -39.34 4.57
N ARG D 225 2.63 -39.51 3.89
CA ARG D 225 3.91 -39.19 4.51
C ARG D 225 4.03 -37.71 4.82
N ILE D 226 3.62 -36.85 3.90
CA ILE D 226 3.69 -35.41 4.15
C ILE D 226 2.81 -35.02 5.32
N LEU D 227 1.60 -35.56 5.37
CA LEU D 227 0.70 -35.22 6.48
C LEU D 227 1.25 -35.73 7.80
N LYS D 228 1.84 -36.93 7.81
CA LYS D 228 2.41 -37.46 9.05
C LYS D 228 3.59 -36.63 9.53
N ASP D 229 4.43 -36.16 8.62
CA ASP D 229 5.56 -35.34 9.01
C ASP D 229 5.11 -34.02 9.64
N ALA D 230 3.90 -33.58 9.35
CA ALA D 230 3.37 -32.33 9.89
C ALA D 230 2.56 -32.54 11.16
N GLY D 231 2.45 -33.76 11.65
CA GLY D 231 1.74 -34.03 12.88
C GLY D 231 0.24 -34.21 12.73
N VAL D 232 -0.25 -34.41 11.52
CA VAL D 232 -1.67 -34.62 11.28
C VAL D 232 -2.01 -36.09 11.54
N PRO D 233 -3.07 -36.40 12.29
CA PRO D 233 -3.40 -37.80 12.54
C PRO D 233 -3.83 -38.55 11.29
N VAL D 234 -3.03 -39.53 10.88
CA VAL D 234 -3.32 -40.33 9.69
C VAL D 234 -3.31 -41.79 10.11
N PRO D 235 -4.00 -42.66 9.37
CA PRO D 235 -4.01 -44.08 9.72
C PRO D 235 -2.61 -44.67 9.69
N ARG D 236 -2.33 -45.53 10.67
CA ARG D 236 -1.03 -46.17 10.79
C ARG D 236 -1.03 -47.45 9.96
N GLY D 237 -0.06 -47.57 9.03
CA GLY D 237 -0.05 -48.67 8.10
C GLY D 237 1.35 -49.05 7.69
N THR D 238 1.41 -49.99 6.74
CA THR D 238 2.65 -50.54 6.24
C THR D 238 2.43 -50.99 4.79
N VAL D 239 3.52 -51.20 4.07
CA VAL D 239 3.46 -51.72 2.70
C VAL D 239 4.09 -53.10 2.69
N ALA D 240 3.64 -53.95 1.77
CA ALA D 240 4.16 -55.30 1.67
C ALA D 240 4.09 -55.76 0.22
N ARG D 241 5.07 -56.58 -0.19
CA ARG D 241 5.11 -57.13 -1.52
C ARG D 241 5.18 -58.66 -1.56
N TYR D 242 5.50 -59.32 -0.45
CA TYR D 242 5.57 -60.77 -0.38
C TYR D 242 4.72 -61.27 0.77
N PHE D 243 4.29 -62.53 0.64
CA PHE D 243 3.38 -63.10 1.64
C PHE D 243 4.05 -63.19 3.01
N ASP D 244 5.33 -63.56 3.05
CA ASP D 244 6.02 -63.75 4.32
C ASP D 244 6.04 -62.47 5.14
N GLU D 245 6.02 -61.31 4.48
CA GLU D 245 5.97 -60.03 5.19
C GLU D 245 4.62 -59.74 5.82
N LEU D 246 3.53 -60.28 5.25
CA LEU D 246 2.18 -59.94 5.70
C LEU D 246 2.04 -60.04 7.20
N GLN D 247 2.31 -61.22 7.76
CA GLN D 247 2.09 -61.42 9.19
C GLN D 247 2.86 -60.39 10.01
N ASP D 248 4.07 -60.02 9.57
CA ASP D 248 4.84 -59.02 10.30
C ASP D 248 4.08 -57.71 10.39
N ALA D 249 3.53 -57.23 9.27
CA ALA D 249 2.79 -55.98 9.29
C ALA D 249 1.65 -56.04 10.29
N ILE D 250 1.14 -57.24 10.57
CA ILE D 250 0.00 -57.37 11.47
C ILE D 250 0.36 -56.86 12.87
N GLU D 251 1.58 -57.14 13.35
CA GLU D 251 1.91 -56.63 14.67
C GLU D 251 2.40 -55.18 14.59
N TYR D 252 2.69 -54.69 13.39
CA TYR D 252 3.09 -53.28 13.28
C TYR D 252 1.87 -52.36 13.35
N VAL D 253 0.77 -52.75 12.69
CA VAL D 253 -0.43 -51.93 12.70
C VAL D 253 -1.12 -51.96 14.05
N GLY D 254 -0.78 -52.91 14.90
CA GLY D 254 -1.34 -53.01 16.23
C GLY D 254 -2.34 -54.12 16.48
N GLY D 255 -2.54 -55.03 15.52
CA GLY D 255 -3.47 -56.13 15.74
C GLY D 255 -4.58 -56.19 14.71
N TYR D 256 -5.82 -56.26 15.20
CA TYR D 256 -7.00 -56.37 14.36
C TYR D 256 -8.07 -55.39 14.84
N PRO D 257 -8.98 -54.97 13.95
CA PRO D 257 -9.10 -55.28 12.52
C PRO D 257 -8.08 -54.57 11.65
N ILE D 258 -7.95 -54.99 10.40
CA ILE D 258 -7.05 -54.37 9.44
C ILE D 258 -7.77 -54.16 8.12
N VAL D 259 -7.15 -53.36 7.26
CA VAL D 259 -7.67 -53.04 5.94
C VAL D 259 -6.60 -53.34 4.90
N ILE D 260 -7.00 -54.02 3.83
CA ILE D 260 -6.11 -54.42 2.75
C ILE D 260 -6.46 -53.58 1.53
N LYS D 261 -5.48 -52.89 0.96
CA LYS D 261 -5.76 -52.10 -0.23
C LYS D 261 -4.60 -52.15 -1.20
N PRO D 262 -4.84 -51.93 -2.48
CA PRO D 262 -3.74 -51.83 -3.44
C PRO D 262 -3.11 -50.44 -3.44
N LEU D 263 -1.89 -50.37 -3.97
CA LEU D 263 -1.22 -49.09 -4.12
C LEU D 263 -1.95 -48.18 -5.09
N ASP D 264 -2.25 -48.68 -6.28
CA ASP D 264 -2.93 -47.91 -7.32
C ASP D 264 -4.17 -48.65 -7.78
N GLY D 265 -5.31 -47.97 -7.73
CA GLY D 265 -6.56 -48.56 -8.16
C GLY D 265 -7.60 -47.49 -8.38
N ASN D 266 -8.61 -47.84 -9.19
CA ASN D 266 -9.71 -46.95 -9.50
C ASN D 266 -11.02 -47.66 -9.20
N HIS D 267 -12.01 -46.90 -8.71
CA HIS D 267 -13.32 -47.41 -8.35
C HIS D 267 -13.23 -48.51 -7.29
N GLY D 268 -12.23 -48.44 -6.41
CA GLY D 268 -12.11 -49.39 -5.32
C GLY D 268 -11.87 -50.83 -5.74
N ARG D 269 -10.94 -51.04 -6.69
CA ARG D 269 -10.63 -52.39 -7.13
C ARG D 269 -9.77 -53.10 -6.09
N GLY D 270 -10.23 -54.29 -5.67
CA GLY D 270 -9.43 -55.13 -4.79
C GLY D 270 -9.11 -54.52 -3.44
N ILE D 271 -10.10 -53.90 -2.80
CA ILE D 271 -9.91 -53.32 -1.47
C ILE D 271 -11.00 -53.86 -0.55
N THR D 272 -10.58 -54.42 0.59
CA THR D 272 -11.50 -54.86 1.61
C THR D 272 -11.68 -53.78 2.66
N ILE D 273 -12.74 -53.90 3.45
CA ILE D 273 -13.08 -52.91 4.45
C ILE D 273 -12.75 -53.39 5.85
N ASP D 274 -13.25 -54.55 6.25
CA ASP D 274 -13.08 -55.05 7.61
C ASP D 274 -12.80 -56.53 7.57
N VAL D 275 -11.59 -56.92 7.96
CA VAL D 275 -11.19 -58.32 8.08
C VAL D 275 -10.56 -58.52 9.46
N LYS D 276 -10.86 -59.65 10.10
CA LYS D 276 -10.51 -59.85 11.49
C LYS D 276 -9.78 -61.15 11.78
N ASN D 277 -9.38 -61.91 10.75
CA ASN D 277 -8.67 -63.15 10.99
C ASN D 277 -7.68 -63.38 9.86
N TRP D 278 -7.17 -64.61 9.75
CA TRP D 278 -6.04 -64.89 8.87
C TRP D 278 -6.47 -65.18 7.44
N GLN D 279 -7.42 -66.10 7.25
CA GLN D 279 -7.75 -66.55 5.90
C GLN D 279 -8.37 -65.43 5.07
N GLU D 280 -9.25 -64.63 5.67
CA GLU D 280 -9.84 -63.52 4.94
C GLU D 280 -8.78 -62.49 4.57
N ALA D 281 -7.83 -62.25 5.48
CA ALA D 281 -6.73 -61.35 5.17
C ALA D 281 -5.90 -61.87 4.01
N GLU D 282 -5.63 -63.18 3.99
CA GLU D 282 -4.81 -63.76 2.92
C GLU D 282 -5.53 -63.67 1.57
N GLU D 283 -6.83 -63.99 1.55
CA GLU D 283 -7.55 -63.91 0.29
C GLU D 283 -7.69 -62.48 -0.19
N ALA D 284 -7.92 -61.53 0.73
CA ALA D 284 -7.98 -60.12 0.34
C ALA D 284 -6.63 -59.65 -0.19
N TYR D 285 -5.54 -60.09 0.44
CA TYR D 285 -4.21 -59.76 -0.06
C TYR D 285 -4.00 -60.29 -1.46
N ASP D 286 -4.42 -61.53 -1.72
CA ASP D 286 -4.27 -62.09 -3.07
C ASP D 286 -5.10 -61.30 -4.08
N LEU D 287 -6.34 -60.96 -3.71
CA LEU D 287 -7.19 -60.19 -4.60
C LEU D 287 -6.59 -58.83 -4.93
N ALA D 288 -6.08 -58.13 -3.90
CA ALA D 288 -5.47 -56.83 -4.12
C ALA D 288 -4.19 -56.94 -4.94
N ARG D 289 -3.38 -57.97 -4.68
CA ARG D 289 -2.14 -58.15 -5.42
C ARG D 289 -2.41 -58.41 -6.89
N LYS D 290 -3.42 -59.23 -7.20
CA LYS D 290 -3.78 -59.45 -8.59
C LYS D 290 -4.51 -58.27 -9.21
N ALA D 291 -5.12 -57.40 -8.39
CA ALA D 291 -5.78 -56.21 -8.91
C ALA D 291 -4.85 -55.01 -9.03
N SER D 292 -3.84 -54.92 -8.18
CA SER D 292 -2.90 -53.81 -8.23
C SER D 292 -2.00 -53.94 -9.45
N LYS D 293 -1.63 -52.79 -10.02
CA LYS D 293 -0.77 -52.76 -11.19
C LYS D 293 0.71 -53.01 -10.85
N THR D 294 1.07 -52.96 -9.57
CA THR D 294 2.47 -53.10 -9.16
C THR D 294 2.70 -54.26 -8.19
N LYS D 295 1.71 -55.14 -8.00
CA LYS D 295 1.85 -56.38 -7.25
C LYS D 295 1.99 -56.16 -5.75
N THR D 296 2.13 -54.90 -5.34
CA THR D 296 2.33 -54.57 -3.93
C THR D 296 1.07 -54.00 -3.30
N VAL D 297 0.95 -54.19 -1.98
CA VAL D 297 -0.30 -53.96 -1.25
C VAL D 297 -0.01 -53.24 0.06
N ILE D 298 -0.84 -52.25 0.39
CA ILE D 298 -0.76 -51.55 1.66
C ILE D 298 -1.74 -52.17 2.64
N VAL D 299 -1.32 -52.22 3.91
CA VAL D 299 -2.15 -52.68 5.02
C VAL D 299 -2.30 -51.51 5.99
N GLU D 300 -3.52 -51.26 6.45
CA GLU D 300 -3.77 -50.21 7.42
C GLU D 300 -4.47 -50.80 8.64
N ARG D 301 -4.36 -50.08 9.76
CA ARG D 301 -5.26 -50.31 10.87
C ARG D 301 -6.66 -49.85 10.47
N TYR D 302 -7.68 -50.55 10.97
CA TYR D 302 -9.05 -50.22 10.62
C TYR D 302 -9.63 -49.27 11.67
N TYR D 303 -10.15 -48.14 11.21
CA TYR D 303 -10.70 -47.11 12.10
C TYR D 303 -12.21 -47.10 11.94
N THR D 304 -12.92 -47.23 13.06
CA THR D 304 -14.37 -47.21 13.06
C THR D 304 -14.88 -45.79 13.28
N GLY D 305 -15.96 -45.46 12.59
CA GLY D 305 -16.53 -44.13 12.71
C GLY D 305 -17.43 -43.84 11.52
N LYS D 306 -17.82 -42.58 11.42
CA LYS D 306 -18.70 -42.12 10.35
C LYS D 306 -17.86 -41.31 9.35
N ASP D 307 -18.01 -41.63 8.07
CA ASP D 307 -17.25 -40.94 7.03
C ASP D 307 -17.78 -39.53 6.83
N HIS D 308 -16.89 -38.55 6.86
CA HIS D 308 -17.22 -37.14 6.68
C HIS D 308 -16.47 -36.58 5.48
N ARG D 309 -17.14 -35.68 4.77
CA ARG D 309 -16.58 -35.00 3.61
C ARG D 309 -16.54 -33.51 3.91
N VAL D 310 -15.35 -32.94 4.00
CA VAL D 310 -15.16 -31.55 4.35
C VAL D 310 -14.69 -30.79 3.13
N LEU D 311 -15.32 -29.65 2.85
CA LEU D 311 -14.96 -28.80 1.72
C LEU D 311 -14.22 -27.58 2.23
N VAL D 312 -13.02 -27.35 1.73
CA VAL D 312 -12.19 -26.24 2.14
C VAL D 312 -11.96 -25.35 0.93
N VAL D 313 -12.38 -24.09 1.02
CA VAL D 313 -12.21 -23.11 -0.04
C VAL D 313 -11.39 -21.96 0.51
N ASN D 314 -10.30 -21.62 -0.18
CA ASN D 314 -9.44 -20.50 0.18
C ASN D 314 -8.96 -20.61 1.63
N GLY D 315 -8.65 -21.83 2.06
CA GLY D 315 -8.17 -22.04 3.41
C GLY D 315 -9.21 -21.87 4.49
N LYS D 316 -10.49 -21.95 4.13
CA LYS D 316 -11.57 -21.81 5.09
C LYS D 316 -12.60 -22.91 4.86
N VAL D 317 -13.09 -23.51 5.95
CA VAL D 317 -14.04 -24.60 5.83
C VAL D 317 -15.41 -24.03 5.45
N VAL D 318 -15.97 -24.51 4.35
CA VAL D 318 -17.24 -24.00 3.84
C VAL D 318 -18.40 -24.90 4.24
N ALA D 319 -18.29 -26.21 4.00
CA ALA D 319 -19.37 -27.12 4.29
C ALA D 319 -18.81 -28.46 4.75
N VAL D 320 -19.52 -29.09 5.67
CA VAL D 320 -19.18 -30.41 6.19
C VAL D 320 -20.40 -31.29 6.05
N ALA D 321 -20.22 -32.46 5.45
CA ALA D 321 -21.31 -33.41 5.25
C ALA D 321 -20.88 -34.80 5.68
N GLU D 322 -21.80 -35.52 6.31
CA GLU D 322 -21.59 -36.89 6.74
C GLU D 322 -22.34 -37.81 5.79
N ARG D 323 -21.64 -38.79 5.24
CA ARG D 323 -22.26 -39.73 4.31
C ARG D 323 -22.80 -40.93 5.08
N VAL D 324 -24.12 -41.04 5.13
CA VAL D 324 -24.79 -42.18 5.74
C VAL D 324 -25.01 -43.23 4.65
N PRO D 325 -24.55 -44.47 4.82
CA PRO D 325 -24.67 -45.46 3.75
C PRO D 325 -26.12 -45.79 3.44
N ALA D 326 -26.33 -46.32 2.23
CA ALA D 326 -27.68 -46.70 1.81
C ALA D 326 -28.31 -47.67 2.80
N HIS D 327 -29.46 -47.29 3.33
CA HIS D 327 -30.10 -48.04 4.40
C HIS D 327 -31.61 -47.82 4.30
N VAL D 328 -32.35 -48.65 5.04
CA VAL D 328 -33.80 -48.51 5.16
C VAL D 328 -34.18 -48.70 6.62
N VAL D 329 -35.22 -47.99 7.06
CA VAL D 329 -35.71 -48.06 8.44
C VAL D 329 -37.15 -48.56 8.43
N GLY D 330 -37.42 -49.58 9.25
CA GLY D 330 -38.74 -50.17 9.29
C GLY D 330 -39.64 -49.60 10.37
N ASN D 331 -39.72 -48.27 10.43
CA ASN D 331 -40.58 -47.64 11.43
C ASN D 331 -42.06 -47.75 11.08
N GLY D 332 -42.38 -48.07 9.83
CA GLY D 332 -43.76 -48.18 9.40
C GLY D 332 -44.27 -49.61 9.36
N LYS D 333 -43.61 -50.49 10.10
CA LYS D 333 -43.95 -51.92 10.13
C LYS D 333 -43.87 -52.54 8.75
N SER D 334 -42.87 -52.13 7.97
CA SER D 334 -42.64 -52.67 6.64
C SER D 334 -41.19 -53.11 6.53
N THR D 335 -40.95 -54.13 5.71
CA THR D 335 -39.63 -54.72 5.58
C THR D 335 -38.88 -54.12 4.41
N ILE D 336 -37.72 -54.72 4.09
CA ILE D 336 -36.84 -54.18 3.05
C ILE D 336 -37.49 -54.28 1.68
N ALA D 337 -38.26 -55.36 1.44
CA ALA D 337 -38.73 -55.67 0.10
C ALA D 337 -39.60 -54.56 -0.49
N GLU D 338 -40.37 -53.86 0.35
CA GLU D 338 -41.16 -52.75 -0.17
C GLU D 338 -40.37 -51.45 -0.17
N LEU D 339 -39.52 -51.24 0.84
CA LEU D 339 -38.81 -49.97 0.97
C LEU D 339 -37.77 -49.78 -0.11
N ILE D 340 -37.21 -50.86 -0.64
CA ILE D 340 -36.18 -50.72 -1.69
C ILE D 340 -36.76 -49.98 -2.89
N GLU D 341 -37.98 -50.31 -3.29
CA GLU D 341 -38.64 -49.62 -4.38
C GLU D 341 -39.40 -48.37 -3.93
N GLU D 342 -39.80 -48.29 -2.66
CA GLU D 342 -40.44 -47.08 -2.17
C GLU D 342 -39.46 -45.91 -2.19
N THR D 343 -38.22 -46.14 -1.78
CA THR D 343 -37.20 -45.09 -1.87
C THR D 343 -36.92 -44.74 -3.32
N ASN D 344 -36.86 -45.74 -4.19
CA ASN D 344 -36.56 -45.50 -5.61
C ASN D 344 -37.63 -44.67 -6.30
N ARG D 345 -38.85 -44.61 -5.75
CA ARG D 345 -39.93 -43.84 -6.34
C ARG D 345 -39.97 -42.40 -5.83
N ASP D 346 -39.06 -42.03 -4.93
CA ASP D 346 -39.00 -40.65 -4.45
C ASP D 346 -38.42 -39.75 -5.53
N PRO D 347 -39.00 -38.58 -5.76
CA PRO D 347 -38.47 -37.69 -6.83
C PRO D 347 -37.05 -37.22 -6.59
N GLN D 348 -36.57 -37.26 -5.33
CA GLN D 348 -35.20 -36.83 -5.06
C GLN D 348 -34.18 -37.75 -5.70
N ARG D 349 -34.50 -39.04 -5.81
CA ARG D 349 -33.56 -39.99 -6.40
C ARG D 349 -33.41 -39.76 -7.90
N GLY D 350 -32.18 -39.92 -8.37
CA GLY D 350 -31.88 -39.78 -9.78
C GLY D 350 -30.51 -40.30 -10.10
N ASP D 351 -30.29 -40.57 -11.38
CA ASP D 351 -29.01 -41.06 -11.87
C ASP D 351 -28.23 -39.91 -12.50
N GLY D 352 -27.09 -40.23 -13.12
CA GLY D 352 -26.26 -39.22 -13.74
C GLY D 352 -25.30 -38.57 -12.77
N HIS D 353 -24.87 -37.35 -13.07
CA HIS D 353 -23.91 -36.62 -12.26
C HIS D 353 -24.49 -35.33 -11.69
N ASP D 354 -25.82 -35.23 -11.60
CA ASP D 354 -26.49 -34.01 -11.18
C ASP D 354 -27.14 -34.12 -9.80
N ASN D 355 -27.66 -35.29 -9.45
CA ASN D 355 -28.41 -35.47 -8.22
C ASN D 355 -27.55 -36.22 -7.21
N ILE D 356 -27.67 -35.83 -5.92
CA ILE D 356 -26.92 -36.52 -4.88
C ILE D 356 -27.38 -37.97 -4.76
N LEU D 357 -28.69 -38.20 -4.78
CA LEU D 357 -29.25 -39.46 -4.33
C LEU D 357 -29.49 -40.37 -5.53
N THR D 358 -28.72 -41.45 -5.61
CA THR D 358 -28.85 -42.42 -6.67
C THR D 358 -29.81 -43.53 -6.24
N ARG D 359 -30.44 -44.17 -7.22
CA ARG D 359 -31.36 -45.26 -6.95
C ARG D 359 -30.61 -46.42 -6.29
N ILE D 360 -31.31 -47.10 -5.37
CA ILE D 360 -30.70 -48.19 -4.61
C ILE D 360 -30.51 -49.39 -5.53
N THR D 361 -29.27 -49.57 -6.00
CA THR D 361 -28.96 -50.66 -6.92
C THR D 361 -28.86 -51.97 -6.13
N VAL D 362 -29.78 -52.88 -6.39
CA VAL D 362 -29.75 -54.21 -5.76
C VAL D 362 -28.89 -55.10 -6.65
N ASP D 363 -27.59 -55.01 -6.46
CA ASP D 363 -26.62 -55.74 -7.26
C ASP D 363 -26.25 -57.05 -6.58
N LYS D 364 -25.53 -57.90 -7.32
CA LYS D 364 -25.06 -59.16 -6.76
C LYS D 364 -24.12 -58.93 -5.58
N SER D 365 -23.21 -57.96 -5.72
CA SER D 365 -22.38 -57.58 -4.58
C SER D 365 -23.21 -57.01 -3.45
N ALA D 366 -24.21 -56.19 -3.78
CA ALA D 366 -25.12 -55.68 -2.76
C ALA D 366 -25.91 -56.80 -2.12
N LEU D 367 -26.33 -57.79 -2.92
CA LEU D 367 -27.03 -58.95 -2.38
C LEU D 367 -26.15 -59.71 -1.40
N ASP D 368 -24.87 -59.90 -1.75
CA ASP D 368 -23.96 -60.57 -0.83
C ASP D 368 -23.75 -59.75 0.44
N ILE D 369 -23.64 -58.42 0.31
CA ILE D 369 -23.43 -57.57 1.48
C ILE D 369 -24.62 -57.66 2.42
N LEU D 370 -25.83 -57.59 1.89
CA LEU D 370 -27.01 -57.75 2.73
C LEU D 370 -27.16 -59.18 3.22
N GLY D 371 -26.53 -60.15 2.55
CA GLY D 371 -26.43 -61.48 3.12
C GLY D 371 -25.55 -61.52 4.36
N LYS D 372 -24.44 -60.78 4.32
CA LYS D 372 -23.60 -60.65 5.51
C LYS D 372 -24.26 -59.84 6.62
N GLN D 373 -25.37 -59.16 6.32
CA GLN D 373 -26.09 -58.42 7.35
C GLN D 373 -26.60 -59.34 8.45
N GLY D 374 -27.05 -60.54 8.09
CA GLY D 374 -27.65 -61.45 9.03
C GLY D 374 -29.16 -61.51 8.99
N TYR D 375 -29.79 -60.80 8.05
CA TYR D 375 -31.24 -60.82 7.92
C TYR D 375 -31.63 -61.15 6.48
N SER D 376 -32.93 -61.17 6.19
CA SER D 376 -33.40 -61.55 4.87
C SER D 376 -34.12 -60.39 4.18
N ILE D 377 -34.60 -60.63 2.96
CA ILE D 377 -35.32 -59.59 2.22
C ILE D 377 -36.62 -59.23 2.93
N ASP D 378 -37.35 -60.24 3.39
CA ASP D 378 -38.65 -60.03 4.03
C ASP D 378 -38.55 -59.92 5.55
N SER D 379 -37.35 -59.96 6.11
CA SER D 379 -37.19 -59.82 7.55
C SER D 379 -37.54 -58.40 7.98
N ILE D 380 -38.57 -58.28 8.82
CA ILE D 380 -39.01 -56.96 9.27
C ILE D 380 -37.99 -56.39 10.26
N PRO D 381 -37.58 -55.14 10.12
CA PRO D 381 -36.68 -54.54 11.12
C PRO D 381 -37.34 -54.47 12.49
N LEU D 382 -36.53 -54.65 13.53
CA LEU D 382 -37.03 -54.65 14.89
C LEU D 382 -37.11 -53.23 15.42
N LYS D 383 -38.28 -52.85 15.92
CA LYS D 383 -38.58 -51.58 16.58
C LYS D 383 -38.54 -50.40 15.60
N GLY D 384 -38.14 -50.62 14.35
CA GLY D 384 -37.97 -49.53 13.42
C GLY D 384 -36.58 -48.93 13.48
N LYS D 385 -35.57 -49.79 13.30
CA LYS D 385 -34.17 -49.39 13.36
C LYS D 385 -33.55 -49.46 11.98
N LYS D 386 -32.53 -48.63 11.77
CA LYS D 386 -31.84 -48.60 10.49
C LYS D 386 -31.17 -49.92 10.22
N CYS D 387 -31.35 -50.44 9.00
CA CYS D 387 -30.61 -51.60 8.51
C CYS D 387 -30.03 -51.24 7.14
N PHE D 388 -28.74 -51.47 6.98
CA PHE D 388 -28.01 -50.97 5.83
C PHE D 388 -27.99 -51.99 4.69
N LEU D 389 -27.76 -51.48 3.48
CA LEU D 389 -27.59 -52.32 2.30
C LEU D 389 -26.14 -52.45 1.87
N ARG D 390 -25.30 -51.45 2.15
CA ARG D 390 -23.88 -51.51 1.87
C ARG D 390 -23.14 -50.80 3.01
N ALA D 391 -21.81 -50.82 2.94
CA ALA D 391 -20.98 -50.21 3.97
C ALA D 391 -19.95 -49.23 3.44
N THR D 392 -19.95 -48.94 2.13
CA THR D 392 -18.96 -48.03 1.57
C THR D 392 -19.27 -46.57 1.87
N ALA D 393 -20.50 -46.24 2.25
CA ALA D 393 -20.91 -44.87 2.57
C ALA D 393 -20.59 -43.92 1.43
N ASN D 394 -21.19 -44.19 0.27
CA ASN D 394 -20.99 -43.40 -0.93
C ASN D 394 -22.33 -42.98 -1.51
N LEU D 395 -22.34 -41.82 -2.16
CA LEU D 395 -23.57 -41.30 -2.74
C LEU D 395 -23.94 -42.06 -4.01
N SER D 396 -22.95 -42.60 -4.72
CA SER D 396 -23.24 -43.37 -5.93
C SER D 396 -23.99 -44.66 -5.58
N THR D 397 -23.67 -45.26 -4.44
CA THR D 397 -24.38 -46.47 -4.01
C THR D 397 -25.84 -46.16 -3.75
N GLY D 398 -26.13 -44.98 -3.19
CA GLY D 398 -27.50 -44.61 -2.85
C GLY D 398 -27.63 -44.14 -1.42
N GLY D 399 -26.51 -43.78 -0.80
CA GLY D 399 -26.54 -43.22 0.53
C GLY D 399 -26.99 -41.78 0.53
N ILE D 400 -27.07 -41.20 1.73
CA ILE D 400 -27.54 -39.83 1.88
C ILE D 400 -26.45 -39.00 2.55
N ALA D 401 -26.65 -37.69 2.51
CA ALA D 401 -25.75 -36.75 3.16
C ALA D 401 -26.48 -35.99 4.27
N VAL D 402 -25.77 -35.75 5.35
CA VAL D 402 -26.32 -35.00 6.48
C VAL D 402 -25.40 -33.82 6.76
N ASP D 403 -25.96 -32.62 6.78
CA ASP D 403 -25.15 -31.43 7.03
C ASP D 403 -24.70 -31.38 8.48
N ARG D 404 -23.42 -31.06 8.69
CA ARG D 404 -22.85 -30.96 10.02
C ARG D 404 -21.97 -29.72 10.16
N THR D 405 -22.22 -28.70 9.35
CA THR D 405 -21.35 -27.52 9.34
C THR D 405 -21.39 -26.78 10.67
N ASP D 406 -22.53 -26.78 11.35
CA ASP D 406 -22.66 -26.07 12.61
C ASP D 406 -22.20 -26.87 13.82
N GLU D 407 -21.93 -28.17 13.65
CA GLU D 407 -21.58 -29.03 14.75
C GLU D 407 -20.09 -29.34 14.82
N ILE D 408 -19.26 -28.66 14.04
CA ILE D 408 -17.84 -28.98 13.97
C ILE D 408 -17.09 -28.21 15.04
N HIS D 409 -16.12 -28.86 15.66
CA HIS D 409 -15.32 -28.24 16.70
C HIS D 409 -14.33 -27.25 16.08
N PRO D 410 -14.09 -26.11 16.73
CA PRO D 410 -13.15 -25.12 16.16
C PRO D 410 -11.75 -25.65 15.92
N GLU D 411 -11.25 -26.52 16.80
CA GLU D 411 -9.95 -27.13 16.59
C GLU D 411 -9.89 -27.99 15.34
N ASN D 412 -10.96 -28.74 15.06
CA ASN D 412 -11.02 -29.48 13.80
C ASN D 412 -11.00 -28.54 12.60
N VAL D 413 -11.69 -27.41 12.69
CA VAL D 413 -11.66 -26.43 11.61
C VAL D 413 -10.24 -25.94 11.38
N TRP D 414 -9.53 -25.61 12.47
CA TRP D 414 -8.15 -25.16 12.34
C TRP D 414 -7.27 -26.25 11.72
N LEU D 415 -7.45 -27.49 12.15
CA LEU D 415 -6.62 -28.58 11.64
C LEU D 415 -6.86 -28.80 10.15
N LEU D 416 -8.12 -28.80 9.72
CA LEU D 416 -8.41 -29.01 8.30
C LEU D 416 -7.94 -27.84 7.44
N SER D 417 -8.09 -26.60 7.94
CA SER D 417 -7.54 -25.46 7.23
C SER D 417 -6.03 -25.57 7.08
N ARG D 418 -5.33 -26.02 8.12
CA ARG D 418 -3.89 -26.23 8.02
C ARG D 418 -3.53 -27.33 7.03
N VAL D 419 -4.30 -28.42 7.01
CA VAL D 419 -4.03 -29.51 6.06
C VAL D 419 -4.17 -29.02 4.63
N ALA D 420 -5.24 -28.27 4.34
CA ALA D 420 -5.45 -27.77 2.99
C ALA D 420 -4.29 -26.91 2.50
N LYS D 421 -3.70 -26.10 3.38
CA LYS D 421 -2.54 -25.31 3.01
C LYS D 421 -1.26 -26.13 2.93
N ILE D 422 -1.12 -27.15 3.77
CA ILE D 422 0.07 -27.99 3.70
C ILE D 422 0.14 -28.71 2.38
N ILE D 423 -0.97 -29.29 1.92
CA ILE D 423 -0.97 -29.93 0.61
C ILE D 423 -0.79 -28.89 -0.50
N GLY D 424 -1.42 -27.74 -0.35
CA GLY D 424 -1.25 -26.67 -1.32
C GLY D 424 -2.38 -26.57 -2.33
N LEU D 425 -3.62 -26.63 -1.84
CA LEU D 425 -4.80 -26.55 -2.69
C LEU D 425 -5.68 -25.42 -2.20
N ASP D 426 -6.24 -24.65 -3.13
CA ASP D 426 -7.19 -23.59 -2.79
C ASP D 426 -8.61 -24.10 -2.64
N ILE D 427 -9.01 -25.12 -3.40
CA ILE D 427 -10.29 -25.79 -3.23
C ILE D 427 -9.98 -27.27 -3.06
N ALA D 428 -10.38 -27.83 -1.91
CA ALA D 428 -10.02 -29.20 -1.58
C ALA D 428 -11.19 -29.91 -0.93
N GLY D 429 -11.23 -31.23 -1.11
CA GLY D 429 -12.20 -32.06 -0.44
C GLY D 429 -11.52 -33.14 0.39
N ILE D 430 -11.68 -33.07 1.71
CA ILE D 430 -10.96 -33.94 2.64
C ILE D 430 -11.91 -34.98 3.18
N ASP D 431 -11.44 -36.22 3.27
CA ASP D 431 -12.21 -37.32 3.85
C ASP D 431 -11.72 -37.58 5.26
N VAL D 432 -12.66 -37.63 6.20
CA VAL D 432 -12.35 -37.82 7.62
C VAL D 432 -13.12 -39.02 8.13
N VAL D 433 -12.51 -39.80 9.02
CA VAL D 433 -13.18 -40.91 9.68
C VAL D 433 -13.06 -40.67 11.17
N THR D 434 -14.18 -40.31 11.80
CA THR D 434 -14.22 -40.03 13.23
C THR D 434 -15.57 -40.43 13.79
N GLU D 435 -15.61 -40.66 15.09
CA GLU D 435 -16.86 -41.02 15.76
C GLU D 435 -17.78 -39.83 15.97
N ASP D 436 -17.22 -38.64 16.16
CA ASP D 436 -18.04 -37.44 16.35
C ASP D 436 -17.24 -36.23 15.92
N ILE D 437 -17.80 -35.44 15.00
CA ILE D 437 -17.12 -34.24 14.51
C ILE D 437 -17.19 -33.09 15.49
N SER D 438 -17.94 -33.21 16.57
CA SER D 438 -18.07 -32.16 17.56
C SER D 438 -16.98 -32.21 18.63
N GLN D 439 -16.05 -33.14 18.52
CA GLN D 439 -14.93 -33.28 19.44
C GLN D 439 -13.62 -33.27 18.67
N PRO D 440 -12.53 -32.82 19.29
CA PRO D 440 -11.25 -32.77 18.57
C PRO D 440 -10.80 -34.16 18.15
N LEU D 441 -10.05 -34.20 17.05
CA LEU D 441 -9.60 -35.47 16.47
C LEU D 441 -8.54 -36.17 17.30
N ARG D 442 -8.16 -35.63 18.46
CA ARG D 442 -7.17 -36.29 19.30
C ARG D 442 -7.81 -37.19 20.36
N GLU D 443 -8.83 -36.70 21.05
CA GLU D 443 -9.50 -37.51 22.06
C GLU D 443 -10.12 -38.76 21.44
N VAL D 444 -10.86 -38.59 20.36
CA VAL D 444 -11.36 -39.71 19.57
C VAL D 444 -10.29 -40.04 18.54
N GLU D 445 -10.09 -41.33 18.24
CA GLU D 445 -9.08 -41.74 17.28
C GLU D 445 -9.57 -41.44 15.86
N GLY D 446 -9.66 -40.14 15.56
CA GLY D 446 -10.01 -39.70 14.23
C GLY D 446 -8.79 -39.57 13.33
N VAL D 447 -9.00 -39.81 12.03
CA VAL D 447 -7.92 -39.81 11.06
C VAL D 447 -8.35 -39.11 9.79
N ILE D 448 -7.36 -38.67 9.02
CA ILE D 448 -7.57 -38.08 7.71
C ILE D 448 -7.26 -39.15 6.66
N VAL D 449 -8.24 -39.49 5.83
CA VAL D 449 -8.11 -40.61 4.90
C VAL D 449 -7.51 -40.18 3.58
N GLU D 450 -8.06 -39.17 2.92
CA GLU D 450 -7.55 -38.75 1.63
C GLU D 450 -7.96 -37.31 1.35
N VAL D 451 -7.30 -36.73 0.36
CA VAL D 451 -7.56 -35.37 -0.11
C VAL D 451 -7.81 -35.41 -1.61
N ASN D 452 -8.85 -34.71 -2.06
CA ASN D 452 -9.21 -34.63 -3.46
C ASN D 452 -9.06 -33.20 -3.94
N ALA D 453 -8.45 -33.06 -5.13
CA ALA D 453 -8.03 -31.77 -5.66
C ALA D 453 -9.16 -31.03 -6.36
N ALA D 454 -10.05 -31.74 -7.06
CA ALA D 454 -11.14 -31.13 -7.81
C ALA D 454 -12.45 -31.77 -7.35
N PRO D 455 -12.92 -31.42 -6.16
CA PRO D 455 -14.12 -32.05 -5.62
C PRO D 455 -15.38 -31.49 -6.25
N GLY D 456 -16.45 -32.26 -6.15
CA GLY D 456 -17.77 -31.83 -6.56
C GLY D 456 -18.61 -31.45 -5.36
N PHE D 457 -19.05 -30.20 -5.33
CA PHE D 457 -19.85 -29.67 -4.23
C PHE D 457 -21.32 -29.92 -4.47
N ARG D 458 -21.63 -30.95 -5.27
CA ARG D 458 -23.01 -31.27 -5.60
C ARG D 458 -23.77 -31.78 -4.39
N MET D 459 -23.07 -32.38 -3.43
CA MET D 459 -23.71 -32.93 -2.24
C MET D 459 -23.89 -31.92 -1.12
N HIS D 460 -23.28 -30.74 -1.23
CA HIS D 460 -23.39 -29.72 -0.19
C HIS D 460 -24.46 -28.68 -0.48
N VAL D 461 -24.94 -28.59 -1.72
CA VAL D 461 -25.99 -27.65 -2.06
C VAL D 461 -27.38 -28.26 -1.95
N ALA D 462 -27.48 -29.57 -1.88
CA ALA D 462 -28.75 -30.26 -1.65
C ALA D 462 -28.54 -31.36 -0.61
N PRO D 463 -28.32 -30.99 0.65
CA PRO D 463 -27.98 -32.01 1.66
C PRO D 463 -29.04 -33.06 1.86
N SER D 464 -30.32 -32.69 1.76
CA SER D 464 -31.52 -33.50 1.95
C SER D 464 -31.79 -33.78 3.44
N ARG D 465 -30.90 -33.44 4.36
CA ARG D 465 -31.22 -33.53 5.78
C ARG D 465 -30.58 -32.38 6.55
N GLY D 466 -30.67 -31.17 6.01
CA GLY D 466 -30.07 -30.03 6.67
C GLY D 466 -30.13 -28.79 5.80
N LEU D 467 -29.32 -27.80 6.16
CA LEU D 467 -29.30 -26.52 5.47
C LEU D 467 -28.30 -26.55 4.31
N ALA D 468 -28.74 -26.04 3.17
CA ALA D 468 -27.87 -25.94 2.00
C ALA D 468 -26.86 -24.82 2.18
N ARG D 469 -25.65 -25.04 1.68
CA ARG D 469 -24.58 -24.05 1.74
C ARG D 469 -24.34 -23.46 0.37
N ASN D 470 -23.87 -22.21 0.35
CA ASN D 470 -23.60 -21.49 -0.90
C ASN D 470 -22.12 -21.64 -1.24
N VAL D 471 -21.79 -22.76 -1.87
CA VAL D 471 -20.41 -23.02 -2.26
C VAL D 471 -19.99 -22.10 -3.40
N ALA D 472 -20.87 -21.92 -4.40
CA ALA D 472 -20.55 -21.05 -5.52
C ALA D 472 -20.29 -19.62 -5.08
N GLY D 473 -21.03 -19.12 -4.09
CA GLY D 473 -20.72 -17.83 -3.51
C GLY D 473 -19.32 -17.74 -2.94
N ALA D 474 -18.86 -18.78 -2.24
CA ALA D 474 -17.49 -18.82 -1.77
C ALA D 474 -16.48 -18.86 -2.89
N VAL D 475 -16.75 -19.62 -3.97
CA VAL D 475 -15.81 -19.64 -5.09
C VAL D 475 -15.70 -18.25 -5.73
N MET D 476 -16.83 -17.57 -5.95
CA MET D 476 -16.78 -16.22 -6.45
C MET D 476 -16.14 -15.23 -5.49
N ASP D 477 -16.33 -15.40 -4.18
CA ASP D 477 -15.65 -14.54 -3.22
C ASP D 477 -14.14 -14.77 -3.22
N MET D 478 -13.69 -15.98 -3.53
CA MET D 478 -12.27 -16.23 -3.67
C MET D 478 -11.71 -15.66 -4.97
N LEU D 479 -12.42 -15.83 -6.08
CA LEU D 479 -11.92 -15.33 -7.36
C LEU D 479 -11.93 -13.81 -7.43
N PHE D 480 -13.00 -13.19 -6.95
CA PHE D 480 -13.14 -11.72 -6.96
C PHE D 480 -13.41 -11.27 -5.54
N PRO D 481 -12.34 -10.94 -4.79
CA PRO D 481 -12.45 -10.78 -3.34
C PRO D 481 -13.45 -9.72 -2.88
N GLY D 482 -13.24 -8.48 -3.29
CA GLY D 482 -14.07 -7.40 -2.78
C GLY D 482 -15.37 -7.26 -3.53
N SER D 483 -15.97 -6.07 -3.47
CA SER D 483 -17.15 -5.76 -4.27
C SER D 483 -16.76 -5.34 -5.67
N LYS D 484 -15.99 -6.19 -6.34
CA LYS D 484 -15.43 -5.88 -7.64
C LYS D 484 -15.81 -6.95 -8.66
N ASN D 485 -15.86 -6.55 -9.92
CA ASN D 485 -16.05 -7.44 -11.04
C ASN D 485 -14.80 -7.38 -11.92
N GLY D 486 -14.80 -8.16 -12.99
CA GLY D 486 -13.63 -8.22 -13.85
C GLY D 486 -13.72 -7.30 -15.03
N ARG D 487 -14.23 -6.09 -14.83
CA ARG D 487 -14.48 -5.16 -15.92
C ARG D 487 -13.33 -4.18 -16.08
N ILE D 488 -13.13 -3.74 -17.32
CA ILE D 488 -12.13 -2.74 -17.66
C ILE D 488 -12.83 -1.64 -18.43
N PRO D 489 -12.25 -0.43 -18.45
CA PRO D 489 -12.86 0.66 -19.22
C PRO D 489 -13.04 0.28 -20.69
N ILE D 490 -14.25 0.53 -21.20
CA ILE D 490 -14.60 0.22 -22.59
C ILE D 490 -15.19 1.49 -23.21
N LEU D 491 -14.65 1.89 -24.35
CA LEU D 491 -15.12 3.04 -25.09
C LEU D 491 -15.51 2.59 -26.49
N SER D 492 -16.79 2.72 -26.81
CA SER D 492 -17.33 2.28 -28.10
C SER D 492 -17.67 3.49 -28.94
N VAL D 493 -17.06 3.60 -30.11
CA VAL D 493 -17.27 4.74 -31.00
C VAL D 493 -18.10 4.27 -32.19
N THR D 494 -19.19 4.99 -32.46
CA THR D 494 -20.03 4.68 -33.60
C THR D 494 -20.40 5.98 -34.30
N GLY D 495 -20.96 5.84 -35.50
CA GLY D 495 -21.32 7.00 -36.30
C GLY D 495 -21.38 6.60 -37.76
N THR D 496 -21.11 7.57 -38.61
CA THR D 496 -21.11 7.36 -40.05
C THR D 496 -19.80 7.72 -40.73
N ASN D 497 -19.10 8.75 -40.26
CA ASN D 497 -17.98 9.30 -41.01
C ASN D 497 -16.65 9.17 -40.30
N GLY D 498 -16.53 9.63 -39.05
CA GLY D 498 -15.23 9.75 -38.44
C GLY D 498 -14.88 8.74 -37.36
N LYS D 499 -15.22 7.47 -37.58
CA LYS D 499 -15.01 6.45 -36.55
C LYS D 499 -13.52 6.17 -36.34
N THR D 500 -12.79 5.92 -37.42
CA THR D 500 -11.40 5.47 -37.31
C THR D 500 -10.50 6.54 -36.70
N THR D 501 -10.61 7.78 -37.18
CA THR D 501 -9.77 8.84 -36.66
C THR D 501 -10.03 9.10 -35.18
N THR D 502 -11.30 9.11 -34.78
CA THR D 502 -11.63 9.29 -33.38
C THR D 502 -11.10 8.15 -32.53
N THR D 503 -11.20 6.91 -33.03
CA THR D 503 -10.67 5.78 -32.27
C THR D 503 -9.17 5.92 -32.05
N ARG D 504 -8.42 6.24 -33.11
CA ARG D 504 -6.99 6.39 -32.98
C ARG D 504 -6.61 7.55 -32.07
N LEU D 505 -7.31 8.68 -32.17
CA LEU D 505 -7.05 9.81 -31.26
C LEU D 505 -7.34 9.47 -29.81
N LEU D 506 -8.43 8.76 -29.54
CA LEU D 506 -8.72 8.34 -28.17
C LEU D 506 -7.62 7.44 -27.64
N ALA D 507 -7.18 6.47 -28.46
CA ALA D 507 -6.10 5.59 -28.01
C ALA D 507 -4.84 6.36 -27.73
N HIS D 508 -4.47 7.30 -28.61
CA HIS D 508 -3.26 8.08 -28.38
C HIS D 508 -3.35 8.94 -27.13
N ILE D 509 -4.52 9.55 -26.88
CA ILE D 509 -4.67 10.34 -25.67
C ILE D 509 -4.54 9.47 -24.42
N ILE D 510 -5.16 8.29 -24.42
CA ILE D 510 -5.08 7.43 -23.25
C ILE D 510 -3.66 6.91 -23.05
N LYS D 511 -2.91 6.70 -24.13
CA LYS D 511 -1.55 6.20 -23.99
C LYS D 511 -0.64 7.12 -23.19
N GLN D 512 -0.99 8.41 -23.07
CA GLN D 512 -0.17 9.31 -22.27
C GLN D 512 -0.16 8.90 -20.81
N THR D 513 -1.31 8.49 -20.28
CA THR D 513 -1.33 7.77 -19.02
C THR D 513 -0.65 6.42 -19.20
N GLY D 514 0.05 5.98 -18.17
CA GLY D 514 0.82 4.75 -18.28
C GLY D 514 -0.07 3.51 -18.30
N LYS D 515 -0.84 3.35 -19.37
CA LYS D 515 -1.78 2.25 -19.50
C LYS D 515 -1.63 1.60 -20.86
N VAL D 516 -1.86 0.28 -20.90
CA VAL D 516 -1.85 -0.48 -22.14
C VAL D 516 -3.25 -0.41 -22.72
N VAL D 517 -3.35 0.12 -23.94
CA VAL D 517 -4.63 0.33 -24.60
C VAL D 517 -4.75 -0.61 -25.78
N GLY D 518 -5.84 -1.36 -25.83
CA GLY D 518 -6.13 -2.19 -26.98
C GLY D 518 -7.27 -1.62 -27.78
N TYR D 519 -7.06 -1.38 -29.07
CA TYR D 519 -8.10 -0.74 -29.87
C TYR D 519 -8.21 -1.40 -31.23
N THR D 520 -9.44 -1.41 -31.74
CA THR D 520 -9.72 -1.97 -33.04
C THR D 520 -10.37 -0.93 -33.93
N THR D 521 -9.83 -0.79 -35.14
CA THR D 521 -10.28 0.11 -36.19
C THR D 521 -10.40 -0.67 -37.49
N THR D 522 -10.62 0.04 -38.59
CA THR D 522 -10.66 -0.61 -39.90
C THR D 522 -9.28 -1.03 -40.39
N ASP D 523 -8.22 -0.32 -40.01
CA ASP D 523 -6.88 -0.68 -40.43
C ASP D 523 -6.46 -2.03 -39.84
N GLY D 524 -6.71 -2.22 -38.55
CA GLY D 524 -6.34 -3.46 -37.90
C GLY D 524 -6.61 -3.38 -36.42
N THR D 525 -6.18 -4.42 -35.71
CA THR D 525 -6.34 -4.52 -34.27
C THR D 525 -4.97 -4.36 -33.61
N TYR D 526 -4.85 -3.34 -32.74
CA TYR D 526 -3.60 -3.00 -32.09
C TYR D 526 -3.72 -3.23 -30.59
N ILE D 527 -2.62 -3.68 -29.99
CA ILE D 527 -2.51 -3.85 -28.54
C ILE D 527 -1.26 -3.11 -28.12
N GLY D 528 -1.42 -1.87 -27.65
CA GLY D 528 -0.28 -1.06 -27.27
C GLY D 528 0.37 -0.39 -28.46
N GLU D 529 1.61 -0.79 -28.77
CA GLU D 529 2.36 -0.19 -29.87
C GLU D 529 2.55 -1.12 -31.05
N TYR D 530 2.19 -2.40 -30.93
CA TYR D 530 2.47 -3.38 -31.96
C TYR D 530 1.17 -3.88 -32.56
N LEU D 531 1.17 -4.04 -33.89
CA LEU D 531 0.00 -4.55 -34.59
C LEU D 531 -0.26 -5.99 -34.20
N ALA D 532 -1.45 -6.26 -33.69
CA ALA D 532 -1.83 -7.60 -33.27
C ALA D 532 -2.55 -8.39 -34.36
N GLU D 533 -3.36 -7.73 -35.18
CA GLU D 533 -4.03 -8.46 -36.25
C GLU D 533 -4.32 -7.52 -37.41
N THR D 534 -4.30 -8.08 -38.62
CA THR D 534 -4.49 -7.35 -39.86
C THR D 534 -5.86 -7.65 -40.43
N GLY D 535 -6.40 -6.72 -41.20
CA GLY D 535 -7.65 -6.89 -41.89
C GLY D 535 -8.60 -5.76 -41.54
N ASP D 536 -9.89 -6.00 -41.77
CA ASP D 536 -10.90 -5.02 -41.41
C ASP D 536 -11.07 -4.93 -39.91
N ASN D 537 -11.53 -6.02 -39.28
CA ASN D 537 -11.52 -6.17 -37.83
C ASN D 537 -12.34 -5.07 -37.14
N THR D 538 -13.60 -4.93 -37.54
CA THR D 538 -14.52 -3.99 -36.90
C THR D 538 -15.78 -4.67 -36.41
N GLY D 539 -15.82 -6.00 -36.40
CA GLY D 539 -16.98 -6.73 -35.96
C GLY D 539 -16.81 -7.29 -34.56
N PRO D 540 -17.85 -7.95 -34.05
CA PRO D 540 -17.74 -8.56 -32.71
C PRO D 540 -16.71 -9.66 -32.60
N GLN D 541 -16.35 -10.31 -33.72
CA GLN D 541 -15.35 -11.37 -33.68
C GLN D 541 -13.94 -10.85 -33.40
N SER D 542 -13.66 -9.59 -33.74
CA SER D 542 -12.37 -8.99 -33.42
C SER D 542 -12.37 -8.29 -32.06
N ALA D 543 -13.54 -8.10 -31.46
CA ALA D 543 -13.59 -7.54 -30.11
C ALA D 543 -13.21 -8.55 -29.05
N HIS D 544 -13.40 -9.85 -29.32
CA HIS D 544 -13.00 -10.88 -28.37
C HIS D 544 -11.49 -10.97 -28.22
N LEU D 545 -10.73 -10.68 -29.27
CA LEU D 545 -9.28 -10.71 -29.18
C LEU D 545 -8.77 -9.65 -28.20
N ILE D 546 -9.39 -8.46 -28.20
CA ILE D 546 -8.97 -7.39 -27.31
C ILE D 546 -9.36 -7.68 -25.87
N LEU D 547 -10.60 -8.12 -25.64
CA LEU D 547 -11.08 -8.33 -24.29
C LEU D 547 -10.53 -9.59 -23.63
N SER D 548 -9.85 -10.45 -24.38
CA SER D 548 -9.28 -11.67 -23.82
C SER D 548 -7.78 -11.57 -23.60
N ASP D 549 -7.13 -10.50 -24.05
CA ASP D 549 -5.70 -10.37 -23.87
C ASP D 549 -5.37 -10.12 -22.40
N PRO D 550 -4.40 -10.82 -21.83
CA PRO D 550 -4.12 -10.65 -20.40
C PRO D 550 -3.28 -9.42 -20.07
N THR D 551 -3.12 -8.52 -21.04
CA THR D 551 -2.33 -7.31 -20.82
C THR D 551 -3.08 -6.03 -21.11
N VAL D 552 -4.32 -6.09 -21.59
CA VAL D 552 -5.07 -4.90 -21.96
C VAL D 552 -5.76 -4.32 -20.74
N GLU D 553 -5.63 -3.01 -20.54
CA GLU D 553 -6.26 -2.31 -19.44
C GLU D 553 -7.44 -1.46 -19.86
N VAL D 554 -7.41 -0.87 -21.06
CA VAL D 554 -8.51 -0.09 -21.59
C VAL D 554 -8.78 -0.59 -23.02
N ALA D 555 -10.05 -0.65 -23.39
CA ALA D 555 -10.46 -1.13 -24.70
C ALA D 555 -11.17 -0.02 -25.45
N VAL D 556 -10.75 0.22 -26.69
CA VAL D 556 -11.39 1.20 -27.56
C VAL D 556 -11.80 0.46 -28.83
N LEU D 557 -13.09 0.51 -29.15
CA LEU D 557 -13.65 -0.32 -30.20
C LEU D 557 -14.40 0.56 -31.20
N GLU D 558 -14.05 0.44 -32.48
CA GLU D 558 -14.86 1.05 -33.52
C GLU D 558 -15.96 0.07 -33.92
N THR D 559 -17.20 0.42 -33.61
CA THR D 559 -18.35 -0.46 -33.84
C THR D 559 -19.02 -0.04 -35.15
N ALA D 560 -18.81 -0.84 -36.20
CA ALA D 560 -19.37 -0.54 -37.50
C ALA D 560 -20.83 -1.00 -37.56
N ARG D 561 -21.52 -0.56 -38.61
CA ARG D 561 -22.93 -0.90 -38.80
C ARG D 561 -23.10 -2.36 -39.22
N GLY D 562 -22.26 -2.83 -40.13
CA GLY D 562 -22.37 -4.22 -40.57
C GLY D 562 -22.15 -5.21 -39.46
N GLY D 563 -21.25 -4.90 -38.52
CA GLY D 563 -21.05 -5.77 -37.38
C GLY D 563 -22.28 -5.89 -36.51
N ILE D 564 -22.97 -4.77 -36.26
CA ILE D 564 -24.19 -4.82 -35.48
C ILE D 564 -25.28 -5.58 -36.22
N LEU D 565 -25.41 -5.35 -37.53
CA LEU D 565 -26.45 -6.05 -38.28
C LEU D 565 -26.20 -7.55 -38.34
N ARG D 566 -24.95 -7.96 -38.52
CA ARG D 566 -24.65 -9.37 -38.77
C ARG D 566 -24.75 -10.20 -37.50
N SER D 567 -24.02 -9.81 -36.45
CA SER D 567 -23.94 -10.61 -35.24
C SER D 567 -24.31 -9.86 -33.97
N GLY D 568 -24.73 -8.61 -34.07
CA GLY D 568 -25.03 -7.83 -32.88
C GLY D 568 -23.79 -7.20 -32.28
N LEU D 569 -23.95 -6.73 -31.06
CA LEU D 569 -22.86 -6.03 -30.38
C LEU D 569 -21.95 -7.04 -29.68
N GLY D 570 -20.67 -6.69 -29.60
CA GLY D 570 -19.65 -7.60 -29.09
C GLY D 570 -19.50 -7.65 -27.58
N PHE D 571 -20.36 -6.96 -26.84
CA PHE D 571 -20.26 -6.90 -25.39
C PHE D 571 -21.64 -6.57 -24.84
N SER D 572 -21.75 -6.55 -23.51
CA SER D 572 -23.02 -6.27 -22.86
C SER D 572 -23.18 -4.79 -22.57
N SER D 573 -22.27 -4.23 -21.78
CA SER D 573 -22.32 -2.83 -21.36
C SER D 573 -21.00 -2.15 -21.64
N CYS D 574 -21.07 -0.86 -21.96
CA CYS D 574 -19.89 -0.07 -22.23
C CYS D 574 -19.87 1.13 -21.29
N GLU D 575 -18.66 1.47 -20.83
CA GLU D 575 -18.50 2.61 -19.94
C GLU D 575 -18.70 3.94 -20.66
N VAL D 576 -18.24 4.06 -21.90
CA VAL D 576 -18.43 5.29 -22.67
C VAL D 576 -18.96 4.92 -24.05
N GLY D 577 -20.02 5.60 -24.47
CA GLY D 577 -20.55 5.39 -25.81
C GLY D 577 -20.63 6.67 -26.61
N ILE D 578 -19.88 6.76 -27.70
CA ILE D 578 -19.80 7.98 -28.50
C ILE D 578 -20.58 7.78 -29.78
N VAL D 579 -21.45 8.74 -30.10
CA VAL D 579 -22.17 8.75 -31.37
C VAL D 579 -21.80 10.04 -32.07
N LEU D 580 -21.20 9.93 -33.26
CA LEU D 580 -20.69 11.12 -33.94
C LEU D 580 -21.77 11.78 -34.79
N ASN D 581 -22.32 11.06 -35.76
CA ASN D 581 -23.35 11.61 -36.63
C ASN D 581 -24.06 10.46 -37.33
N VAL D 582 -25.25 10.75 -37.83
CA VAL D 582 -26.03 9.80 -38.62
C VAL D 582 -26.36 10.48 -39.94
N THR D 583 -25.89 9.90 -41.04
CA THR D 583 -26.09 10.47 -42.37
C THR D 583 -26.48 9.35 -43.33
N ALA D 584 -27.57 9.56 -44.07
CA ALA D 584 -28.04 8.58 -45.04
C ALA D 584 -27.23 8.74 -46.32
N ASP D 585 -26.12 8.02 -46.40
CA ASP D 585 -25.27 8.03 -47.59
C ASP D 585 -25.29 6.73 -48.36
N HIS D 586 -25.23 5.59 -47.67
CA HIS D 586 -25.36 4.29 -48.29
C HIS D 586 -26.60 3.63 -47.72
N LEU D 587 -27.52 3.23 -48.60
CA LEU D 587 -28.80 2.71 -48.17
C LEU D 587 -29.16 1.52 -49.04
N GLY D 588 -30.17 0.77 -48.61
CA GLY D 588 -30.60 -0.43 -49.30
C GLY D 588 -29.89 -1.69 -48.87
N ILE D 589 -28.90 -1.61 -47.97
CA ILE D 589 -28.21 -2.80 -47.49
C ILE D 589 -29.05 -3.46 -46.40
N GLY D 590 -29.25 -4.76 -46.54
CA GLY D 590 -30.00 -5.50 -45.53
C GLY D 590 -31.44 -5.04 -45.48
N ASP D 591 -31.92 -4.75 -44.27
CA ASP D 591 -33.29 -4.31 -44.05
C ASP D 591 -33.33 -2.85 -43.59
N ILE D 592 -32.29 -2.09 -43.91
CA ILE D 592 -32.20 -0.68 -43.57
C ILE D 592 -32.44 0.11 -44.84
N ASP D 593 -33.58 0.81 -44.91
CA ASP D 593 -33.97 1.54 -46.11
C ASP D 593 -34.42 2.96 -45.79
N THR D 594 -34.18 3.45 -44.58
CA THR D 594 -34.61 4.77 -44.17
C THR D 594 -33.64 5.30 -43.13
N ILE D 595 -33.46 6.63 -43.10
CA ILE D 595 -32.57 7.23 -42.12
C ILE D 595 -33.08 7.04 -40.71
N GLU D 596 -34.40 6.89 -40.52
CA GLU D 596 -34.93 6.55 -39.20
C GLU D 596 -34.47 5.18 -38.74
N GLN D 597 -34.48 4.17 -39.62
CA GLN D 597 -33.93 2.87 -39.29
C GLN D 597 -32.43 2.92 -39.05
N LEU D 598 -31.69 3.73 -39.81
CA LEU D 598 -30.27 3.90 -39.55
C LEU D 598 -30.01 4.48 -38.16
N ALA D 599 -30.79 5.50 -37.77
CA ALA D 599 -30.66 6.06 -36.43
C ALA D 599 -31.04 5.04 -35.36
N LYS D 600 -32.12 4.29 -35.58
CA LYS D 600 -32.50 3.25 -34.65
C LYS D 600 -31.42 2.19 -34.48
N LEU D 601 -30.72 1.85 -35.56
CA LEU D 601 -29.62 0.90 -35.51
C LEU D 601 -28.41 1.46 -34.78
N LYS D 602 -28.02 2.70 -35.09
CA LYS D 602 -26.88 3.32 -34.42
C LYS D 602 -27.18 3.58 -32.94
N SER D 603 -28.45 3.64 -32.56
CA SER D 603 -28.81 3.88 -31.16
C SER D 603 -28.47 2.72 -30.25
N VAL D 604 -28.08 1.57 -30.80
CA VAL D 604 -27.74 0.42 -29.95
C VAL D 604 -26.56 0.77 -29.04
N VAL D 605 -25.56 1.44 -29.59
CA VAL D 605 -24.39 1.80 -28.79
C VAL D 605 -24.78 2.74 -27.66
N ALA D 606 -25.59 3.75 -27.96
CA ALA D 606 -25.98 4.71 -26.93
C ALA D 606 -26.85 4.09 -25.86
N GLU D 607 -27.79 3.22 -26.27
CA GLU D 607 -28.72 2.65 -25.30
C GLU D 607 -28.08 1.58 -24.44
N SER D 608 -26.97 0.98 -24.89
CA SER D 608 -26.28 -0.05 -24.12
C SER D 608 -25.16 0.53 -23.27
N VAL D 609 -25.48 1.56 -22.48
CA VAL D 609 -24.53 2.21 -21.60
C VAL D 609 -25.00 2.02 -20.17
N MET D 610 -24.09 1.59 -19.30
CA MET D 610 -24.44 1.29 -17.92
C MET D 610 -24.84 2.58 -17.19
N PRO D 611 -25.60 2.45 -16.10
CA PRO D 611 -26.12 3.64 -15.42
C PRO D 611 -25.06 4.63 -14.95
N LYS D 612 -23.84 4.16 -14.68
CA LYS D 612 -22.77 5.06 -14.27
C LYS D 612 -21.88 5.48 -15.44
N GLY D 613 -22.26 5.10 -16.66
CA GLY D 613 -21.49 5.48 -17.82
C GLY D 613 -21.90 6.82 -18.39
N TYR D 614 -21.37 7.12 -19.57
CA TYR D 614 -21.64 8.37 -20.26
C TYR D 614 -21.95 8.09 -21.73
N ALA D 615 -22.89 8.87 -22.26
CA ALA D 615 -23.22 8.85 -23.68
C ALA D 615 -22.83 10.20 -24.27
N VAL D 616 -21.85 10.21 -25.15
CA VAL D 616 -21.40 11.43 -25.81
C VAL D 616 -22.15 11.56 -27.12
N LEU D 617 -22.83 12.68 -27.31
CA LEU D 617 -23.72 12.89 -28.44
C LEU D 617 -23.45 14.24 -29.11
N ASN D 618 -23.75 14.30 -30.40
CA ASN D 618 -23.61 15.51 -31.18
C ASN D 618 -24.89 16.33 -31.06
N ALA D 619 -24.76 17.57 -30.57
CA ALA D 619 -25.93 18.40 -30.35
C ALA D 619 -26.46 19.04 -31.63
N GLU D 620 -25.66 19.07 -32.69
CA GLU D 620 -26.07 19.71 -33.94
C GLU D 620 -26.84 18.79 -34.85
N ASP D 621 -26.94 17.50 -34.52
CA ASP D 621 -27.68 16.57 -35.36
C ASP D 621 -29.01 16.26 -34.71
N PRO D 622 -30.14 16.62 -35.34
CA PRO D 622 -31.44 16.37 -34.71
C PRO D 622 -31.71 14.90 -34.41
N LEU D 623 -31.22 13.99 -35.25
CA LEU D 623 -31.44 12.56 -35.03
C LEU D 623 -30.60 12.01 -33.88
N VAL D 624 -29.32 12.40 -33.81
CA VAL D 624 -28.47 11.95 -32.72
C VAL D 624 -28.92 12.53 -31.40
N ALA D 625 -29.26 13.82 -31.38
CA ALA D 625 -29.72 14.44 -30.14
C ALA D 625 -31.02 13.81 -29.65
N ALA D 626 -31.86 13.33 -30.58
CA ALA D 626 -33.08 12.65 -30.21
C ALA D 626 -32.82 11.37 -29.41
N MET D 627 -31.62 10.80 -29.51
CA MET D 627 -31.26 9.66 -28.67
C MET D 627 -31.01 10.05 -27.22
N ALA D 628 -31.24 11.31 -26.85
CA ALA D 628 -31.03 11.72 -25.47
C ALA D 628 -31.91 10.93 -24.51
N ASP D 629 -33.15 10.66 -24.89
CA ASP D 629 -34.02 9.81 -24.10
C ASP D 629 -33.56 8.36 -24.21
N ARG D 630 -34.28 7.48 -23.53
CA ARG D 630 -34.01 6.04 -23.49
C ARG D 630 -32.51 5.74 -23.38
N VAL D 631 -31.84 6.51 -22.52
CA VAL D 631 -30.43 6.32 -22.23
C VAL D 631 -30.27 6.23 -20.73
N LYS D 632 -29.67 5.13 -20.25
CA LYS D 632 -29.37 4.96 -18.85
C LYS D 632 -27.95 5.48 -18.59
N GLY D 633 -27.85 6.50 -17.75
CA GLY D 633 -26.58 7.15 -17.54
C GLY D 633 -26.58 8.59 -18.04
N GLN D 634 -25.51 9.31 -17.71
CA GLN D 634 -25.44 10.72 -18.04
C GLN D 634 -25.19 10.93 -19.52
N VAL D 635 -25.55 12.12 -19.99
CA VAL D 635 -25.43 12.51 -21.38
C VAL D 635 -24.53 13.72 -21.47
N ALA D 636 -23.56 13.69 -22.39
CA ALA D 636 -22.66 14.81 -22.61
C ALA D 636 -22.74 15.21 -24.07
N TYR D 637 -23.02 16.48 -24.32
CA TYR D 637 -23.18 17.00 -25.66
C TYR D 637 -21.89 17.67 -26.12
N PHE D 638 -21.61 17.56 -27.41
CA PHE D 638 -20.55 18.34 -28.03
C PHE D 638 -21.10 19.00 -29.29
N SER D 639 -20.62 20.21 -29.56
CA SER D 639 -21.16 20.99 -30.65
C SER D 639 -20.10 21.92 -31.20
N MET D 640 -20.08 22.08 -32.52
CA MET D 640 -19.19 23.04 -33.16
C MET D 640 -19.72 24.46 -33.11
N ASP D 641 -21.00 24.64 -32.78
CA ASP D 641 -21.59 25.97 -32.64
C ASP D 641 -21.70 26.30 -31.16
N PRO D 642 -21.01 27.33 -30.67
CA PRO D 642 -21.06 27.63 -29.23
C PRO D 642 -22.41 28.14 -28.75
N ASN D 643 -23.33 28.48 -29.65
CA ASN D 643 -24.62 29.04 -29.27
C ASN D 643 -25.76 28.06 -29.42
N ASN D 644 -25.47 26.76 -29.39
CA ASN D 644 -26.53 25.77 -29.45
C ASN D 644 -27.41 25.86 -28.21
N GLU D 645 -28.71 26.08 -28.43
CA GLU D 645 -29.61 26.30 -27.30
C GLU D 645 -29.76 25.05 -26.45
N LEU D 646 -29.80 23.86 -27.07
CA LEU D 646 -29.93 22.64 -26.29
C LEU D 646 -28.71 22.42 -25.40
N LEU D 647 -27.51 22.61 -25.94
CA LEU D 647 -26.31 22.44 -25.15
C LEU D 647 -26.23 23.45 -24.01
N LEU D 648 -26.54 24.72 -24.31
CA LEU D 648 -26.47 25.74 -23.28
C LEU D 648 -27.48 25.47 -22.17
N ARG D 649 -28.70 25.07 -22.53
CA ARG D 649 -29.69 24.70 -21.53
C ARG D 649 -29.26 23.47 -20.74
N HIS D 650 -28.56 22.54 -21.38
CA HIS D 650 -28.06 21.36 -20.68
C HIS D 650 -26.98 21.71 -19.67
N THR D 651 -26.12 22.68 -19.98
CA THR D 651 -25.05 23.04 -19.05
C THR D 651 -25.56 23.79 -17.83
N GLU D 652 -26.66 24.52 -17.96
CA GLU D 652 -27.16 25.31 -16.83
C GLU D 652 -27.57 24.44 -15.65
N ALA D 653 -28.06 23.23 -15.90
CA ALA D 653 -28.44 22.29 -14.84
C ALA D 653 -27.62 21.03 -15.05
N GLY D 654 -26.42 20.99 -14.47
CA GLY D 654 -25.51 19.89 -14.67
C GLY D 654 -24.25 20.32 -15.39
N GLY D 655 -24.04 19.78 -16.59
CA GLY D 655 -22.92 20.23 -17.41
C GLY D 655 -22.32 19.17 -18.30
N LEU D 656 -20.98 19.18 -18.39
CA LEU D 656 -20.22 18.25 -19.23
C LEU D 656 -20.61 18.40 -20.70
N ALA D 657 -20.23 19.54 -21.25
CA ALA D 657 -20.34 19.79 -22.68
C ALA D 657 -18.96 20.17 -23.21
N ALA D 658 -18.83 20.18 -24.54
CA ALA D 658 -17.58 20.58 -25.19
C ALA D 658 -17.91 21.42 -26.39
N ILE D 659 -17.28 22.59 -26.51
CA ILE D 659 -17.58 23.52 -27.58
C ILE D 659 -16.27 24.05 -28.19
N TYR D 660 -16.41 24.79 -29.27
CA TYR D 660 -15.31 25.44 -29.99
C TYR D 660 -15.69 26.91 -30.08
N GLU D 661 -15.25 27.71 -29.11
CA GLU D 661 -15.83 29.04 -28.90
C GLU D 661 -15.08 30.14 -29.64
N ASN D 662 -13.81 30.40 -29.28
CA ASN D 662 -13.01 31.43 -29.93
C ASN D 662 -11.65 30.83 -30.24
N GLY D 663 -11.57 30.11 -31.34
CA GLY D 663 -10.34 29.42 -31.70
C GLY D 663 -9.81 28.56 -30.57
N TYR D 664 -10.71 28.02 -29.76
CA TYR D 664 -10.35 27.24 -28.59
C TYR D 664 -11.21 25.99 -28.50
N ILE D 665 -10.65 24.93 -27.94
CA ILE D 665 -11.40 23.73 -27.63
C ILE D 665 -11.70 23.76 -26.14
N SER D 666 -12.95 24.02 -25.78
CA SER D 666 -13.32 24.30 -24.41
C SER D 666 -14.25 23.23 -23.86
N ILE D 667 -14.08 22.93 -22.58
CA ILE D 667 -14.94 22.03 -21.84
C ILE D 667 -15.78 22.85 -20.87
N LEU D 668 -17.09 22.65 -20.90
CA LEU D 668 -18.02 23.34 -20.01
C LEU D 668 -18.46 22.36 -18.95
N LYS D 669 -18.10 22.62 -17.70
CA LYS D 669 -18.48 21.79 -16.56
C LYS D 669 -19.58 22.46 -15.75
N GLY D 670 -20.52 23.10 -16.42
CA GLY D 670 -21.53 23.89 -15.74
C GLY D 670 -21.40 25.35 -16.08
N ASP D 671 -20.98 26.16 -15.10
CA ASP D 671 -20.71 27.57 -15.34
C ASP D 671 -19.23 27.86 -15.49
N TRP D 672 -18.40 26.82 -15.57
CA TRP D 672 -16.95 26.97 -15.67
C TRP D 672 -16.49 26.52 -17.05
N THR D 673 -15.52 27.26 -17.59
CA THR D 673 -14.95 26.97 -18.90
C THR D 673 -13.50 26.56 -18.74
N LEU D 674 -13.14 25.40 -19.28
CA LEU D 674 -11.79 24.87 -19.21
C LEU D 674 -11.26 24.77 -20.64
N ARG D 675 -10.30 25.63 -20.97
CA ARG D 675 -9.76 25.68 -22.32
C ARG D 675 -8.65 24.65 -22.47
N ILE D 676 -8.73 23.83 -23.50
CA ILE D 676 -7.74 22.79 -23.72
C ILE D 676 -6.61 23.29 -24.61
N GLU D 677 -6.94 23.71 -25.83
CA GLU D 677 -5.92 24.10 -26.80
C GLU D 677 -6.52 25.08 -27.79
N LYS D 678 -5.64 25.73 -28.55
CA LYS D 678 -6.00 26.80 -29.47
C LYS D 678 -6.42 26.29 -30.85
N ALA D 679 -6.48 24.98 -31.05
CA ALA D 679 -7.02 24.37 -32.26
C ALA D 679 -6.17 24.67 -33.49
N VAL D 680 -5.12 25.47 -33.34
CA VAL D 680 -4.16 25.69 -34.41
C VAL D 680 -2.83 25.03 -34.09
N ASN D 681 -2.60 24.63 -32.85
CA ASN D 681 -1.41 23.89 -32.46
C ASN D 681 -1.61 22.39 -32.55
N VAL D 682 -2.80 21.94 -32.95
CA VAL D 682 -3.08 20.52 -33.14
C VAL D 682 -2.89 20.19 -34.62
N PRO D 683 -1.96 19.29 -34.95
CA PRO D 683 -1.66 19.04 -36.37
C PRO D 683 -2.84 18.52 -37.18
N ILE D 684 -3.73 17.73 -36.58
CA ILE D 684 -4.79 17.09 -37.35
C ILE D 684 -5.78 18.08 -37.95
N THR D 685 -5.92 19.27 -37.36
CA THR D 685 -6.84 20.25 -37.91
C THR D 685 -6.23 21.06 -39.05
N MET D 686 -4.93 20.90 -39.31
CA MET D 686 -4.21 21.67 -40.33
C MET D 686 -4.40 23.18 -40.10
N ALA D 687 -3.92 23.62 -38.93
CA ALA D 687 -4.03 25.01 -38.50
C ALA D 687 -5.49 25.47 -38.48
N GLY D 688 -6.39 24.56 -38.08
CA GLY D 688 -7.78 24.90 -37.93
C GLY D 688 -8.53 25.11 -39.22
N LYS D 689 -8.05 24.57 -40.34
CA LYS D 689 -8.71 24.75 -41.62
C LYS D 689 -9.80 23.70 -41.87
N ALA D 690 -9.59 22.46 -41.44
CA ALA D 690 -10.57 21.40 -41.67
C ALA D 690 -11.57 21.39 -40.53
N PRO D 691 -12.86 21.67 -40.78
CA PRO D 691 -13.85 21.65 -39.70
C PRO D 691 -14.27 20.25 -39.30
N PHE D 692 -14.04 19.24 -40.14
CA PHE D 692 -14.41 17.88 -39.78
C PHE D 692 -13.53 17.34 -38.67
N MET D 693 -12.26 17.74 -38.63
CA MET D 693 -11.32 17.24 -37.63
C MET D 693 -11.60 17.81 -36.24
N ILE D 694 -12.05 19.07 -36.15
CA ILE D 694 -12.34 19.65 -34.85
C ILE D 694 -13.53 18.95 -34.20
N ALA D 695 -14.52 18.55 -34.99
CA ALA D 695 -15.65 17.81 -34.42
C ALA D 695 -15.20 16.49 -33.82
N ASN D 696 -14.27 15.79 -34.48
CA ASN D 696 -13.72 14.56 -33.91
C ASN D 696 -12.89 14.82 -32.67
N ALA D 697 -12.08 15.87 -32.67
CA ALA D 697 -11.29 16.21 -31.51
C ALA D 697 -12.13 16.56 -30.30
N LEU D 698 -13.25 17.27 -30.50
CA LEU D 698 -14.13 17.59 -29.38
C LEU D 698 -14.67 16.32 -28.74
N ALA D 699 -15.14 15.37 -29.55
CA ALA D 699 -15.67 14.12 -29.01
C ALA D 699 -14.57 13.34 -28.29
N ALA D 700 -13.38 13.28 -28.89
CA ALA D 700 -12.29 12.54 -28.26
C ALA D 700 -11.89 13.13 -26.93
N CYS D 701 -11.82 14.46 -26.82
CA CYS D 701 -11.47 15.08 -25.56
C CYS D 701 -12.57 14.93 -24.52
N LEU D 702 -13.83 15.13 -24.92
CA LEU D 702 -14.93 15.02 -23.98
C LEU D 702 -15.08 13.60 -23.46
N ALA D 703 -14.80 12.59 -24.28
CA ALA D 703 -14.92 11.21 -23.82
C ALA D 703 -13.97 10.90 -22.68
N VAL D 704 -12.71 11.33 -22.79
CA VAL D 704 -11.75 11.06 -21.72
C VAL D 704 -11.88 12.02 -20.55
N PHE D 705 -12.44 13.21 -20.75
CA PHE D 705 -12.63 14.09 -19.61
C PHE D 705 -13.62 13.53 -18.61
N THR D 706 -14.68 12.87 -19.08
CA THR D 706 -15.66 12.29 -18.17
C THR D 706 -15.11 11.12 -17.38
N GLN D 707 -13.97 10.57 -17.79
CA GLN D 707 -13.38 9.43 -17.11
C GLN D 707 -12.34 9.83 -16.08
N GLY D 708 -12.14 11.12 -15.84
CA GLY D 708 -11.20 11.58 -14.84
C GLY D 708 -9.78 11.81 -15.31
N VAL D 709 -9.53 11.79 -16.62
CA VAL D 709 -8.20 12.04 -17.13
C VAL D 709 -7.83 13.49 -16.92
N LYS D 710 -6.60 13.74 -16.49
CA LYS D 710 -6.15 15.09 -16.20
C LYS D 710 -6.08 15.93 -17.48
N ILE D 711 -6.17 17.25 -17.30
CA ILE D 711 -6.17 18.15 -18.45
C ILE D 711 -4.82 18.14 -19.15
N GLU D 712 -3.71 18.08 -18.40
CA GLU D 712 -2.40 18.11 -19.03
C GLU D 712 -2.16 16.88 -19.90
N HIS D 713 -2.65 15.71 -19.48
CA HIS D 713 -2.54 14.53 -20.32
C HIS D 713 -3.33 14.70 -21.62
N ILE D 714 -4.54 15.25 -21.54
CA ILE D 714 -5.33 15.49 -22.74
C ILE D 714 -4.60 16.44 -23.68
N ARG D 715 -4.05 17.52 -23.13
CA ARG D 715 -3.34 18.49 -23.95
C ARG D 715 -2.10 17.89 -24.60
N LYS D 716 -1.30 17.13 -23.83
CA LYS D 716 -0.11 16.52 -24.40
C LYS D 716 -0.46 15.51 -25.48
N GLY D 717 -1.50 14.69 -25.26
CA GLY D 717 -1.92 13.75 -26.27
C GLY D 717 -2.46 14.40 -27.52
N LEU D 718 -3.23 15.49 -27.37
CA LEU D 718 -3.77 16.17 -28.54
C LEU D 718 -2.72 16.93 -29.32
N SER D 719 -1.68 17.44 -28.66
CA SER D 719 -0.66 18.22 -29.34
C SER D 719 0.29 17.38 -30.19
N THR D 720 0.47 16.11 -29.87
CA THR D 720 1.47 15.28 -30.53
C THR D 720 0.87 14.20 -31.43
N PHE D 721 -0.44 14.22 -31.68
CA PHE D 721 -1.05 13.20 -32.51
C PHE D 721 -0.85 13.53 -33.98
N VAL D 722 -0.37 12.55 -34.75
CA VAL D 722 -0.13 12.71 -36.17
C VAL D 722 -0.94 11.66 -36.93
N ALA D 723 -1.52 12.06 -38.05
CA ALA D 723 -2.33 11.17 -38.85
C ALA D 723 -1.47 10.15 -39.60
#